data_1G3G
#
_entry.id   1G3G
#
_cell.length_a   1.000
_cell.length_b   1.000
_cell.length_c   1.000
_cell.angle_alpha   90.00
_cell.angle_beta   90.00
_cell.angle_gamma   90.00
#
_symmetry.space_group_name_H-M   'P 1'
#
_entity_poly.entity_id   1
_entity_poly.type   'polypeptide(L)'
_entity_poly.pdbx_seq_one_letter_code
;GENITQPTQQSTQATQRFLIEKFSQEQIGENIVCRVICTTGQIPIRDLSADISQVLKEKRSIKKVWTFGRNPACDYHLGN
ISRLSNKHFQILLGEDGNLLLNDISTNGTWLNGQKVEKNSNQLLSQGDEITVGVGVESDILSLVIFINDKFKQCLEQNKV
DRIR
;
_entity_poly.pdbx_strand_id   A
#
# COMPACT_ATOMS: atom_id res chain seq x y z
N GLY A 1 1.51 -24.27 32.52
CA GLY A 1 2.14 -22.96 32.55
C GLY A 1 2.32 -22.36 31.17
N GLU A 2 1.27 -21.75 30.64
CA GLU A 2 1.31 -21.15 29.33
C GLU A 2 1.34 -19.62 29.43
N ASN A 3 0.57 -19.09 30.37
CA ASN A 3 0.51 -17.65 30.58
C ASN A 3 1.57 -17.20 31.57
N ILE A 4 1.53 -15.92 31.93
CA ILE A 4 2.50 -15.36 32.88
C ILE A 4 1.80 -14.85 34.13
N THR A 5 2.39 -15.14 35.29
CA THR A 5 1.83 -14.70 36.57
C THR A 5 2.84 -14.88 37.69
N GLN A 6 2.96 -13.84 38.53
CA GLN A 6 3.88 -13.88 39.65
C GLN A 6 5.32 -14.07 39.17
N PRO A 7 5.88 -13.04 38.52
CA PRO A 7 7.26 -13.10 38.00
C PRO A 7 8.30 -13.03 39.12
N THR A 8 9.35 -13.83 38.98
CA THR A 8 10.42 -13.85 39.98
C THR A 8 11.59 -12.98 39.56
N GLN A 9 12.45 -12.64 40.52
CA GLN A 9 13.61 -11.81 40.25
C GLN A 9 14.54 -12.48 39.25
N GLN A 10 14.66 -11.87 38.07
CA GLN A 10 15.52 -12.41 37.02
C GLN A 10 16.13 -11.30 36.19
N SER A 11 15.31 -10.68 35.35
CA SER A 11 15.78 -9.59 34.49
C SER A 11 14.70 -8.52 34.36
N THR A 12 15.10 -7.26 34.55
CA THR A 12 14.18 -6.13 34.46
C THR A 12 14.59 -5.19 33.34
N GLN A 13 13.60 -4.71 32.59
CA GLN A 13 13.87 -3.79 31.49
C GLN A 13 12.56 -3.20 30.94
N ALA A 14 12.63 -1.97 30.46
CA ALA A 14 11.45 -1.30 29.91
C ALA A 14 11.78 -0.62 28.59
N THR A 15 12.70 -1.22 27.84
CA THR A 15 13.10 -0.67 26.54
C THR A 15 12.97 -1.72 25.44
N GLN A 16 13.78 -2.76 25.52
CA GLN A 16 13.75 -3.83 24.53
C GLN A 16 12.41 -4.55 24.53
N ARG A 17 11.82 -4.68 25.71
CA ARG A 17 10.52 -5.34 25.85
C ARG A 17 9.44 -4.56 25.13
N PHE A 18 9.54 -3.23 25.18
CA PHE A 18 8.55 -2.36 24.53
C PHE A 18 8.51 -2.62 23.02
N LEU A 19 9.69 -2.77 22.43
CA LEU A 19 9.79 -3.02 21.00
C LEU A 19 9.07 -4.31 20.61
N ILE A 20 9.20 -5.32 21.45
CA ILE A 20 8.56 -6.62 21.20
C ILE A 20 7.04 -6.49 21.24
N GLU A 21 6.53 -5.71 22.19
CA GLU A 21 5.10 -5.51 22.34
C GLU A 21 4.49 -4.95 21.05
N LYS A 22 5.17 -3.98 20.46
CA LYS A 22 4.69 -3.36 19.22
C LYS A 22 4.67 -4.36 18.08
N PHE A 23 5.65 -5.24 18.05
CA PHE A 23 5.75 -6.26 17.01
C PHE A 23 4.54 -7.18 17.03
N SER A 24 4.19 -7.66 18.21
CA SER A 24 3.06 -8.56 18.37
C SER A 24 1.74 -7.81 18.17
N GLN A 25 1.74 -6.52 18.49
CA GLN A 25 0.54 -5.70 18.34
C GLN A 25 0.01 -5.76 16.91
N GLU A 26 -0.96 -6.64 16.68
CA GLU A 26 -1.55 -6.80 15.36
C GLU A 26 -2.62 -5.73 15.12
N GLN A 27 -2.45 -4.98 14.04
CA GLN A 27 -3.40 -3.93 13.69
C GLN A 27 -4.36 -4.38 12.59
N ILE A 28 -5.61 -3.96 12.68
CA ILE A 28 -6.61 -4.33 11.69
C ILE A 28 -6.54 -3.42 10.48
N GLY A 29 -6.69 -4.03 9.32
CA GLY A 29 -6.65 -3.29 8.07
C GLY A 29 -7.90 -3.48 7.23
N GLU A 30 -9.02 -2.97 7.73
CA GLU A 30 -10.29 -3.09 7.01
C GLU A 30 -10.50 -1.91 6.05
N ASN A 31 -9.83 -0.80 6.35
CA ASN A 31 -9.91 0.39 5.51
C ASN A 31 -8.58 0.57 4.80
N ILE A 32 -7.60 -0.17 5.29
CA ILE A 32 -6.26 -0.14 4.79
C ILE A 32 -6.21 -0.79 3.40
N VAL A 33 -6.23 0.07 2.38
CA VAL A 33 -6.20 -0.35 0.98
C VAL A 33 -5.29 -1.55 0.76
N CYS A 34 -3.99 -1.38 1.05
CA CYS A 34 -3.04 -2.46 0.86
C CYS A 34 -1.73 -2.21 1.61
N ARG A 35 -0.92 -3.26 1.76
CA ARG A 35 0.36 -3.15 2.44
C ARG A 35 1.50 -3.59 1.53
N VAL A 36 2.51 -2.75 1.39
CA VAL A 36 3.65 -3.06 0.53
C VAL A 36 4.83 -3.56 1.36
N ILE A 37 5.38 -4.70 0.94
CA ILE A 37 6.51 -5.29 1.65
C ILE A 37 7.66 -5.58 0.70
N CYS A 38 8.73 -4.80 0.81
CA CYS A 38 9.91 -5.01 -0.03
C CYS A 38 10.83 -6.03 0.63
N THR A 39 10.77 -7.28 0.15
CA THR A 39 11.57 -8.36 0.70
C THR A 39 13.07 -8.15 0.48
N THR A 40 13.43 -7.67 -0.71
CA THR A 40 14.84 -7.44 -1.04
C THR A 40 15.50 -6.53 -0.01
N GLY A 41 14.73 -5.58 0.52
CA GLY A 41 15.27 -4.67 1.51
C GLY A 41 15.33 -3.22 1.03
N GLN A 42 14.90 -2.98 -0.20
CA GLN A 42 14.93 -1.62 -0.75
C GLN A 42 14.05 -0.69 0.08
N ILE A 43 12.85 -1.16 0.39
CA ILE A 43 11.90 -0.38 1.17
C ILE A 43 11.32 -1.19 2.32
N PRO A 44 11.12 -0.56 3.50
CA PRO A 44 10.57 -1.23 4.66
C PRO A 44 9.04 -1.33 4.59
N ILE A 45 8.49 -2.41 5.14
CA ILE A 45 7.05 -2.63 5.12
C ILE A 45 6.28 -1.35 5.43
N ARG A 46 5.62 -0.82 4.41
CA ARG A 46 4.83 0.40 4.55
C ARG A 46 3.36 0.09 4.32
N ASP A 47 2.50 0.57 5.21
CA ASP A 47 1.08 0.32 5.09
C ASP A 47 0.40 1.35 4.20
N LEU A 48 -0.20 0.86 3.12
CA LEU A 48 -0.92 1.71 2.18
C LEU A 48 -2.41 1.69 2.53
N SER A 49 -3.01 2.85 2.72
CA SER A 49 -4.41 2.88 3.10
C SER A 49 -5.23 3.88 2.29
N ALA A 50 -6.54 3.66 2.35
CA ALA A 50 -7.51 4.51 1.66
C ALA A 50 -8.84 4.52 2.39
N ASP A 51 -9.70 5.48 2.06
CA ASP A 51 -11.01 5.60 2.70
C ASP A 51 -12.05 4.74 1.99
N ILE A 52 -12.69 3.85 2.75
CA ILE A 52 -13.72 2.97 2.21
C ILE A 52 -14.92 3.76 1.71
N SER A 53 -15.24 4.82 2.42
CA SER A 53 -16.38 5.67 2.07
C SER A 53 -16.26 6.19 0.65
N GLN A 54 -15.03 6.43 0.22
CA GLN A 54 -14.76 6.93 -1.12
C GLN A 54 -15.20 5.91 -2.16
N VAL A 55 -14.98 4.63 -1.85
CA VAL A 55 -15.35 3.55 -2.76
C VAL A 55 -16.87 3.46 -2.92
N LEU A 56 -17.58 3.68 -1.82
CA LEU A 56 -19.05 3.62 -1.83
C LEU A 56 -19.62 4.67 -2.78
N LYS A 57 -19.04 5.87 -2.76
CA LYS A 57 -19.50 6.96 -3.61
C LYS A 57 -18.93 6.82 -5.02
N GLU A 58 -17.64 6.48 -5.09
CA GLU A 58 -16.96 6.31 -6.38
C GLU A 58 -17.06 7.57 -7.24
N LYS A 59 -16.23 7.64 -8.26
CA LYS A 59 -16.23 8.78 -9.18
C LYS A 59 -15.77 10.05 -8.46
N ARG A 60 -16.65 10.60 -7.62
CA ARG A 60 -16.35 11.82 -6.89
C ARG A 60 -15.20 11.60 -5.90
N SER A 61 -15.21 10.46 -5.22
CA SER A 61 -14.17 10.15 -4.24
C SER A 61 -13.49 8.82 -4.56
N ILE A 62 -12.32 8.89 -5.19
CA ILE A 62 -11.57 7.69 -5.55
C ILE A 62 -10.30 8.06 -6.30
N LYS A 63 -9.41 8.79 -5.63
CA LYS A 63 -8.15 9.21 -6.26
C LYS A 63 -7.01 9.24 -5.24
N LYS A 64 -6.33 8.10 -5.09
CA LYS A 64 -5.21 7.99 -4.17
C LYS A 64 -4.09 7.16 -4.79
N VAL A 65 -2.87 7.66 -4.73
CA VAL A 65 -1.73 6.96 -5.31
C VAL A 65 -0.51 7.01 -4.41
N TRP A 66 0.17 5.88 -4.32
CA TRP A 66 1.40 5.77 -3.52
C TRP A 66 2.64 5.86 -4.39
N THR A 67 3.67 6.54 -3.90
CA THR A 67 4.91 6.68 -4.65
C THR A 67 6.12 6.30 -3.82
N PHE A 68 7.02 5.56 -4.44
CA PHE A 68 8.26 5.14 -3.80
C PHE A 68 9.43 5.89 -4.42
N GLY A 69 10.15 6.67 -3.64
CA GLY A 69 11.27 7.39 -4.21
C GLY A 69 11.67 8.61 -3.42
N ARG A 70 12.26 9.58 -4.09
CA ARG A 70 12.67 10.78 -3.41
C ARG A 70 11.45 11.62 -3.11
N ASN A 71 10.93 11.35 -1.94
CA ASN A 71 9.77 12.02 -1.41
C ASN A 71 9.89 12.04 0.10
N PRO A 72 9.18 12.93 0.81
CA PRO A 72 9.23 12.94 2.26
C PRO A 72 8.61 11.69 2.83
N ALA A 73 8.02 10.92 1.92
CA ALA A 73 7.38 9.65 2.21
C ALA A 73 6.09 9.57 1.46
N CYS A 74 6.19 9.77 0.17
CA CYS A 74 4.99 9.71 -0.64
C CYS A 74 4.32 8.40 -0.31
N ASP A 75 4.97 7.32 -0.74
CA ASP A 75 4.57 6.02 -0.28
C ASP A 75 5.51 5.70 0.87
N TYR A 76 6.81 5.96 0.59
CA TYR A 76 7.90 5.76 1.52
C TYR A 76 8.96 6.85 1.39
N HIS A 77 9.55 7.28 2.51
CA HIS A 77 10.61 8.28 2.47
C HIS A 77 11.96 7.60 2.42
N LEU A 78 12.68 7.72 1.30
CA LEU A 78 13.98 7.09 1.15
C LEU A 78 15.03 8.08 0.68
N GLY A 79 16.28 7.64 0.65
CA GLY A 79 17.37 8.50 0.22
C GLY A 79 17.19 8.97 -1.21
N ASN A 80 18.13 9.80 -1.68
CA ASN A 80 18.06 10.32 -3.04
C ASN A 80 19.17 9.75 -3.92
N ILE A 81 18.83 8.75 -4.73
CA ILE A 81 19.78 8.12 -5.63
C ILE A 81 19.36 8.38 -7.08
N SER A 82 20.24 9.02 -7.84
CA SER A 82 19.96 9.36 -9.24
C SER A 82 19.52 8.16 -10.07
N ARG A 83 19.90 6.96 -9.66
CA ARG A 83 19.55 5.75 -10.41
C ARG A 83 18.22 5.14 -9.94
N LEU A 84 18.28 4.06 -9.17
CA LEU A 84 17.09 3.40 -8.65
C LEU A 84 17.00 3.64 -7.16
N SER A 85 15.99 4.37 -6.79
CA SER A 85 15.74 4.72 -5.39
C SER A 85 14.80 5.90 -5.33
N ASN A 86 15.10 6.94 -6.09
CA ASN A 86 14.23 8.12 -6.15
C ASN A 86 12.87 7.67 -6.63
N LYS A 87 12.04 8.61 -7.07
CA LYS A 87 10.72 8.26 -7.60
C LYS A 87 10.85 7.05 -8.51
N HIS A 88 11.13 5.90 -7.91
CA HIS A 88 11.36 4.68 -8.66
C HIS A 88 10.10 3.90 -8.98
N PHE A 89 9.01 4.20 -8.32
CA PHE A 89 7.76 3.50 -8.65
C PHE A 89 6.57 4.01 -7.87
N GLN A 90 5.39 3.74 -8.40
CA GLN A 90 4.16 4.21 -7.78
C GLN A 90 3.03 3.17 -7.77
N ILE A 91 2.06 3.39 -6.88
CA ILE A 91 0.89 2.54 -6.77
C ILE A 91 -0.37 3.40 -6.89
N LEU A 92 -1.30 3.01 -7.76
CA LEU A 92 -2.52 3.79 -7.94
C LEU A 92 -3.75 3.08 -7.38
N LEU A 93 -4.63 3.84 -6.75
CA LEU A 93 -5.85 3.29 -6.17
C LEU A 93 -7.08 3.96 -6.80
N GLY A 94 -8.00 3.13 -7.29
CA GLY A 94 -9.21 3.65 -7.91
C GLY A 94 -9.71 2.76 -9.03
N GLU A 95 -10.45 3.36 -9.96
CA GLU A 95 -11.00 2.61 -11.08
C GLU A 95 -11.97 1.54 -10.61
N ASP A 96 -13.18 1.97 -10.29
CA ASP A 96 -14.23 1.05 -9.81
C ASP A 96 -13.89 0.51 -8.43
N GLY A 97 -12.98 1.18 -7.73
CA GLY A 97 -12.61 0.75 -6.39
C GLY A 97 -11.39 -0.15 -6.38
N ASN A 98 -11.17 -0.86 -7.49
CA ASN A 98 -10.03 -1.77 -7.60
C ASN A 98 -8.72 -1.03 -7.36
N LEU A 99 -7.62 -1.77 -7.40
CA LEU A 99 -6.29 -1.19 -7.19
C LEU A 99 -5.43 -1.32 -8.44
N LEU A 100 -4.54 -0.37 -8.64
CA LEU A 100 -3.65 -0.39 -9.80
C LEU A 100 -2.21 -0.09 -9.38
N LEU A 101 -1.25 -0.65 -10.10
CA LEU A 101 0.16 -0.43 -9.77
C LEU A 101 0.82 0.37 -10.88
N ASN A 102 1.50 1.46 -10.53
CA ASN A 102 2.16 2.26 -11.54
C ASN A 102 3.65 2.11 -11.43
N ASP A 103 4.27 1.47 -12.41
CA ASP A 103 5.70 1.30 -12.36
C ASP A 103 6.37 2.53 -12.91
N ILE A 104 7.04 3.26 -12.03
CA ILE A 104 7.77 4.43 -12.45
C ILE A 104 9.21 4.26 -12.02
N SER A 105 10.05 4.02 -12.98
CA SER A 105 11.47 3.82 -12.75
C SER A 105 12.27 4.61 -13.77
N THR A 106 13.56 4.76 -13.57
CA THR A 106 14.35 5.53 -14.52
C THR A 106 14.48 4.82 -15.85
N ASN A 107 15.12 3.64 -15.87
CA ASN A 107 15.25 2.92 -17.13
C ASN A 107 14.48 1.59 -17.21
N GLY A 108 14.33 0.89 -16.08
CA GLY A 108 13.63 -0.40 -16.13
C GLY A 108 12.79 -0.78 -14.92
N THR A 109 11.54 -1.16 -15.16
CA THR A 109 10.67 -1.68 -14.09
C THR A 109 10.20 -3.08 -14.46
N TRP A 110 10.19 -3.99 -13.50
CA TRP A 110 9.78 -5.38 -13.78
C TRP A 110 8.60 -5.84 -12.97
N LEU A 111 7.82 -6.73 -13.56
CA LEU A 111 6.67 -7.32 -12.91
C LEU A 111 6.83 -8.84 -12.91
N ASN A 112 7.02 -9.41 -11.73
CA ASN A 112 7.19 -10.86 -11.58
C ASN A 112 8.16 -11.43 -12.63
N GLY A 113 9.28 -10.74 -12.85
CA GLY A 113 10.26 -11.21 -13.80
C GLY A 113 9.87 -10.90 -15.24
N GLN A 114 9.03 -9.89 -15.41
CA GLN A 114 8.59 -9.49 -16.74
C GLN A 114 8.63 -7.98 -16.90
N LYS A 115 9.71 -7.48 -17.46
CA LYS A 115 9.89 -6.06 -17.68
C LYS A 115 8.62 -5.43 -18.25
N VAL A 116 8.25 -4.26 -17.72
CA VAL A 116 7.04 -3.58 -18.16
C VAL A 116 7.32 -2.13 -18.56
N GLU A 117 6.26 -1.44 -18.98
CA GLU A 117 6.36 -0.05 -19.40
C GLU A 117 6.31 0.90 -18.21
N LYS A 118 7.10 1.98 -18.27
CA LYS A 118 7.14 2.96 -17.20
C LYS A 118 5.79 3.66 -17.09
N ASN A 119 5.57 4.35 -15.97
CA ASN A 119 4.32 5.06 -15.73
C ASN A 119 3.14 4.33 -16.34
N SER A 120 3.17 3.00 -16.23
CA SER A 120 2.12 2.16 -16.76
C SER A 120 1.31 1.51 -15.64
N ASN A 121 0.08 1.99 -15.43
CA ASN A 121 -0.78 1.45 -14.39
C ASN A 121 -1.01 -0.04 -14.60
N GLN A 122 -1.10 -0.80 -13.51
CA GLN A 122 -1.31 -2.23 -13.60
C GLN A 122 -2.46 -2.70 -12.73
N LEU A 123 -3.12 -3.76 -13.19
CA LEU A 123 -4.23 -4.33 -12.45
C LEU A 123 -3.71 -5.06 -11.22
N LEU A 124 -4.22 -4.69 -10.05
CA LEU A 124 -3.77 -5.32 -8.81
C LEU A 124 -3.82 -6.82 -8.89
N SER A 125 -2.82 -7.42 -8.30
CA SER A 125 -2.68 -8.87 -8.24
C SER A 125 -2.47 -9.33 -6.81
N GLN A 126 -2.86 -10.55 -6.50
CA GLN A 126 -2.71 -11.06 -5.15
C GLN A 126 -1.23 -11.32 -4.86
N GLY A 127 -0.67 -10.55 -3.93
CA GLY A 127 0.72 -10.70 -3.59
C GLY A 127 1.64 -10.34 -4.75
N ASP A 128 1.21 -9.42 -5.60
CA ASP A 128 2.00 -8.99 -6.75
C ASP A 128 3.38 -8.52 -6.32
N GLU A 129 4.31 -8.51 -7.27
CA GLU A 129 5.68 -8.08 -6.98
C GLU A 129 6.30 -7.38 -8.20
N ILE A 130 6.98 -6.26 -7.94
CA ILE A 130 7.66 -5.51 -9.00
C ILE A 130 9.15 -5.54 -8.77
N THR A 131 9.90 -5.91 -9.81
CA THR A 131 11.35 -6.00 -9.71
C THR A 131 12.01 -4.81 -10.40
N VAL A 132 13.12 -4.35 -9.85
CA VAL A 132 13.83 -3.20 -10.40
C VAL A 132 15.34 -3.37 -10.35
N GLY A 133 16.05 -2.64 -11.20
CA GLY A 133 17.49 -2.70 -11.23
C GLY A 133 18.00 -4.02 -11.78
N VAL A 134 17.38 -4.47 -12.86
CA VAL A 134 17.74 -5.73 -13.46
C VAL A 134 18.99 -5.61 -14.34
N GLY A 135 19.68 -6.73 -14.50
CA GLY A 135 20.88 -6.78 -15.29
C GLY A 135 21.86 -7.78 -14.69
N VAL A 136 22.02 -7.70 -13.37
CA VAL A 136 22.89 -8.60 -12.64
C VAL A 136 22.11 -9.24 -11.50
N GLU A 137 22.17 -10.56 -11.41
CA GLU A 137 21.46 -11.29 -10.36
C GLU A 137 21.77 -10.71 -8.97
N SER A 138 22.93 -10.09 -8.84
CA SER A 138 23.35 -9.52 -7.58
C SER A 138 23.02 -8.02 -7.48
N ASP A 139 22.30 -7.47 -8.47
CA ASP A 139 21.96 -6.05 -8.43
C ASP A 139 20.49 -5.80 -8.70
N ILE A 140 19.68 -6.80 -8.45
CA ILE A 140 18.25 -6.70 -8.64
C ILE A 140 17.53 -6.38 -7.34
N LEU A 141 16.53 -5.54 -7.44
CA LEU A 141 15.73 -5.13 -6.29
C LEU A 141 14.27 -5.54 -6.50
N SER A 142 13.64 -6.10 -5.48
CA SER A 142 12.26 -6.55 -5.59
C SER A 142 11.31 -5.79 -4.68
N LEU A 143 10.07 -5.72 -5.12
CA LEU A 143 9.01 -5.05 -4.39
C LEU A 143 7.76 -5.93 -4.38
N VAL A 144 7.15 -6.11 -3.21
CA VAL A 144 5.97 -6.95 -3.09
C VAL A 144 4.83 -6.21 -2.39
N ILE A 145 3.61 -6.42 -2.88
CA ILE A 145 2.44 -5.80 -2.31
C ILE A 145 1.47 -6.85 -1.76
N PHE A 146 1.13 -6.70 -0.48
CA PHE A 146 0.21 -7.63 0.18
C PHE A 146 -1.14 -6.96 0.39
N ILE A 147 -2.12 -7.36 -0.42
CA ILE A 147 -3.46 -6.79 -0.31
C ILE A 147 -4.30 -7.50 0.74
N ASN A 148 -4.96 -6.72 1.58
CA ASN A 148 -5.81 -7.27 2.64
C ASN A 148 -7.15 -7.72 2.09
N ASP A 149 -7.40 -9.03 2.12
CA ASP A 149 -8.65 -9.58 1.63
C ASP A 149 -9.86 -8.99 2.37
N LYS A 150 -9.62 -8.45 3.56
CA LYS A 150 -10.68 -7.85 4.35
C LYS A 150 -11.37 -6.74 3.57
N PHE A 151 -10.58 -5.93 2.89
CA PHE A 151 -11.11 -4.83 2.10
C PHE A 151 -12.04 -5.35 1.01
N LYS A 152 -11.61 -6.41 0.33
CA LYS A 152 -12.40 -7.00 -0.73
C LYS A 152 -13.71 -7.58 -0.19
N GLN A 153 -13.65 -8.12 1.02
CA GLN A 153 -14.82 -8.70 1.65
C GLN A 153 -15.89 -7.64 1.90
N CYS A 154 -15.45 -6.44 2.28
CA CYS A 154 -16.36 -5.34 2.55
C CYS A 154 -17.12 -4.93 1.29
N LEU A 155 -16.40 -4.82 0.18
CA LEU A 155 -17.00 -4.45 -1.09
C LEU A 155 -18.09 -5.44 -1.50
N GLU A 156 -17.83 -6.72 -1.25
CA GLU A 156 -18.78 -7.77 -1.59
C GLU A 156 -20.06 -7.63 -0.75
N GLN A 157 -19.88 -7.31 0.52
CA GLN A 157 -21.01 -7.15 1.43
C GLN A 157 -21.86 -5.94 1.04
N ASN A 158 -21.25 -5.00 0.32
CA ASN A 158 -21.95 -3.79 -0.11
C ASN A 158 -22.04 -3.74 -1.63
N LYS A 159 -22.75 -4.72 -2.21
CA LYS A 159 -22.92 -4.79 -3.65
C LYS A 159 -23.90 -3.71 -4.13
N VAL A 160 -23.85 -3.42 -5.44
CA VAL A 160 -24.73 -2.42 -6.02
C VAL A 160 -26.00 -3.04 -6.56
N ASP A 161 -27.14 -2.44 -6.22
CA ASP A 161 -28.43 -2.94 -6.67
C ASP A 161 -29.56 -1.98 -6.30
N ARG A 162 -30.67 -2.07 -7.01
CA ARG A 162 -31.81 -1.19 -6.76
C ARG A 162 -33.12 -1.96 -6.94
N ILE A 163 -33.13 -3.20 -6.50
CA ILE A 163 -34.31 -4.05 -6.60
C ILE A 163 -35.09 -4.07 -5.28
N ARG A 164 -36.37 -3.72 -5.34
CA ARG A 164 -37.22 -3.69 -4.16
C ARG A 164 -37.83 -5.07 -3.91
N GLY A 1 6.98 -10.87 33.05
CA GLY A 1 7.15 -9.50 32.61
C GLY A 1 5.96 -8.98 31.84
N GLU A 2 5.41 -7.85 32.29
CA GLU A 2 4.26 -7.24 31.65
C GLU A 2 4.20 -5.75 31.93
N ASN A 3 4.36 -4.94 30.88
CA ASN A 3 4.33 -3.49 31.03
C ASN A 3 3.39 -2.87 30.01
N ILE A 4 2.81 -1.72 30.36
CA ILE A 4 1.89 -1.02 29.47
C ILE A 4 2.16 0.47 29.47
N THR A 5 2.18 1.06 28.27
CA THR A 5 2.43 2.49 28.12
C THR A 5 1.27 3.31 28.67
N GLN A 6 1.59 4.25 29.55
CA GLN A 6 0.57 5.11 30.15
C GLN A 6 1.01 6.57 30.11
N PRO A 7 1.19 7.13 28.91
CA PRO A 7 1.60 8.54 28.74
C PRO A 7 0.49 9.51 29.11
N THR A 8 -0.74 9.13 28.80
CA THR A 8 -1.89 9.97 29.09
C THR A 8 -2.66 9.46 30.32
N GLN A 9 -2.49 8.19 30.63
CA GLN A 9 -3.15 7.59 31.78
C GLN A 9 -4.66 7.66 31.62
N GLN A 10 -5.38 7.27 32.67
CA GLN A 10 -6.85 7.28 32.63
C GLN A 10 -7.41 8.12 33.77
N SER A 11 -6.60 9.04 34.28
CA SER A 11 -7.03 9.92 35.38
C SER A 11 -7.57 9.10 36.55
N THR A 12 -8.20 9.78 37.50
CA THR A 12 -8.77 9.12 38.67
C THR A 12 -10.03 8.35 38.31
N GLN A 13 -10.82 8.91 37.39
CA GLN A 13 -12.05 8.27 36.96
C GLN A 13 -11.90 7.70 35.55
N ALA A 14 -12.09 6.38 35.43
CA ALA A 14 -11.96 5.71 34.15
C ALA A 14 -13.17 4.81 33.89
N THR A 15 -14.08 5.28 33.04
CA THR A 15 -15.27 4.52 32.70
C THR A 15 -15.91 5.03 31.42
N GLN A 16 -16.21 6.33 31.39
CA GLN A 16 -16.83 6.94 30.22
C GLN A 16 -15.88 6.90 29.02
N ARG A 17 -14.63 7.29 29.25
CA ARG A 17 -13.63 7.30 28.19
C ARG A 17 -13.37 5.88 27.68
N PHE A 18 -13.37 4.91 28.59
CA PHE A 18 -13.14 3.52 28.22
C PHE A 18 -14.27 2.98 27.35
N LEU A 19 -15.50 3.42 27.64
CA LEU A 19 -16.67 2.98 26.89
C LEU A 19 -16.58 3.41 25.44
N ILE A 20 -16.20 4.66 25.22
CA ILE A 20 -16.08 5.21 23.87
C ILE A 20 -15.03 4.46 23.06
N GLU A 21 -13.91 4.14 23.72
CA GLU A 21 -12.82 3.43 23.06
C GLU A 21 -13.30 2.09 22.49
N LYS A 22 -14.03 1.34 23.30
CA LYS A 22 -14.55 0.05 22.87
C LYS A 22 -15.60 0.21 21.77
N PHE A 23 -16.29 1.35 21.78
CA PHE A 23 -17.32 1.62 20.80
C PHE A 23 -16.76 1.60 19.37
N SER A 24 -15.63 2.28 19.18
CA SER A 24 -14.99 2.34 17.87
C SER A 24 -14.50 0.96 17.43
N GLN A 25 -13.80 0.27 18.33
CA GLN A 25 -13.27 -1.06 18.04
C GLN A 25 -12.67 -1.13 16.64
N GLU A 26 -12.06 -0.03 16.21
CA GLU A 26 -11.46 0.04 14.89
C GLU A 26 -10.31 -0.95 14.75
N GLN A 27 -10.32 -1.72 13.66
CA GLN A 27 -9.28 -2.71 13.41
C GLN A 27 -8.40 -2.29 12.24
N ILE A 28 -7.10 -2.54 12.36
CA ILE A 28 -6.15 -2.18 11.32
C ILE A 28 -6.04 -3.28 10.27
N GLY A 29 -5.96 -2.85 9.02
CA GLY A 29 -5.84 -3.78 7.91
C GLY A 29 -7.14 -3.97 7.17
N GLU A 30 -8.26 -3.72 7.85
CA GLU A 30 -9.57 -3.87 7.25
C GLU A 30 -9.94 -2.64 6.40
N ASN A 31 -9.32 -1.51 6.71
CA ASN A 31 -9.56 -0.28 5.95
C ASN A 31 -8.32 0.03 5.14
N ILE A 32 -7.25 -0.65 5.51
CA ILE A 32 -5.97 -0.49 4.89
C ILE A 32 -5.95 -1.14 3.50
N VAL A 33 -5.97 -0.30 2.48
CA VAL A 33 -5.96 -0.74 1.08
C VAL A 33 -5.05 -1.95 0.88
N CYS A 34 -3.76 -1.75 1.15
CA CYS A 34 -2.78 -2.82 1.00
C CYS A 34 -1.46 -2.47 1.68
N ARG A 35 -0.61 -3.47 1.86
CA ARG A 35 0.69 -3.26 2.49
C ARG A 35 1.82 -3.66 1.54
N VAL A 36 2.77 -2.75 1.34
CA VAL A 36 3.91 -3.02 0.46
C VAL A 36 5.11 -3.46 1.28
N ILE A 37 5.62 -4.64 0.99
CA ILE A 37 6.75 -5.18 1.71
C ILE A 37 7.89 -5.56 0.77
N CYS A 38 8.97 -4.79 0.79
CA CYS A 38 10.12 -5.08 -0.04
C CYS A 38 10.94 -6.21 0.59
N THR A 39 10.75 -7.42 0.07
CA THR A 39 11.44 -8.60 0.59
C THR A 39 12.94 -8.58 0.28
N THR A 40 13.32 -8.02 -0.86
CA THR A 40 14.72 -7.95 -1.25
C THR A 40 15.56 -7.34 -0.15
N GLY A 41 14.96 -6.47 0.65
CA GLY A 41 15.65 -5.83 1.75
C GLY A 41 16.33 -4.54 1.36
N GLN A 42 15.58 -3.66 0.71
CA GLN A 42 16.12 -2.38 0.27
C GLN A 42 15.25 -1.21 0.77
N ILE A 43 13.95 -1.45 0.89
CA ILE A 43 13.02 -0.44 1.35
C ILE A 43 12.18 -0.96 2.51
N PRO A 44 12.09 -0.17 3.61
CA PRO A 44 11.30 -0.55 4.79
C PRO A 44 9.83 -0.76 4.45
N ILE A 45 9.19 -1.69 5.16
CA ILE A 45 7.78 -1.99 4.93
C ILE A 45 6.93 -0.73 4.98
N ARG A 46 6.05 -0.59 4.00
CA ARG A 46 5.17 0.57 3.91
C ARG A 46 3.71 0.12 3.81
N ASP A 47 2.86 0.70 4.64
CA ASP A 47 1.44 0.35 4.63
C ASP A 47 0.63 1.32 3.78
N LEU A 48 -0.03 0.77 2.76
CA LEU A 48 -0.87 1.56 1.87
C LEU A 48 -2.31 1.46 2.33
N SER A 49 -2.89 2.59 2.72
CA SER A 49 -4.28 2.56 3.21
C SER A 49 -5.25 3.28 2.27
N ALA A 50 -6.52 2.98 2.46
CA ALA A 50 -7.58 3.59 1.66
C ALA A 50 -8.64 4.23 2.55
N ASP A 51 -9.49 5.05 1.94
CA ASP A 51 -10.56 5.73 2.66
C ASP A 51 -11.92 5.14 2.29
N ILE A 52 -12.22 3.98 2.87
CA ILE A 52 -13.48 3.30 2.60
C ILE A 52 -14.67 4.12 3.07
N SER A 53 -14.59 4.67 4.27
CA SER A 53 -15.66 5.47 4.83
C SER A 53 -15.94 6.69 3.97
N GLN A 54 -14.87 7.27 3.43
CA GLN A 54 -14.98 8.45 2.58
C GLN A 54 -15.66 8.10 1.26
N VAL A 55 -15.32 6.95 0.69
CA VAL A 55 -15.90 6.51 -0.57
C VAL A 55 -17.34 6.06 -0.38
N LEU A 56 -17.61 5.37 0.73
CA LEU A 56 -18.94 4.87 1.02
C LEU A 56 -19.94 6.01 1.21
N LYS A 57 -19.50 7.06 1.91
CA LYS A 57 -20.35 8.22 2.17
C LYS A 57 -20.20 9.27 1.07
N GLU A 58 -18.96 9.52 0.68
CA GLU A 58 -18.67 10.51 -0.36
C GLU A 58 -18.08 9.84 -1.60
N LYS A 59 -18.09 10.56 -2.72
CA LYS A 59 -17.55 10.02 -3.97
C LYS A 59 -16.70 11.07 -4.67
N ARG A 60 -16.06 11.94 -3.89
CA ARG A 60 -15.22 12.98 -4.44
C ARG A 60 -13.75 12.53 -4.48
N SER A 61 -13.34 11.77 -3.47
CA SER A 61 -11.97 11.28 -3.41
C SER A 61 -11.78 10.05 -4.29
N ILE A 62 -11.85 8.86 -3.69
CA ILE A 62 -11.69 7.61 -4.43
C ILE A 62 -10.55 7.71 -5.45
N LYS A 63 -9.44 8.31 -5.04
CA LYS A 63 -8.28 8.47 -5.92
C LYS A 63 -7.01 8.70 -5.12
N LYS A 64 -6.47 7.62 -4.55
CA LYS A 64 -5.24 7.71 -3.76
C LYS A 64 -4.12 6.94 -4.44
N VAL A 65 -2.92 7.51 -4.43
CA VAL A 65 -1.78 6.88 -5.06
C VAL A 65 -0.53 6.96 -4.20
N TRP A 66 0.20 5.86 -4.13
CA TRP A 66 1.43 5.79 -3.35
C TRP A 66 2.66 5.93 -4.23
N THR A 67 3.66 6.65 -3.75
CA THR A 67 4.89 6.84 -4.52
C THR A 67 6.13 6.51 -3.70
N PHE A 68 6.98 5.70 -4.28
CA PHE A 68 8.25 5.32 -3.67
C PHE A 68 9.36 6.09 -4.35
N GLY A 69 10.10 6.91 -3.61
CA GLY A 69 11.18 7.64 -4.26
C GLY A 69 11.57 8.90 -3.53
N ARG A 70 12.13 9.85 -4.24
CA ARG A 70 12.55 11.08 -3.61
C ARG A 70 11.33 11.92 -3.33
N ASN A 71 10.83 11.71 -2.14
CA ASN A 71 9.68 12.41 -1.61
C ASN A 71 9.84 12.50 -0.11
N PRO A 72 9.15 13.42 0.57
CA PRO A 72 9.24 13.50 2.01
C PRO A 72 8.68 12.25 2.66
N ALA A 73 8.10 11.42 1.81
CA ALA A 73 7.51 10.15 2.18
C ALA A 73 6.20 10.00 1.49
N CYS A 74 6.23 10.15 0.17
CA CYS A 74 5.01 10.01 -0.59
C CYS A 74 4.43 8.68 -0.17
N ASP A 75 5.10 7.63 -0.59
CA ASP A 75 4.79 6.33 -0.08
C ASP A 75 5.77 6.08 1.05
N TYR A 76 7.04 6.38 0.71
CA TYR A 76 8.17 6.23 1.62
C TYR A 76 9.20 7.36 1.42
N HIS A 77 9.80 7.86 2.50
CA HIS A 77 10.82 8.89 2.39
C HIS A 77 12.22 8.25 2.40
N LEU A 78 12.87 8.22 1.24
CA LEU A 78 14.21 7.64 1.14
C LEU A 78 15.23 8.66 0.65
N GLY A 79 16.50 8.25 0.65
CA GLY A 79 17.57 9.14 0.20
C GLY A 79 17.35 9.63 -1.22
N ASN A 80 18.34 10.33 -1.77
CA ASN A 80 18.22 10.86 -3.13
C ASN A 80 19.18 10.17 -4.09
N ILE A 81 18.67 9.19 -4.83
CA ILE A 81 19.46 8.46 -5.81
C ILE A 81 18.95 8.73 -7.22
N SER A 82 19.76 9.39 -8.03
CA SER A 82 19.37 9.72 -9.39
C SER A 82 18.97 8.48 -10.19
N ARG A 83 19.47 7.31 -9.79
CA ARG A 83 19.17 6.06 -10.50
C ARG A 83 17.89 5.39 -9.96
N LEU A 84 18.04 4.30 -9.21
CA LEU A 84 16.91 3.59 -8.65
C LEU A 84 16.85 3.80 -7.16
N SER A 85 15.85 4.51 -6.75
CA SER A 85 15.60 4.83 -5.34
C SER A 85 14.65 6.02 -5.25
N ASN A 86 14.95 7.07 -6.01
CA ASN A 86 14.08 8.25 -6.04
C ASN A 86 12.74 7.82 -6.60
N LYS A 87 12.00 8.74 -7.24
CA LYS A 87 10.70 8.39 -7.82
C LYS A 87 10.86 7.12 -8.65
N HIS A 88 11.02 5.99 -7.95
CA HIS A 88 11.25 4.72 -8.61
C HIS A 88 9.99 3.91 -8.85
N PHE A 89 8.91 4.22 -8.16
CA PHE A 89 7.68 3.48 -8.42
C PHE A 89 6.50 4.01 -7.63
N GLN A 90 5.32 3.73 -8.17
CA GLN A 90 4.09 4.21 -7.56
C GLN A 90 2.97 3.17 -7.54
N ILE A 91 1.99 3.40 -6.66
CA ILE A 91 0.84 2.52 -6.52
C ILE A 91 -0.45 3.35 -6.62
N LEU A 92 -1.42 2.91 -7.42
CA LEU A 92 -2.67 3.65 -7.57
C LEU A 92 -3.84 2.92 -6.92
N LEU A 93 -4.78 3.69 -6.38
CA LEU A 93 -5.97 3.14 -5.75
C LEU A 93 -7.23 3.74 -6.36
N GLY A 94 -8.12 2.89 -6.84
CA GLY A 94 -9.36 3.35 -7.44
C GLY A 94 -9.59 2.78 -8.82
N GLU A 95 -9.88 3.65 -9.78
CA GLU A 95 -10.14 3.22 -11.16
C GLU A 95 -11.44 2.42 -11.25
N ASP A 96 -11.42 1.21 -10.71
CA ASP A 96 -12.60 0.35 -10.73
C ASP A 96 -12.72 -0.45 -9.44
N GLY A 97 -12.70 0.26 -8.31
CA GLY A 97 -12.80 -0.40 -7.02
C GLY A 97 -11.51 -1.06 -6.59
N ASN A 98 -11.05 -2.01 -7.39
CA ASN A 98 -9.81 -2.73 -7.09
C ASN A 98 -8.64 -1.76 -6.94
N LEU A 99 -7.43 -2.31 -6.87
CA LEU A 99 -6.23 -1.49 -6.72
C LEU A 99 -5.43 -1.48 -8.02
N LEU A 100 -4.57 -0.47 -8.17
CA LEU A 100 -3.74 -0.33 -9.35
C LEU A 100 -2.29 -0.09 -8.97
N LEU A 101 -1.36 -0.56 -9.79
CA LEU A 101 0.06 -0.38 -9.50
C LEU A 101 0.71 0.44 -10.60
N ASN A 102 1.43 1.50 -10.24
CA ASN A 102 2.08 2.32 -11.25
C ASN A 102 3.57 2.15 -11.16
N ASP A 103 4.16 1.52 -12.15
CA ASP A 103 5.59 1.32 -12.12
C ASP A 103 6.27 2.54 -12.70
N ILE A 104 6.96 3.27 -11.85
CA ILE A 104 7.69 4.42 -12.29
C ILE A 104 9.15 4.25 -11.90
N SER A 105 9.95 4.00 -12.88
CA SER A 105 11.38 3.80 -12.70
C SER A 105 12.14 4.59 -13.75
N THR A 106 13.45 4.74 -13.57
CA THR A 106 14.20 5.50 -14.55
C THR A 106 14.29 4.78 -15.88
N ASN A 107 14.93 3.60 -15.91
CA ASN A 107 15.03 2.86 -17.17
C ASN A 107 14.23 1.55 -17.21
N GLY A 108 14.09 0.85 -16.08
CA GLY A 108 13.39 -0.42 -16.11
C GLY A 108 12.57 -0.81 -14.88
N THR A 109 11.30 -1.15 -15.08
CA THR A 109 10.46 -1.66 -13.99
C THR A 109 9.95 -3.04 -14.36
N TRP A 110 9.94 -3.98 -13.41
CA TRP A 110 9.51 -5.34 -13.69
C TRP A 110 8.34 -5.78 -12.84
N LEU A 111 7.52 -6.65 -13.42
CA LEU A 111 6.39 -7.21 -12.71
C LEU A 111 6.52 -8.73 -12.70
N ASN A 112 6.76 -9.29 -11.52
CA ASN A 112 6.92 -10.73 -11.36
C ASN A 112 7.83 -11.33 -12.43
N GLY A 113 8.95 -10.66 -12.72
CA GLY A 113 9.86 -11.16 -13.72
C GLY A 113 9.43 -10.84 -15.13
N GLN A 114 8.63 -9.79 -15.28
CA GLN A 114 8.15 -9.38 -16.59
C GLN A 114 8.21 -7.87 -16.74
N LYS A 115 9.29 -7.41 -17.36
CA LYS A 115 9.50 -5.98 -17.58
C LYS A 115 8.23 -5.33 -18.13
N VAL A 116 7.88 -4.17 -17.57
CA VAL A 116 6.67 -3.46 -17.99
C VAL A 116 6.98 -2.01 -18.39
N GLU A 117 5.93 -1.28 -18.74
CA GLU A 117 6.06 0.12 -19.15
C GLU A 117 6.04 1.05 -17.94
N LYS A 118 6.86 2.10 -18.00
CA LYS A 118 6.92 3.06 -16.92
C LYS A 118 5.60 3.79 -16.79
N ASN A 119 5.38 4.45 -15.65
CA ASN A 119 4.16 5.18 -15.39
C ASN A 119 2.94 4.48 -16.00
N SER A 120 2.96 3.16 -15.91
CA SER A 120 1.88 2.34 -16.46
C SER A 120 1.06 1.69 -15.35
N ASN A 121 -0.15 2.19 -15.14
CA ASN A 121 -1.03 1.65 -14.11
C ASN A 121 -1.27 0.15 -14.33
N GLN A 122 -1.30 -0.60 -13.24
CA GLN A 122 -1.51 -2.05 -13.35
C GLN A 122 -2.61 -2.52 -12.42
N LEU A 123 -3.33 -3.55 -12.86
CA LEU A 123 -4.40 -4.14 -12.06
C LEU A 123 -3.81 -4.93 -10.91
N LEU A 124 -4.09 -4.50 -9.68
CA LEU A 124 -3.55 -5.17 -8.50
C LEU A 124 -3.73 -6.67 -8.58
N SER A 125 -2.74 -7.36 -8.05
CA SER A 125 -2.72 -8.81 -8.01
C SER A 125 -2.48 -9.30 -6.58
N GLN A 126 -2.96 -10.50 -6.27
CA GLN A 126 -2.77 -11.05 -4.94
C GLN A 126 -1.32 -11.45 -4.73
N GLY A 127 -0.65 -10.75 -3.81
CA GLY A 127 0.74 -11.03 -3.53
C GLY A 127 1.66 -10.65 -4.68
N ASP A 128 1.22 -9.69 -5.49
CA ASP A 128 2.01 -9.24 -6.63
C ASP A 128 3.37 -8.71 -6.18
N GLU A 129 4.31 -8.67 -7.13
CA GLU A 129 5.66 -8.19 -6.84
C GLU A 129 6.27 -7.46 -8.03
N ILE A 130 6.90 -6.31 -7.78
CA ILE A 130 7.54 -5.54 -8.82
C ILE A 130 9.05 -5.59 -8.66
N THR A 131 9.75 -5.94 -9.73
CA THR A 131 11.20 -6.05 -9.70
C THR A 131 11.83 -4.83 -10.36
N VAL A 132 12.97 -4.40 -9.85
CA VAL A 132 13.65 -3.23 -10.40
C VAL A 132 15.17 -3.39 -10.42
N GLY A 133 15.82 -2.61 -11.28
CA GLY A 133 17.26 -2.66 -11.39
C GLY A 133 17.75 -3.98 -11.94
N VAL A 134 17.08 -4.47 -12.97
CA VAL A 134 17.43 -5.73 -13.59
C VAL A 134 18.64 -5.60 -14.50
N GLY A 135 19.31 -6.72 -14.71
CA GLY A 135 20.49 -6.77 -15.53
C GLY A 135 21.46 -7.81 -15.02
N VAL A 136 21.61 -7.85 -13.71
CA VAL A 136 22.47 -8.81 -13.04
C VAL A 136 21.68 -9.56 -11.98
N GLU A 137 21.77 -10.89 -11.99
CA GLU A 137 21.05 -11.71 -11.03
C GLU A 137 21.30 -11.24 -9.59
N SER A 138 22.51 -10.75 -9.34
CA SER A 138 22.87 -10.28 -8.01
C SER A 138 22.66 -8.77 -7.85
N ASP A 139 22.07 -8.12 -8.85
CA ASP A 139 21.85 -6.69 -8.78
C ASP A 139 20.41 -6.29 -9.06
N ILE A 140 19.51 -7.19 -8.72
CA ILE A 140 18.08 -6.96 -8.91
C ILE A 140 17.39 -6.61 -7.60
N LEU A 141 16.46 -5.69 -7.67
CA LEU A 141 15.70 -5.23 -6.52
C LEU A 141 14.25 -5.67 -6.65
N SER A 142 13.67 -6.19 -5.56
CA SER A 142 12.29 -6.66 -5.60
C SER A 142 11.37 -5.88 -4.68
N LEU A 143 10.10 -5.84 -5.07
CA LEU A 143 9.06 -5.15 -4.31
C LEU A 143 7.83 -6.03 -4.25
N VAL A 144 7.31 -6.29 -3.05
CA VAL A 144 6.14 -7.14 -2.90
C VAL A 144 4.97 -6.40 -2.25
N ILE A 145 3.77 -6.66 -2.74
CA ILE A 145 2.57 -6.04 -2.20
C ILE A 145 1.67 -7.10 -1.55
N PHE A 146 1.29 -6.85 -0.30
CA PHE A 146 0.43 -7.76 0.43
C PHE A 146 -0.95 -7.14 0.65
N ILE A 147 -1.94 -7.66 -0.07
CA ILE A 147 -3.30 -7.15 0.03
C ILE A 147 -4.16 -8.06 0.91
N ASN A 148 -4.90 -7.45 1.83
CA ASN A 148 -5.76 -8.20 2.74
C ASN A 148 -7.09 -8.55 2.07
N ASP A 149 -7.51 -9.80 2.23
CA ASP A 149 -8.76 -10.27 1.64
C ASP A 149 -9.96 -9.53 2.23
N LYS A 150 -9.79 -8.99 3.44
CA LYS A 150 -10.86 -8.27 4.10
C LYS A 150 -11.34 -7.12 3.23
N PHE A 151 -10.40 -6.40 2.63
CA PHE A 151 -10.73 -5.28 1.76
C PHE A 151 -11.61 -5.72 0.61
N LYS A 152 -11.26 -6.85 0.01
CA LYS A 152 -12.02 -7.39 -1.11
C LYS A 152 -13.47 -7.67 -0.70
N GLN A 153 -13.64 -8.24 0.47
CA GLN A 153 -14.98 -8.57 0.98
C GLN A 153 -15.80 -7.30 1.19
N CYS A 154 -15.16 -6.25 1.70
CA CYS A 154 -15.83 -4.98 1.95
C CYS A 154 -16.33 -4.37 0.64
N LEU A 155 -15.47 -4.38 -0.37
CA LEU A 155 -15.81 -3.82 -1.68
C LEU A 155 -16.88 -4.67 -2.36
N GLU A 156 -16.78 -5.99 -2.20
CA GLU A 156 -17.73 -6.90 -2.80
C GLU A 156 -19.15 -6.62 -2.30
N GLN A 157 -19.26 -6.32 -1.01
CA GLN A 157 -20.56 -6.04 -0.39
C GLN A 157 -20.89 -4.56 -0.50
N ASN A 158 -19.87 -3.71 -0.40
CA ASN A 158 -20.04 -2.26 -0.49
C ASN A 158 -21.27 -1.80 0.29
N LYS A 159 -21.47 -2.36 1.48
CA LYS A 159 -22.60 -2.00 2.33
C LYS A 159 -22.24 -0.85 3.26
N VAL A 160 -23.23 -0.05 3.61
CA VAL A 160 -23.02 1.09 4.50
C VAL A 160 -22.64 0.62 5.91
N ASP A 161 -21.71 1.34 6.53
CA ASP A 161 -21.26 0.99 7.87
C ASP A 161 -22.42 0.97 8.86
N ARG A 162 -23.00 -0.22 9.04
CA ARG A 162 -24.12 -0.39 9.96
C ARG A 162 -23.98 -1.67 10.77
N ILE A 163 -24.99 -1.97 11.57
CA ILE A 163 -24.99 -3.16 12.40
C ILE A 163 -25.31 -4.40 11.58
N ARG A 164 -24.32 -5.30 11.44
CA ARG A 164 -24.50 -6.52 10.67
C ARG A 164 -24.84 -7.69 11.59
N GLY A 1 5.10 -39.25 8.20
CA GLY A 1 5.21 -38.13 7.27
C GLY A 1 4.84 -36.81 7.92
N GLU A 2 5.82 -36.14 8.51
CA GLU A 2 5.59 -34.86 9.15
C GLU A 2 5.15 -33.80 8.13
N ASN A 3 4.07 -33.10 8.46
CA ASN A 3 3.55 -32.06 7.58
C ASN A 3 2.69 -31.06 8.35
N ILE A 4 3.24 -30.55 9.45
CA ILE A 4 2.53 -29.59 10.29
C ILE A 4 3.29 -28.28 10.40
N THR A 5 4.46 -28.32 11.02
CA THR A 5 5.29 -27.14 11.18
C THR A 5 6.77 -27.49 11.18
N GLN A 6 7.44 -27.25 10.06
CA GLN A 6 8.86 -27.54 9.93
C GLN A 6 9.68 -26.74 10.94
N PRO A 7 9.49 -25.41 10.98
CA PRO A 7 10.21 -24.53 11.91
C PRO A 7 10.19 -25.05 13.35
N THR A 8 11.36 -25.44 13.84
CA THR A 8 11.48 -25.95 15.20
C THR A 8 11.03 -24.92 16.23
N GLN A 9 10.12 -25.32 17.10
CA GLN A 9 9.61 -24.43 18.14
C GLN A 9 9.55 -25.14 19.49
N GLN A 10 10.66 -25.13 20.21
CA GLN A 10 10.73 -25.77 21.52
C GLN A 10 9.71 -25.16 22.47
N SER A 11 9.55 -23.85 22.39
CA SER A 11 8.62 -23.13 23.25
C SER A 11 8.09 -21.87 22.56
N THR A 12 7.17 -21.19 23.23
CA THR A 12 6.58 -19.96 22.69
C THR A 12 6.27 -18.97 23.79
N GLN A 13 7.24 -18.12 24.11
CA GLN A 13 7.07 -17.12 25.15
C GLN A 13 6.85 -15.74 24.54
N ALA A 14 6.17 -15.70 23.41
CA ALA A 14 5.89 -14.44 22.72
C ALA A 14 4.52 -14.47 22.04
N THR A 15 3.48 -14.58 22.84
CA THR A 15 2.11 -14.62 22.32
C THR A 15 1.16 -13.82 23.21
N GLN A 16 1.23 -14.07 24.51
CA GLN A 16 0.37 -13.38 25.47
C GLN A 16 0.71 -11.89 25.52
N ARG A 17 1.99 -11.58 25.42
CA ARG A 17 2.46 -10.19 25.45
C ARG A 17 1.87 -9.40 24.30
N PHE A 18 1.84 -10.01 23.12
CA PHE A 18 1.31 -9.36 21.93
C PHE A 18 -0.18 -9.07 22.09
N LEU A 19 -0.88 -9.98 22.75
CA LEU A 19 -2.32 -9.83 22.97
C LEU A 19 -2.62 -8.56 23.75
N ILE A 20 -1.81 -8.28 24.78
CA ILE A 20 -1.99 -7.09 25.60
C ILE A 20 -1.82 -5.83 24.78
N GLU A 21 -0.85 -5.83 23.87
CA GLU A 21 -0.58 -4.69 23.02
C GLU A 21 -1.82 -4.32 22.21
N LYS A 22 -2.57 -5.33 21.78
CA LYS A 22 -3.78 -5.12 21.00
C LYS A 22 -4.81 -4.31 21.78
N PHE A 23 -4.84 -4.51 23.10
CA PHE A 23 -5.77 -3.82 23.97
C PHE A 23 -5.53 -2.31 23.92
N SER A 24 -4.27 -1.91 24.05
CA SER A 24 -3.89 -0.51 24.03
C SER A 24 -4.30 0.14 22.70
N GLN A 25 -3.99 -0.54 21.61
CA GLN A 25 -4.33 -0.03 20.28
C GLN A 25 -4.65 -1.18 19.32
N GLU A 26 -5.44 -0.88 18.30
CA GLU A 26 -5.82 -1.89 17.32
C GLU A 26 -4.95 -1.80 16.08
N GLN A 27 -4.83 -2.91 15.36
CA GLN A 27 -4.03 -2.96 14.14
C GLN A 27 -4.90 -2.76 12.90
N ILE A 28 -4.46 -1.86 12.02
CA ILE A 28 -5.19 -1.58 10.80
C ILE A 28 -4.89 -2.60 9.72
N GLY A 29 -5.94 -2.97 9.01
CA GLY A 29 -5.80 -3.94 7.94
C GLY A 29 -7.09 -4.10 7.14
N GLU A 30 -8.22 -4.05 7.82
CA GLU A 30 -9.51 -4.21 7.18
C GLU A 30 -9.89 -2.95 6.40
N ASN A 31 -9.32 -1.81 6.79
CA ASN A 31 -9.58 -0.55 6.10
C ASN A 31 -8.33 -0.16 5.34
N ILE A 32 -7.24 -0.83 5.69
CA ILE A 32 -5.96 -0.61 5.09
C ILE A 32 -5.92 -1.21 3.68
N VAL A 33 -6.04 -0.33 2.69
CA VAL A 33 -6.04 -0.71 1.28
C VAL A 33 -5.10 -1.88 1.00
N CYS A 34 -3.81 -1.67 1.25
CA CYS A 34 -2.80 -2.71 1.00
C CYS A 34 -1.53 -2.46 1.81
N ARG A 35 -0.68 -3.48 1.90
CA ARG A 35 0.57 -3.37 2.63
C ARG A 35 1.75 -3.82 1.77
N VAL A 36 2.64 -2.88 1.45
CA VAL A 36 3.81 -3.18 0.64
C VAL A 36 4.98 -3.61 1.51
N ILE A 37 5.65 -4.69 1.10
CA ILE A 37 6.78 -5.20 1.85
C ILE A 37 7.99 -5.49 0.97
N CYS A 38 9.01 -4.66 1.10
CA CYS A 38 10.25 -4.85 0.34
C CYS A 38 11.18 -5.75 1.16
N THR A 39 11.33 -7.00 0.75
CA THR A 39 12.16 -7.95 1.49
C THR A 39 13.55 -8.11 0.88
N THR A 40 13.70 -7.79 -0.40
CA THR A 40 14.98 -7.92 -1.07
C THR A 40 16.06 -7.10 -0.38
N GLY A 41 15.64 -6.11 0.41
CA GLY A 41 16.60 -5.27 1.11
C GLY A 41 16.75 -3.90 0.48
N GLN A 42 15.73 -3.07 0.63
CA GLN A 42 15.77 -1.71 0.08
C GLN A 42 14.76 -0.82 0.78
N ILE A 43 13.48 -1.11 0.60
CA ILE A 43 12.42 -0.32 1.21
C ILE A 43 11.82 -1.05 2.41
N PRO A 44 11.53 -0.32 3.50
CA PRO A 44 10.95 -0.89 4.71
C PRO A 44 9.44 -1.04 4.59
N ILE A 45 8.90 -2.07 5.21
CA ILE A 45 7.46 -2.33 5.16
C ILE A 45 6.64 -1.06 5.36
N ARG A 46 5.90 -0.69 4.33
CA ARG A 46 5.06 0.51 4.37
C ARG A 46 3.59 0.12 4.29
N ASP A 47 2.78 0.66 5.18
CA ASP A 47 1.36 0.34 5.20
C ASP A 47 0.57 1.27 4.28
N LEU A 48 -0.09 0.68 3.29
CA LEU A 48 -0.91 1.43 2.35
C LEU A 48 -2.37 1.34 2.79
N SER A 49 -2.99 2.49 3.05
CA SER A 49 -4.38 2.47 3.50
C SER A 49 -5.32 3.22 2.58
N ALA A 50 -6.60 2.93 2.75
CA ALA A 50 -7.65 3.56 1.96
C ALA A 50 -8.59 4.36 2.85
N ASP A 51 -9.42 5.21 2.24
CA ASP A 51 -10.35 6.04 2.97
C ASP A 51 -11.78 5.50 2.84
N ILE A 52 -12.00 4.29 3.34
CA ILE A 52 -13.31 3.67 3.26
C ILE A 52 -14.35 4.46 4.06
N SER A 53 -13.96 4.90 5.25
CA SER A 53 -14.86 5.66 6.11
C SER A 53 -15.17 7.02 5.50
N GLN A 54 -14.16 7.63 4.90
CA GLN A 54 -14.32 8.94 4.28
C GLN A 54 -15.26 8.88 3.08
N VAL A 55 -15.14 7.83 2.29
CA VAL A 55 -15.98 7.65 1.12
C VAL A 55 -17.44 7.51 1.51
N LEU A 56 -17.70 6.77 2.59
CA LEU A 56 -19.05 6.55 3.08
C LEU A 56 -19.71 7.87 3.47
N LYS A 57 -18.90 8.81 3.96
CA LYS A 57 -19.40 10.12 4.38
C LYS A 57 -19.29 11.13 3.24
N GLU A 58 -18.31 10.93 2.36
CA GLU A 58 -18.11 11.83 1.23
C GLU A 58 -19.14 11.60 0.14
N LYS A 59 -19.00 12.31 -0.97
CA LYS A 59 -19.92 12.18 -2.09
C LYS A 59 -19.35 11.25 -3.16
N ARG A 60 -18.09 11.49 -3.54
CA ARG A 60 -17.43 10.68 -4.55
C ARG A 60 -16.24 9.93 -3.96
N SER A 61 -15.21 10.69 -3.58
CA SER A 61 -14.01 10.09 -3.00
C SER A 61 -13.34 9.14 -3.99
N ILE A 62 -12.45 8.29 -3.48
CA ILE A 62 -11.74 7.32 -4.32
C ILE A 62 -10.70 8.01 -5.19
N LYS A 63 -9.51 8.20 -4.65
CA LYS A 63 -8.42 8.85 -5.38
C LYS A 63 -7.17 8.93 -4.51
N LYS A 64 -6.53 7.79 -4.28
CA LYS A 64 -5.32 7.74 -3.47
C LYS A 64 -4.22 6.95 -4.19
N VAL A 65 -3.00 7.47 -4.16
CA VAL A 65 -1.88 6.82 -4.83
C VAL A 65 -0.62 6.83 -3.97
N TRP A 66 0.07 5.70 -3.95
CA TRP A 66 1.32 5.57 -3.19
C TRP A 66 2.53 5.71 -4.10
N THR A 67 3.56 6.41 -3.64
CA THR A 67 4.76 6.59 -4.44
C THR A 67 6.03 6.28 -3.67
N PHE A 68 6.87 5.47 -4.27
CA PHE A 68 8.15 5.12 -3.68
C PHE A 68 9.25 5.92 -4.34
N GLY A 69 9.95 6.74 -3.58
CA GLY A 69 11.02 7.51 -4.18
C GLY A 69 11.37 8.74 -3.38
N ARG A 70 11.96 9.72 -4.03
CA ARG A 70 12.32 10.93 -3.32
C ARG A 70 11.07 11.74 -3.09
N ASN A 71 10.51 11.47 -1.93
CA ASN A 71 9.31 12.11 -1.43
C ASN A 71 9.40 12.17 0.07
N PRO A 72 8.65 13.04 0.74
CA PRO A 72 8.68 13.09 2.20
C PRO A 72 8.16 11.80 2.80
N ALA A 73 7.64 10.96 1.91
CA ALA A 73 7.11 9.65 2.26
C ALA A 73 5.82 9.44 1.53
N CYS A 74 5.85 9.65 0.24
CA CYS A 74 4.65 9.45 -0.54
C CYS A 74 4.16 8.07 -0.21
N ASP A 75 4.91 7.09 -0.67
CA ASP A 75 4.69 5.74 -0.24
C ASP A 75 5.66 5.50 0.90
N TYR A 76 6.91 5.92 0.63
CA TYR A 76 8.03 5.81 1.55
C TYR A 76 8.98 7.02 1.43
N HIS A 77 9.53 7.50 2.54
CA HIS A 77 10.49 8.59 2.49
C HIS A 77 11.91 8.05 2.49
N LEU A 78 12.59 8.13 1.34
CA LEU A 78 13.97 7.63 1.23
C LEU A 78 14.91 8.73 0.73
N GLY A 79 16.20 8.42 0.69
CA GLY A 79 17.19 9.38 0.23
C GLY A 79 16.94 9.84 -1.19
N ASN A 80 17.86 10.64 -1.74
CA ASN A 80 17.71 11.14 -3.10
C ASN A 80 18.74 10.52 -4.05
N ILE A 81 18.32 9.50 -4.78
CA ILE A 81 19.18 8.83 -5.74
C ILE A 81 18.66 9.03 -7.16
N SER A 82 19.42 9.75 -7.98
CA SER A 82 19.02 10.04 -9.36
C SER A 82 18.72 8.77 -10.17
N ARG A 83 19.30 7.64 -9.76
CA ARG A 83 19.08 6.39 -10.49
C ARG A 83 17.81 5.67 -10.02
N LEU A 84 17.96 4.53 -9.34
CA LEU A 84 16.84 3.78 -8.84
C LEU A 84 16.76 3.90 -7.34
N SER A 85 15.72 4.57 -6.90
CA SER A 85 15.47 4.81 -5.47
C SER A 85 14.49 5.95 -5.32
N ASN A 86 14.72 7.03 -6.06
CA ASN A 86 13.82 8.17 -6.04
C ASN A 86 12.47 7.72 -6.58
N LYS A 87 11.70 8.61 -7.22
CA LYS A 87 10.41 8.21 -7.77
C LYS A 87 10.60 6.94 -8.60
N HIS A 88 10.83 5.83 -7.90
CA HIS A 88 11.10 4.57 -8.55
C HIS A 88 9.86 3.72 -8.81
N PHE A 89 8.77 4.04 -8.15
CA PHE A 89 7.54 3.29 -8.41
C PHE A 89 6.36 3.86 -7.66
N GLN A 90 5.19 3.63 -8.22
CA GLN A 90 3.96 4.16 -7.64
C GLN A 90 2.82 3.15 -7.63
N ILE A 91 1.90 3.34 -6.68
CA ILE A 91 0.73 2.48 -6.55
C ILE A 91 -0.55 3.32 -6.61
N LEU A 92 -1.52 2.90 -7.40
CA LEU A 92 -2.78 3.64 -7.53
C LEU A 92 -3.94 2.91 -6.87
N LEU A 93 -4.85 3.67 -6.27
CA LEU A 93 -6.01 3.10 -5.61
C LEU A 93 -7.29 3.74 -6.16
N GLY A 94 -8.18 2.91 -6.68
CA GLY A 94 -9.42 3.41 -7.23
C GLY A 94 -9.51 3.22 -8.73
N GLU A 95 -9.98 4.25 -9.43
CA GLU A 95 -10.12 4.20 -10.87
C GLU A 95 -11.01 3.04 -11.29
N ASP A 96 -12.31 3.29 -11.37
CA ASP A 96 -13.28 2.26 -11.76
C ASP A 96 -13.25 1.10 -10.77
N GLY A 97 -12.93 1.40 -9.52
CA GLY A 97 -12.87 0.37 -8.50
C GLY A 97 -11.59 -0.43 -8.54
N ASN A 98 -11.41 -1.32 -7.57
CA ASN A 98 -10.21 -2.16 -7.51
C ASN A 98 -8.97 -1.30 -7.33
N LEU A 99 -7.82 -1.95 -7.18
CA LEU A 99 -6.56 -1.25 -7.01
C LEU A 99 -5.71 -1.34 -8.26
N LEU A 100 -4.80 -0.38 -8.44
CA LEU A 100 -3.93 -0.36 -9.61
C LEU A 100 -2.50 -0.08 -9.18
N LEU A 101 -1.53 -0.64 -9.91
CA LEU A 101 -0.12 -0.43 -9.58
C LEU A 101 0.56 0.30 -10.72
N ASN A 102 1.31 1.36 -10.41
CA ASN A 102 2.00 2.09 -11.45
C ASN A 102 3.49 1.93 -11.29
N ASP A 103 4.12 1.22 -12.21
CA ASP A 103 5.55 1.04 -12.12
C ASP A 103 6.23 2.25 -12.70
N ILE A 104 6.90 3.00 -11.84
CA ILE A 104 7.64 4.15 -12.30
C ILE A 104 9.08 4.01 -11.86
N SER A 105 9.91 3.75 -12.80
CA SER A 105 11.35 3.58 -12.58
C SER A 105 12.11 4.43 -13.58
N THR A 106 13.42 4.57 -13.39
CA THR A 106 14.17 5.39 -14.32
C THR A 106 14.28 4.72 -15.69
N ASN A 107 14.91 3.55 -15.76
CA ASN A 107 15.01 2.86 -17.05
C ASN A 107 14.21 1.56 -17.15
N GLY A 108 14.07 0.82 -16.05
CA GLY A 108 13.34 -0.45 -16.11
C GLY A 108 12.56 -0.85 -14.86
N THR A 109 11.30 -1.22 -15.04
CA THR A 109 10.49 -1.74 -13.94
C THR A 109 10.01 -3.15 -14.29
N TRP A 110 10.05 -4.07 -13.33
CA TRP A 110 9.64 -5.45 -13.60
C TRP A 110 8.49 -5.91 -12.73
N LEU A 111 7.68 -6.80 -13.30
CA LEU A 111 6.57 -7.39 -12.58
C LEU A 111 6.73 -8.91 -12.58
N ASN A 112 6.98 -9.46 -11.41
CA ASN A 112 7.18 -10.91 -11.27
C ASN A 112 8.16 -11.47 -12.31
N GLY A 113 9.25 -10.75 -12.55
CA GLY A 113 10.24 -11.20 -13.50
C GLY A 113 9.89 -10.87 -14.93
N GLN A 114 8.78 -10.15 -15.12
CA GLN A 114 8.35 -9.77 -16.46
C GLN A 114 8.34 -8.25 -16.60
N LYS A 115 9.37 -7.72 -17.23
CA LYS A 115 9.50 -6.30 -17.45
C LYS A 115 8.19 -5.69 -17.95
N VAL A 116 7.84 -4.51 -17.44
CA VAL A 116 6.59 -3.85 -17.83
C VAL A 116 6.84 -2.42 -18.30
N GLU A 117 5.76 -1.75 -18.69
CA GLU A 117 5.84 -0.37 -19.17
C GLU A 117 5.83 0.60 -18.00
N LYS A 118 6.65 1.64 -18.08
CA LYS A 118 6.71 2.64 -17.02
C LYS A 118 5.36 3.33 -16.89
N ASN A 119 5.22 4.11 -15.82
CA ASN A 119 3.98 4.84 -15.54
C ASN A 119 2.76 4.13 -16.11
N SER A 120 2.75 2.81 -15.96
CA SER A 120 1.66 1.98 -16.48
C SER A 120 0.84 1.38 -15.34
N ASN A 121 -0.40 1.83 -15.20
CA ASN A 121 -1.28 1.33 -14.15
C ASN A 121 -1.54 -0.16 -14.37
N GLN A 122 -1.44 -0.94 -13.30
CA GLN A 122 -1.66 -2.38 -13.40
C GLN A 122 -2.64 -2.90 -12.36
N LEU A 123 -3.39 -3.91 -12.76
CA LEU A 123 -4.35 -4.53 -11.86
C LEU A 123 -3.62 -5.35 -10.81
N LEU A 124 -3.71 -4.92 -9.56
CA LEU A 124 -3.02 -5.60 -8.47
C LEU A 124 -3.18 -7.11 -8.54
N SER A 125 -2.23 -7.78 -7.94
CA SER A 125 -2.20 -9.24 -7.87
C SER A 125 -2.02 -9.68 -6.43
N GLN A 126 -2.50 -10.88 -6.10
CA GLN A 126 -2.36 -11.38 -4.74
C GLN A 126 -0.91 -11.73 -4.46
N GLY A 127 -0.29 -10.98 -3.55
CA GLY A 127 1.10 -11.21 -3.22
C GLY A 127 2.02 -10.81 -4.36
N ASP A 128 1.58 -9.87 -5.17
CA ASP A 128 2.37 -9.40 -6.31
C ASP A 128 3.72 -8.85 -5.88
N GLU A 129 4.65 -8.81 -6.83
CA GLU A 129 5.99 -8.31 -6.56
C GLU A 129 6.56 -7.59 -7.79
N ILE A 130 7.17 -6.42 -7.56
CA ILE A 130 7.78 -5.66 -8.64
C ILE A 130 9.30 -5.70 -8.53
N THR A 131 9.95 -6.04 -9.64
CA THR A 131 11.41 -6.14 -9.64
C THR A 131 12.01 -4.91 -10.33
N VAL A 132 13.15 -4.45 -9.82
CA VAL A 132 13.79 -3.27 -10.37
C VAL A 132 15.31 -3.40 -10.41
N GLY A 133 15.93 -2.61 -11.27
CA GLY A 133 17.38 -2.63 -11.40
C GLY A 133 17.89 -3.91 -12.00
N VAL A 134 17.21 -4.37 -13.04
CA VAL A 134 17.58 -5.61 -13.69
C VAL A 134 18.77 -5.43 -14.64
N GLY A 135 19.49 -6.52 -14.84
CA GLY A 135 20.65 -6.52 -15.69
C GLY A 135 21.64 -7.59 -15.25
N VAL A 136 21.81 -7.68 -13.93
CA VAL A 136 22.69 -8.65 -13.33
C VAL A 136 21.94 -9.44 -12.27
N GLU A 137 22.06 -10.76 -12.30
CA GLU A 137 21.37 -11.62 -11.34
C GLU A 137 21.63 -11.18 -9.91
N SER A 138 22.83 -10.67 -9.66
CA SER A 138 23.21 -10.22 -8.33
C SER A 138 22.98 -8.72 -8.14
N ASP A 139 22.36 -8.07 -9.12
CA ASP A 139 22.12 -6.63 -9.02
C ASP A 139 20.66 -6.27 -9.25
N ILE A 140 19.79 -7.18 -8.90
CA ILE A 140 18.36 -6.98 -9.04
C ILE A 140 17.69 -6.76 -7.69
N LEU A 141 16.74 -5.84 -7.68
CA LEU A 141 15.99 -5.51 -6.47
C LEU A 141 14.51 -5.85 -6.68
N SER A 142 13.90 -6.48 -5.68
CA SER A 142 12.49 -6.86 -5.79
C SER A 142 11.63 -6.23 -4.69
N LEU A 143 10.39 -5.96 -5.06
CA LEU A 143 9.40 -5.37 -4.17
C LEU A 143 8.18 -6.28 -4.08
N VAL A 144 7.52 -6.32 -2.93
CA VAL A 144 6.36 -7.17 -2.76
C VAL A 144 5.18 -6.42 -2.15
N ILE A 145 3.99 -6.70 -2.63
CA ILE A 145 2.78 -6.05 -2.12
C ILE A 145 1.85 -7.08 -1.47
N PHE A 146 1.26 -6.68 -0.35
CA PHE A 146 0.35 -7.55 0.38
C PHE A 146 -1.05 -6.96 0.42
N ILE A 147 -1.95 -7.53 -0.37
CA ILE A 147 -3.33 -7.05 -0.42
C ILE A 147 -4.25 -7.93 0.43
N ASN A 148 -5.06 -7.29 1.27
CA ASN A 148 -5.98 -8.02 2.14
C ASN A 148 -7.31 -8.24 1.44
N ASP A 149 -7.83 -9.47 1.52
CA ASP A 149 -9.10 -9.82 0.89
C ASP A 149 -10.26 -9.11 1.59
N LYS A 150 -10.03 -8.67 2.82
CA LYS A 150 -11.07 -7.97 3.59
C LYS A 150 -11.56 -6.75 2.84
N PHE A 151 -10.62 -6.01 2.26
CA PHE A 151 -10.95 -4.80 1.51
C PHE A 151 -11.87 -5.13 0.34
N LYS A 152 -11.57 -6.22 -0.35
CA LYS A 152 -12.37 -6.66 -1.48
C LYS A 152 -13.81 -6.94 -1.06
N GLN A 153 -13.96 -7.46 0.16
CA GLN A 153 -15.28 -7.79 0.68
C GLN A 153 -16.15 -6.54 0.81
N CYS A 154 -15.54 -5.45 1.28
CA CYS A 154 -16.25 -4.19 1.45
C CYS A 154 -16.80 -3.69 0.11
N LEU A 155 -15.97 -3.74 -0.92
CA LEU A 155 -16.36 -3.30 -2.25
C LEU A 155 -17.48 -4.18 -2.80
N GLU A 156 -17.34 -5.49 -2.61
CA GLU A 156 -18.33 -6.45 -3.09
C GLU A 156 -19.70 -6.17 -2.48
N GLN A 157 -19.70 -5.86 -1.19
CA GLN A 157 -20.94 -5.57 -0.47
C GLN A 157 -21.56 -4.27 -0.96
N ASN A 158 -20.72 -3.35 -1.44
CA ASN A 158 -21.18 -2.06 -1.94
C ASN A 158 -20.71 -1.84 -3.37
N LYS A 159 -20.87 -2.86 -4.21
CA LYS A 159 -20.46 -2.76 -5.60
C LYS A 159 -21.37 -1.82 -6.38
N VAL A 160 -20.76 -0.91 -7.13
CA VAL A 160 -21.51 0.06 -7.92
C VAL A 160 -22.29 -0.64 -9.04
N ASP A 161 -23.60 -0.45 -9.03
CA ASP A 161 -24.47 -1.05 -10.04
C ASP A 161 -24.98 0.00 -11.02
N ARG A 162 -25.14 1.23 -10.54
CA ARG A 162 -25.62 2.32 -11.37
C ARG A 162 -25.35 3.67 -10.71
N ILE A 163 -25.17 4.69 -11.53
CA ILE A 163 -24.91 6.04 -11.02
C ILE A 163 -26.16 6.89 -11.07
N ARG A 164 -26.45 7.57 -9.96
CA ARG A 164 -27.63 8.43 -9.87
C ARG A 164 -28.90 7.63 -10.14
N GLY A 1 -25.08 17.62 23.93
CA GLY A 1 -25.39 16.40 23.20
C GLY A 1 -24.90 16.44 21.76
N GLU A 2 -25.48 15.60 20.92
CA GLU A 2 -25.10 15.54 19.51
C GLU A 2 -23.62 15.17 19.36
N ASN A 3 -23.27 13.98 19.82
CA ASN A 3 -21.90 13.50 19.74
C ASN A 3 -20.95 14.45 20.47
N ILE A 4 -20.59 14.09 21.70
CA ILE A 4 -19.69 14.91 22.51
C ILE A 4 -18.44 14.13 22.90
N THR A 5 -17.80 13.51 21.90
CA THR A 5 -16.58 12.74 22.14
C THR A 5 -16.88 11.51 23.00
N GLN A 6 -16.39 10.36 22.56
CA GLN A 6 -16.60 9.11 23.29
C GLN A 6 -15.29 8.59 23.87
N PRO A 7 -14.83 9.18 24.98
CA PRO A 7 -13.58 8.77 25.64
C PRO A 7 -13.69 7.39 26.29
N THR A 8 -12.58 6.67 26.30
CA THR A 8 -12.54 5.33 26.89
C THR A 8 -12.91 5.38 28.37
N GLN A 9 -12.42 6.41 29.06
CA GLN A 9 -12.71 6.56 30.48
C GLN A 9 -12.08 7.84 31.03
N GLN A 10 -12.85 8.93 31.03
CA GLN A 10 -12.36 10.21 31.53
C GLN A 10 -11.98 10.11 33.00
N SER A 11 -10.75 9.66 33.26
CA SER A 11 -10.27 9.52 34.63
C SER A 11 -8.76 9.73 34.69
N THR A 12 -8.32 10.58 35.63
CA THR A 12 -6.90 10.86 35.80
C THR A 12 -6.20 9.73 36.53
N GLN A 13 -5.73 8.73 35.79
CA GLN A 13 -5.03 7.60 36.37
C GLN A 13 -4.40 6.73 35.29
N ALA A 14 -5.24 6.14 34.45
CA ALA A 14 -4.77 5.28 33.36
C ALA A 14 -3.98 6.08 32.34
N THR A 15 -2.68 5.81 32.26
CA THR A 15 -1.81 6.50 31.32
C THR A 15 -0.68 5.59 30.86
N GLN A 16 0.03 4.99 31.81
CA GLN A 16 1.13 4.10 31.50
C GLN A 16 0.63 2.77 30.94
N ARG A 17 -0.51 2.32 31.45
CA ARG A 17 -1.11 1.06 31.00
C ARG A 17 -1.56 1.16 29.55
N PHE A 18 -2.06 2.33 29.17
CA PHE A 18 -2.53 2.55 27.80
C PHE A 18 -1.42 2.29 26.79
N LEU A 19 -0.24 2.84 27.06
CA LEU A 19 0.90 2.67 26.17
C LEU A 19 1.25 1.19 26.01
N ILE A 20 1.25 0.47 27.13
CA ILE A 20 1.57 -0.96 27.12
C ILE A 20 0.45 -1.76 26.47
N GLU A 21 -0.79 -1.48 26.85
CA GLU A 21 -1.95 -2.17 26.31
C GLU A 21 -2.01 -2.03 24.79
N LYS A 22 -1.79 -0.82 24.30
CA LYS A 22 -1.80 -0.55 22.87
C LYS A 22 -0.77 -1.40 22.14
N PHE A 23 0.35 -1.65 22.80
CA PHE A 23 1.42 -2.46 22.21
C PHE A 23 0.93 -3.86 21.87
N SER A 24 0.24 -4.49 22.82
CA SER A 24 -0.29 -5.82 22.62
C SER A 24 -1.38 -5.83 21.56
N GLN A 25 -2.11 -4.72 21.46
CA GLN A 25 -3.18 -4.59 20.48
C GLN A 25 -2.63 -4.33 19.09
N GLU A 26 -2.86 -5.26 18.17
CA GLU A 26 -2.39 -5.13 16.81
C GLU A 26 -3.47 -4.58 15.90
N GLN A 27 -3.16 -3.51 15.17
CA GLN A 27 -4.11 -2.88 14.26
C GLN A 27 -4.25 -3.70 12.99
N ILE A 28 -5.48 -4.15 12.72
CA ILE A 28 -5.75 -4.94 11.53
C ILE A 28 -5.97 -4.08 10.30
N GLY A 29 -5.41 -4.54 9.20
CA GLY A 29 -5.53 -3.82 7.95
C GLY A 29 -6.75 -4.23 7.15
N GLU A 30 -7.94 -4.01 7.72
CA GLU A 30 -9.19 -4.37 7.06
C GLU A 30 -9.66 -3.23 6.15
N ASN A 31 -9.21 -2.02 6.45
CA ASN A 31 -9.57 -0.84 5.65
C ASN A 31 -8.35 -0.40 4.87
N ILE A 32 -7.22 -0.97 5.26
CA ILE A 32 -5.95 -0.67 4.67
C ILE A 32 -5.85 -1.27 3.26
N VAL A 33 -5.98 -0.39 2.26
CA VAL A 33 -5.93 -0.77 0.85
C VAL A 33 -4.98 -1.92 0.59
N CYS A 34 -3.70 -1.70 0.88
CA CYS A 34 -2.67 -2.72 0.68
C CYS A 34 -1.40 -2.39 1.45
N ARG A 35 -0.53 -3.39 1.58
CA ARG A 35 0.74 -3.21 2.28
C ARG A 35 1.91 -3.66 1.42
N VAL A 36 2.76 -2.71 1.04
CA VAL A 36 3.93 -3.02 0.21
C VAL A 36 5.12 -3.40 1.08
N ILE A 37 5.74 -4.52 0.78
CA ILE A 37 6.88 -4.99 1.56
C ILE A 37 8.13 -5.18 0.70
N CYS A 38 9.10 -4.30 0.88
CA CYS A 38 10.37 -4.38 0.17
C CYS A 38 11.43 -4.95 1.11
N THR A 39 11.83 -6.20 0.88
CA THR A 39 12.81 -6.84 1.75
C THR A 39 14.14 -7.13 1.04
N THR A 40 14.10 -7.26 -0.27
CA THR A 40 15.30 -7.55 -1.04
C THR A 40 16.39 -6.51 -0.77
N GLY A 41 15.97 -5.31 -0.40
CA GLY A 41 16.92 -4.25 -0.12
C GLY A 41 16.67 -3.00 -0.94
N GLN A 42 15.54 -2.34 -0.67
CA GLN A 42 15.18 -1.12 -1.39
C GLN A 42 14.55 -0.11 -0.45
N ILE A 43 13.32 -0.39 -0.03
CA ILE A 43 12.60 0.50 0.88
C ILE A 43 11.92 -0.30 1.99
N PRO A 44 12.00 0.20 3.23
CA PRO A 44 11.38 -0.46 4.38
C PRO A 44 9.88 -0.61 4.21
N ILE A 45 9.31 -1.68 4.75
CA ILE A 45 7.88 -1.95 4.64
C ILE A 45 7.05 -0.67 4.75
N ARG A 46 6.00 -0.58 3.95
CA ARG A 46 5.12 0.57 3.94
C ARG A 46 3.67 0.13 3.86
N ASP A 47 2.83 0.66 4.74
CA ASP A 47 1.42 0.31 4.77
C ASP A 47 0.58 1.30 3.97
N LEU A 48 -0.10 0.79 2.95
CA LEU A 48 -0.97 1.60 2.11
C LEU A 48 -2.42 1.43 2.53
N SER A 49 -3.12 2.54 2.74
CA SER A 49 -4.52 2.46 3.17
C SER A 49 -5.49 3.12 2.20
N ALA A 50 -6.75 2.76 2.36
CA ALA A 50 -7.82 3.30 1.53
C ALA A 50 -8.95 3.87 2.39
N ASP A 51 -9.84 4.63 1.76
CA ASP A 51 -10.97 5.23 2.46
C ASP A 51 -12.26 4.48 2.14
N ILE A 52 -12.59 3.49 2.98
CA ILE A 52 -13.78 2.68 2.79
C ILE A 52 -15.06 3.50 2.90
N SER A 53 -15.11 4.36 3.92
CA SER A 53 -16.29 5.19 4.15
C SER A 53 -16.56 6.07 2.95
N GLN A 54 -15.49 6.57 2.34
CA GLN A 54 -15.60 7.42 1.17
C GLN A 54 -16.10 6.65 -0.04
N VAL A 55 -15.66 5.39 -0.15
CA VAL A 55 -16.07 4.53 -1.26
C VAL A 55 -17.50 4.06 -1.09
N LEU A 56 -17.89 3.78 0.14
CA LEU A 56 -19.25 3.32 0.44
C LEU A 56 -20.28 4.34 -0.05
N LYS A 57 -19.96 5.62 0.12
CA LYS A 57 -20.85 6.69 -0.31
C LYS A 57 -20.46 7.18 -1.70
N GLU A 58 -19.17 7.08 -2.02
CA GLU A 58 -18.67 7.52 -3.32
C GLU A 58 -18.95 9.01 -3.53
N LYS A 59 -18.66 9.81 -2.52
CA LYS A 59 -18.87 11.25 -2.61
C LYS A 59 -17.54 11.99 -2.60
N ARG A 60 -16.59 11.49 -1.83
CA ARG A 60 -15.27 12.10 -1.74
C ARG A 60 -14.17 11.06 -1.97
N SER A 61 -12.93 11.52 -2.02
CA SER A 61 -11.80 10.61 -2.23
C SER A 61 -11.92 9.90 -3.58
N ILE A 62 -11.35 8.69 -3.67
CA ILE A 62 -11.40 7.90 -4.90
C ILE A 62 -10.22 8.23 -5.82
N LYS A 63 -9.22 8.92 -5.27
CA LYS A 63 -8.04 9.30 -6.05
C LYS A 63 -6.79 9.32 -5.15
N LYS A 64 -6.38 8.15 -4.69
CA LYS A 64 -5.21 8.04 -3.82
C LYS A 64 -4.13 7.21 -4.49
N VAL A 65 -2.90 7.69 -4.46
CA VAL A 65 -1.79 6.98 -5.07
C VAL A 65 -0.55 6.99 -4.19
N TRP A 66 0.13 5.85 -4.14
CA TRP A 66 1.35 5.72 -3.35
C TRP A 66 2.59 5.82 -4.23
N THR A 67 3.60 6.53 -3.74
CA THR A 67 4.84 6.69 -4.50
C THR A 67 6.08 6.45 -3.67
N PHE A 68 6.94 5.59 -4.18
CA PHE A 68 8.20 5.28 -3.55
C PHE A 68 9.31 6.06 -4.25
N GLY A 69 10.01 6.92 -3.52
CA GLY A 69 11.07 7.66 -4.16
C GLY A 69 11.42 8.93 -3.44
N ARG A 70 12.00 9.89 -4.15
CA ARG A 70 12.36 11.13 -3.52
C ARG A 70 11.11 11.95 -3.30
N ASN A 71 10.58 11.74 -2.13
CA ASN A 71 9.38 12.41 -1.65
C ASN A 71 9.48 12.52 -0.15
N PRO A 72 8.74 13.45 0.49
CA PRO A 72 8.78 13.55 1.94
C PRO A 72 8.24 12.30 2.59
N ALA A 73 7.71 11.42 1.75
CA ALA A 73 7.15 10.15 2.14
C ALA A 73 5.87 9.92 1.41
N CYS A 74 5.93 10.07 0.11
CA CYS A 74 4.73 9.85 -0.69
C CYS A 74 4.21 8.51 -0.29
N ASP A 75 4.95 7.48 -0.68
CA ASP A 75 4.68 6.16 -0.19
C ASP A 75 5.62 5.98 0.99
N TYR A 76 6.89 6.33 0.71
CA TYR A 76 7.99 6.26 1.67
C TYR A 76 8.99 7.41 1.47
N HIS A 77 9.53 7.95 2.57
CA HIS A 77 10.54 8.99 2.46
C HIS A 77 11.94 8.40 2.59
N LEU A 78 12.66 8.33 1.48
CA LEU A 78 14.02 7.77 1.49
C LEU A 78 15.05 8.78 1.00
N GLY A 79 16.30 8.34 0.91
CA GLY A 79 17.38 9.21 0.45
C GLY A 79 17.16 9.69 -0.98
N ASN A 80 18.15 10.40 -1.51
CA ASN A 80 18.05 10.92 -2.87
C ASN A 80 19.03 10.24 -3.82
N ILE A 81 18.53 9.25 -4.56
CA ILE A 81 19.34 8.53 -5.53
C ILE A 81 18.85 8.78 -6.95
N SER A 82 19.67 9.42 -7.75
CA SER A 82 19.31 9.75 -9.14
C SER A 82 18.90 8.51 -9.95
N ARG A 83 19.38 7.34 -9.54
CA ARG A 83 19.08 6.10 -10.27
C ARG A 83 17.80 5.41 -9.75
N LEU A 84 17.96 4.32 -9.01
CA LEU A 84 16.84 3.58 -8.47
C LEU A 84 16.76 3.76 -6.98
N SER A 85 15.71 4.45 -6.57
CA SER A 85 15.46 4.74 -5.16
C SER A 85 14.51 5.92 -5.06
N ASN A 86 14.81 6.98 -5.81
CA ASN A 86 13.94 8.15 -5.85
C ASN A 86 12.62 7.73 -6.46
N LYS A 87 11.91 8.64 -7.12
CA LYS A 87 10.63 8.28 -7.74
C LYS A 87 10.80 6.99 -8.52
N HIS A 88 10.90 5.87 -7.79
CA HIS A 88 11.14 4.58 -8.40
C HIS A 88 9.88 3.77 -8.66
N PHE A 89 8.78 4.11 -8.02
CA PHE A 89 7.56 3.37 -8.30
C PHE A 89 6.35 3.93 -7.59
N GLN A 90 5.19 3.68 -8.17
CA GLN A 90 3.94 4.19 -7.62
C GLN A 90 2.79 3.18 -7.61
N ILE A 91 1.82 3.44 -6.75
CA ILE A 91 0.63 2.59 -6.63
C ILE A 91 -0.65 3.44 -6.69
N LEU A 92 -1.58 3.08 -7.57
CA LEU A 92 -2.81 3.84 -7.71
C LEU A 92 -4.00 3.14 -7.03
N LEU A 93 -4.87 3.92 -6.41
CA LEU A 93 -6.05 3.39 -5.74
C LEU A 93 -7.31 4.06 -6.27
N GLY A 94 -8.30 3.26 -6.63
CA GLY A 94 -9.55 3.80 -7.13
C GLY A 94 -9.54 4.03 -8.62
N GLU A 95 -9.62 5.29 -9.04
CA GLU A 95 -9.61 5.64 -10.45
C GLU A 95 -10.91 5.20 -11.13
N ASP A 96 -11.12 3.89 -11.18
CA ASP A 96 -12.32 3.34 -11.80
C ASP A 96 -13.00 2.32 -10.88
N GLY A 97 -12.88 2.55 -9.57
CA GLY A 97 -13.48 1.65 -8.61
C GLY A 97 -12.66 0.39 -8.41
N ASN A 98 -11.35 0.52 -8.54
CA ASN A 98 -10.45 -0.62 -8.37
C ASN A 98 -9.05 -0.16 -7.98
N LEU A 99 -8.14 -1.11 -7.82
CA LEU A 99 -6.76 -0.80 -7.45
C LEU A 99 -5.83 -1.00 -8.63
N LEU A 100 -4.89 -0.07 -8.80
CA LEU A 100 -3.93 -0.14 -9.91
C LEU A 100 -2.53 0.13 -9.40
N LEU A 101 -1.53 -0.50 -10.03
CA LEU A 101 -0.15 -0.29 -9.63
C LEU A 101 0.60 0.44 -10.73
N ASN A 102 1.34 1.49 -10.38
CA ASN A 102 2.07 2.22 -11.39
C ASN A 102 3.56 2.05 -11.20
N ASP A 103 4.19 1.35 -12.13
CA ASP A 103 5.62 1.15 -12.03
C ASP A 103 6.33 2.34 -12.61
N ILE A 104 7.00 3.09 -11.75
CA ILE A 104 7.78 4.22 -12.20
C ILE A 104 9.21 4.05 -11.76
N SER A 105 10.05 3.75 -12.70
CA SER A 105 11.48 3.56 -12.46
C SER A 105 12.27 4.38 -13.46
N THR A 106 13.58 4.47 -13.28
CA THR A 106 14.36 5.26 -14.21
C THR A 106 14.43 4.59 -15.57
N ASN A 107 15.02 3.40 -15.65
CA ASN A 107 15.10 2.71 -16.94
C ASN A 107 14.26 1.43 -17.02
N GLY A 108 14.12 0.69 -15.90
CA GLY A 108 13.37 -0.55 -15.95
C GLY A 108 12.59 -0.93 -14.70
N THR A 109 11.31 -1.27 -14.87
CA THR A 109 10.50 -1.78 -13.76
C THR A 109 9.99 -3.17 -14.11
N TRP A 110 10.00 -4.09 -13.16
CA TRP A 110 9.56 -5.47 -13.43
C TRP A 110 8.38 -5.90 -12.58
N LEU A 111 7.56 -6.77 -13.15
CA LEU A 111 6.42 -7.32 -12.45
C LEU A 111 6.56 -8.85 -12.39
N ASN A 112 6.78 -9.37 -11.20
CA ASN A 112 6.96 -10.80 -11.00
C ASN A 112 7.88 -11.43 -12.05
N GLY A 113 8.99 -10.75 -12.34
CA GLY A 113 9.94 -11.26 -13.30
C GLY A 113 9.51 -11.01 -14.74
N GLN A 114 8.73 -9.96 -14.94
CA GLN A 114 8.25 -9.61 -16.27
C GLN A 114 8.31 -8.11 -16.49
N LYS A 115 9.37 -7.66 -17.15
CA LYS A 115 9.58 -6.26 -17.45
C LYS A 115 8.29 -5.62 -17.98
N VAL A 116 7.91 -4.50 -17.38
CA VAL A 116 6.70 -3.80 -17.78
C VAL A 116 6.98 -2.37 -18.23
N GLU A 117 5.92 -1.65 -18.60
CA GLU A 117 6.04 -0.27 -19.04
C GLU A 117 6.03 0.70 -17.86
N LYS A 118 6.86 1.74 -17.94
CA LYS A 118 6.93 2.73 -16.88
C LYS A 118 5.61 3.49 -16.78
N ASN A 119 5.41 4.17 -15.66
CA ASN A 119 4.18 4.93 -15.41
C ASN A 119 2.98 4.26 -16.05
N SER A 120 2.96 2.94 -15.97
CA SER A 120 1.88 2.15 -16.54
C SER A 120 1.04 1.50 -15.43
N ASN A 121 -0.24 1.90 -15.35
CA ASN A 121 -1.14 1.35 -14.34
C ASN A 121 -1.28 -0.16 -14.51
N GLN A 122 -1.28 -0.88 -13.39
CA GLN A 122 -1.40 -2.33 -13.43
C GLN A 122 -2.51 -2.83 -12.50
N LEU A 123 -3.18 -3.89 -12.94
CA LEU A 123 -4.25 -4.48 -12.15
C LEU A 123 -3.67 -5.23 -10.96
N LEU A 124 -4.17 -4.90 -9.77
CA LEU A 124 -3.67 -5.54 -8.56
C LEU A 124 -3.77 -7.05 -8.64
N SER A 125 -2.77 -7.69 -8.06
CA SER A 125 -2.69 -9.14 -8.00
C SER A 125 -2.48 -9.59 -6.57
N GLN A 126 -2.93 -10.79 -6.24
CA GLN A 126 -2.77 -11.31 -4.89
C GLN A 126 -1.31 -11.65 -4.64
N GLY A 127 -0.69 -10.92 -3.72
CA GLY A 127 0.70 -11.15 -3.40
C GLY A 127 1.62 -10.74 -4.55
N ASP A 128 1.16 -9.80 -5.37
CA ASP A 128 1.95 -9.32 -6.49
C ASP A 128 3.32 -8.84 -6.05
N GLU A 129 4.25 -8.77 -6.98
CA GLU A 129 5.61 -8.33 -6.68
C GLU A 129 6.23 -7.58 -7.87
N ILE A 130 6.86 -6.45 -7.58
CA ILE A 130 7.53 -5.65 -8.60
C ILE A 130 9.04 -5.72 -8.41
N THR A 131 9.74 -6.06 -9.47
CA THR A 131 11.20 -6.17 -9.42
C THR A 131 11.84 -4.96 -10.08
N VAL A 132 12.98 -4.52 -9.53
CA VAL A 132 13.67 -3.37 -10.06
C VAL A 132 15.19 -3.54 -10.05
N GLY A 133 15.87 -2.80 -10.92
CA GLY A 133 17.31 -2.87 -11.00
C GLY A 133 17.79 -4.16 -11.61
N VAL A 134 17.09 -4.60 -12.65
CA VAL A 134 17.43 -5.84 -13.33
C VAL A 134 18.65 -5.68 -14.22
N GLY A 135 19.31 -6.80 -14.49
CA GLY A 135 20.50 -6.82 -15.31
C GLY A 135 21.38 -7.99 -14.96
N VAL A 136 21.60 -8.16 -13.65
CA VAL A 136 22.40 -9.24 -13.13
C VAL A 136 21.60 -10.01 -12.08
N GLU A 137 21.64 -11.34 -12.16
CA GLU A 137 20.91 -12.17 -11.21
C GLU A 137 21.23 -11.78 -9.77
N SER A 138 22.45 -11.31 -9.54
CA SER A 138 22.89 -10.91 -8.22
C SER A 138 22.69 -9.41 -7.98
N ASP A 139 22.04 -8.72 -8.92
CA ASP A 139 21.83 -7.29 -8.78
C ASP A 139 20.38 -6.89 -9.01
N ILE A 140 19.48 -7.80 -8.70
CA ILE A 140 18.06 -7.57 -8.86
C ILE A 140 17.39 -7.33 -7.51
N LEU A 141 16.46 -6.41 -7.50
CA LEU A 141 15.72 -6.05 -6.29
C LEU A 141 14.22 -6.33 -6.48
N SER A 142 13.62 -6.95 -5.48
CA SER A 142 12.20 -7.28 -5.54
C SER A 142 11.36 -6.54 -4.51
N LEU A 143 10.10 -6.34 -4.87
CA LEU A 143 9.14 -5.66 -4.03
C LEU A 143 7.83 -6.44 -4.04
N VAL A 144 7.27 -6.74 -2.87
CA VAL A 144 6.03 -7.49 -2.80
C VAL A 144 4.93 -6.71 -2.12
N ILE A 145 3.71 -6.83 -2.64
CA ILE A 145 2.56 -6.14 -2.07
C ILE A 145 1.59 -7.13 -1.43
N PHE A 146 1.05 -6.76 -0.28
CA PHE A 146 0.11 -7.60 0.44
C PHE A 146 -1.26 -6.96 0.50
N ILE A 147 -2.26 -7.62 -0.08
CA ILE A 147 -3.62 -7.10 -0.10
C ILE A 147 -4.48 -7.70 1.01
N ASN A 148 -5.20 -6.85 1.72
CA ASN A 148 -6.07 -7.31 2.79
C ASN A 148 -7.36 -7.89 2.23
N ASP A 149 -7.66 -9.13 2.61
CA ASP A 149 -8.86 -9.81 2.15
C ASP A 149 -10.12 -9.14 2.68
N LYS A 150 -9.99 -8.45 3.81
CA LYS A 150 -11.11 -7.77 4.43
C LYS A 150 -11.71 -6.74 3.47
N PHE A 151 -10.83 -5.98 2.82
CA PHE A 151 -11.26 -4.95 1.89
C PHE A 151 -12.01 -5.56 0.71
N LYS A 152 -11.47 -6.65 0.17
CA LYS A 152 -12.08 -7.34 -0.96
C LYS A 152 -13.49 -7.79 -0.62
N GLN A 153 -13.65 -8.42 0.54
CA GLN A 153 -14.95 -8.90 0.98
C GLN A 153 -15.93 -7.75 1.15
N CYS A 154 -15.44 -6.61 1.62
CA CYS A 154 -16.27 -5.44 1.82
C CYS A 154 -16.86 -4.95 0.50
N LEU A 155 -16.01 -4.88 -0.52
CA LEU A 155 -16.45 -4.43 -1.84
C LEU A 155 -17.38 -5.45 -2.49
N GLU A 156 -16.98 -6.72 -2.44
CA GLU A 156 -17.79 -7.79 -3.02
C GLU A 156 -19.18 -7.84 -2.39
N GLN A 157 -19.23 -7.82 -1.07
CA GLN A 157 -20.49 -7.87 -0.36
C GLN A 157 -21.19 -6.51 -0.36
N ASN A 158 -20.40 -5.45 -0.25
CA ASN A 158 -20.91 -4.09 -0.24
C ASN A 158 -22.17 -3.97 0.63
N LYS A 159 -22.12 -4.57 1.81
CA LYS A 159 -23.25 -4.54 2.73
C LYS A 159 -22.87 -3.82 4.03
N VAL A 160 -23.85 -3.16 4.64
CA VAL A 160 -23.62 -2.43 5.88
C VAL A 160 -24.08 -3.25 7.09
N ASP A 161 -23.27 -3.24 8.14
CA ASP A 161 -23.58 -3.98 9.36
C ASP A 161 -23.77 -3.03 10.54
N ARG A 162 -24.74 -3.33 11.39
CA ARG A 162 -25.01 -2.51 12.56
C ARG A 162 -24.51 -3.17 13.83
N ILE A 163 -23.42 -2.64 14.38
CA ILE A 163 -22.83 -3.18 15.59
C ILE A 163 -23.38 -2.46 16.83
N ARG A 164 -23.96 -3.23 17.75
CA ARG A 164 -24.51 -2.66 18.97
C ARG A 164 -23.40 -2.15 19.89
N GLY A 1 -14.31 21.10 22.53
CA GLY A 1 -14.10 19.82 21.87
C GLY A 1 -15.13 19.55 20.79
N GLU A 2 -15.76 18.38 20.84
CA GLU A 2 -16.76 18.01 19.85
C GLU A 2 -18.08 17.66 20.53
N ASN A 3 -18.37 18.32 21.64
CA ASN A 3 -19.60 18.08 22.39
C ASN A 3 -20.54 19.28 22.28
N ILE A 4 -21.45 19.22 21.33
CA ILE A 4 -22.41 20.30 21.12
C ILE A 4 -23.80 19.75 20.79
N THR A 5 -24.81 20.61 20.88
CA THR A 5 -26.19 20.20 20.59
C THR A 5 -26.74 19.29 21.68
N GLN A 6 -26.67 19.78 22.93
CA GLN A 6 -27.17 19.00 24.07
C GLN A 6 -26.47 17.65 24.16
N PRO A 7 -25.24 17.62 24.69
CA PRO A 7 -24.47 16.39 24.83
C PRO A 7 -25.10 15.43 25.85
N THR A 8 -25.79 14.42 25.34
CA THR A 8 -26.44 13.43 26.20
C THR A 8 -26.51 12.07 25.51
N GLN A 9 -25.47 11.74 24.76
CA GLN A 9 -25.41 10.47 24.05
C GLN A 9 -23.99 10.18 23.55
N GLN A 10 -23.35 9.20 24.16
CA GLN A 10 -21.98 8.83 23.78
C GLN A 10 -21.86 7.32 23.62
N SER A 11 -21.92 6.60 24.74
CA SER A 11 -21.81 5.15 24.72
C SER A 11 -22.98 4.51 25.46
N THR A 12 -22.99 3.18 25.49
CA THR A 12 -24.05 2.43 26.18
C THR A 12 -23.47 1.37 27.10
N GLN A 13 -22.61 0.52 26.55
CA GLN A 13 -21.98 -0.54 27.33
C GLN A 13 -20.46 -0.44 27.28
N ALA A 14 -19.79 -1.16 28.18
CA ALA A 14 -18.34 -1.14 28.23
C ALA A 14 -17.74 -1.96 27.09
N THR A 15 -16.45 -1.75 26.82
CA THR A 15 -15.77 -2.47 25.76
C THR A 15 -14.71 -3.42 26.31
N GLN A 16 -14.85 -3.77 27.59
CA GLN A 16 -13.89 -4.66 28.23
C GLN A 16 -13.94 -6.05 27.58
N ARG A 17 -15.15 -6.56 27.40
CA ARG A 17 -15.34 -7.87 26.78
C ARG A 17 -15.05 -7.80 25.28
N PHE A 18 -15.41 -6.67 24.68
CA PHE A 18 -15.18 -6.46 23.25
C PHE A 18 -13.71 -6.62 22.91
N LEU A 19 -12.85 -6.12 23.80
CA LEU A 19 -11.40 -6.21 23.60
C LEU A 19 -10.97 -7.67 23.56
N ILE A 20 -11.67 -8.51 24.31
CA ILE A 20 -11.36 -9.93 24.36
C ILE A 20 -11.69 -10.61 23.03
N GLU A 21 -12.85 -10.24 22.47
CA GLU A 21 -13.29 -10.80 21.20
C GLU A 21 -12.26 -10.57 20.11
N LYS A 22 -11.60 -9.41 20.17
CA LYS A 22 -10.59 -9.06 19.18
C LYS A 22 -9.42 -10.05 19.21
N PHE A 23 -9.08 -10.49 20.42
CA PHE A 23 -7.98 -11.44 20.59
C PHE A 23 -8.24 -12.72 19.81
N SER A 24 -9.45 -13.26 19.95
CA SER A 24 -9.82 -14.49 19.26
C SER A 24 -9.80 -14.29 17.75
N GLN A 25 -10.18 -13.10 17.31
CA GLN A 25 -10.19 -12.77 15.88
C GLN A 25 -10.13 -11.27 15.67
N GLU A 26 -8.91 -10.74 15.55
CA GLU A 26 -8.71 -9.32 15.34
C GLU A 26 -8.73 -8.97 13.85
N GLN A 27 -9.39 -7.88 13.51
CA GLN A 27 -9.49 -7.44 12.12
C GLN A 27 -8.32 -6.55 11.75
N ILE A 28 -7.35 -7.12 11.04
CA ILE A 28 -6.17 -6.36 10.62
C ILE A 28 -6.33 -5.78 9.24
N GLY A 29 -5.86 -4.55 9.10
CA GLY A 29 -5.93 -3.84 7.83
C GLY A 29 -7.31 -3.93 7.18
N GLU A 30 -8.30 -3.35 7.82
CA GLU A 30 -9.66 -3.37 7.30
C GLU A 30 -9.92 -2.17 6.39
N ASN A 31 -9.28 -1.05 6.68
CA ASN A 31 -9.41 0.16 5.87
C ASN A 31 -8.12 0.39 5.12
N ILE A 32 -7.10 -0.32 5.56
CA ILE A 32 -5.78 -0.24 5.02
C ILE A 32 -5.73 -0.87 3.62
N VAL A 33 -5.86 -0.01 2.60
CA VAL A 33 -5.84 -0.41 1.20
C VAL A 33 -4.90 -1.60 0.97
N CYS A 34 -3.63 -1.41 1.25
CA CYS A 34 -2.64 -2.49 1.08
C CYS A 34 -1.32 -2.16 1.78
N ARG A 35 -0.49 -3.19 1.98
CA ARG A 35 0.81 -3.00 2.62
C ARG A 35 1.94 -3.48 1.72
N VAL A 36 2.91 -2.60 1.48
CA VAL A 36 4.06 -2.93 0.64
C VAL A 36 5.22 -3.43 1.47
N ILE A 37 5.88 -4.48 0.99
CA ILE A 37 7.00 -5.04 1.70
C ILE A 37 8.21 -5.24 0.79
N CYS A 38 9.21 -4.38 0.96
CA CYS A 38 10.44 -4.50 0.17
C CYS A 38 11.51 -5.19 1.02
N THR A 39 11.70 -6.48 0.78
CA THR A 39 12.67 -7.26 1.55
C THR A 39 13.90 -7.62 0.73
N THR A 40 14.22 -6.82 -0.28
CA THR A 40 15.37 -7.08 -1.11
C THR A 40 16.47 -6.03 -0.90
N GLY A 41 16.17 -5.00 -0.11
CA GLY A 41 17.14 -3.96 0.15
C GLY A 41 16.89 -2.71 -0.66
N GLN A 42 15.72 -2.09 -0.45
CA GLN A 42 15.36 -0.88 -1.18
C GLN A 42 14.63 0.09 -0.26
N ILE A 43 13.41 -0.26 0.11
CA ILE A 43 12.61 0.58 0.99
C ILE A 43 11.94 -0.24 2.09
N PRO A 44 12.07 0.20 3.35
CA PRO A 44 11.48 -0.50 4.49
C PRO A 44 9.96 -0.60 4.37
N ILE A 45 9.40 -1.70 4.88
CA ILE A 45 7.96 -1.93 4.82
C ILE A 45 7.17 -0.68 5.19
N ARG A 46 6.23 -0.32 4.31
CA ARG A 46 5.38 0.84 4.53
C ARG A 46 3.92 0.46 4.30
N ASP A 47 3.06 0.81 5.25
CA ASP A 47 1.64 0.47 5.13
C ASP A 47 0.88 1.53 4.36
N LEU A 48 0.28 1.12 3.24
CA LEU A 48 -0.51 2.01 2.41
C LEU A 48 -1.98 1.80 2.73
N SER A 49 -2.76 2.87 2.80
CA SER A 49 -4.18 2.71 3.12
C SER A 49 -5.11 3.46 2.20
N ALA A 50 -6.35 3.44 2.60
CA ALA A 50 -7.43 4.10 1.88
C ALA A 50 -8.61 4.40 2.81
N ASP A 51 -9.51 5.25 2.35
CA ASP A 51 -10.68 5.62 3.15
C ASP A 51 -11.94 4.97 2.59
N ILE A 52 -12.60 4.19 3.44
CA ILE A 52 -13.82 3.48 3.04
C ILE A 52 -14.95 4.46 2.71
N SER A 53 -15.01 5.57 3.43
CA SER A 53 -16.05 6.57 3.24
C SER A 53 -16.03 7.13 1.82
N GLN A 54 -14.85 7.43 1.32
CA GLN A 54 -14.71 7.96 -0.03
C GLN A 54 -15.07 6.91 -1.07
N VAL A 55 -14.69 5.67 -0.80
CA VAL A 55 -14.98 4.56 -1.72
C VAL A 55 -16.46 4.18 -1.66
N LEU A 56 -17.04 4.22 -0.46
CA LEU A 56 -18.44 3.88 -0.28
C LEU A 56 -19.33 4.75 -1.16
N LYS A 57 -18.94 6.00 -1.33
CA LYS A 57 -19.69 6.94 -2.16
C LYS A 57 -19.04 7.08 -3.53
N GLU A 58 -17.72 6.91 -3.57
CA GLU A 58 -16.98 7.01 -4.83
C GLU A 58 -17.21 8.37 -5.49
N LYS A 59 -16.89 9.43 -4.75
CA LYS A 59 -17.06 10.79 -5.25
C LYS A 59 -16.00 11.72 -4.68
N ARG A 60 -15.81 11.64 -3.37
CA ARG A 60 -14.82 12.47 -2.68
C ARG A 60 -13.42 11.88 -2.83
N SER A 61 -12.52 12.66 -3.43
CA SER A 61 -11.15 12.22 -3.64
C SER A 61 -11.10 10.98 -4.54
N ILE A 62 -11.29 9.81 -3.94
CA ILE A 62 -11.27 8.54 -4.69
C ILE A 62 -10.10 8.52 -5.68
N LYS A 63 -8.99 9.12 -5.30
CA LYS A 63 -7.81 9.16 -6.15
C LYS A 63 -6.54 9.30 -5.32
N LYS A 64 -6.08 8.19 -4.74
CA LYS A 64 -4.88 8.19 -3.93
C LYS A 64 -3.82 7.29 -4.56
N VAL A 65 -2.60 7.82 -4.68
CA VAL A 65 -1.51 7.05 -5.27
C VAL A 65 -0.26 7.10 -4.41
N TRP A 66 0.38 5.94 -4.27
CA TRP A 66 1.60 5.84 -3.48
C TRP A 66 2.85 5.85 -4.36
N THR A 67 3.88 6.56 -3.92
CA THR A 67 5.11 6.63 -4.69
C THR A 67 6.36 6.38 -3.86
N PHE A 68 7.18 5.46 -4.33
CA PHE A 68 8.43 5.16 -3.67
C PHE A 68 9.54 5.92 -4.35
N GLY A 69 10.21 6.81 -3.63
CA GLY A 69 11.29 7.55 -4.25
C GLY A 69 11.61 8.84 -3.55
N ARG A 70 12.17 9.79 -4.28
CA ARG A 70 12.50 11.05 -3.68
C ARG A 70 11.22 11.85 -3.50
N ASN A 71 10.67 11.64 -2.33
CA ASN A 71 9.43 12.29 -1.90
C ASN A 71 9.46 12.44 -0.40
N PRO A 72 8.66 13.35 0.18
CA PRO A 72 8.62 13.48 1.62
C PRO A 72 8.07 12.23 2.26
N ALA A 73 7.55 11.35 1.39
CA ALA A 73 6.99 10.06 1.79
C ALA A 73 5.75 9.82 0.99
N CYS A 74 5.88 9.93 -0.31
CA CYS A 74 4.74 9.69 -1.16
C CYS A 74 4.19 8.34 -0.78
N ASP A 75 4.96 7.31 -1.11
CA ASP A 75 4.68 5.99 -0.62
C ASP A 75 5.53 5.84 0.63
N TYR A 76 6.80 6.22 0.43
CA TYR A 76 7.83 6.18 1.45
C TYR A 76 8.79 7.37 1.31
N HIS A 77 9.26 7.94 2.41
CA HIS A 77 10.20 9.05 2.33
C HIS A 77 11.62 8.50 2.19
N LEU A 78 12.20 8.62 1.00
CA LEU A 78 13.55 8.14 0.75
C LEU A 78 14.51 9.29 0.51
N GLY A 79 15.79 9.04 0.74
CA GLY A 79 16.79 10.07 0.52
C GLY A 79 16.82 10.53 -0.91
N ASN A 80 17.93 11.15 -1.33
CA ASN A 80 18.05 11.63 -2.70
C ASN A 80 19.05 10.79 -3.49
N ILE A 81 18.54 9.86 -4.28
CA ILE A 81 19.39 8.99 -5.09
C ILE A 81 19.16 9.27 -6.57
N SER A 82 20.17 8.99 -7.38
CA SER A 82 20.09 9.22 -8.82
C SER A 82 19.09 8.32 -9.53
N ARG A 83 19.08 7.02 -9.21
CA ARG A 83 18.17 6.08 -9.89
C ARG A 83 17.25 5.32 -8.93
N LEU A 84 17.67 4.14 -8.49
CA LEU A 84 16.87 3.31 -7.60
C LEU A 84 16.94 3.81 -6.18
N SER A 85 15.89 4.49 -5.82
CA SER A 85 15.72 5.10 -4.49
C SER A 85 14.87 6.34 -4.63
N ASN A 86 14.94 6.97 -5.80
CA ASN A 86 14.14 8.14 -6.09
C ASN A 86 12.80 7.67 -6.60
N LYS A 87 12.03 8.56 -7.22
CA LYS A 87 10.73 8.17 -7.75
C LYS A 87 10.89 6.89 -8.56
N HIS A 88 11.06 5.77 -7.85
CA HIS A 88 11.29 4.49 -8.49
C HIS A 88 10.03 3.68 -8.75
N PHE A 89 8.93 4.02 -8.11
CA PHE A 89 7.70 3.28 -8.39
C PHE A 89 6.50 3.87 -7.69
N GLN A 90 5.34 3.60 -8.27
CA GLN A 90 4.09 4.15 -7.74
C GLN A 90 2.95 3.13 -7.66
N ILE A 91 2.02 3.39 -6.75
CA ILE A 91 0.85 2.55 -6.56
C ILE A 91 -0.42 3.40 -6.68
N LEU A 92 -1.39 2.95 -7.45
CA LEU A 92 -2.63 3.71 -7.62
C LEU A 92 -3.82 3.05 -6.92
N LEU A 93 -4.66 3.89 -6.31
CA LEU A 93 -5.85 3.42 -5.61
C LEU A 93 -7.10 4.13 -6.15
N GLY A 94 -8.16 3.37 -6.39
CA GLY A 94 -9.38 3.96 -6.89
C GLY A 94 -9.51 3.83 -8.39
N GLU A 95 -10.43 2.97 -8.83
CA GLU A 95 -10.65 2.76 -10.26
C GLU A 95 -11.73 1.70 -10.48
N ASP A 96 -12.97 2.05 -10.13
CA ASP A 96 -14.09 1.13 -10.27
C ASP A 96 -13.86 -0.14 -9.44
N GLY A 97 -13.16 0.02 -8.32
CA GLY A 97 -12.88 -1.10 -7.45
C GLY A 97 -11.47 -1.63 -7.62
N ASN A 98 -11.01 -2.40 -6.65
CA ASN A 98 -9.67 -2.97 -6.70
C ASN A 98 -8.61 -1.87 -6.63
N LEU A 99 -7.35 -2.27 -6.80
CA LEU A 99 -6.25 -1.31 -6.76
C LEU A 99 -5.42 -1.37 -8.04
N LEU A 100 -4.65 -0.32 -8.29
CA LEU A 100 -3.81 -0.26 -9.48
C LEU A 100 -2.36 -0.02 -9.08
N LEU A 101 -1.43 -0.55 -9.86
CA LEU A 101 -0.01 -0.38 -9.57
C LEU A 101 0.68 0.38 -10.69
N ASN A 102 1.44 1.42 -10.35
CA ASN A 102 2.14 2.18 -11.37
C ASN A 102 3.62 1.99 -11.23
N ASP A 103 4.23 1.30 -12.18
CA ASP A 103 5.66 1.08 -12.12
C ASP A 103 6.39 2.27 -12.70
N ILE A 104 7.10 3.00 -11.84
CA ILE A 104 7.87 4.11 -12.30
C ILE A 104 9.31 3.93 -11.84
N SER A 105 10.15 3.63 -12.77
CA SER A 105 11.59 3.43 -12.52
C SER A 105 12.39 4.26 -13.49
N THR A 106 13.71 4.30 -13.34
CA THR A 106 14.50 5.09 -14.25
C THR A 106 14.52 4.50 -15.64
N ASN A 107 15.08 3.29 -15.81
CA ASN A 107 15.09 2.66 -17.12
C ASN A 107 14.22 1.41 -17.22
N GLY A 108 14.10 0.64 -16.13
CA GLY A 108 13.32 -0.58 -16.19
C GLY A 108 12.57 -0.97 -14.93
N THR A 109 11.28 -1.30 -15.07
CA THR A 109 10.48 -1.80 -13.95
C THR A 109 9.94 -3.18 -14.30
N TRP A 110 9.96 -4.10 -13.35
CA TRP A 110 9.50 -5.47 -13.62
C TRP A 110 8.34 -5.89 -12.73
N LEU A 111 7.50 -6.75 -13.29
CA LEU A 111 6.36 -7.29 -12.57
C LEU A 111 6.47 -8.81 -12.57
N ASN A 112 6.70 -9.39 -11.39
CA ASN A 112 6.83 -10.84 -11.25
C ASN A 112 7.75 -11.44 -12.32
N GLY A 113 8.87 -10.79 -12.58
CA GLY A 113 9.81 -11.30 -13.57
C GLY A 113 9.38 -10.98 -14.99
N GLN A 114 8.48 -10.03 -15.14
CA GLN A 114 8.01 -9.64 -16.46
C GLN A 114 8.08 -8.13 -16.63
N LYS A 115 9.14 -7.66 -17.26
CA LYS A 115 9.35 -6.24 -17.51
C LYS A 115 8.06 -5.57 -18.00
N VAL A 116 7.74 -4.42 -17.42
CA VAL A 116 6.53 -3.69 -17.79
C VAL A 116 6.83 -2.24 -18.16
N GLU A 117 5.88 -1.59 -18.81
CA GLU A 117 6.05 -0.19 -19.22
C GLU A 117 6.04 0.73 -18.01
N LYS A 118 6.88 1.76 -18.05
CA LYS A 118 6.96 2.73 -16.96
C LYS A 118 5.65 3.50 -16.85
N ASN A 119 5.45 4.16 -15.71
CA ASN A 119 4.24 4.94 -15.47
C ASN A 119 3.02 4.25 -16.08
N SER A 120 3.01 2.93 -15.98
CA SER A 120 1.92 2.13 -16.53
C SER A 120 1.07 1.51 -15.42
N ASN A 121 -0.15 2.00 -15.25
CA ASN A 121 -1.05 1.50 -14.22
C ASN A 121 -1.30 0.01 -14.41
N GLN A 122 -1.33 -0.74 -13.31
CA GLN A 122 -1.56 -2.18 -13.38
C GLN A 122 -2.67 -2.62 -12.44
N LEU A 123 -3.40 -3.65 -12.83
CA LEU A 123 -4.46 -4.20 -12.01
C LEU A 123 -3.85 -4.95 -10.83
N LEU A 124 -4.03 -4.42 -9.63
CA LEU A 124 -3.46 -5.03 -8.44
C LEU A 124 -3.68 -6.54 -8.42
N SER A 125 -2.69 -7.21 -7.86
CA SER A 125 -2.70 -8.66 -7.75
C SER A 125 -2.48 -9.08 -6.30
N GLN A 126 -2.98 -10.25 -5.93
CA GLN A 126 -2.81 -10.75 -4.58
C GLN A 126 -1.36 -11.16 -4.35
N GLY A 127 -0.67 -10.43 -3.47
CA GLY A 127 0.72 -10.73 -3.19
C GLY A 127 1.62 -10.39 -4.36
N ASP A 128 1.20 -9.42 -5.18
CA ASP A 128 1.98 -9.00 -6.34
C ASP A 128 3.37 -8.55 -5.93
N GLU A 129 4.28 -8.54 -6.90
CA GLU A 129 5.66 -8.14 -6.63
C GLU A 129 6.26 -7.43 -7.85
N ILE A 130 6.96 -6.32 -7.61
CA ILE A 130 7.60 -5.57 -8.68
C ILE A 130 9.12 -5.67 -8.54
N THR A 131 9.78 -6.05 -9.62
CA THR A 131 11.22 -6.20 -9.62
C THR A 131 11.89 -5.02 -10.33
N VAL A 132 13.05 -4.61 -9.83
CA VAL A 132 13.76 -3.48 -10.41
C VAL A 132 15.27 -3.70 -10.44
N GLY A 133 15.95 -2.96 -11.32
CA GLY A 133 17.39 -3.07 -11.44
C GLY A 133 17.82 -4.38 -12.05
N VAL A 134 17.13 -4.79 -13.10
CA VAL A 134 17.44 -6.04 -13.76
C VAL A 134 18.64 -5.92 -14.69
N GLY A 135 19.28 -7.06 -14.92
CA GLY A 135 20.45 -7.13 -15.77
C GLY A 135 21.36 -8.24 -15.32
N VAL A 136 21.54 -8.34 -14.01
CA VAL A 136 22.36 -9.36 -13.40
C VAL A 136 21.55 -10.10 -12.33
N GLU A 137 21.57 -11.43 -12.38
CA GLU A 137 20.82 -12.22 -11.42
C GLU A 137 21.13 -11.81 -9.98
N SER A 138 22.36 -11.39 -9.74
CA SER A 138 22.78 -10.97 -8.42
C SER A 138 22.65 -9.46 -8.21
N ASP A 139 22.07 -8.77 -9.19
CA ASP A 139 21.92 -7.32 -9.08
C ASP A 139 20.48 -6.87 -9.32
N ILE A 140 19.55 -7.73 -8.97
CA ILE A 140 18.14 -7.45 -9.12
C ILE A 140 17.49 -7.16 -7.77
N LEU A 141 16.58 -6.19 -7.79
CA LEU A 141 15.86 -5.77 -6.59
C LEU A 141 14.37 -6.07 -6.74
N SER A 142 13.75 -6.62 -5.69
CA SER A 142 12.33 -6.96 -5.74
C SER A 142 11.53 -6.23 -4.66
N LEU A 143 10.26 -6.06 -4.97
CA LEU A 143 9.31 -5.39 -4.09
C LEU A 143 8.02 -6.20 -4.07
N VAL A 144 7.44 -6.41 -2.89
CA VAL A 144 6.22 -7.20 -2.77
C VAL A 144 5.10 -6.42 -2.12
N ILE A 145 3.89 -6.60 -2.63
CA ILE A 145 2.71 -5.93 -2.10
C ILE A 145 1.81 -6.93 -1.38
N PHE A 146 1.27 -6.52 -0.24
CA PHE A 146 0.41 -7.37 0.56
C PHE A 146 -0.96 -6.73 0.75
N ILE A 147 -1.94 -7.23 0.01
CA ILE A 147 -3.30 -6.69 0.09
C ILE A 147 -4.20 -7.60 0.91
N ASN A 148 -4.92 -7.01 1.86
CA ASN A 148 -5.82 -7.77 2.72
C ASN A 148 -7.12 -8.09 1.99
N ASP A 149 -7.63 -9.30 2.22
CA ASP A 149 -8.87 -9.74 1.59
C ASP A 149 -10.08 -9.05 2.20
N LYS A 150 -9.92 -8.56 3.43
CA LYS A 150 -11.01 -7.88 4.12
C LYS A 150 -11.49 -6.67 3.32
N PHE A 151 -10.53 -5.91 2.80
CA PHE A 151 -10.84 -4.72 2.01
C PHE A 151 -11.68 -5.10 0.79
N LYS A 152 -11.29 -6.17 0.11
CA LYS A 152 -12.00 -6.64 -1.07
C LYS A 152 -13.45 -7.00 -0.72
N GLN A 153 -13.65 -7.52 0.48
CA GLN A 153 -14.99 -7.91 0.92
C GLN A 153 -15.93 -6.72 0.92
N CYS A 154 -15.47 -5.59 1.46
CA CYS A 154 -16.27 -4.38 1.51
C CYS A 154 -16.67 -3.92 0.11
N LEU A 155 -15.71 -3.97 -0.81
CA LEU A 155 -15.96 -3.56 -2.19
C LEU A 155 -16.93 -4.53 -2.87
N GLU A 156 -16.80 -5.81 -2.58
CA GLU A 156 -17.65 -6.83 -3.16
C GLU A 156 -19.12 -6.57 -2.83
N GLN A 157 -19.39 -6.32 -1.54
CA GLN A 157 -20.75 -6.07 -1.09
C GLN A 157 -21.12 -4.60 -1.30
N ASN A 158 -20.12 -3.72 -1.27
CA ASN A 158 -20.33 -2.28 -1.45
C ASN A 158 -21.55 -1.78 -0.66
N LYS A 159 -22.72 -1.79 -1.30
CA LYS A 159 -23.94 -1.33 -0.64
C LYS A 159 -24.86 -2.51 -0.31
N VAL A 160 -25.64 -2.37 0.76
CA VAL A 160 -26.56 -3.42 1.17
C VAL A 160 -27.72 -3.55 0.19
N ASP A 161 -27.83 -4.71 -0.43
CA ASP A 161 -28.90 -4.97 -1.39
C ASP A 161 -29.03 -6.45 -1.69
N ARG A 162 -30.24 -6.90 -1.98
CA ARG A 162 -30.50 -8.31 -2.29
C ARG A 162 -31.94 -8.52 -2.72
N ILE A 163 -32.15 -8.61 -4.03
CA ILE A 163 -33.49 -8.81 -4.57
C ILE A 163 -33.90 -10.27 -4.47
N ARG A 164 -35.14 -10.51 -4.03
CA ARG A 164 -35.66 -11.85 -3.89
C ARG A 164 -36.69 -12.16 -4.96
N GLY A 1 -7.50 26.76 0.61
CA GLY A 1 -7.31 25.91 1.77
C GLY A 1 -8.13 24.63 1.69
N GLU A 2 -7.45 23.53 1.34
CA GLU A 2 -8.11 22.24 1.23
C GLU A 2 -8.35 21.63 2.61
N ASN A 3 -7.39 21.79 3.50
CA ASN A 3 -7.50 21.26 4.85
C ASN A 3 -6.53 21.96 5.80
N ILE A 4 -5.24 21.92 5.46
CA ILE A 4 -4.22 22.55 6.28
C ILE A 4 -4.16 21.92 7.67
N THR A 5 -3.42 20.82 7.79
CA THR A 5 -3.28 20.13 9.06
C THR A 5 -2.69 21.05 10.13
N GLN A 6 -3.19 20.93 11.35
CA GLN A 6 -2.72 21.74 12.46
C GLN A 6 -2.68 20.93 13.75
N PRO A 7 -1.81 21.33 14.70
CA PRO A 7 -1.69 20.63 15.99
C PRO A 7 -2.93 20.80 16.86
N THR A 8 -3.99 20.08 16.51
CA THR A 8 -5.24 20.15 17.26
C THR A 8 -5.33 19.03 18.29
N GLN A 9 -6.10 19.26 19.34
CA GLN A 9 -6.27 18.28 20.40
C GLN A 9 -7.71 17.79 20.47
N GLN A 10 -8.07 16.89 19.57
CA GLN A 10 -9.42 16.35 19.52
C GLN A 10 -9.60 15.24 20.56
N SER A 11 -10.84 14.80 20.75
CA SER A 11 -11.14 13.75 21.71
C SER A 11 -12.39 12.98 21.30
N THR A 12 -12.24 12.07 20.34
CA THR A 12 -13.36 11.28 19.86
C THR A 12 -13.77 10.24 20.89
N GLN A 13 -15.04 9.83 20.85
CA GLN A 13 -15.57 8.85 21.78
C GLN A 13 -15.11 7.44 21.39
N ALA A 14 -14.28 6.83 22.23
CA ALA A 14 -13.77 5.49 21.98
C ALA A 14 -12.97 4.97 23.16
N THR A 15 -13.47 3.92 23.79
CA THR A 15 -12.80 3.33 24.94
C THR A 15 -12.94 1.81 24.94
N GLN A 16 -14.18 1.34 24.97
CA GLN A 16 -14.46 -0.10 24.98
C GLN A 16 -13.90 -0.76 23.73
N ARG A 17 -13.87 -0.02 22.63
CA ARG A 17 -13.35 -0.54 21.36
C ARG A 17 -11.84 -0.69 21.42
N PHE A 18 -11.18 0.28 22.04
CA PHE A 18 -9.73 0.26 22.17
C PHE A 18 -9.26 -0.96 22.96
N LEU A 19 -10.06 -1.35 23.96
CA LEU A 19 -9.74 -2.51 24.79
C LEU A 19 -9.58 -3.76 23.95
N ILE A 20 -10.40 -3.89 22.90
CA ILE A 20 -10.35 -5.05 22.02
C ILE A 20 -9.07 -5.05 21.20
N GLU A 21 -8.68 -3.88 20.71
CA GLU A 21 -7.48 -3.75 19.91
C GLU A 21 -6.24 -4.24 20.66
N LYS A 22 -6.20 -3.93 21.96
CA LYS A 22 -5.08 -4.35 22.80
C LYS A 22 -5.00 -5.88 22.90
N PHE A 23 -6.16 -6.52 23.03
CA PHE A 23 -6.23 -7.96 23.14
C PHE A 23 -5.82 -8.63 21.83
N SER A 24 -6.38 -8.15 20.74
CA SER A 24 -6.07 -8.70 19.41
C SER A 24 -4.60 -8.52 19.07
N GLN A 25 -4.04 -7.39 19.49
CA GLN A 25 -2.63 -7.09 19.23
C GLN A 25 -2.40 -6.82 17.74
N GLU A 26 -2.58 -7.85 16.93
CA GLU A 26 -2.39 -7.73 15.48
C GLU A 26 -3.39 -6.74 14.88
N GLN A 27 -2.86 -5.73 14.19
CA GLN A 27 -3.70 -4.71 13.58
C GLN A 27 -4.17 -5.17 12.19
N ILE A 28 -5.48 -5.35 12.04
CA ILE A 28 -6.05 -5.77 10.77
C ILE A 28 -6.23 -4.61 9.82
N GLY A 29 -5.92 -4.86 8.55
CA GLY A 29 -6.05 -3.84 7.54
C GLY A 29 -7.31 -4.01 6.70
N GLU A 30 -8.45 -3.71 7.30
CA GLU A 30 -9.74 -3.83 6.61
C GLU A 30 -10.04 -2.57 5.80
N ASN A 31 -9.45 -1.45 6.23
CA ASN A 31 -9.63 -0.18 5.53
C ASN A 31 -8.33 0.17 4.83
N ILE A 32 -7.29 -0.55 5.24
CA ILE A 32 -5.97 -0.39 4.73
C ILE A 32 -5.87 -0.89 3.29
N VAL A 33 -6.00 0.05 2.34
CA VAL A 33 -5.96 -0.24 0.92
C VAL A 33 -5.01 -1.39 0.58
N CYS A 34 -3.74 -1.20 0.88
CA CYS A 34 -2.73 -2.23 0.59
C CYS A 34 -1.46 -2.02 1.41
N ARG A 35 -0.62 -3.05 1.46
CA ARG A 35 0.63 -2.98 2.20
C ARG A 35 1.78 -3.52 1.35
N VAL A 36 2.70 -2.64 1.00
CA VAL A 36 3.86 -3.03 0.19
C VAL A 36 5.01 -3.46 1.09
N ILE A 37 5.66 -4.56 0.71
CA ILE A 37 6.76 -5.08 1.49
C ILE A 37 8.03 -5.23 0.66
N CYS A 38 9.00 -4.36 0.91
CA CYS A 38 10.29 -4.42 0.23
C CYS A 38 11.29 -5.09 1.16
N THR A 39 11.59 -6.36 0.90
CA THR A 39 12.49 -7.13 1.77
C THR A 39 13.85 -7.41 1.14
N THR A 40 13.93 -7.35 -0.18
CA THR A 40 15.19 -7.62 -0.87
C THR A 40 16.31 -6.71 -0.35
N GLY A 41 15.93 -5.59 0.25
CA GLY A 41 16.92 -4.67 0.77
C GLY A 41 16.91 -3.35 0.03
N GLN A 42 15.79 -2.64 0.10
CA GLN A 42 15.65 -1.35 -0.57
C GLN A 42 14.82 -0.38 0.25
N ILE A 43 13.61 -0.80 0.62
CA ILE A 43 12.72 0.05 1.38
C ILE A 43 12.08 -0.72 2.54
N PRO A 44 11.67 -0.01 3.60
CA PRO A 44 11.03 -0.62 4.77
C PRO A 44 9.54 -0.83 4.54
N ILE A 45 8.99 -1.89 5.11
CA ILE A 45 7.57 -2.20 4.97
C ILE A 45 6.69 -0.97 5.22
N ARG A 46 6.06 -0.49 4.17
CA ARG A 46 5.18 0.67 4.27
C ARG A 46 3.75 0.26 3.96
N ASP A 47 2.82 0.62 4.84
CA ASP A 47 1.42 0.26 4.65
C ASP A 47 0.62 1.39 4.02
N LEU A 48 0.04 1.11 2.86
CA LEU A 48 -0.78 2.07 2.15
C LEU A 48 -2.24 1.88 2.56
N SER A 49 -2.95 2.98 2.79
CA SER A 49 -4.34 2.86 3.21
C SER A 49 -5.26 3.83 2.49
N ALA A 50 -6.55 3.54 2.58
CA ALA A 50 -7.57 4.37 1.97
C ALA A 50 -8.93 4.17 2.64
N ASP A 51 -9.68 5.26 2.78
CA ASP A 51 -10.99 5.20 3.41
C ASP A 51 -11.97 4.35 2.58
N ILE A 52 -12.74 3.51 3.27
CA ILE A 52 -13.71 2.65 2.62
C ILE A 52 -14.79 3.47 1.92
N SER A 53 -15.19 4.56 2.55
CA SER A 53 -16.22 5.44 2.02
C SER A 53 -15.85 5.93 0.63
N GLN A 54 -14.55 6.14 0.42
CA GLN A 54 -14.05 6.61 -0.87
C GLN A 54 -14.32 5.58 -1.96
N VAL A 55 -14.07 4.31 -1.64
CA VAL A 55 -14.29 3.23 -2.59
C VAL A 55 -15.78 2.95 -2.76
N LEU A 56 -16.52 3.02 -1.67
CA LEU A 56 -17.96 2.77 -1.69
C LEU A 56 -18.66 3.71 -2.67
N LYS A 57 -18.19 4.95 -2.72
CA LYS A 57 -18.78 5.95 -3.61
C LYS A 57 -18.10 5.91 -4.98
N GLU A 58 -16.77 5.98 -4.98
CA GLU A 58 -16.01 5.95 -6.22
C GLU A 58 -16.43 7.08 -7.15
N LYS A 59 -16.46 8.30 -6.62
CA LYS A 59 -16.85 9.48 -7.39
C LYS A 59 -16.69 10.75 -6.57
N ARG A 60 -15.62 10.82 -5.79
CA ARG A 60 -15.36 11.99 -4.95
C ARG A 60 -13.91 12.00 -4.48
N SER A 61 -13.60 11.16 -3.51
CA SER A 61 -12.25 11.08 -2.96
C SER A 61 -11.54 9.80 -3.41
N ILE A 62 -12.02 9.22 -4.51
CA ILE A 62 -11.43 8.00 -5.05
C ILE A 62 -10.28 8.31 -5.99
N LYS A 63 -9.26 8.98 -5.47
CA LYS A 63 -8.09 9.34 -6.27
C LYS A 63 -6.86 9.51 -5.38
N LYS A 64 -6.23 8.39 -5.03
CA LYS A 64 -5.03 8.41 -4.20
C LYS A 64 -3.96 7.50 -4.77
N VAL A 65 -2.73 7.99 -4.82
CA VAL A 65 -1.63 7.21 -5.37
C VAL A 65 -0.41 7.25 -4.46
N TRP A 66 0.22 6.10 -4.29
CA TRP A 66 1.42 6.00 -3.46
C TRP A 66 2.69 6.00 -4.31
N THR A 67 3.73 6.70 -3.85
CA THR A 67 4.98 6.76 -4.58
C THR A 67 6.19 6.45 -3.71
N PHE A 68 7.02 5.56 -4.21
CA PHE A 68 8.25 5.18 -3.52
C PHE A 68 9.43 5.88 -4.18
N GLY A 69 10.13 6.72 -3.42
CA GLY A 69 11.27 7.40 -4.02
C GLY A 69 11.63 8.65 -3.28
N ARG A 70 12.30 9.58 -3.96
CA ARG A 70 12.66 10.82 -3.31
C ARG A 70 11.43 11.68 -3.18
N ASN A 71 10.80 11.50 -2.05
CA ASN A 71 9.60 12.21 -1.67
C ASN A 71 9.58 12.37 -0.17
N PRO A 72 8.82 13.31 0.38
CA PRO A 72 8.74 13.48 1.82
C PRO A 72 8.10 12.26 2.48
N ALA A 73 7.60 11.38 1.63
CA ALA A 73 6.97 10.14 2.03
C ALA A 73 5.73 9.92 1.24
N CYS A 74 5.86 10.05 -0.07
CA CYS A 74 4.70 9.85 -0.92
C CYS A 74 4.14 8.50 -0.53
N ASP A 75 4.87 7.46 -0.88
CA ASP A 75 4.58 6.15 -0.39
C ASP A 75 5.45 5.95 0.83
N TYR A 76 6.74 6.30 0.61
CA TYR A 76 7.79 6.22 1.62
C TYR A 76 8.76 7.39 1.50
N HIS A 77 9.26 7.92 2.62
CA HIS A 77 10.24 9.00 2.56
C HIS A 77 11.66 8.43 2.63
N LEU A 78 12.38 8.49 1.51
CA LEU A 78 13.75 7.99 1.47
C LEU A 78 14.70 9.06 0.95
N GLY A 79 16.00 8.79 1.03
CA GLY A 79 16.99 9.74 0.57
C GLY A 79 16.75 10.18 -0.86
N ASN A 80 17.66 11.00 -1.38
CA ASN A 80 17.54 11.50 -2.74
C ASN A 80 18.58 10.84 -3.65
N ILE A 81 18.14 9.87 -4.45
CA ILE A 81 19.03 9.17 -5.36
C ILE A 81 18.72 9.53 -6.81
N SER A 82 19.72 9.41 -7.67
CA SER A 82 19.58 9.73 -9.08
C SER A 82 18.66 8.79 -9.85
N ARG A 83 18.81 7.48 -9.65
CA ARG A 83 18.00 6.50 -10.40
C ARG A 83 17.14 5.60 -9.50
N LEU A 84 17.69 4.45 -9.09
CA LEU A 84 16.95 3.51 -8.27
C LEU A 84 17.05 3.88 -6.81
N SER A 85 15.97 4.44 -6.35
CA SER A 85 15.80 4.90 -4.97
C SER A 85 14.88 6.11 -4.96
N ASN A 86 15.01 6.93 -6.01
CA ASN A 86 14.16 8.09 -6.16
C ASN A 86 12.77 7.61 -6.49
N LYS A 87 11.91 8.47 -7.04
CA LYS A 87 10.57 8.06 -7.42
C LYS A 87 10.68 6.81 -8.29
N HIS A 88 11.01 5.69 -7.64
CA HIS A 88 11.24 4.44 -8.34
C HIS A 88 9.98 3.64 -8.63
N PHE A 89 8.90 3.94 -7.95
CA PHE A 89 7.67 3.21 -8.23
C PHE A 89 6.48 3.80 -7.50
N GLN A 90 5.32 3.58 -8.09
CA GLN A 90 4.09 4.13 -7.54
C GLN A 90 2.91 3.13 -7.52
N ILE A 91 1.95 3.44 -6.65
CA ILE A 91 0.74 2.62 -6.52
C ILE A 91 -0.50 3.49 -6.70
N LEU A 92 -1.44 3.05 -7.53
CA LEU A 92 -2.65 3.82 -7.77
C LEU A 92 -3.88 3.21 -7.11
N LEU A 93 -4.77 4.07 -6.62
CA LEU A 93 -6.01 3.62 -5.98
C LEU A 93 -7.21 4.27 -6.65
N GLY A 94 -8.13 3.44 -7.13
CA GLY A 94 -9.33 3.96 -7.79
C GLY A 94 -9.44 3.50 -9.23
N GLU A 95 -9.81 4.41 -10.11
CA GLU A 95 -9.95 4.09 -11.53
C GLU A 95 -10.97 2.97 -11.73
N ASP A 96 -12.25 3.32 -11.72
CA ASP A 96 -13.31 2.34 -11.90
C ASP A 96 -13.28 1.29 -10.80
N GLY A 97 -12.80 1.69 -9.62
CA GLY A 97 -12.72 0.77 -8.50
C GLY A 97 -11.47 -0.09 -8.53
N ASN A 98 -11.36 -0.99 -7.55
CA ASN A 98 -10.20 -1.87 -7.47
C ASN A 98 -8.92 -1.08 -7.24
N LEU A 99 -7.80 -1.79 -7.10
CA LEU A 99 -6.51 -1.16 -6.89
C LEU A 99 -5.64 -1.24 -8.15
N LEU A 100 -4.73 -0.28 -8.30
CA LEU A 100 -3.85 -0.25 -9.45
C LEU A 100 -2.41 0.01 -9.02
N LEU A 101 -1.45 -0.54 -9.75
CA LEU A 101 -0.04 -0.34 -9.41
C LEU A 101 0.66 0.40 -10.54
N ASN A 102 1.41 1.45 -10.21
CA ASN A 102 2.11 2.19 -11.24
C ASN A 102 3.60 2.02 -11.08
N ASP A 103 4.22 1.31 -12.01
CA ASP A 103 5.65 1.12 -11.92
C ASP A 103 6.36 2.31 -12.52
N ILE A 104 7.03 3.06 -11.68
CA ILE A 104 7.78 4.20 -12.14
C ILE A 104 9.23 4.05 -11.73
N SER A 105 10.05 3.77 -12.70
CA SER A 105 11.49 3.58 -12.50
C SER A 105 12.23 4.38 -13.55
N THR A 106 13.55 4.48 -13.43
CA THR A 106 14.30 5.26 -14.41
C THR A 106 14.31 4.58 -15.77
N ASN A 107 14.93 3.38 -15.86
CA ASN A 107 14.95 2.69 -17.15
C ASN A 107 14.13 1.40 -17.19
N GLY A 108 14.05 0.67 -16.07
CA GLY A 108 13.32 -0.59 -16.08
C GLY A 108 12.58 -0.98 -14.80
N THR A 109 11.30 -1.33 -14.93
CA THR A 109 10.52 -1.83 -13.81
C THR A 109 10.00 -3.22 -14.15
N TRP A 110 10.05 -4.14 -13.18
CA TRP A 110 9.61 -5.51 -13.45
C TRP A 110 8.47 -5.96 -12.54
N LEU A 111 7.63 -6.83 -13.09
CA LEU A 111 6.53 -7.39 -12.35
C LEU A 111 6.67 -8.91 -12.32
N ASN A 112 6.95 -9.46 -11.15
CA ASN A 112 7.12 -10.90 -10.99
C ASN A 112 8.00 -11.50 -12.09
N GLY A 113 9.11 -10.82 -12.41
CA GLY A 113 10.01 -11.32 -13.43
C GLY A 113 9.52 -11.06 -14.83
N GLN A 114 8.79 -9.96 -15.00
CA GLN A 114 8.27 -9.60 -16.31
C GLN A 114 8.34 -8.09 -16.52
N LYS A 115 9.38 -7.66 -17.23
CA LYS A 115 9.58 -6.25 -17.52
C LYS A 115 8.27 -5.59 -17.97
N VAL A 116 7.87 -4.54 -17.26
CA VAL A 116 6.63 -3.84 -17.57
C VAL A 116 6.89 -2.43 -18.08
N GLU A 117 5.81 -1.72 -18.39
CA GLU A 117 5.91 -0.36 -18.89
C GLU A 117 5.92 0.64 -17.74
N LYS A 118 6.80 1.64 -17.83
CA LYS A 118 6.90 2.66 -16.79
C LYS A 118 5.59 3.43 -16.67
N ASN A 119 5.43 4.12 -15.54
CA ASN A 119 4.23 4.92 -15.28
C ASN A 119 2.99 4.27 -15.88
N SER A 120 2.95 2.94 -15.79
CA SER A 120 1.84 2.17 -16.33
C SER A 120 1.01 1.54 -15.21
N ASN A 121 -0.24 1.99 -15.08
CA ASN A 121 -1.13 1.46 -14.05
C ASN A 121 -1.36 -0.03 -14.26
N GLN A 122 -1.32 -0.80 -13.17
CA GLN A 122 -1.52 -2.24 -13.25
C GLN A 122 -2.56 -2.74 -12.25
N LEU A 123 -3.32 -3.74 -12.66
CA LEU A 123 -4.33 -4.32 -11.80
C LEU A 123 -3.66 -5.15 -10.70
N LEU A 124 -3.91 -4.77 -9.46
CA LEU A 124 -3.30 -5.47 -8.33
C LEU A 124 -3.41 -6.98 -8.45
N SER A 125 -2.42 -7.63 -7.89
CA SER A 125 -2.35 -9.09 -7.88
C SER A 125 -2.16 -9.57 -6.45
N GLN A 126 -2.62 -10.78 -6.15
CA GLN A 126 -2.47 -11.33 -4.81
C GLN A 126 -1.01 -11.65 -4.53
N GLY A 127 -0.42 -10.91 -3.59
CA GLY A 127 0.96 -11.13 -3.24
C GLY A 127 1.91 -10.77 -4.37
N ASP A 128 1.49 -9.80 -5.20
CA ASP A 128 2.29 -9.36 -6.34
C ASP A 128 3.66 -8.87 -5.88
N GLU A 129 4.60 -8.81 -6.83
CA GLU A 129 5.95 -8.35 -6.53
C GLU A 129 6.55 -7.61 -7.73
N ILE A 130 7.19 -6.47 -7.46
CA ILE A 130 7.82 -5.69 -8.52
C ILE A 130 9.33 -5.76 -8.40
N THR A 131 9.99 -6.09 -9.50
CA THR A 131 11.44 -6.21 -9.52
C THR A 131 12.07 -4.99 -10.19
N VAL A 132 13.20 -4.55 -9.67
CA VAL A 132 13.89 -3.38 -10.21
C VAL A 132 15.41 -3.56 -10.23
N GLY A 133 16.06 -2.86 -11.14
CA GLY A 133 17.51 -2.94 -11.25
C GLY A 133 17.96 -4.22 -11.91
N VAL A 134 17.21 -4.68 -12.88
CA VAL A 134 17.52 -5.91 -13.58
C VAL A 134 18.72 -5.75 -14.51
N GLY A 135 19.36 -6.87 -14.80
CA GLY A 135 20.52 -6.89 -15.65
C GLY A 135 21.41 -8.08 -15.31
N VAL A 136 21.67 -8.26 -14.03
CA VAL A 136 22.46 -9.35 -13.53
C VAL A 136 21.70 -10.10 -12.45
N GLU A 137 21.71 -11.43 -12.53
CA GLU A 137 21.00 -12.26 -11.55
C GLU A 137 21.36 -11.87 -10.13
N SER A 138 22.59 -11.41 -9.94
CA SER A 138 23.08 -11.01 -8.63
C SER A 138 22.91 -9.51 -8.40
N ASP A 139 22.26 -8.81 -9.33
CA ASP A 139 22.07 -7.38 -9.19
C ASP A 139 20.62 -6.96 -9.38
N ILE A 140 19.73 -7.86 -9.05
CA ILE A 140 18.30 -7.61 -9.16
C ILE A 140 17.67 -7.36 -7.80
N LEU A 141 16.76 -6.42 -7.77
CA LEU A 141 16.05 -6.05 -6.55
C LEU A 141 14.55 -6.34 -6.71
N SER A 142 13.95 -6.94 -5.69
CA SER A 142 12.53 -7.28 -5.75
C SER A 142 11.73 -6.58 -4.67
N LEU A 143 10.46 -6.38 -4.97
CA LEU A 143 9.51 -5.74 -4.08
C LEU A 143 8.24 -6.57 -4.02
N VAL A 144 7.50 -6.49 -2.92
CA VAL A 144 6.27 -7.26 -2.78
C VAL A 144 5.09 -6.38 -2.39
N ILE A 145 3.93 -6.65 -2.96
CA ILE A 145 2.72 -5.90 -2.67
C ILE A 145 1.70 -6.79 -1.96
N PHE A 146 1.22 -6.34 -0.81
CA PHE A 146 0.24 -7.08 -0.03
C PHE A 146 -1.12 -6.42 -0.09
N ILE A 147 -2.11 -7.15 -0.61
CA ILE A 147 -3.46 -6.63 -0.72
C ILE A 147 -4.41 -7.38 0.22
N ASN A 148 -5.08 -6.65 1.10
CA ASN A 148 -6.00 -7.25 2.06
C ASN A 148 -7.31 -7.63 1.37
N ASP A 149 -7.67 -8.91 1.46
CA ASP A 149 -8.91 -9.40 0.86
C ASP A 149 -10.13 -8.95 1.66
N LYS A 150 -9.90 -8.58 2.92
CA LYS A 150 -10.98 -8.12 3.79
C LYS A 150 -11.70 -6.93 3.17
N PHE A 151 -10.93 -5.99 2.63
CA PHE A 151 -11.50 -4.81 2.01
C PHE A 151 -12.42 -5.20 0.86
N LYS A 152 -12.01 -6.18 0.07
CA LYS A 152 -12.79 -6.65 -1.06
C LYS A 152 -14.12 -7.23 -0.59
N GLN A 153 -14.09 -7.87 0.58
CA GLN A 153 -15.29 -8.48 1.14
C GLN A 153 -16.31 -7.42 1.55
N CYS A 154 -15.81 -6.31 2.09
CA CYS A 154 -16.67 -5.22 2.53
C CYS A 154 -17.48 -4.67 1.36
N LEU A 155 -16.80 -4.45 0.23
CA LEU A 155 -17.46 -3.93 -0.96
C LEU A 155 -18.41 -4.96 -1.55
N GLU A 156 -17.94 -6.18 -1.71
CA GLU A 156 -18.74 -7.26 -2.26
C GLU A 156 -20.02 -7.48 -1.45
N GLN A 157 -19.87 -7.53 -0.13
CA GLN A 157 -21.01 -7.73 0.76
C GLN A 157 -21.78 -6.43 0.97
N ASN A 158 -21.05 -5.32 1.04
CA ASN A 158 -21.65 -4.00 1.23
C ASN A 158 -22.74 -4.03 2.31
N LYS A 159 -23.47 -2.92 2.44
CA LYS A 159 -24.53 -2.83 3.43
C LYS A 159 -25.56 -3.93 3.24
N VAL A 160 -26.14 -4.40 4.35
CA VAL A 160 -27.14 -5.45 4.30
C VAL A 160 -28.54 -4.88 4.21
N ASP A 161 -29.32 -5.38 3.26
CA ASP A 161 -30.69 -4.91 3.06
C ASP A 161 -31.42 -5.79 2.05
N ARG A 162 -31.12 -7.09 2.07
CA ARG A 162 -31.74 -8.04 1.16
C ARG A 162 -33.25 -8.05 1.34
N ILE A 163 -33.98 -8.07 0.22
CA ILE A 163 -35.43 -8.07 0.26
C ILE A 163 -35.99 -9.44 -0.11
N ARG A 164 -36.97 -9.90 0.65
CA ARG A 164 -37.58 -11.21 0.41
C ARG A 164 -38.89 -11.33 1.17
N GLY A 1 -9.54 16.80 45.22
CA GLY A 1 -9.78 16.25 46.53
C GLY A 1 -8.75 15.20 46.92
N GLU A 2 -8.98 14.54 48.06
CA GLU A 2 -8.06 13.51 48.53
C GLU A 2 -8.70 12.13 48.41
N ASN A 3 -9.06 11.76 47.19
CA ASN A 3 -9.68 10.46 46.93
C ASN A 3 -8.86 9.65 45.94
N ILE A 4 -7.53 9.84 45.98
CA ILE A 4 -6.64 9.13 45.08
C ILE A 4 -5.22 9.06 45.66
N THR A 5 -4.84 7.87 46.12
CA THR A 5 -3.52 7.68 46.70
C THR A 5 -2.52 7.25 45.63
N GLN A 6 -2.93 6.35 44.76
CA GLN A 6 -2.07 5.86 43.69
C GLN A 6 -2.86 5.65 42.40
N PRO A 7 -3.14 6.75 41.66
CA PRO A 7 -3.88 6.69 40.41
C PRO A 7 -3.08 6.05 39.28
N THR A 8 -2.74 4.77 39.45
CA THR A 8 -1.96 4.05 38.46
C THR A 8 -2.85 3.09 37.66
N GLN A 9 -3.77 2.43 38.36
CA GLN A 9 -4.69 1.49 37.73
C GLN A 9 -6.04 2.14 37.45
N GLN A 10 -6.00 3.38 36.98
CA GLN A 10 -7.21 4.13 36.66
C GLN A 10 -7.22 4.58 35.21
N SER A 11 -6.71 3.72 34.33
CA SER A 11 -6.65 4.02 32.90
C SER A 11 -5.78 5.25 32.64
N THR A 12 -4.75 5.08 31.82
CA THR A 12 -3.85 6.17 31.49
C THR A 12 -3.80 6.42 29.99
N GLN A 13 -3.76 5.34 29.21
CA GLN A 13 -3.72 5.44 27.75
C GLN A 13 -2.45 6.14 27.30
N ALA A 14 -1.48 5.36 26.85
CA ALA A 14 -0.21 5.91 26.39
C ALA A 14 -0.19 6.05 24.87
N THR A 15 0.99 6.34 24.32
CA THR A 15 1.15 6.50 22.88
C THR A 15 2.22 5.58 22.34
N GLN A 16 3.43 5.72 22.86
CA GLN A 16 4.55 4.89 22.42
C GLN A 16 4.32 3.43 22.77
N ARG A 17 3.88 3.18 24.00
CA ARG A 17 3.62 1.82 24.46
C ARG A 17 2.55 1.16 23.60
N PHE A 18 1.54 1.93 23.22
CA PHE A 18 0.46 1.42 22.39
C PHE A 18 0.98 0.91 21.05
N LEU A 19 1.91 1.65 20.47
CA LEU A 19 2.49 1.27 19.18
C LEU A 19 3.17 -0.09 19.26
N ILE A 20 3.84 -0.35 20.38
CA ILE A 20 4.52 -1.62 20.58
C ILE A 20 3.53 -2.77 20.76
N GLU A 21 2.43 -2.49 21.44
CA GLU A 21 1.41 -3.50 21.68
C GLU A 21 0.88 -4.07 20.37
N LYS A 22 0.78 -3.23 19.35
CA LYS A 22 0.29 -3.66 18.06
C LYS A 22 1.17 -4.78 17.48
N PHE A 23 2.45 -4.76 17.84
CA PHE A 23 3.38 -5.77 17.36
C PHE A 23 3.02 -7.15 17.89
N SER A 24 2.76 -7.22 19.20
CA SER A 24 2.42 -8.48 19.84
C SER A 24 1.17 -9.09 19.20
N GLN A 25 0.14 -8.27 19.00
CA GLN A 25 -1.10 -8.73 18.40
C GLN A 25 -1.07 -8.55 16.89
N GLU A 26 -2.08 -9.07 16.20
CA GLU A 26 -2.17 -8.98 14.76
C GLU A 26 -2.70 -7.60 14.33
N GLN A 27 -1.99 -6.96 13.43
CA GLN A 27 -2.39 -5.65 12.93
C GLN A 27 -3.45 -5.78 11.85
N ILE A 28 -4.67 -5.35 12.18
CA ILE A 28 -5.78 -5.43 11.24
C ILE A 28 -5.83 -4.20 10.33
N GLY A 29 -6.12 -4.46 9.08
CA GLY A 29 -6.22 -3.40 8.09
C GLY A 29 -7.56 -3.39 7.38
N GLU A 30 -8.59 -2.96 8.11
CA GLU A 30 -9.94 -2.91 7.55
C GLU A 30 -10.12 -1.68 6.66
N ASN A 31 -9.32 -0.64 6.90
CA ASN A 31 -9.37 0.57 6.09
C ASN A 31 -8.12 0.64 5.25
N ILE A 32 -7.16 -0.19 5.62
CA ILE A 32 -5.89 -0.29 4.99
C ILE A 32 -6.01 -0.94 3.61
N VAL A 33 -5.83 -0.13 2.58
CA VAL A 33 -5.91 -0.55 1.21
C VAL A 33 -5.00 -1.75 0.94
N CYS A 34 -3.69 -1.52 1.02
CA CYS A 34 -2.72 -2.57 0.77
C CYS A 34 -1.40 -2.27 1.49
N ARG A 35 -0.54 -3.27 1.60
CA ARG A 35 0.75 -3.11 2.26
C ARG A 35 1.89 -3.64 1.39
N VAL A 36 2.77 -2.74 0.98
CA VAL A 36 3.92 -3.11 0.15
C VAL A 36 5.10 -3.47 1.04
N ILE A 37 5.70 -4.62 0.77
CA ILE A 37 6.83 -5.08 1.57
C ILE A 37 8.09 -5.32 0.74
N CYS A 38 9.07 -4.44 0.92
CA CYS A 38 10.34 -4.56 0.23
C CYS A 38 11.32 -5.27 1.16
N THR A 39 11.55 -6.56 0.92
CA THR A 39 12.44 -7.35 1.77
C THR A 39 13.72 -7.77 1.06
N THR A 40 13.89 -7.36 -0.19
CA THR A 40 15.09 -7.71 -0.94
C THR A 40 16.24 -6.76 -0.63
N GLY A 41 15.92 -5.62 -0.04
CA GLY A 41 16.95 -4.65 0.31
C GLY A 41 16.83 -3.36 -0.49
N GLN A 42 15.68 -2.70 -0.37
CA GLN A 42 15.45 -1.45 -1.09
C GLN A 42 14.82 -0.40 -0.17
N ILE A 43 13.57 -0.61 0.22
CA ILE A 43 12.88 0.31 1.08
C ILE A 43 12.13 -0.42 2.20
N PRO A 44 12.17 0.12 3.43
CA PRO A 44 11.49 -0.48 4.58
C PRO A 44 9.99 -0.60 4.34
N ILE A 45 9.39 -1.65 4.91
CA ILE A 45 7.95 -1.88 4.76
C ILE A 45 7.15 -0.60 4.99
N ARG A 46 6.02 -0.50 4.30
CA ARG A 46 5.14 0.65 4.43
C ARG A 46 3.69 0.24 4.17
N ASP A 47 2.80 0.63 5.08
CA ASP A 47 1.39 0.29 4.93
C ASP A 47 0.63 1.38 4.19
N LEU A 48 0.04 1.01 3.06
CA LEU A 48 -0.73 1.93 2.25
C LEU A 48 -2.19 1.86 2.65
N SER A 49 -2.78 3.00 3.04
CA SER A 49 -4.17 2.99 3.46
C SER A 49 -5.01 4.09 2.84
N ALA A 50 -6.30 3.82 2.81
CA ALA A 50 -7.28 4.76 2.26
C ALA A 50 -8.62 4.59 2.96
N ASP A 51 -9.31 5.71 3.19
CA ASP A 51 -10.61 5.67 3.85
C ASP A 51 -11.64 4.98 2.98
N ILE A 52 -12.07 3.79 3.40
CA ILE A 52 -13.06 3.02 2.66
C ILE A 52 -14.34 3.82 2.46
N SER A 53 -14.67 4.65 3.43
CA SER A 53 -15.87 5.48 3.38
C SER A 53 -15.86 6.36 2.12
N GLN A 54 -14.67 6.80 1.73
CA GLN A 54 -14.53 7.65 0.56
C GLN A 54 -14.88 6.89 -0.71
N VAL A 55 -14.39 5.65 -0.81
CA VAL A 55 -14.67 4.82 -1.98
C VAL A 55 -16.10 4.29 -1.97
N LEU A 56 -16.57 3.90 -0.78
CA LEU A 56 -17.92 3.38 -0.63
C LEU A 56 -18.96 4.41 -1.07
N LYS A 57 -18.69 5.68 -0.77
CA LYS A 57 -19.60 6.76 -1.13
C LYS A 57 -19.21 7.35 -2.48
N GLU A 58 -17.93 7.70 -2.62
CA GLU A 58 -17.43 8.28 -3.85
C GLU A 58 -18.13 9.59 -4.16
N LYS A 59 -17.70 10.67 -3.50
CA LYS A 59 -18.28 11.98 -3.72
C LYS A 59 -17.21 13.01 -4.05
N ARG A 60 -16.31 13.26 -3.10
CA ARG A 60 -15.24 14.22 -3.30
C ARG A 60 -13.92 13.66 -2.76
N SER A 61 -13.70 12.37 -2.97
CA SER A 61 -12.48 11.72 -2.50
C SER A 61 -12.43 10.27 -2.96
N ILE A 62 -11.61 10.01 -3.98
CA ILE A 62 -11.47 8.66 -4.52
C ILE A 62 -10.30 8.58 -5.49
N LYS A 63 -9.13 9.01 -5.04
CA LYS A 63 -7.93 8.99 -5.86
C LYS A 63 -6.67 9.07 -5.01
N LYS A 64 -6.39 7.99 -4.27
CA LYS A 64 -5.20 7.93 -3.42
C LYS A 64 -4.09 7.15 -4.12
N VAL A 65 -2.94 7.79 -4.27
CA VAL A 65 -1.82 7.15 -4.94
C VAL A 65 -0.55 7.17 -4.08
N TRP A 66 0.10 6.03 -4.01
CA TRP A 66 1.34 5.90 -3.25
C TRP A 66 2.55 5.98 -4.15
N THR A 67 3.60 6.67 -3.70
CA THR A 67 4.82 6.78 -4.50
C THR A 67 6.07 6.47 -3.70
N PHE A 68 6.89 5.59 -4.27
CA PHE A 68 8.14 5.22 -3.65
C PHE A 68 9.27 5.99 -4.32
N GLY A 69 9.96 6.83 -3.58
CA GLY A 69 11.05 7.57 -4.19
C GLY A 69 11.41 8.81 -3.42
N ARG A 70 12.05 9.77 -4.10
CA ARG A 70 12.42 10.98 -3.42
C ARG A 70 11.19 11.82 -3.23
N ASN A 71 10.59 11.59 -2.09
CA ASN A 71 9.39 12.27 -1.65
C ASN A 71 9.40 12.33 -0.14
N PRO A 72 8.70 13.31 0.45
CA PRO A 72 8.64 13.40 1.91
C PRO A 72 8.10 12.13 2.53
N ALA A 73 7.57 11.27 1.67
CA ALA A 73 7.02 9.98 2.05
C ALA A 73 5.74 9.75 1.33
N CYS A 74 5.78 9.92 0.02
CA CYS A 74 4.58 9.71 -0.77
C CYS A 74 4.08 8.34 -0.39
N ASP A 75 4.83 7.34 -0.81
CA ASP A 75 4.58 6.00 -0.34
C ASP A 75 5.52 5.80 0.84
N TYR A 76 6.78 6.20 0.58
CA TYR A 76 7.87 6.12 1.55
C TYR A 76 8.84 7.29 1.38
N HIS A 77 9.37 7.82 2.49
CA HIS A 77 10.35 8.89 2.39
C HIS A 77 11.77 8.31 2.38
N LEU A 78 12.43 8.34 1.22
CA LEU A 78 13.77 7.79 1.11
C LEU A 78 14.78 8.87 0.67
N GLY A 79 16.05 8.48 0.61
CA GLY A 79 17.09 9.42 0.22
C GLY A 79 16.93 9.90 -1.22
N ASN A 80 17.94 10.59 -1.73
CA ASN A 80 17.90 11.10 -3.10
C ASN A 80 18.89 10.39 -4.00
N ILE A 81 18.40 9.42 -4.77
CA ILE A 81 19.22 8.67 -5.69
C ILE A 81 18.81 8.96 -7.13
N SER A 82 19.67 9.62 -7.88
CA SER A 82 19.38 9.97 -9.26
C SER A 82 19.01 8.75 -10.11
N ARG A 83 19.45 7.56 -9.69
CA ARG A 83 19.16 6.35 -10.45
C ARG A 83 17.87 5.66 -9.96
N LEU A 84 18.00 4.51 -9.30
CA LEU A 84 16.86 3.77 -8.80
C LEU A 84 16.80 3.87 -7.29
N SER A 85 15.78 4.57 -6.84
CA SER A 85 15.54 4.80 -5.42
C SER A 85 14.58 5.96 -5.27
N ASN A 86 14.81 7.02 -6.04
CA ASN A 86 13.91 8.17 -6.02
C ASN A 86 12.57 7.71 -6.55
N LYS A 87 11.80 8.59 -7.21
CA LYS A 87 10.50 8.19 -7.75
C LYS A 87 10.68 6.91 -8.56
N HIS A 88 10.90 5.81 -7.85
CA HIS A 88 11.15 4.53 -8.48
C HIS A 88 9.89 3.71 -8.72
N PHE A 89 8.80 4.05 -8.09
CA PHE A 89 7.56 3.32 -8.33
C PHE A 89 6.38 3.93 -7.61
N GLN A 90 5.22 3.71 -8.19
CA GLN A 90 3.98 4.29 -7.64
C GLN A 90 2.81 3.31 -7.61
N ILE A 91 1.89 3.55 -6.68
CA ILE A 91 0.70 2.74 -6.53
C ILE A 91 -0.56 3.63 -6.61
N LEU A 92 -1.55 3.23 -7.41
CA LEU A 92 -2.76 4.03 -7.55
C LEU A 92 -3.98 3.32 -6.98
N LEU A 93 -4.85 4.08 -6.31
CA LEU A 93 -6.07 3.54 -5.73
C LEU A 93 -7.28 4.31 -6.22
N GLY A 94 -8.29 3.59 -6.68
CA GLY A 94 -9.51 4.23 -7.17
C GLY A 94 -9.83 3.85 -8.60
N GLU A 95 -10.76 4.58 -9.21
CA GLU A 95 -11.15 4.30 -10.58
C GLU A 95 -11.77 2.91 -10.71
N ASP A 96 -13.03 2.87 -11.13
CA ASP A 96 -13.73 1.60 -11.29
C ASP A 96 -13.80 0.84 -9.97
N GLY A 97 -13.63 1.55 -8.86
CA GLY A 97 -13.68 0.92 -7.55
C GLY A 97 -12.72 -0.25 -7.43
N ASN A 98 -11.43 0.02 -7.61
CA ASN A 98 -10.42 -1.03 -7.52
C ASN A 98 -9.05 -0.43 -7.25
N LEU A 99 -8.03 -1.28 -7.16
CA LEU A 99 -6.66 -0.84 -6.91
C LEU A 99 -5.80 -0.97 -8.16
N LEU A 100 -4.88 -0.04 -8.34
CA LEU A 100 -3.99 -0.05 -9.49
C LEU A 100 -2.55 0.18 -9.07
N LEU A 101 -1.61 -0.43 -9.78
CA LEU A 101 -0.19 -0.26 -9.46
C LEU A 101 0.53 0.42 -10.61
N ASN A 102 1.30 1.46 -10.32
CA ASN A 102 2.02 2.14 -11.38
C ASN A 102 3.50 1.97 -11.19
N ASP A 103 4.13 1.22 -12.09
CA ASP A 103 5.55 1.01 -11.98
C ASP A 103 6.27 2.18 -12.60
N ILE A 104 6.93 2.97 -11.78
CA ILE A 104 7.69 4.08 -12.26
C ILE A 104 9.13 3.95 -11.81
N SER A 105 9.97 3.63 -12.73
CA SER A 105 11.40 3.46 -12.49
C SER A 105 12.19 4.30 -13.46
N THR A 106 13.50 4.42 -13.28
CA THR A 106 14.26 5.23 -14.19
C THR A 106 14.34 4.58 -15.57
N ASN A 107 14.95 3.40 -15.67
CA ASN A 107 15.02 2.73 -16.96
C ASN A 107 14.18 1.45 -17.06
N GLY A 108 14.07 0.70 -15.96
CA GLY A 108 13.31 -0.54 -16.01
C GLY A 108 12.56 -0.94 -14.75
N THR A 109 11.29 -1.34 -14.90
CA THR A 109 10.50 -1.86 -13.79
C THR A 109 10.05 -3.27 -14.13
N TRP A 110 10.11 -4.19 -13.18
CA TRP A 110 9.72 -5.57 -13.44
C TRP A 110 8.57 -6.06 -12.59
N LEU A 111 7.79 -6.96 -13.18
CA LEU A 111 6.67 -7.56 -12.49
C LEU A 111 6.85 -9.09 -12.50
N ASN A 112 7.07 -9.65 -11.32
CA ASN A 112 7.27 -11.09 -11.17
C ASN A 112 8.24 -11.65 -12.22
N GLY A 113 9.35 -10.93 -12.46
CA GLY A 113 10.34 -11.39 -13.41
C GLY A 113 10.05 -10.97 -14.84
N GLN A 114 8.88 -10.36 -15.05
CA GLN A 114 8.52 -9.91 -16.38
C GLN A 114 8.51 -8.39 -16.46
N LYS A 115 9.55 -7.85 -17.11
CA LYS A 115 9.69 -6.41 -17.27
C LYS A 115 8.36 -5.78 -17.68
N VAL A 116 7.95 -4.75 -16.94
CA VAL A 116 6.69 -4.07 -17.21
C VAL A 116 6.91 -2.64 -17.72
N GLU A 117 5.89 -2.10 -18.38
CA GLU A 117 5.96 -0.75 -18.92
C GLU A 117 5.93 0.29 -17.81
N LYS A 118 6.78 1.31 -17.92
CA LYS A 118 6.84 2.36 -16.91
C LYS A 118 5.51 3.11 -16.85
N ASN A 119 5.32 3.86 -15.78
CA ASN A 119 4.09 4.64 -15.58
C ASN A 119 2.87 3.91 -16.16
N SER A 120 2.85 2.59 -15.95
CA SER A 120 1.76 1.76 -16.46
C SER A 120 0.91 1.22 -15.31
N ASN A 121 -0.32 1.72 -15.20
CA ASN A 121 -1.23 1.29 -14.14
C ASN A 121 -1.53 -0.20 -14.28
N GLN A 122 -1.47 -0.93 -13.16
CA GLN A 122 -1.73 -2.36 -13.18
C GLN A 122 -2.74 -2.77 -12.13
N LEU A 123 -3.54 -3.77 -12.47
CA LEU A 123 -4.54 -4.29 -11.55
C LEU A 123 -3.86 -5.09 -10.44
N LEU A 124 -4.09 -4.69 -9.19
CA LEU A 124 -3.46 -5.38 -8.06
C LEU A 124 -3.62 -6.88 -8.15
N SER A 125 -2.62 -7.55 -7.61
CA SER A 125 -2.59 -9.01 -7.59
C SER A 125 -2.36 -9.50 -6.16
N GLN A 126 -2.82 -10.71 -5.86
CA GLN A 126 -2.64 -11.27 -4.53
C GLN A 126 -1.17 -11.62 -4.33
N GLY A 127 -0.52 -10.90 -3.42
CA GLY A 127 0.88 -11.15 -3.16
C GLY A 127 1.76 -10.75 -4.33
N ASP A 128 1.30 -9.77 -5.11
CA ASP A 128 2.04 -9.29 -6.28
C ASP A 128 3.47 -8.89 -5.90
N GLU A 129 4.33 -8.84 -6.90
CA GLU A 129 5.73 -8.47 -6.66
C GLU A 129 6.31 -7.71 -7.85
N ILE A 130 7.02 -6.62 -7.57
CA ILE A 130 7.66 -5.82 -8.60
C ILE A 130 9.17 -5.83 -8.41
N THR A 131 9.89 -6.16 -9.47
CA THR A 131 11.35 -6.22 -9.42
C THR A 131 11.97 -5.00 -10.08
N VAL A 132 13.08 -4.54 -9.55
CA VAL A 132 13.74 -3.35 -10.09
C VAL A 132 15.27 -3.48 -10.10
N GLY A 133 15.91 -2.69 -10.96
CA GLY A 133 17.35 -2.71 -11.06
C GLY A 133 17.88 -3.99 -11.68
N VAL A 134 17.20 -4.45 -12.72
CA VAL A 134 17.59 -5.67 -13.39
C VAL A 134 18.79 -5.45 -14.32
N GLY A 135 19.49 -6.53 -14.60
CA GLY A 135 20.66 -6.50 -15.42
C GLY A 135 21.61 -7.61 -15.07
N VAL A 136 21.82 -7.78 -13.77
CA VAL A 136 22.68 -8.82 -13.25
C VAL A 136 21.92 -9.66 -12.22
N GLU A 137 22.03 -10.97 -12.32
CA GLU A 137 21.33 -11.87 -11.40
C GLU A 137 21.57 -11.48 -9.94
N SER A 138 22.77 -10.99 -9.66
CA SER A 138 23.14 -10.59 -8.32
C SER A 138 22.90 -9.10 -8.07
N ASP A 139 22.28 -8.41 -9.04
CA ASP A 139 22.02 -7.00 -8.90
C ASP A 139 20.56 -6.66 -9.11
N ILE A 140 19.71 -7.60 -8.78
CA ILE A 140 18.28 -7.44 -8.92
C ILE A 140 17.61 -7.28 -7.55
N LEU A 141 16.62 -6.40 -7.52
CA LEU A 141 15.88 -6.14 -6.29
C LEU A 141 14.38 -6.37 -6.51
N SER A 142 13.75 -7.05 -5.57
CA SER A 142 12.32 -7.35 -5.67
C SER A 142 11.50 -6.66 -4.59
N LEU A 143 10.24 -6.43 -4.93
CA LEU A 143 9.29 -5.79 -4.03
C LEU A 143 7.98 -6.57 -4.05
N VAL A 144 7.38 -6.78 -2.88
CA VAL A 144 6.14 -7.54 -2.80
C VAL A 144 4.99 -6.69 -2.25
N ILE A 145 3.81 -6.86 -2.83
CA ILE A 145 2.63 -6.12 -2.40
C ILE A 145 1.66 -7.04 -1.65
N PHE A 146 1.06 -6.51 -0.59
CA PHE A 146 0.12 -7.27 0.21
C PHE A 146 -1.26 -6.62 0.20
N ILE A 147 -2.26 -7.38 -0.23
CA ILE A 147 -3.63 -6.88 -0.29
C ILE A 147 -4.53 -7.64 0.68
N ASN A 148 -5.29 -6.89 1.47
CA ASN A 148 -6.20 -7.48 2.44
C ASN A 148 -7.44 -8.04 1.76
N ASP A 149 -7.86 -9.22 2.20
CA ASP A 149 -9.04 -9.87 1.63
C ASP A 149 -10.32 -9.18 2.09
N LYS A 150 -10.27 -8.62 3.30
CA LYS A 150 -11.43 -7.92 3.86
C LYS A 150 -11.89 -6.80 2.94
N PHE A 151 -10.92 -6.08 2.36
CA PHE A 151 -11.21 -4.98 1.46
C PHE A 151 -11.93 -5.48 0.22
N LYS A 152 -11.52 -6.64 -0.27
CA LYS A 152 -12.13 -7.23 -1.46
C LYS A 152 -13.58 -7.60 -1.22
N GLN A 153 -13.85 -8.20 -0.06
CA GLN A 153 -15.20 -8.60 0.30
C GLN A 153 -16.14 -7.40 0.33
N CYS A 154 -15.62 -6.27 0.79
CA CYS A 154 -16.42 -5.04 0.87
C CYS A 154 -16.82 -4.57 -0.52
N LEU A 155 -15.86 -4.61 -1.45
CA LEU A 155 -16.12 -4.19 -2.82
C LEU A 155 -17.12 -5.12 -3.50
N GLU A 156 -17.03 -6.40 -3.18
CA GLU A 156 -17.92 -7.40 -3.76
C GLU A 156 -19.39 -7.04 -3.49
N GLN A 157 -19.67 -6.57 -2.28
CA GLN A 157 -21.02 -6.18 -1.90
C GLN A 157 -21.28 -4.72 -2.24
N ASN A 158 -20.24 -3.89 -2.11
CA ASN A 158 -20.33 -2.46 -2.41
C ASN A 158 -21.60 -1.86 -1.80
N LYS A 159 -21.87 -0.59 -2.14
CA LYS A 159 -23.04 0.11 -1.62
C LYS A 159 -24.25 -0.14 -2.52
N VAL A 160 -25.42 -0.32 -1.88
CA VAL A 160 -26.65 -0.56 -2.62
C VAL A 160 -27.07 0.66 -3.42
N ASP A 161 -27.28 0.47 -4.72
CA ASP A 161 -27.67 1.56 -5.60
C ASP A 161 -29.08 1.32 -6.14
N ARG A 162 -29.51 2.18 -7.06
CA ARG A 162 -30.84 2.07 -7.66
C ARG A 162 -31.01 0.72 -8.35
N ILE A 163 -29.90 0.14 -8.80
CA ILE A 163 -29.93 -1.16 -9.46
C ILE A 163 -30.13 -2.29 -8.47
N ARG A 164 -31.05 -3.19 -8.77
CA ARG A 164 -31.33 -4.33 -7.91
C ARG A 164 -30.18 -5.32 -7.90
N GLY A 1 -6.38 11.70 54.26
CA GLY A 1 -6.94 12.00 52.95
C GLY A 1 -8.16 12.90 53.05
N GLU A 2 -8.99 12.67 54.06
CA GLU A 2 -10.20 13.47 54.25
C GLU A 2 -11.12 13.38 53.04
N ASN A 3 -11.18 12.19 52.44
CA ASN A 3 -12.02 11.98 51.27
C ASN A 3 -12.18 10.48 50.99
N ILE A 4 -11.13 9.86 50.48
CA ILE A 4 -11.16 8.44 50.17
C ILE A 4 -9.75 7.88 50.00
N THR A 5 -9.61 6.57 50.16
CA THR A 5 -8.31 5.92 50.02
C THR A 5 -8.42 4.64 49.19
N GLN A 6 -7.82 4.67 48.00
CA GLN A 6 -7.86 3.52 47.11
C GLN A 6 -6.63 3.50 46.20
N PRO A 7 -5.46 3.16 46.75
CA PRO A 7 -4.21 3.10 45.99
C PRO A 7 -4.21 1.98 44.94
N THR A 8 -3.03 1.67 44.42
CA THR A 8 -2.89 0.62 43.40
C THR A 8 -3.67 0.97 42.15
N GLN A 9 -3.29 0.35 41.03
CA GLN A 9 -3.94 0.60 39.75
C GLN A 9 -3.78 2.06 39.34
N GLN A 10 -2.55 2.48 39.11
CA GLN A 10 -2.27 3.85 38.71
C GLN A 10 -0.88 3.96 38.09
N SER A 11 -0.46 2.91 37.40
CA SER A 11 0.85 2.88 36.75
C SER A 11 0.97 4.01 35.74
N THR A 12 2.21 4.37 35.41
CA THR A 12 2.46 5.42 34.44
C THR A 12 2.07 5.01 33.03
N GLN A 13 1.54 5.95 32.27
CA GLN A 13 1.13 5.67 30.89
C GLN A 13 2.32 5.22 30.05
N ALA A 14 2.03 4.53 28.94
CA ALA A 14 3.07 4.05 28.05
C ALA A 14 2.76 4.40 26.60
N THR A 15 3.70 4.09 25.71
CA THR A 15 3.53 4.36 24.29
C THR A 15 4.55 3.59 23.46
N GLN A 16 5.79 3.58 23.94
CA GLN A 16 6.87 2.87 23.23
C GLN A 16 6.69 1.36 23.34
N ARG A 17 6.27 0.90 24.52
CA ARG A 17 6.06 -0.53 24.74
C ARG A 17 4.91 -1.05 23.89
N PHE A 18 3.80 -0.32 23.88
CA PHE A 18 2.64 -0.72 23.10
C PHE A 18 2.97 -0.84 21.62
N LEU A 19 3.86 0.04 21.15
CA LEU A 19 4.28 0.02 19.75
C LEU A 19 4.91 -1.32 19.39
N ILE A 20 5.68 -1.88 20.32
CA ILE A 20 6.34 -3.15 20.11
C ILE A 20 5.32 -4.28 19.94
N GLU A 21 4.26 -4.22 20.74
CA GLU A 21 3.21 -5.23 20.69
C GLU A 21 2.62 -5.33 19.29
N LYS A 22 2.47 -4.18 18.64
CA LYS A 22 1.91 -4.14 17.28
C LYS A 22 2.76 -4.95 16.31
N PHE A 23 4.07 -4.80 16.42
CA PHE A 23 5.00 -5.52 15.55
C PHE A 23 4.85 -7.03 15.73
N SER A 24 4.83 -7.46 16.98
CA SER A 24 4.71 -8.89 17.28
C SER A 24 3.34 -9.42 16.84
N GLN A 25 2.29 -8.66 17.15
CA GLN A 25 0.93 -9.05 16.79
C GLN A 25 0.65 -8.71 15.32
N GLU A 26 -0.38 -9.36 14.76
CA GLU A 26 -0.75 -9.13 13.37
C GLU A 26 -1.44 -7.78 13.22
N GLN A 27 -1.18 -7.10 12.10
CA GLN A 27 -1.78 -5.80 11.83
C GLN A 27 -2.99 -5.94 10.92
N ILE A 28 -4.16 -5.58 11.43
CA ILE A 28 -5.39 -5.66 10.66
C ILE A 28 -5.56 -4.45 9.76
N GLY A 29 -6.04 -4.72 8.55
CA GLY A 29 -6.25 -3.67 7.58
C GLY A 29 -7.52 -3.87 6.77
N GLU A 30 -8.65 -3.47 7.36
CA GLU A 30 -9.94 -3.61 6.69
C GLU A 30 -10.23 -2.38 5.83
N ASN A 31 -9.65 -1.25 6.20
CA ASN A 31 -9.81 -0.02 5.45
C ASN A 31 -8.51 0.31 4.75
N ILE A 32 -7.48 -0.41 5.17
CA ILE A 32 -6.16 -0.26 4.65
C ILE A 32 -6.07 -0.82 3.23
N VAL A 33 -6.20 0.09 2.26
CA VAL A 33 -6.17 -0.24 0.84
C VAL A 33 -5.24 -1.40 0.53
N CYS A 34 -3.98 -1.24 0.86
CA CYS A 34 -2.98 -2.28 0.61
C CYS A 34 -1.70 -2.04 1.39
N ARG A 35 -0.86 -3.08 1.49
CA ARG A 35 0.41 -2.96 2.23
C ARG A 35 1.58 -3.40 1.36
N VAL A 36 2.54 -2.50 1.18
CA VAL A 36 3.73 -2.80 0.38
C VAL A 36 4.86 -3.31 1.26
N ILE A 37 5.47 -4.41 0.86
CA ILE A 37 6.56 -5.00 1.62
C ILE A 37 7.86 -5.09 0.82
N CYS A 38 8.82 -4.26 1.16
CA CYS A 38 10.13 -4.28 0.52
C CYS A 38 11.09 -5.06 1.40
N THR A 39 11.42 -6.29 0.99
CA THR A 39 12.30 -7.14 1.79
C THR A 39 13.65 -7.42 1.14
N THR A 40 13.72 -7.27 -0.18
CA THR A 40 14.96 -7.53 -0.89
C THR A 40 16.12 -6.70 -0.33
N GLY A 41 15.78 -5.61 0.34
CA GLY A 41 16.79 -4.75 0.92
C GLY A 41 16.73 -3.34 0.39
N GLN A 42 15.63 -2.64 0.67
CA GLN A 42 15.45 -1.27 0.21
C GLN A 42 14.77 -0.42 1.27
N ILE A 43 13.49 -0.68 1.50
CA ILE A 43 12.72 0.07 2.48
C ILE A 43 11.87 -0.87 3.35
N PRO A 44 11.80 -0.59 4.66
CA PRO A 44 11.01 -1.41 5.59
C PRO A 44 9.53 -1.43 5.20
N ILE A 45 8.85 -2.53 5.47
CA ILE A 45 7.44 -2.69 5.13
C ILE A 45 6.65 -1.38 5.30
N ARG A 46 5.81 -1.09 4.32
CA ARG A 46 4.98 0.11 4.35
C ARG A 46 3.51 -0.25 4.23
N ASP A 47 2.66 0.50 4.91
CA ASP A 47 1.22 0.24 4.87
C ASP A 47 0.49 1.34 4.12
N LEU A 48 -0.19 0.94 3.05
CA LEU A 48 -0.95 1.87 2.23
C LEU A 48 -2.42 1.78 2.63
N SER A 49 -3.10 2.92 2.73
CA SER A 49 -4.49 2.90 3.13
C SER A 49 -5.37 3.85 2.34
N ALA A 50 -6.67 3.61 2.43
CA ALA A 50 -7.66 4.43 1.74
C ALA A 50 -8.85 4.71 2.64
N ASP A 51 -9.68 5.67 2.24
CA ASP A 51 -10.86 6.04 3.02
C ASP A 51 -12.10 5.25 2.57
N ILE A 52 -12.43 4.21 3.32
CA ILE A 52 -13.58 3.37 3.00
C ILE A 52 -14.89 4.15 3.09
N SER A 53 -14.91 5.16 3.95
CA SER A 53 -16.10 5.98 4.15
C SER A 53 -16.56 6.60 2.84
N GLN A 54 -15.60 6.94 1.99
CA GLN A 54 -15.90 7.54 0.70
C GLN A 54 -16.63 6.56 -0.20
N VAL A 55 -16.25 5.28 -0.12
CA VAL A 55 -16.86 4.24 -0.92
C VAL A 55 -18.27 3.90 -0.41
N LEU A 56 -18.40 3.82 0.90
CA LEU A 56 -19.69 3.49 1.52
C LEU A 56 -20.74 4.54 1.18
N LYS A 57 -20.30 5.77 0.93
CA LYS A 57 -21.21 6.85 0.60
C LYS A 57 -21.28 7.10 -0.90
N GLU A 58 -20.16 6.86 -1.58
CA GLU A 58 -20.09 7.05 -3.03
C GLU A 58 -19.38 5.87 -3.70
N LYS A 59 -20.11 5.18 -4.57
CA LYS A 59 -19.55 4.04 -5.28
C LYS A 59 -18.33 4.44 -6.09
N ARG A 60 -18.50 5.43 -6.97
CA ARG A 60 -17.41 5.91 -7.80
C ARG A 60 -16.55 6.92 -7.04
N SER A 61 -15.80 6.43 -6.08
CA SER A 61 -14.94 7.29 -5.27
C SER A 61 -13.50 6.75 -5.24
N ILE A 62 -12.72 7.20 -4.26
CA ILE A 62 -11.33 6.76 -4.11
C ILE A 62 -10.44 7.39 -5.18
N LYS A 63 -9.34 7.99 -4.74
CA LYS A 63 -8.40 8.63 -5.66
C LYS A 63 -7.12 9.01 -4.93
N LYS A 64 -6.39 8.00 -4.44
CA LYS A 64 -5.15 8.22 -3.73
C LYS A 64 -4.05 7.30 -4.25
N VAL A 65 -2.99 7.90 -4.77
CA VAL A 65 -1.88 7.14 -5.33
C VAL A 65 -0.64 7.23 -4.45
N TRP A 66 0.05 6.11 -4.34
CA TRP A 66 1.27 6.03 -3.56
C TRP A 66 2.51 6.10 -4.45
N THR A 67 3.53 6.83 -4.00
CA THR A 67 4.75 6.94 -4.76
C THR A 67 5.98 6.59 -3.93
N PHE A 68 6.80 5.73 -4.48
CA PHE A 68 8.04 5.32 -3.84
C PHE A 68 9.20 6.05 -4.49
N GLY A 69 9.94 6.85 -3.74
CA GLY A 69 11.06 7.54 -4.35
C GLY A 69 11.46 8.79 -3.61
N ARG A 70 12.07 9.74 -4.32
CA ARG A 70 12.49 10.95 -3.67
C ARG A 70 11.28 11.82 -3.43
N ASN A 71 10.75 11.63 -2.25
CA ASN A 71 9.61 12.36 -1.75
C ASN A 71 9.72 12.45 -0.25
N PRO A 72 9.05 13.40 0.40
CA PRO A 72 9.09 13.47 1.84
C PRO A 72 8.46 12.25 2.47
N ALA A 73 7.88 11.43 1.59
CA ALA A 73 7.23 10.18 1.95
C ALA A 73 5.95 10.07 1.21
N CYS A 74 6.02 10.23 -0.09
CA CYS A 74 4.82 10.11 -0.89
C CYS A 74 4.20 8.80 -0.51
N ASP A 75 4.85 7.74 -0.92
CA ASP A 75 4.51 6.42 -0.43
C ASP A 75 5.45 6.15 0.73
N TYR A 76 6.74 6.44 0.44
CA TYR A 76 7.84 6.25 1.38
C TYR A 76 8.89 7.35 1.24
N HIS A 77 9.46 7.82 2.35
CA HIS A 77 10.52 8.81 2.29
C HIS A 77 11.87 8.10 2.40
N LEU A 78 12.59 8.02 1.27
CA LEU A 78 13.89 7.36 1.27
C LEU A 78 14.99 8.29 0.76
N GLY A 79 16.23 7.81 0.79
CA GLY A 79 17.36 8.61 0.34
C GLY A 79 17.17 9.14 -1.07
N ASN A 80 18.14 9.88 -1.57
CA ASN A 80 18.06 10.44 -2.92
C ASN A 80 19.06 9.79 -3.87
N ILE A 81 18.58 8.83 -4.65
CA ILE A 81 19.43 8.15 -5.62
C ILE A 81 18.97 8.44 -7.05
N SER A 82 19.83 9.07 -7.83
CA SER A 82 19.50 9.41 -9.20
C SER A 82 19.06 8.20 -10.01
N ARG A 83 19.48 7.01 -9.58
CA ARG A 83 19.13 5.77 -10.29
C ARG A 83 17.85 5.12 -9.73
N LEU A 84 18.01 4.07 -8.94
CA LEU A 84 16.88 3.36 -8.36
C LEU A 84 16.81 3.63 -6.86
N SER A 85 15.79 4.38 -6.51
CA SER A 85 15.52 4.77 -5.12
C SER A 85 14.61 5.97 -5.10
N ASN A 86 14.92 6.96 -5.94
CA ASN A 86 14.08 8.15 -6.06
C ASN A 86 12.75 7.72 -6.65
N LYS A 87 12.04 8.63 -7.33
CA LYS A 87 10.75 8.27 -7.94
C LYS A 87 10.94 6.99 -8.74
N HIS A 88 11.05 5.87 -8.03
CA HIS A 88 11.28 4.59 -8.66
C HIS A 88 10.03 3.78 -8.93
N PHE A 89 8.93 4.11 -8.28
CA PHE A 89 7.70 3.37 -8.56
C PHE A 89 6.50 3.91 -7.80
N GLN A 90 5.32 3.63 -8.32
CA GLN A 90 4.09 4.14 -7.71
C GLN A 90 2.95 3.12 -7.64
N ILE A 91 1.97 3.42 -6.78
CA ILE A 91 0.79 2.58 -6.60
C ILE A 91 -0.48 3.42 -6.72
N LEU A 92 -1.47 2.95 -7.49
CA LEU A 92 -2.70 3.72 -7.66
C LEU A 92 -3.93 2.93 -7.21
N LEU A 93 -4.75 3.55 -6.36
CA LEU A 93 -5.96 2.91 -5.87
C LEU A 93 -7.19 3.77 -6.14
N GLY A 94 -8.25 3.15 -6.65
CA GLY A 94 -9.47 3.88 -6.94
C GLY A 94 -9.92 3.68 -8.37
N GLU A 95 -10.39 4.76 -9.00
CA GLU A 95 -10.87 4.71 -10.38
C GLU A 95 -12.00 3.69 -10.51
N ASP A 96 -13.22 4.14 -10.22
CA ASP A 96 -14.38 3.28 -10.31
C ASP A 96 -14.27 2.10 -9.35
N GLY A 97 -13.60 2.32 -8.22
CA GLY A 97 -13.43 1.28 -7.24
C GLY A 97 -12.57 0.13 -7.74
N ASN A 98 -11.27 0.18 -7.45
CA ASN A 98 -10.34 -0.85 -7.88
C ASN A 98 -8.93 -0.56 -7.36
N LEU A 99 -7.98 -1.39 -7.78
CA LEU A 99 -6.60 -1.23 -7.37
C LEU A 99 -5.66 -1.34 -8.57
N LEU A 100 -4.75 -0.38 -8.69
CA LEU A 100 -3.81 -0.37 -9.80
C LEU A 100 -2.39 -0.08 -9.30
N LEU A 101 -1.40 -0.66 -9.98
CA LEU A 101 0.00 -0.43 -9.60
C LEU A 101 0.70 0.36 -10.70
N ASN A 102 1.41 1.41 -10.33
CA ASN A 102 2.10 2.20 -11.32
C ASN A 102 3.58 1.98 -11.23
N ASP A 103 4.16 1.34 -12.24
CA ASP A 103 5.58 1.10 -12.21
C ASP A 103 6.29 2.30 -12.78
N ILE A 104 6.99 3.03 -11.93
CA ILE A 104 7.75 4.16 -12.37
C ILE A 104 9.18 3.97 -11.94
N SER A 105 10.02 3.71 -12.90
CA SER A 105 11.44 3.49 -12.67
C SER A 105 12.24 4.29 -13.67
N THR A 106 13.55 4.39 -13.47
CA THR A 106 14.35 5.15 -14.41
C THR A 106 14.43 4.46 -15.77
N ASN A 107 15.02 3.26 -15.82
CA ASN A 107 15.11 2.56 -17.09
C ASN A 107 14.27 1.27 -17.16
N GLY A 108 14.11 0.55 -16.05
CA GLY A 108 13.35 -0.68 -16.09
C GLY A 108 12.57 -1.04 -14.84
N THR A 109 11.30 -1.43 -15.02
CA THR A 109 10.47 -1.93 -13.91
C THR A 109 10.00 -3.34 -14.24
N TRP A 110 10.03 -4.23 -13.27
CA TRP A 110 9.63 -5.62 -13.51
C TRP A 110 8.47 -6.08 -12.63
N LEU A 111 7.68 -6.98 -13.19
CA LEU A 111 6.56 -7.57 -12.47
C LEU A 111 6.73 -9.09 -12.47
N ASN A 112 6.97 -9.64 -11.29
CA ASN A 112 7.17 -11.09 -11.14
C ASN A 112 8.07 -11.66 -12.23
N GLY A 113 9.18 -10.98 -12.51
CA GLY A 113 10.11 -11.46 -13.51
C GLY A 113 9.66 -11.16 -14.92
N GLN A 114 8.83 -10.12 -15.07
CA GLN A 114 8.34 -9.73 -16.38
C GLN A 114 8.38 -8.22 -16.53
N LYS A 115 9.43 -7.74 -17.19
CA LYS A 115 9.62 -6.32 -17.42
C LYS A 115 8.31 -5.67 -17.89
N VAL A 116 7.94 -4.57 -17.23
CA VAL A 116 6.70 -3.87 -17.56
C VAL A 116 6.98 -2.43 -18.01
N GLU A 117 5.99 -1.84 -18.68
CA GLU A 117 6.11 -0.47 -19.16
C GLU A 117 6.08 0.53 -18.01
N LYS A 118 6.90 1.58 -18.12
CA LYS A 118 6.95 2.60 -17.08
C LYS A 118 5.63 3.34 -16.99
N ASN A 119 5.43 4.05 -15.88
CA ASN A 119 4.20 4.80 -15.65
C ASN A 119 2.98 4.08 -16.23
N SER A 120 3.00 2.77 -16.12
CA SER A 120 1.92 1.93 -16.64
C SER A 120 1.13 1.29 -15.50
N ASN A 121 -0.10 1.74 -15.30
CA ASN A 121 -0.96 1.21 -14.25
C ASN A 121 -1.18 -0.28 -14.44
N GLN A 122 -1.17 -1.04 -13.35
CA GLN A 122 -1.37 -2.48 -13.41
C GLN A 122 -2.43 -2.95 -12.43
N LEU A 123 -3.15 -4.01 -12.80
CA LEU A 123 -4.19 -4.56 -11.96
C LEU A 123 -3.56 -5.27 -10.76
N LEU A 124 -4.06 -4.98 -9.57
CA LEU A 124 -3.52 -5.59 -8.36
C LEU A 124 -3.51 -7.10 -8.42
N SER A 125 -2.51 -7.65 -7.79
CA SER A 125 -2.32 -9.09 -7.70
C SER A 125 -2.16 -9.51 -6.25
N GLN A 126 -2.51 -10.75 -5.93
CA GLN A 126 -2.38 -11.23 -4.56
C GLN A 126 -0.91 -11.40 -4.22
N GLY A 127 -0.41 -10.58 -3.29
CA GLY A 127 0.97 -10.65 -2.91
C GLY A 127 1.90 -10.33 -4.07
N ASP A 128 1.44 -9.45 -4.96
CA ASP A 128 2.22 -9.06 -6.12
C ASP A 128 3.62 -8.61 -5.74
N GLU A 129 4.52 -8.60 -6.71
CA GLU A 129 5.90 -8.20 -6.48
C GLU A 129 6.49 -7.51 -7.71
N ILE A 130 7.18 -6.39 -7.50
CA ILE A 130 7.80 -5.66 -8.60
C ILE A 130 9.33 -5.69 -8.47
N THR A 131 10.00 -6.08 -9.55
CA THR A 131 11.45 -6.16 -9.54
C THR A 131 12.05 -4.96 -10.27
N VAL A 132 13.19 -4.48 -9.80
CA VAL A 132 13.82 -3.32 -10.41
C VAL A 132 15.34 -3.46 -10.47
N GLY A 133 15.95 -2.69 -11.38
CA GLY A 133 17.40 -2.71 -11.54
C GLY A 133 17.90 -4.03 -12.06
N VAL A 134 17.20 -4.57 -13.05
CA VAL A 134 17.57 -5.85 -13.63
C VAL A 134 18.72 -5.72 -14.61
N GLY A 135 19.41 -6.83 -14.80
CA GLY A 135 20.56 -6.88 -15.68
C GLY A 135 21.58 -7.87 -15.17
N VAL A 136 21.80 -7.83 -13.85
CA VAL A 136 22.72 -8.73 -13.19
C VAL A 136 22.01 -9.43 -12.03
N GLU A 137 22.10 -10.75 -12.00
CA GLU A 137 21.46 -11.53 -10.95
C GLU A 137 21.82 -10.99 -9.57
N SER A 138 23.01 -10.43 -9.45
CA SER A 138 23.47 -9.89 -8.18
C SER A 138 23.18 -8.39 -8.04
N ASP A 139 22.45 -7.82 -9.00
CA ASP A 139 22.14 -6.40 -8.95
C ASP A 139 20.66 -6.11 -9.16
N ILE A 140 19.84 -7.06 -8.77
CA ILE A 140 18.41 -6.93 -8.89
C ILE A 140 17.75 -6.66 -7.54
N LEU A 141 16.76 -5.80 -7.56
CA LEU A 141 16.01 -5.44 -6.37
C LEU A 141 14.53 -5.75 -6.56
N SER A 142 13.91 -6.36 -5.56
CA SER A 142 12.51 -6.74 -5.66
C SER A 142 11.64 -6.06 -4.59
N LEU A 143 10.38 -5.83 -4.96
CA LEU A 143 9.41 -5.21 -4.09
C LEU A 143 8.18 -6.11 -3.99
N VAL A 144 7.48 -6.06 -2.87
CA VAL A 144 6.30 -6.90 -2.68
C VAL A 144 5.08 -6.08 -2.28
N ILE A 145 3.93 -6.46 -2.81
CA ILE A 145 2.69 -5.77 -2.50
C ILE A 145 1.68 -6.76 -1.93
N PHE A 146 1.13 -6.45 -0.77
CA PHE A 146 0.16 -7.32 -0.11
C PHE A 146 -1.20 -6.64 0.00
N ILE A 147 -2.21 -7.27 -0.59
CA ILE A 147 -3.56 -6.74 -0.56
C ILE A 147 -4.42 -7.51 0.43
N ASN A 148 -5.12 -6.79 1.31
CA ASN A 148 -5.97 -7.42 2.30
C ASN A 148 -7.29 -7.89 1.67
N ASP A 149 -7.65 -9.14 1.94
CA ASP A 149 -8.88 -9.71 1.39
C ASP A 149 -10.11 -9.15 2.08
N LYS A 150 -9.94 -8.65 3.30
CA LYS A 150 -11.04 -8.08 4.06
C LYS A 150 -11.70 -6.94 3.28
N PHE A 151 -10.88 -6.13 2.62
CA PHE A 151 -11.37 -5.01 1.84
C PHE A 151 -12.27 -5.50 0.72
N LYS A 152 -11.87 -6.59 0.08
CA LYS A 152 -12.63 -7.17 -1.02
C LYS A 152 -14.02 -7.57 -0.56
N GLN A 153 -14.11 -8.02 0.69
CA GLN A 153 -15.39 -8.44 1.27
C GLN A 153 -16.37 -7.27 1.32
N CYS A 154 -15.87 -6.11 1.70
CA CYS A 154 -16.70 -4.92 1.80
C CYS A 154 -17.33 -4.58 0.46
N LEU A 155 -16.53 -4.64 -0.60
CA LEU A 155 -17.00 -4.35 -1.94
C LEU A 155 -17.97 -5.42 -2.42
N GLU A 156 -17.71 -6.67 -2.02
CA GLU A 156 -18.56 -7.79 -2.40
C GLU A 156 -19.96 -7.63 -1.82
N GLN A 157 -20.03 -7.18 -0.57
CA GLN A 157 -21.30 -6.99 0.10
C GLN A 157 -21.95 -5.67 -0.30
N ASN A 158 -21.10 -4.65 -0.49
CA ASN A 158 -21.58 -3.32 -0.88
C ASN A 158 -22.83 -2.92 -0.11
N LYS A 159 -22.65 -2.29 1.04
CA LYS A 159 -23.77 -1.86 1.87
C LYS A 159 -24.66 -0.88 1.11
N VAL A 160 -25.93 -1.24 0.96
CA VAL A 160 -26.88 -0.39 0.26
C VAL A 160 -27.14 0.90 1.02
N ASP A 161 -27.22 2.00 0.30
CA ASP A 161 -27.45 3.31 0.91
C ASP A 161 -28.03 4.30 -0.11
N ARG A 162 -28.98 3.83 -0.90
CA ARG A 162 -29.61 4.67 -1.91
C ARG A 162 -31.02 5.07 -1.49
N ILE A 163 -31.89 4.07 -1.35
CA ILE A 163 -33.27 4.31 -0.95
C ILE A 163 -33.47 4.05 0.54
N ARG A 164 -34.15 4.97 1.22
CA ARG A 164 -34.40 4.83 2.65
C ARG A 164 -35.73 4.13 2.90
N GLY A 1 4.98 -5.79 17.90
CA GLY A 1 5.81 -5.29 16.82
C GLY A 1 6.69 -4.12 17.25
N GLU A 2 6.27 -3.42 18.28
CA GLU A 2 7.03 -2.27 18.80
C GLU A 2 7.15 -1.19 17.73
N ASN A 3 6.02 -0.84 17.12
CA ASN A 3 6.00 0.18 16.07
C ASN A 3 5.30 1.44 16.57
N ILE A 4 4.39 1.27 17.53
CA ILE A 4 3.64 2.40 18.10
C ILE A 4 2.63 2.94 17.10
N THR A 5 3.13 3.52 16.01
CA THR A 5 2.26 4.08 14.98
C THR A 5 1.39 5.21 15.54
N GLN A 6 1.04 6.15 14.67
CA GLN A 6 0.22 7.29 15.08
C GLN A 6 0.87 8.06 16.23
N PRO A 7 1.78 8.99 15.91
CA PRO A 7 2.48 9.79 16.91
C PRO A 7 1.52 10.51 17.85
N THR A 8 1.83 10.47 19.15
CA THR A 8 1.00 11.12 20.16
C THR A 8 1.83 12.07 21.02
N GLN A 9 1.16 12.71 21.98
CA GLN A 9 1.84 13.65 22.87
C GLN A 9 1.65 13.24 24.33
N GLN A 10 0.40 13.12 24.75
CA GLN A 10 0.10 12.73 26.13
C GLN A 10 0.67 11.36 26.45
N SER A 11 1.28 11.24 27.63
CA SER A 11 1.87 9.99 28.06
C SER A 11 1.74 9.82 29.57
N THR A 12 0.51 9.91 30.07
CA THR A 12 0.25 9.77 31.49
C THR A 12 -0.41 8.43 31.81
N GLN A 13 -0.96 7.78 30.79
CA GLN A 13 -1.63 6.50 30.97
C GLN A 13 -0.71 5.51 31.70
N ALA A 14 -1.32 4.63 32.49
CA ALA A 14 -0.58 3.63 33.25
C ALA A 14 0.28 2.77 32.33
N THR A 15 1.23 2.05 32.93
CA THR A 15 2.11 1.19 32.16
C THR A 15 1.59 -0.25 32.14
N GLN A 16 1.20 -0.75 33.31
CA GLN A 16 0.69 -2.11 33.42
C GLN A 16 -0.55 -2.30 32.54
N ARG A 17 -1.37 -1.26 32.45
CA ARG A 17 -2.59 -1.32 31.65
C ARG A 17 -2.26 -1.29 30.16
N PHE A 18 -1.26 -0.51 29.79
CA PHE A 18 -0.84 -0.41 28.40
C PHE A 18 -0.43 -1.77 27.84
N LEU A 19 0.27 -2.54 28.67
CA LEU A 19 0.74 -3.86 28.26
C LEU A 19 -0.45 -4.76 27.91
N ILE A 20 -1.51 -4.67 28.70
CA ILE A 20 -2.70 -5.48 28.48
C ILE A 20 -3.41 -5.05 27.20
N GLU A 21 -3.60 -3.75 27.03
CA GLU A 21 -4.27 -3.21 25.85
C GLU A 21 -3.55 -3.64 24.57
N LYS A 22 -2.23 -3.72 24.65
CA LYS A 22 -1.42 -4.12 23.49
C LYS A 22 -1.81 -5.52 23.02
N PHE A 23 -2.10 -6.40 23.97
CA PHE A 23 -2.48 -7.78 23.65
C PHE A 23 -3.73 -7.81 22.78
N SER A 24 -4.74 -7.04 23.18
CA SER A 24 -6.00 -6.98 22.45
C SER A 24 -5.86 -6.11 21.20
N GLN A 25 -5.00 -5.10 21.29
CA GLN A 25 -4.77 -4.19 20.16
C GLN A 25 -4.27 -4.96 18.95
N GLU A 26 -5.19 -5.36 18.08
CA GLU A 26 -4.84 -6.09 16.87
C GLU A 26 -4.62 -5.15 15.70
N GLN A 27 -3.69 -5.50 14.82
CA GLN A 27 -3.39 -4.69 13.66
C GLN A 27 -4.59 -4.61 12.71
N ILE A 28 -4.96 -3.39 12.34
CA ILE A 28 -6.09 -3.19 11.44
C ILE A 28 -5.67 -3.24 9.98
N GLY A 29 -6.51 -3.88 9.19
CA GLY A 29 -6.25 -4.03 7.77
C GLY A 29 -7.52 -4.16 6.94
N GLU A 30 -8.64 -3.75 7.52
CA GLU A 30 -9.93 -3.84 6.83
C GLU A 30 -10.22 -2.57 6.04
N ASN A 31 -9.60 -1.45 6.43
CA ASN A 31 -9.79 -0.20 5.73
C ASN A 31 -8.52 0.15 4.98
N ILE A 32 -7.47 -0.57 5.36
CA ILE A 32 -6.17 -0.41 4.79
C ILE A 32 -6.12 -1.01 3.37
N VAL A 33 -6.09 -0.13 2.38
CA VAL A 33 -6.06 -0.52 0.98
C VAL A 33 -5.14 -1.71 0.74
N CYS A 34 -3.86 -1.52 1.02
CA CYS A 34 -2.87 -2.59 0.83
C CYS A 34 -1.56 -2.27 1.54
N ARG A 35 -0.71 -3.28 1.71
CA ARG A 35 0.58 -3.10 2.37
C ARG A 35 1.72 -3.61 1.50
N VAL A 36 2.66 -2.73 1.20
CA VAL A 36 3.82 -3.08 0.39
C VAL A 36 4.99 -3.51 1.27
N ILE A 37 5.49 -4.71 1.02
CA ILE A 37 6.59 -5.24 1.81
C ILE A 37 7.81 -5.57 0.95
N CYS A 38 8.86 -4.77 1.06
CA CYS A 38 10.10 -5.02 0.34
C CYS A 38 10.91 -6.09 1.06
N THR A 39 10.89 -7.30 0.53
CA THR A 39 11.59 -8.43 1.15
C THR A 39 12.95 -8.70 0.50
N THR A 40 13.50 -7.70 -0.18
CA THR A 40 14.79 -7.85 -0.84
C THR A 40 15.86 -6.97 -0.19
N GLY A 41 15.43 -6.02 0.63
CA GLY A 41 16.37 -5.14 1.29
C GLY A 41 16.55 -3.82 0.56
N GLN A 42 15.56 -2.95 0.68
CA GLN A 42 15.61 -1.65 0.02
C GLN A 42 14.83 -0.60 0.80
N ILE A 43 13.55 -0.90 1.06
CA ILE A 43 12.69 0.01 1.79
C ILE A 43 11.89 -0.74 2.85
N PRO A 44 11.87 -0.24 4.09
CA PRO A 44 11.12 -0.88 5.19
C PRO A 44 9.64 -0.97 4.88
N ILE A 45 9.00 -2.02 5.38
CA ILE A 45 7.58 -2.26 5.14
C ILE A 45 6.76 -0.98 5.27
N ARG A 46 5.96 -0.70 4.26
CA ARG A 46 5.10 0.47 4.24
C ARG A 46 3.65 0.06 4.06
N ASP A 47 2.77 0.57 4.92
CA ASP A 47 1.35 0.23 4.85
C ASP A 47 0.56 1.26 4.03
N LEU A 48 -0.06 0.79 2.96
CA LEU A 48 -0.87 1.64 2.11
C LEU A 48 -2.33 1.56 2.55
N SER A 49 -2.96 2.70 2.79
CA SER A 49 -4.34 2.67 3.25
C SER A 49 -5.29 3.41 2.31
N ALA A 50 -6.56 3.12 2.47
CA ALA A 50 -7.60 3.72 1.66
C ALA A 50 -8.55 4.55 2.53
N ASP A 51 -9.36 5.38 1.88
CA ASP A 51 -10.31 6.23 2.61
C ASP A 51 -11.73 5.67 2.49
N ILE A 52 -11.91 4.43 2.93
CA ILE A 52 -13.21 3.78 2.87
C ILE A 52 -14.24 4.55 3.68
N SER A 53 -13.84 4.99 4.87
CA SER A 53 -14.72 5.73 5.75
C SER A 53 -15.06 7.09 5.16
N GLN A 54 -14.08 7.72 4.52
CA GLN A 54 -14.28 9.03 3.92
C GLN A 54 -15.21 8.95 2.72
N VAL A 55 -15.04 7.91 1.91
CA VAL A 55 -15.87 7.71 0.73
C VAL A 55 -17.33 7.44 1.12
N LEU A 56 -17.51 6.63 2.16
CA LEU A 56 -18.85 6.29 2.63
C LEU A 56 -19.50 7.50 3.31
N LYS A 57 -18.72 8.23 4.10
CA LYS A 57 -19.22 9.39 4.81
C LYS A 57 -18.84 10.68 4.07
N GLU A 58 -18.54 10.57 2.78
CA GLU A 58 -18.16 11.72 1.98
C GLU A 58 -17.83 11.30 0.55
N LYS A 59 -18.81 11.43 -0.34
CA LYS A 59 -18.62 11.07 -1.74
C LYS A 59 -17.50 11.89 -2.38
N ARG A 60 -16.35 11.26 -2.58
CA ARG A 60 -15.21 11.93 -3.18
C ARG A 60 -14.44 10.99 -4.12
N SER A 61 -15.07 9.88 -4.49
CA SER A 61 -14.45 8.91 -5.38
C SER A 61 -13.09 8.48 -4.87
N ILE A 62 -13.04 7.30 -4.25
CA ILE A 62 -11.79 6.78 -3.70
C ILE A 62 -10.67 6.85 -4.74
N LYS A 63 -9.63 7.63 -4.43
CA LYS A 63 -8.51 7.79 -5.34
C LYS A 63 -7.24 8.19 -4.58
N LYS A 64 -6.38 7.21 -4.32
CA LYS A 64 -5.13 7.44 -3.61
C LYS A 64 -3.99 6.68 -4.29
N VAL A 65 -2.87 7.36 -4.49
CA VAL A 65 -1.72 6.73 -5.15
C VAL A 65 -0.47 6.78 -4.29
N TRP A 66 0.22 5.66 -4.22
CA TRP A 66 1.46 5.55 -3.44
C TRP A 66 2.69 5.64 -4.33
N THR A 67 3.70 6.37 -3.87
CA THR A 67 4.94 6.49 -4.64
C THR A 67 6.17 6.23 -3.80
N PHE A 68 7.03 5.35 -4.29
CA PHE A 68 8.27 5.04 -3.61
C PHE A 68 9.41 5.81 -4.26
N GLY A 69 10.06 6.68 -3.51
CA GLY A 69 11.15 7.43 -4.08
C GLY A 69 11.45 8.69 -3.33
N ARG A 70 12.10 9.64 -3.97
CA ARG A 70 12.42 10.88 -3.30
C ARG A 70 11.16 11.70 -3.21
N ASN A 71 10.51 11.50 -2.10
CA ASN A 71 9.27 12.17 -1.75
C ASN A 71 9.20 12.31 -0.24
N PRO A 72 8.38 13.21 0.29
CA PRO A 72 8.26 13.35 1.74
C PRO A 72 7.71 12.08 2.36
N ALA A 73 7.23 11.19 1.49
CA ALA A 73 6.68 9.90 1.86
C ALA A 73 5.45 9.63 1.06
N CYS A 74 5.58 9.76 -0.23
CA CYS A 74 4.44 9.51 -1.09
C CYS A 74 3.93 8.13 -0.71
N ASP A 75 4.72 7.13 -1.06
CA ASP A 75 4.47 5.80 -0.57
C ASP A 75 5.33 5.66 0.68
N TYR A 76 6.59 6.07 0.48
CA TYR A 76 7.64 6.05 1.50
C TYR A 76 8.55 7.27 1.37
N HIS A 77 9.02 7.83 2.48
CA HIS A 77 9.92 8.97 2.41
C HIS A 77 11.36 8.49 2.23
N LEU A 78 11.95 8.79 1.07
CA LEU A 78 13.33 8.38 0.78
C LEU A 78 14.17 9.57 0.36
N GLY A 79 15.49 9.39 0.35
CA GLY A 79 16.39 10.46 -0.04
C GLY A 79 16.23 10.83 -1.49
N ASN A 80 17.19 11.61 -2.01
CA ASN A 80 17.14 12.04 -3.41
C ASN A 80 18.24 11.37 -4.23
N ILE A 81 17.87 10.31 -4.95
CA ILE A 81 18.82 9.59 -5.79
C ILE A 81 18.45 9.74 -7.27
N SER A 82 19.44 10.04 -8.09
CA SER A 82 19.23 10.22 -9.52
C SER A 82 18.81 8.92 -10.23
N ARG A 83 19.44 7.81 -9.88
CA ARG A 83 19.16 6.52 -10.52
C ARG A 83 17.93 5.80 -9.92
N LEU A 84 18.16 4.75 -9.14
CA LEU A 84 17.10 3.99 -8.53
C LEU A 84 17.07 4.28 -7.04
N SER A 85 15.99 4.90 -6.64
CA SER A 85 15.76 5.31 -5.26
C SER A 85 14.77 6.45 -5.27
N ASN A 86 14.88 7.30 -6.29
CA ASN A 86 13.96 8.42 -6.47
C ASN A 86 12.58 7.82 -6.67
N LYS A 87 11.65 8.59 -7.22
CA LYS A 87 10.32 8.06 -7.49
C LYS A 87 10.50 6.80 -8.34
N HIS A 88 10.97 5.74 -7.70
CA HIS A 88 11.26 4.48 -8.38
C HIS A 88 10.02 3.66 -8.69
N PHE A 89 8.92 3.95 -8.06
CA PHE A 89 7.70 3.20 -8.36
C PHE A 89 6.49 3.76 -7.67
N GLN A 90 5.33 3.50 -8.27
CA GLN A 90 4.08 4.03 -7.74
C GLN A 90 2.95 3.01 -7.73
N ILE A 91 1.99 3.24 -6.83
CA ILE A 91 0.82 2.38 -6.69
C ILE A 91 -0.47 3.21 -6.76
N LEU A 92 -1.44 2.77 -7.55
CA LEU A 92 -2.69 3.51 -7.67
C LEU A 92 -3.87 2.67 -7.19
N LEU A 93 -4.63 3.23 -6.25
CA LEU A 93 -5.80 2.55 -5.71
C LEU A 93 -7.03 3.44 -5.78
N GLY A 94 -8.18 2.85 -6.13
CA GLY A 94 -9.40 3.62 -6.23
C GLY A 94 -10.11 3.40 -7.56
N GLU A 95 -10.36 4.49 -8.28
CA GLU A 95 -11.04 4.41 -9.57
C GLU A 95 -12.45 3.86 -9.42
N ASP A 96 -13.16 4.32 -8.39
CA ASP A 96 -14.52 3.87 -8.13
C ASP A 96 -14.56 2.37 -7.88
N GLY A 97 -13.48 1.84 -7.33
CA GLY A 97 -13.42 0.42 -7.05
C GLY A 97 -12.49 -0.32 -7.99
N ASN A 98 -11.19 -0.17 -7.77
CA ASN A 98 -10.20 -0.83 -8.62
C ASN A 98 -8.78 -0.52 -8.13
N LEU A 99 -7.94 -1.54 -8.09
CA LEU A 99 -6.56 -1.38 -7.63
C LEU A 99 -5.60 -1.48 -8.81
N LEU A 100 -4.68 -0.53 -8.91
CA LEU A 100 -3.71 -0.52 -10.00
C LEU A 100 -2.30 -0.24 -9.46
N LEU A 101 -1.30 -0.79 -10.12
CA LEU A 101 0.09 -0.57 -9.71
C LEU A 101 0.84 0.16 -10.81
N ASN A 102 1.52 1.24 -10.47
CA ASN A 102 2.25 1.97 -11.49
C ASN A 102 3.75 1.80 -11.28
N ASP A 103 4.38 1.09 -12.19
CA ASP A 103 5.80 0.90 -12.08
C ASP A 103 6.50 2.10 -12.67
N ILE A 104 7.14 2.88 -11.83
CA ILE A 104 7.88 4.03 -12.30
C ILE A 104 9.31 3.93 -11.83
N SER A 105 10.18 3.65 -12.74
CA SER A 105 11.60 3.53 -12.48
C SER A 105 12.37 4.34 -13.51
N THR A 106 13.68 4.47 -13.35
CA THR A 106 14.43 5.27 -14.30
C THR A 106 14.52 4.59 -15.65
N ASN A 107 15.17 3.42 -15.73
CA ASN A 107 15.26 2.72 -17.01
C ASN A 107 14.49 1.41 -17.09
N GLY A 108 14.36 0.68 -15.97
CA GLY A 108 13.68 -0.60 -16.02
C GLY A 108 12.87 -0.99 -14.79
N THR A 109 11.60 -1.32 -14.99
CA THR A 109 10.75 -1.83 -13.90
C THR A 109 10.24 -3.21 -14.28
N TRP A 110 10.24 -4.15 -13.33
CA TRP A 110 9.79 -5.51 -13.63
C TRP A 110 8.63 -5.97 -12.77
N LEU A 111 7.80 -6.83 -13.34
CA LEU A 111 6.68 -7.40 -12.64
C LEU A 111 6.78 -8.92 -12.68
N ASN A 112 7.03 -9.52 -11.53
CA ASN A 112 7.17 -10.98 -11.43
C ASN A 112 8.16 -11.51 -12.47
N GLY A 113 9.21 -10.73 -12.74
CA GLY A 113 10.21 -11.15 -13.69
C GLY A 113 9.80 -10.86 -15.13
N GLN A 114 8.95 -9.87 -15.31
CA GLN A 114 8.49 -9.49 -16.63
C GLN A 114 8.56 -7.98 -16.82
N LYS A 115 9.65 -7.54 -17.45
CA LYS A 115 9.87 -6.13 -17.71
C LYS A 115 8.61 -5.48 -18.28
N VAL A 116 8.26 -4.31 -17.75
CA VAL A 116 7.08 -3.58 -18.20
C VAL A 116 7.38 -2.10 -18.40
N GLU A 117 6.47 -1.41 -19.09
CA GLU A 117 6.64 0.02 -19.35
C GLU A 117 6.49 0.81 -18.05
N LYS A 118 7.28 1.86 -17.90
CA LYS A 118 7.22 2.68 -16.70
C LYS A 118 5.91 3.45 -16.64
N ASN A 119 5.65 4.06 -15.48
CA ASN A 119 4.45 4.85 -15.24
C ASN A 119 3.24 4.27 -15.97
N SER A 120 3.17 2.95 -16.02
CA SER A 120 2.07 2.25 -16.67
C SER A 120 1.21 1.53 -15.64
N ASN A 121 0.00 2.04 -15.40
CA ASN A 121 -0.91 1.43 -14.43
C ASN A 121 -1.01 -0.08 -14.66
N GLN A 122 -1.02 -0.84 -13.57
CA GLN A 122 -1.10 -2.29 -13.66
C GLN A 122 -2.23 -2.84 -12.82
N LEU A 123 -2.81 -3.94 -13.29
CA LEU A 123 -3.89 -4.60 -12.58
C LEU A 123 -3.35 -5.33 -11.36
N LEU A 124 -3.69 -4.84 -10.17
CA LEU A 124 -3.20 -5.43 -8.94
C LEU A 124 -3.32 -6.95 -8.95
N SER A 125 -2.35 -7.58 -8.32
CA SER A 125 -2.30 -9.03 -8.20
C SER A 125 -2.16 -9.43 -6.74
N GLN A 126 -2.63 -10.63 -6.40
CA GLN A 126 -2.52 -11.11 -5.04
C GLN A 126 -1.07 -11.44 -4.72
N GLY A 127 -0.48 -10.67 -3.81
CA GLY A 127 0.90 -10.89 -3.45
C GLY A 127 1.85 -10.53 -4.58
N ASP A 128 1.43 -9.60 -5.43
CA ASP A 128 2.24 -9.16 -6.56
C ASP A 128 3.62 -8.71 -6.12
N GLU A 129 4.56 -8.67 -7.07
CA GLU A 129 5.92 -8.25 -6.78
C GLU A 129 6.54 -7.53 -7.98
N ILE A 130 7.23 -6.42 -7.70
CA ILE A 130 7.87 -5.64 -8.75
C ILE A 130 9.39 -5.72 -8.60
N THR A 131 10.08 -6.06 -9.68
CA THR A 131 11.53 -6.18 -9.66
C THR A 131 12.18 -4.96 -10.32
N VAL A 132 13.30 -4.52 -9.77
CA VAL A 132 14.00 -3.35 -10.28
C VAL A 132 15.52 -3.54 -10.25
N GLY A 133 16.20 -2.85 -11.16
CA GLY A 133 17.65 -2.93 -11.21
C GLY A 133 18.13 -4.22 -11.83
N VAL A 134 17.39 -4.70 -12.81
CA VAL A 134 17.73 -5.94 -13.48
C VAL A 134 18.96 -5.80 -14.37
N GLY A 135 19.62 -6.93 -14.60
CA GLY A 135 20.82 -6.95 -15.41
C GLY A 135 21.71 -8.12 -15.01
N VAL A 136 21.88 -8.28 -13.70
CA VAL A 136 22.67 -9.35 -13.14
C VAL A 136 21.85 -10.11 -12.11
N GLU A 137 21.89 -11.43 -12.17
CA GLU A 137 21.14 -12.26 -11.23
C GLU A 137 21.39 -11.84 -9.79
N SER A 138 22.62 -11.41 -9.51
CA SER A 138 22.99 -10.99 -8.17
C SER A 138 22.83 -9.48 -7.98
N ASP A 139 22.27 -8.79 -8.97
CA ASP A 139 22.09 -7.36 -8.87
C ASP A 139 20.65 -6.94 -9.12
N ILE A 140 19.74 -7.81 -8.76
CA ILE A 140 18.32 -7.53 -8.93
C ILE A 140 17.65 -7.27 -7.58
N LEU A 141 16.74 -6.31 -7.61
CA LEU A 141 15.99 -5.92 -6.42
C LEU A 141 14.50 -6.12 -6.66
N SER A 142 13.81 -6.69 -5.68
CA SER A 142 12.37 -6.94 -5.82
C SER A 142 11.54 -6.33 -4.70
N LEU A 143 10.30 -6.03 -5.04
CA LEU A 143 9.34 -5.46 -4.11
C LEU A 143 8.09 -6.32 -4.12
N VAL A 144 7.42 -6.44 -2.97
CA VAL A 144 6.22 -7.26 -2.88
C VAL A 144 5.08 -6.52 -2.21
N ILE A 145 3.87 -6.70 -2.73
CA ILE A 145 2.69 -6.06 -2.17
C ILE A 145 1.78 -7.09 -1.52
N PHE A 146 1.21 -6.72 -0.36
CA PHE A 146 0.31 -7.61 0.36
C PHE A 146 -1.07 -6.99 0.49
N ILE A 147 -2.01 -7.48 -0.30
CA ILE A 147 -3.38 -6.97 -0.26
C ILE A 147 -4.28 -7.85 0.58
N ASN A 148 -5.02 -7.23 1.49
CA ASN A 148 -5.92 -7.96 2.38
C ASN A 148 -7.26 -8.23 1.69
N ASP A 149 -7.73 -9.47 1.78
CA ASP A 149 -9.00 -9.85 1.16
C ASP A 149 -10.17 -9.17 1.86
N LYS A 150 -9.95 -8.72 3.10
CA LYS A 150 -10.99 -8.06 3.86
C LYS A 150 -11.50 -6.83 3.12
N PHE A 151 -10.58 -6.07 2.55
CA PHE A 151 -10.93 -4.87 1.81
C PHE A 151 -11.84 -5.21 0.63
N LYS A 152 -11.49 -6.26 -0.09
CA LYS A 152 -12.28 -6.71 -1.24
C LYS A 152 -13.71 -7.04 -0.82
N GLN A 153 -13.86 -7.62 0.36
CA GLN A 153 -15.17 -7.99 0.88
C GLN A 153 -16.02 -6.76 1.15
N CYS A 154 -15.37 -5.70 1.63
CA CYS A 154 -16.07 -4.45 1.93
C CYS A 154 -16.74 -3.88 0.69
N LEU A 155 -16.00 -3.87 -0.42
CA LEU A 155 -16.51 -3.36 -1.68
C LEU A 155 -17.59 -4.28 -2.24
N GLU A 156 -17.38 -5.58 -2.11
CA GLU A 156 -18.34 -6.56 -2.61
C GLU A 156 -19.70 -6.41 -1.93
N GLN A 157 -19.69 -6.31 -0.60
CA GLN A 157 -20.92 -6.15 0.17
C GLN A 157 -21.37 -4.69 0.19
N ASN A 158 -20.39 -3.77 0.18
CA ASN A 158 -20.66 -2.34 0.20
C ASN A 158 -21.78 -2.00 1.18
N LYS A 159 -21.52 -2.23 2.47
CA LYS A 159 -22.49 -1.96 3.52
C LYS A 159 -22.42 -0.49 3.95
N VAL A 160 -23.53 0.22 3.80
CA VAL A 160 -23.60 1.63 4.18
C VAL A 160 -23.92 1.78 5.66
N ASP A 161 -23.05 2.49 6.38
CA ASP A 161 -23.24 2.72 7.82
C ASP A 161 -24.65 3.21 8.11
N ARG A 162 -24.98 4.41 7.61
CA ARG A 162 -26.30 4.99 7.83
C ARG A 162 -26.67 5.00 9.31
N ILE A 163 -26.49 6.15 9.95
CA ILE A 163 -26.81 6.29 11.37
C ILE A 163 -28.12 7.04 11.56
N ARG A 164 -29.12 6.35 12.10
CA ARG A 164 -30.43 6.95 12.34
C ARG A 164 -30.36 7.96 13.47
N GLY A 1 0.41 27.60 -22.20
CA GLY A 1 1.53 27.03 -21.48
C GLY A 1 1.11 26.02 -20.43
N GLU A 2 -0.08 25.46 -20.62
CA GLU A 2 -0.61 24.47 -19.68
C GLU A 2 -0.70 25.04 -18.27
N ASN A 3 -0.94 26.35 -18.18
CA ASN A 3 -1.04 27.02 -16.89
C ASN A 3 -2.49 27.40 -16.58
N ILE A 4 -3.40 26.48 -16.88
CA ILE A 4 -4.82 26.71 -16.63
C ILE A 4 -5.09 26.99 -15.16
N THR A 5 -4.18 26.55 -14.30
CA THR A 5 -4.32 26.77 -12.86
C THR A 5 -5.45 25.92 -12.29
N GLN A 6 -5.22 25.37 -11.11
CA GLN A 6 -6.23 24.54 -10.44
C GLN A 6 -6.52 25.04 -9.04
N PRO A 7 -7.55 25.89 -8.88
CA PRO A 7 -7.93 26.45 -7.57
C PRO A 7 -8.05 25.37 -6.50
N THR A 8 -7.00 25.20 -5.71
CA THR A 8 -6.99 24.20 -4.64
C THR A 8 -7.26 24.85 -3.28
N GLN A 9 -6.91 26.12 -3.16
CA GLN A 9 -7.11 26.85 -1.91
C GLN A 9 -6.29 26.23 -0.78
N GLN A 10 -5.14 25.66 -1.14
CA GLN A 10 -4.26 25.03 -0.16
C GLN A 10 -4.98 23.89 0.56
N SER A 11 -4.19 22.98 1.13
CA SER A 11 -4.74 21.84 1.84
C SER A 11 -4.19 21.77 3.26
N THR A 12 -4.68 20.81 4.04
CA THR A 12 -4.23 20.63 5.41
C THR A 12 -4.19 19.16 5.81
N GLN A 13 -2.99 18.66 6.07
CA GLN A 13 -2.81 17.26 6.45
C GLN A 13 -2.61 17.14 7.96
N ALA A 14 -3.67 17.39 8.72
CA ALA A 14 -3.60 17.30 10.17
C ALA A 14 -4.38 16.10 10.69
N THR A 15 -3.66 15.08 11.12
CA THR A 15 -4.29 13.86 11.63
C THR A 15 -4.13 13.76 13.14
N GLN A 16 -4.65 14.76 13.86
CA GLN A 16 -4.57 14.78 15.32
C GLN A 16 -5.26 13.56 15.92
N ARG A 17 -6.33 13.11 15.27
CA ARG A 17 -7.08 11.95 15.73
C ARG A 17 -6.26 10.67 15.56
N PHE A 18 -5.47 10.63 14.48
CA PHE A 18 -4.63 9.46 14.20
C PHE A 18 -3.69 9.17 15.37
N LEU A 19 -3.12 10.24 15.93
CA LEU A 19 -2.19 10.09 17.05
C LEU A 19 -2.92 9.54 18.28
N ILE A 20 -4.17 9.94 18.45
CA ILE A 20 -4.97 9.48 19.58
C ILE A 20 -5.39 8.03 19.42
N GLU A 21 -5.82 7.67 18.21
CA GLU A 21 -6.24 6.31 17.91
C GLU A 21 -5.12 5.31 18.20
N LYS A 22 -3.89 5.74 17.98
CA LYS A 22 -2.72 4.88 18.21
C LYS A 22 -2.66 4.44 19.66
N PHE A 23 -3.19 5.27 20.56
CA PHE A 23 -3.19 4.95 21.98
C PHE A 23 -3.88 3.62 22.24
N SER A 24 -5.05 3.43 21.65
CA SER A 24 -5.80 2.20 21.82
C SER A 24 -5.07 1.01 21.21
N GLN A 25 -4.16 1.31 20.28
CA GLN A 25 -3.37 0.27 19.62
C GLN A 25 -4.25 -0.54 18.66
N GLU A 26 -5.01 0.16 17.83
CA GLU A 26 -5.90 -0.48 16.87
C GLU A 26 -5.10 -1.04 15.69
N GLN A 27 -5.62 -2.07 15.05
CA GLN A 27 -4.96 -2.69 13.91
C GLN A 27 -5.72 -2.41 12.62
N ILE A 28 -5.12 -1.60 11.75
CA ILE A 28 -5.73 -1.26 10.48
C ILE A 28 -5.40 -2.27 9.39
N GLY A 29 -6.41 -2.57 8.60
CA GLY A 29 -6.23 -3.53 7.51
C GLY A 29 -7.50 -3.70 6.69
N GLU A 30 -8.65 -3.65 7.34
CA GLU A 30 -9.93 -3.81 6.66
C GLU A 30 -10.26 -2.57 5.82
N ASN A 31 -9.69 -1.42 6.18
CA ASN A 31 -9.91 -0.19 5.46
C ASN A 31 -8.64 0.16 4.70
N ILE A 32 -7.57 -0.50 5.09
CA ILE A 32 -6.28 -0.32 4.53
C ILE A 32 -6.18 -0.97 3.14
N VAL A 33 -6.09 -0.14 2.12
CA VAL A 33 -6.00 -0.58 0.73
C VAL A 33 -5.08 -1.79 0.59
N CYS A 34 -3.81 -1.59 0.91
CA CYS A 34 -2.83 -2.67 0.81
C CYS A 34 -1.54 -2.30 1.53
N ARG A 35 -0.70 -3.30 1.78
CA ARG A 35 0.58 -3.08 2.45
C ARG A 35 1.75 -3.56 1.58
N VAL A 36 2.64 -2.65 1.24
CA VAL A 36 3.80 -2.97 0.41
C VAL A 36 4.98 -3.42 1.27
N ILE A 37 5.49 -4.61 0.98
CA ILE A 37 6.61 -5.15 1.72
C ILE A 37 7.78 -5.51 0.80
N CYS A 38 8.85 -4.72 0.88
CA CYS A 38 10.03 -4.98 0.08
C CYS A 38 10.99 -5.89 0.86
N THR A 39 10.98 -7.18 0.53
CA THR A 39 11.82 -8.16 1.22
C THR A 39 13.27 -8.15 0.74
N THR A 40 13.49 -7.75 -0.51
CA THR A 40 14.84 -7.71 -1.07
C THR A 40 15.79 -6.95 -0.16
N GLY A 41 15.23 -6.02 0.61
CA GLY A 41 16.03 -5.23 1.52
C GLY A 41 16.41 -3.88 0.95
N GLN A 42 15.49 -3.28 0.20
CA GLN A 42 15.73 -1.99 -0.42
C GLN A 42 14.96 -0.89 0.31
N ILE A 43 13.68 -1.15 0.57
CA ILE A 43 12.83 -0.20 1.26
C ILE A 43 12.03 -0.86 2.36
N PRO A 44 12.00 -0.26 3.57
CA PRO A 44 11.27 -0.79 4.72
C PRO A 44 9.78 -0.92 4.42
N ILE A 45 9.14 -1.92 5.02
CA ILE A 45 7.72 -2.16 4.82
C ILE A 45 6.91 -0.86 4.89
N ARG A 46 5.93 -0.75 3.99
CA ARG A 46 5.07 0.42 3.93
C ARG A 46 3.61 0.01 3.80
N ASP A 47 2.73 0.72 4.49
CA ASP A 47 1.30 0.41 4.45
C ASP A 47 0.52 1.45 3.65
N LEU A 48 -0.14 0.99 2.59
CA LEU A 48 -0.96 1.86 1.76
C LEU A 48 -2.42 1.72 2.15
N SER A 49 -3.07 2.82 2.48
CA SER A 49 -4.47 2.75 2.90
C SER A 49 -5.44 3.36 1.90
N ALA A 50 -6.71 3.01 2.07
CA ALA A 50 -7.78 3.49 1.21
C ALA A 50 -8.86 4.20 2.01
N ASP A 51 -9.73 4.92 1.31
CA ASP A 51 -10.83 5.64 1.95
C ASP A 51 -12.16 5.00 1.59
N ILE A 52 -12.41 3.82 2.14
CA ILE A 52 -13.65 3.09 1.87
C ILE A 52 -14.87 3.85 2.36
N SER A 53 -14.77 4.37 3.58
CA SER A 53 -15.87 5.12 4.19
C SER A 53 -16.20 6.35 3.36
N GLN A 54 -15.16 6.96 2.80
CA GLN A 54 -15.32 8.15 1.97
C GLN A 54 -16.01 7.82 0.66
N VAL A 55 -15.59 6.72 0.03
CA VAL A 55 -16.17 6.30 -1.24
C VAL A 55 -17.64 5.96 -1.08
N LEU A 56 -17.97 5.22 -0.03
CA LEU A 56 -19.36 4.84 0.24
C LEU A 56 -20.25 6.06 0.38
N LYS A 57 -19.69 7.13 0.92
CA LYS A 57 -20.44 8.37 1.11
C LYS A 57 -20.40 9.23 -0.14
N GLU A 58 -19.21 9.38 -0.73
CA GLU A 58 -19.05 10.18 -1.93
C GLU A 58 -18.53 9.32 -3.08
N LYS A 59 -19.13 9.49 -4.25
CA LYS A 59 -18.74 8.72 -5.43
C LYS A 59 -17.47 9.28 -6.04
N ARG A 60 -17.27 10.59 -5.91
CA ARG A 60 -16.09 11.26 -6.44
C ARG A 60 -14.84 10.83 -5.68
N SER A 61 -14.99 10.59 -4.38
CA SER A 61 -13.88 10.18 -3.55
C SER A 61 -13.28 8.86 -4.04
N ILE A 62 -12.22 8.95 -4.83
CA ILE A 62 -11.57 7.75 -5.37
C ILE A 62 -10.37 8.13 -6.23
N LYS A 63 -9.35 8.71 -5.59
CA LYS A 63 -8.15 9.12 -6.29
C LYS A 63 -6.96 9.24 -5.33
N LYS A 64 -6.30 8.11 -5.08
CA LYS A 64 -5.16 8.09 -4.18
C LYS A 64 -4.04 7.24 -4.76
N VAL A 65 -2.83 7.79 -4.78
CA VAL A 65 -1.69 7.07 -5.33
C VAL A 65 -0.46 7.18 -4.43
N TRP A 66 0.24 6.06 -4.28
CA TRP A 66 1.46 6.02 -3.46
C TRP A 66 2.71 6.07 -4.32
N THR A 67 3.71 6.80 -3.86
CA THR A 67 4.96 6.90 -4.61
C THR A 67 6.17 6.54 -3.75
N PHE A 68 6.97 5.63 -4.28
CA PHE A 68 8.18 5.20 -3.63
C PHE A 68 9.36 5.88 -4.28
N GLY A 69 10.11 6.67 -3.53
CA GLY A 69 11.25 7.34 -4.12
C GLY A 69 11.69 8.54 -3.32
N ARG A 70 12.40 9.47 -3.95
CA ARG A 70 12.85 10.62 -3.23
C ARG A 70 11.68 11.57 -3.04
N ASN A 71 11.05 11.37 -1.91
CA ASN A 71 9.92 12.16 -1.47
C ASN A 71 9.93 12.21 0.04
N PRO A 72 9.34 13.22 0.65
CA PRO A 72 9.27 13.30 2.10
C PRO A 72 8.63 12.06 2.69
N ALA A 73 8.06 11.25 1.81
CA ALA A 73 7.41 9.99 2.15
C ALA A 73 6.13 9.87 1.41
N CYS A 74 6.20 10.05 0.11
CA CYS A 74 5.01 9.95 -0.70
C CYS A 74 4.39 8.62 -0.35
N ASP A 75 5.07 7.57 -0.77
CA ASP A 75 4.72 6.25 -0.33
C ASP A 75 5.62 5.96 0.86
N TYR A 76 6.91 6.25 0.61
CA TYR A 76 7.99 6.08 1.58
C TYR A 76 9.05 7.19 1.44
N HIS A 77 9.62 7.66 2.55
CA HIS A 77 10.67 8.66 2.48
C HIS A 77 12.05 7.97 2.50
N LEU A 78 12.73 7.95 1.35
CA LEU A 78 14.03 7.31 1.27
C LEU A 78 15.12 8.29 0.81
N GLY A 79 16.37 7.84 0.84
CA GLY A 79 17.48 8.68 0.43
C GLY A 79 17.35 9.18 -1.00
N ASN A 80 18.39 9.83 -1.51
CA ASN A 80 18.36 10.34 -2.87
C ASN A 80 19.32 9.61 -3.79
N ILE A 81 18.79 8.65 -4.56
CA ILE A 81 19.58 7.88 -5.50
C ILE A 81 19.13 8.18 -6.93
N SER A 82 19.99 8.81 -7.71
CA SER A 82 19.67 9.16 -9.09
C SER A 82 19.20 7.96 -9.92
N ARG A 83 19.59 6.76 -9.52
CA ARG A 83 19.21 5.55 -10.27
C ARG A 83 17.94 4.90 -9.73
N LEU A 84 18.07 3.80 -8.98
CA LEU A 84 16.94 3.10 -8.43
C LEU A 84 16.87 3.30 -6.92
N SER A 85 15.86 4.04 -6.53
CA SER A 85 15.60 4.36 -5.12
C SER A 85 14.70 5.57 -5.04
N ASN A 86 15.04 6.62 -5.81
CA ASN A 86 14.22 7.83 -5.84
C ASN A 86 12.86 7.47 -6.42
N LYS A 87 12.16 8.43 -7.02
CA LYS A 87 10.85 8.15 -7.62
C LYS A 87 10.98 6.91 -8.49
N HIS A 88 11.09 5.76 -7.85
CA HIS A 88 11.29 4.52 -8.57
C HIS A 88 10.01 3.73 -8.83
N PHE A 89 8.95 4.02 -8.11
CA PHE A 89 7.71 3.30 -8.39
C PHE A 89 6.55 3.85 -7.60
N GLN A 90 5.37 3.66 -8.17
CA GLN A 90 4.15 4.19 -7.56
C GLN A 90 3.00 3.18 -7.53
N ILE A 91 2.05 3.44 -6.63
CA ILE A 91 0.88 2.59 -6.47
C ILE A 91 -0.39 3.43 -6.62
N LEU A 92 -1.34 2.96 -7.43
CA LEU A 92 -2.59 3.68 -7.63
C LEU A 92 -3.77 3.00 -6.94
N LEU A 93 -4.70 3.82 -6.45
CA LEU A 93 -5.89 3.31 -5.77
C LEU A 93 -7.15 3.88 -6.40
N GLY A 94 -8.09 3.00 -6.75
CA GLY A 94 -9.33 3.44 -7.36
C GLY A 94 -10.00 2.34 -8.15
N GLU A 95 -10.68 2.72 -9.23
CA GLU A 95 -11.39 1.75 -10.07
C GLU A 95 -12.49 1.05 -9.28
N ASP A 96 -13.56 1.78 -8.99
CA ASP A 96 -14.69 1.23 -8.25
C ASP A 96 -14.28 0.82 -6.84
N GLY A 97 -13.66 -0.35 -6.73
CA GLY A 97 -13.22 -0.84 -5.43
C GLY A 97 -12.00 -1.73 -5.52
N ASN A 98 -11.16 -1.48 -6.52
CA ASN A 98 -9.95 -2.26 -6.72
C ASN A 98 -8.71 -1.40 -6.53
N LEU A 99 -7.54 -1.95 -6.86
CA LEU A 99 -6.29 -1.22 -6.73
C LEU A 99 -5.47 -1.31 -8.01
N LEU A 100 -4.57 -0.36 -8.21
CA LEU A 100 -3.73 -0.32 -9.38
C LEU A 100 -2.27 -0.05 -9.00
N LEU A 101 -1.33 -0.56 -9.77
CA LEU A 101 0.08 -0.36 -9.47
C LEU A 101 0.74 0.45 -10.58
N ASN A 102 1.44 1.53 -10.22
CA ASN A 102 2.09 2.34 -11.25
C ASN A 102 3.58 2.17 -11.15
N ASP A 103 4.18 1.53 -12.14
CA ASP A 103 5.61 1.33 -12.11
C ASP A 103 6.29 2.54 -12.68
N ILE A 104 7.02 3.26 -11.83
CA ILE A 104 7.76 4.41 -12.27
C ILE A 104 9.21 4.21 -11.90
N SER A 105 10.00 3.95 -12.90
CA SER A 105 11.44 3.73 -12.74
C SER A 105 12.19 4.52 -13.80
N THR A 106 13.49 4.69 -13.63
CA THR A 106 14.24 5.45 -14.61
C THR A 106 14.35 4.70 -15.94
N ASN A 107 15.01 3.54 -15.95
CA ASN A 107 15.13 2.79 -17.19
C ASN A 107 14.35 1.46 -17.24
N GLY A 108 14.20 0.77 -16.10
CA GLY A 108 13.51 -0.51 -16.13
C GLY A 108 12.68 -0.88 -14.92
N THR A 109 11.41 -1.24 -15.15
CA THR A 109 10.55 -1.75 -14.07
C THR A 109 10.06 -3.15 -14.43
N TRP A 110 10.04 -4.06 -13.48
CA TRP A 110 9.62 -5.44 -13.75
C TRP A 110 8.46 -5.90 -12.89
N LEU A 111 7.65 -6.78 -13.47
CA LEU A 111 6.53 -7.37 -12.77
C LEU A 111 6.68 -8.89 -12.81
N ASN A 112 6.91 -9.48 -11.65
CA ASN A 112 7.09 -10.93 -11.53
C ASN A 112 7.99 -11.49 -12.65
N GLY A 113 9.11 -10.81 -12.92
CA GLY A 113 10.02 -11.27 -13.93
C GLY A 113 9.57 -10.92 -15.34
N GLN A 114 8.79 -9.84 -15.44
CA GLN A 114 8.30 -9.40 -16.73
C GLN A 114 8.37 -7.88 -16.85
N LYS A 115 9.43 -7.40 -17.46
CA LYS A 115 9.65 -5.97 -17.66
C LYS A 115 8.36 -5.28 -18.11
N VAL A 116 7.99 -4.21 -17.42
CA VAL A 116 6.78 -3.47 -17.75
C VAL A 116 7.08 -2.05 -18.22
N GLU A 117 6.03 -1.29 -18.51
CA GLU A 117 6.15 0.08 -18.98
C GLU A 117 6.11 1.07 -17.81
N LYS A 118 6.92 2.11 -17.89
CA LYS A 118 6.96 3.13 -16.84
C LYS A 118 5.62 3.83 -16.74
N ASN A 119 5.40 4.50 -15.61
CA ASN A 119 4.16 5.23 -15.37
C ASN A 119 2.96 4.51 -15.99
N SER A 120 2.99 3.18 -15.90
CA SER A 120 1.93 2.35 -16.46
C SER A 120 1.12 1.68 -15.35
N ASN A 121 -0.11 2.17 -15.14
CA ASN A 121 -0.99 1.61 -14.11
C ASN A 121 -1.16 0.11 -14.31
N GLN A 122 -1.24 -0.63 -13.21
CA GLN A 122 -1.39 -2.08 -13.29
C GLN A 122 -2.55 -2.57 -12.43
N LEU A 123 -3.21 -3.62 -12.90
CA LEU A 123 -4.32 -4.22 -12.17
C LEU A 123 -3.78 -4.99 -10.97
N LEU A 124 -4.22 -4.62 -9.77
CA LEU A 124 -3.75 -5.27 -8.57
C LEU A 124 -3.79 -6.78 -8.68
N SER A 125 -2.79 -7.39 -8.09
CA SER A 125 -2.64 -8.84 -8.07
C SER A 125 -2.43 -9.32 -6.64
N GLN A 126 -2.83 -10.55 -6.34
CA GLN A 126 -2.66 -11.09 -5.01
C GLN A 126 -1.19 -11.38 -4.74
N GLY A 127 -0.61 -10.63 -3.80
CA GLY A 127 0.79 -10.81 -3.47
C GLY A 127 1.71 -10.46 -4.63
N ASP A 128 1.28 -9.49 -5.45
CA ASP A 128 2.07 -9.06 -6.60
C ASP A 128 3.45 -8.58 -6.17
N GLU A 129 4.38 -8.57 -7.12
CA GLU A 129 5.74 -8.12 -6.84
C GLU A 129 6.36 -7.42 -8.06
N ILE A 130 7.02 -6.29 -7.82
CA ILE A 130 7.68 -5.55 -8.89
C ILE A 130 9.20 -5.62 -8.72
N THR A 131 9.89 -6.00 -9.77
CA THR A 131 11.34 -6.10 -9.75
C THR A 131 11.98 -4.91 -10.45
N VAL A 132 13.13 -4.48 -9.94
CA VAL A 132 13.81 -3.33 -10.52
C VAL A 132 15.33 -3.50 -10.54
N GLY A 133 15.99 -2.75 -11.42
CA GLY A 133 17.43 -2.81 -11.54
C GLY A 133 17.91 -4.13 -12.10
N VAL A 134 17.21 -4.63 -13.10
CA VAL A 134 17.55 -5.89 -13.72
C VAL A 134 18.74 -5.76 -14.66
N GLY A 135 19.42 -6.88 -14.88
CA GLY A 135 20.59 -6.93 -15.72
C GLY A 135 21.64 -7.81 -15.11
N VAL A 136 21.80 -7.67 -13.79
CA VAL A 136 22.74 -8.45 -13.03
C VAL A 136 22.03 -9.10 -11.84
N GLU A 137 22.11 -10.42 -11.75
CA GLU A 137 21.44 -11.15 -10.67
C GLU A 137 21.79 -10.55 -9.31
N SER A 138 22.96 -9.91 -9.22
CA SER A 138 23.41 -9.31 -7.97
C SER A 138 23.03 -7.84 -7.88
N ASP A 139 22.26 -7.32 -8.84
CA ASP A 139 21.89 -5.91 -8.82
C ASP A 139 20.40 -5.70 -9.03
N ILE A 140 19.62 -6.71 -8.71
CA ILE A 140 18.18 -6.65 -8.84
C ILE A 140 17.52 -6.35 -7.51
N LEU A 141 16.48 -5.53 -7.58
CA LEU A 141 15.72 -5.13 -6.39
C LEU A 141 14.26 -5.56 -6.56
N SER A 142 13.68 -6.13 -5.51
CA SER A 142 12.31 -6.60 -5.58
C SER A 142 11.38 -5.82 -4.65
N LEU A 143 10.12 -5.77 -5.05
CA LEU A 143 9.09 -5.09 -4.28
C LEU A 143 7.83 -5.96 -4.26
N VAL A 144 7.28 -6.19 -3.08
CA VAL A 144 6.09 -7.04 -2.96
C VAL A 144 4.95 -6.31 -2.26
N ILE A 145 3.73 -6.54 -2.75
CA ILE A 145 2.55 -5.92 -2.18
C ILE A 145 1.66 -6.96 -1.50
N PHE A 146 1.09 -6.60 -0.36
CA PHE A 146 0.22 -7.49 0.39
C PHE A 146 -1.17 -6.89 0.53
N ILE A 147 -2.13 -7.48 -0.19
CA ILE A 147 -3.50 -7.00 -0.15
C ILE A 147 -4.37 -7.87 0.75
N ASN A 148 -5.08 -7.24 1.67
CA ASN A 148 -5.95 -7.95 2.59
C ASN A 148 -7.27 -8.34 1.92
N ASP A 149 -7.67 -9.60 2.08
CA ASP A 149 -8.90 -10.09 1.48
C ASP A 149 -10.11 -9.36 2.06
N LYS A 150 -9.95 -8.79 3.25
CA LYS A 150 -11.03 -8.07 3.91
C LYS A 150 -11.55 -6.94 3.03
N PHE A 151 -10.62 -6.20 2.45
CA PHE A 151 -10.96 -5.08 1.58
C PHE A 151 -11.80 -5.55 0.40
N LYS A 152 -11.40 -6.67 -0.20
CA LYS A 152 -12.12 -7.23 -1.33
C LYS A 152 -13.52 -7.67 -0.92
N GLN A 153 -13.64 -8.20 0.29
CA GLN A 153 -14.92 -8.66 0.81
C GLN A 153 -15.91 -7.50 0.92
N CYS A 154 -15.40 -6.33 1.31
CA CYS A 154 -16.23 -5.14 1.45
C CYS A 154 -16.87 -4.77 0.13
N LEU A 155 -16.08 -4.81 -0.94
CA LEU A 155 -16.57 -4.46 -2.27
C LEU A 155 -17.76 -5.34 -2.66
N GLU A 156 -17.69 -6.62 -2.29
CA GLU A 156 -18.76 -7.56 -2.59
C GLU A 156 -20.08 -7.11 -1.97
N GLN A 157 -20.01 -6.62 -0.74
CA GLN A 157 -21.19 -6.15 -0.03
C GLN A 157 -21.69 -4.83 -0.61
N ASN A 158 -20.77 -4.05 -1.19
CA ASN A 158 -21.12 -2.77 -1.78
C ASN A 158 -20.73 -2.72 -3.25
N LYS A 159 -21.03 -3.79 -3.96
CA LYS A 159 -20.70 -3.87 -5.40
C LYS A 159 -21.81 -3.25 -6.23
N VAL A 160 -21.44 -2.24 -7.01
CA VAL A 160 -22.39 -1.55 -7.87
C VAL A 160 -22.41 -2.15 -9.27
N ASP A 161 -23.61 -2.47 -9.76
CA ASP A 161 -23.76 -3.05 -11.08
C ASP A 161 -24.72 -2.23 -11.94
N ARG A 162 -24.18 -1.21 -12.61
CA ARG A 162 -24.99 -0.34 -13.46
C ARG A 162 -25.69 -1.15 -14.55
N ILE A 163 -26.77 -0.60 -15.09
CA ILE A 163 -27.52 -1.28 -16.14
C ILE A 163 -26.83 -1.11 -17.49
N ARG A 164 -26.61 -2.24 -18.17
CA ARG A 164 -25.97 -2.22 -19.48
C ARG A 164 -26.98 -1.96 -20.59
N GLY A 1 -11.34 -40.49 22.62
CA GLY A 1 -10.41 -39.56 23.22
C GLY A 1 -10.66 -38.13 22.80
N GLU A 2 -10.97 -37.27 23.78
CA GLU A 2 -11.23 -35.87 23.50
C GLU A 2 -10.02 -35.01 23.83
N ASN A 3 -10.23 -33.70 23.91
CA ASN A 3 -9.14 -32.77 24.21
C ASN A 3 -8.17 -32.66 23.03
N ILE A 4 -8.65 -32.09 21.93
CA ILE A 4 -7.82 -31.93 20.74
C ILE A 4 -7.19 -30.54 20.70
N THR A 5 -5.86 -30.50 20.78
CA THR A 5 -5.13 -29.23 20.75
C THR A 5 -5.35 -28.45 22.04
N GLN A 6 -6.59 -28.00 22.27
CA GLN A 6 -6.93 -27.25 23.47
C GLN A 6 -5.93 -26.12 23.72
N PRO A 7 -6.09 -24.99 23.01
CA PRO A 7 -5.19 -23.83 23.17
C PRO A 7 -5.09 -23.38 24.61
N THR A 8 -3.86 -23.37 25.14
CA THR A 8 -3.64 -22.94 26.52
C THR A 8 -3.15 -21.51 26.57
N GLN A 9 -3.45 -20.83 27.67
CA GLN A 9 -3.04 -19.44 27.85
C GLN A 9 -1.81 -19.34 28.75
N GLN A 10 -0.67 -19.79 28.22
CA GLN A 10 0.59 -19.76 28.96
C GLN A 10 1.69 -19.12 28.13
N SER A 11 1.31 -18.16 27.29
CA SER A 11 2.26 -17.46 26.45
C SER A 11 1.95 -15.97 26.38
N THR A 12 0.79 -15.64 25.81
CA THR A 12 0.37 -14.25 25.68
C THR A 12 -0.08 -13.69 27.02
N GLN A 13 0.88 -13.35 27.87
CA GLN A 13 0.58 -12.80 29.20
C GLN A 13 0.77 -11.29 29.21
N ALA A 14 0.39 -10.64 28.12
CA ALA A 14 0.53 -9.19 28.00
C ALA A 14 -0.81 -8.54 27.66
N THR A 15 -1.34 -7.76 28.60
CA THR A 15 -2.62 -7.09 28.40
C THR A 15 -2.49 -5.58 28.61
N GLN A 16 -1.85 -5.20 29.71
CA GLN A 16 -1.66 -3.79 30.04
C GLN A 16 -0.87 -3.07 28.94
N ARG A 17 0.17 -3.74 28.44
CA ARG A 17 1.00 -3.17 27.39
C ARG A 17 0.25 -3.13 26.06
N PHE A 18 -0.51 -4.18 25.79
CA PHE A 18 -1.28 -4.27 24.55
C PHE A 18 -2.25 -3.10 24.43
N LEU A 19 -2.88 -2.74 25.55
CA LEU A 19 -3.84 -1.64 25.56
C LEU A 19 -3.17 -0.33 25.14
N ILE A 20 -1.96 -0.11 25.62
CA ILE A 20 -1.22 1.11 25.29
C ILE A 20 -0.89 1.17 23.80
N GLU A 21 -0.52 0.03 23.24
CA GLU A 21 -0.17 -0.05 21.82
C GLU A 21 -1.34 0.43 20.96
N LYS A 22 -2.54 -0.06 21.26
CA LYS A 22 -3.73 0.32 20.50
C LYS A 22 -4.06 1.79 20.72
N PHE A 23 -3.83 2.28 21.93
CA PHE A 23 -4.10 3.67 22.28
C PHE A 23 -3.20 4.62 21.49
N SER A 24 -1.91 4.31 21.48
CA SER A 24 -0.93 5.14 20.77
C SER A 24 -1.10 5.00 19.25
N GLN A 25 -1.30 3.77 18.80
CA GLN A 25 -1.47 3.52 17.37
C GLN A 25 -2.50 2.42 17.14
N GLU A 26 -3.37 2.63 16.15
CA GLU A 26 -4.41 1.66 15.82
C GLU A 26 -3.95 0.76 14.68
N GLN A 27 -4.57 -0.42 14.57
CA GLN A 27 -4.22 -1.37 13.52
C GLN A 27 -5.31 -1.40 12.45
N ILE A 28 -5.05 -0.74 11.32
CA ILE A 28 -5.99 -0.70 10.22
C ILE A 28 -5.75 -1.83 9.24
N GLY A 29 -6.85 -2.40 8.77
CA GLY A 29 -6.76 -3.49 7.83
C GLY A 29 -7.96 -3.55 6.90
N GLU A 30 -9.14 -3.36 7.46
CA GLU A 30 -10.38 -3.40 6.68
C GLU A 30 -10.52 -2.17 5.80
N ASN A 31 -9.84 -1.08 6.18
CA ASN A 31 -9.87 0.15 5.40
C ASN A 31 -8.53 0.34 4.72
N ILE A 32 -7.58 -0.45 5.17
CA ILE A 32 -6.23 -0.42 4.69
C ILE A 32 -6.16 -0.98 3.27
N VAL A 33 -6.17 -0.06 2.31
CA VAL A 33 -6.13 -0.38 0.88
C VAL A 33 -5.19 -1.53 0.57
N CYS A 34 -3.90 -1.37 0.86
CA CYS A 34 -2.92 -2.41 0.57
C CYS A 34 -1.62 -2.20 1.36
N ARG A 35 -0.80 -3.24 1.44
CA ARG A 35 0.47 -3.17 2.17
C ARG A 35 1.61 -3.69 1.29
N VAL A 36 2.54 -2.80 0.95
CA VAL A 36 3.68 -3.17 0.12
C VAL A 36 4.84 -3.65 0.99
N ILE A 37 5.37 -4.80 0.63
CA ILE A 37 6.48 -5.38 1.39
C ILE A 37 7.74 -5.53 0.54
N CYS A 38 8.73 -4.70 0.82
CA CYS A 38 10.00 -4.76 0.11
C CYS A 38 10.99 -5.55 0.96
N THR A 39 11.18 -6.82 0.64
CA THR A 39 12.07 -7.68 1.40
C THR A 39 13.38 -7.98 0.66
N THR A 40 13.79 -7.07 -0.21
CA THR A 40 15.02 -7.26 -0.97
C THR A 40 16.11 -6.29 -0.50
N GLY A 41 15.77 -5.42 0.43
CA GLY A 41 16.73 -4.47 0.95
C GLY A 41 16.64 -3.12 0.25
N GLN A 42 15.47 -2.49 0.35
CA GLN A 42 15.26 -1.19 -0.29
C GLN A 42 14.42 -0.27 0.60
N ILE A 43 13.20 -0.71 0.89
CA ILE A 43 12.31 0.09 1.72
C ILE A 43 11.61 -0.78 2.77
N PRO A 44 11.59 -0.33 4.03
CA PRO A 44 10.94 -1.07 5.11
C PRO A 44 9.45 -1.24 4.83
N ILE A 45 8.88 -2.36 5.27
CA ILE A 45 7.47 -2.64 5.04
C ILE A 45 6.58 -1.47 5.46
N ARG A 46 5.81 -0.96 4.52
CA ARG A 46 4.90 0.15 4.78
C ARG A 46 3.48 -0.24 4.39
N ASP A 47 2.51 0.20 5.18
CA ASP A 47 1.12 -0.12 4.91
C ASP A 47 0.40 1.03 4.22
N LEU A 48 -0.11 0.76 3.02
CA LEU A 48 -0.85 1.77 2.25
C LEU A 48 -2.32 1.67 2.62
N SER A 49 -2.97 2.80 2.82
CA SER A 49 -4.38 2.77 3.20
C SER A 49 -5.22 3.80 2.47
N ALA A 50 -6.52 3.56 2.51
CA ALA A 50 -7.48 4.45 1.87
C ALA A 50 -8.82 4.45 2.62
N ASP A 51 -9.55 5.55 2.53
CA ASP A 51 -10.84 5.68 3.19
C ASP A 51 -11.94 4.98 2.40
N ILE A 52 -12.45 3.88 2.95
CA ILE A 52 -13.51 3.11 2.30
C ILE A 52 -14.80 3.91 2.17
N SER A 53 -15.07 4.75 3.16
CA SER A 53 -16.28 5.57 3.18
C SER A 53 -16.36 6.44 1.92
N GLN A 54 -15.20 6.87 1.45
CA GLN A 54 -15.14 7.71 0.26
C GLN A 54 -15.59 6.94 -0.98
N VAL A 55 -15.24 5.65 -1.03
CA VAL A 55 -15.61 4.80 -2.15
C VAL A 55 -17.10 4.49 -2.14
N LEU A 56 -17.66 4.30 -0.95
CA LEU A 56 -19.08 4.00 -0.80
C LEU A 56 -19.93 5.12 -1.40
N LYS A 57 -19.48 6.35 -1.22
CA LYS A 57 -20.20 7.50 -1.73
C LYS A 57 -19.73 7.87 -3.13
N GLU A 58 -18.42 8.10 -3.27
CA GLU A 58 -17.83 8.44 -4.54
C GLU A 58 -18.48 9.70 -5.13
N LYS A 59 -18.17 10.85 -4.53
CA LYS A 59 -18.73 12.12 -4.99
C LYS A 59 -17.71 13.25 -4.84
N ARG A 60 -16.43 12.89 -4.72
CA ARG A 60 -15.36 13.88 -4.57
C ARG A 60 -14.02 13.20 -4.32
N SER A 61 -13.98 12.37 -3.28
CA SER A 61 -12.75 11.66 -2.93
C SER A 61 -12.77 10.24 -3.48
N ILE A 62 -11.82 9.95 -4.36
CA ILE A 62 -11.74 8.62 -4.96
C ILE A 62 -10.55 8.52 -5.91
N LYS A 63 -9.40 9.00 -5.44
CA LYS A 63 -8.17 8.96 -6.24
C LYS A 63 -6.93 9.13 -5.36
N LYS A 64 -6.42 8.02 -4.86
CA LYS A 64 -5.24 8.03 -4.01
C LYS A 64 -4.12 7.21 -4.67
N VAL A 65 -2.90 7.75 -4.63
CA VAL A 65 -1.77 7.07 -5.25
C VAL A 65 -0.54 7.12 -4.36
N TRP A 66 0.13 5.98 -4.24
CA TRP A 66 1.35 5.88 -3.44
C TRP A 66 2.61 5.96 -4.31
N THR A 67 3.63 6.65 -3.83
CA THR A 67 4.88 6.78 -4.58
C THR A 67 6.09 6.47 -3.73
N PHE A 68 6.91 5.56 -4.23
CA PHE A 68 8.14 5.18 -3.56
C PHE A 68 9.30 5.93 -4.19
N GLY A 69 9.99 6.76 -3.40
CA GLY A 69 11.11 7.48 -3.97
C GLY A 69 11.49 8.68 -3.15
N ARG A 70 12.19 9.64 -3.76
CA ARG A 70 12.59 10.82 -3.03
C ARG A 70 11.39 11.72 -2.87
N ASN A 71 10.73 11.50 -1.78
CA ASN A 71 9.53 12.23 -1.38
C ASN A 71 9.48 12.26 0.13
N PRO A 72 8.73 13.18 0.74
CA PRO A 72 8.64 13.22 2.19
C PRO A 72 8.01 11.97 2.74
N ALA A 73 7.51 11.15 1.83
CA ALA A 73 6.89 9.87 2.14
C ALA A 73 5.64 9.71 1.35
N CYS A 74 5.75 9.90 0.06
CA CYS A 74 4.59 9.75 -0.79
C CYS A 74 4.02 8.40 -0.48
N ASP A 75 4.75 7.38 -0.88
CA ASP A 75 4.45 6.03 -0.45
C ASP A 75 5.32 5.79 0.77
N TYR A 76 6.60 6.14 0.57
CA TYR A 76 7.64 5.99 1.58
C TYR A 76 8.67 7.12 1.53
N HIS A 77 9.15 7.58 2.67
CA HIS A 77 10.20 8.60 2.69
C HIS A 77 11.56 7.93 2.83
N LEU A 78 12.34 7.90 1.75
CA LEU A 78 13.65 7.26 1.78
C LEU A 78 14.71 8.13 1.09
N GLY A 79 15.92 7.60 1.00
CA GLY A 79 17.02 8.32 0.37
C GLY A 79 16.75 8.64 -1.08
N ASN A 80 17.50 9.58 -1.63
CA ASN A 80 17.34 9.98 -3.02
C ASN A 80 18.53 9.56 -3.88
N ILE A 81 18.37 8.46 -4.62
CA ILE A 81 19.41 7.97 -5.51
C ILE A 81 18.96 8.12 -6.95
N SER A 82 19.72 8.88 -7.73
CA SER A 82 19.34 9.12 -9.13
C SER A 82 19.04 7.83 -9.88
N ARG A 83 19.59 6.71 -9.42
CA ARG A 83 19.35 5.43 -10.08
C ARG A 83 18.03 4.80 -9.61
N LEU A 84 18.11 3.75 -8.78
CA LEU A 84 16.93 3.09 -8.26
C LEU A 84 16.80 3.37 -6.78
N SER A 85 15.77 4.10 -6.44
CA SER A 85 15.50 4.47 -5.06
C SER A 85 14.45 5.58 -5.01
N ASN A 86 14.80 6.75 -5.52
CA ASN A 86 13.85 7.87 -5.54
C ASN A 86 12.63 7.46 -6.35
N LYS A 87 11.79 8.44 -6.71
CA LYS A 87 10.58 8.17 -7.50
C LYS A 87 10.80 6.94 -8.37
N HIS A 88 10.88 5.79 -7.72
CA HIS A 88 11.17 4.55 -8.40
C HIS A 88 9.92 3.73 -8.70
N PHE A 89 8.84 4.02 -8.03
CA PHE A 89 7.60 3.29 -8.33
C PHE A 89 6.41 3.86 -7.59
N GLN A 90 5.26 3.65 -8.19
CA GLN A 90 4.02 4.19 -7.63
C GLN A 90 2.86 3.19 -7.63
N ILE A 91 1.90 3.44 -6.75
CA ILE A 91 0.71 2.63 -6.64
C ILE A 91 -0.54 3.50 -6.78
N LEU A 92 -1.49 3.09 -7.63
CA LEU A 92 -2.70 3.86 -7.83
C LEU A 92 -3.94 3.20 -7.23
N LEU A 93 -4.82 4.01 -6.65
CA LEU A 93 -6.05 3.51 -6.05
C LEU A 93 -7.25 4.25 -6.64
N GLY A 94 -8.34 3.50 -6.85
CA GLY A 94 -9.55 4.10 -7.40
C GLY A 94 -10.06 3.35 -8.61
N GLU A 95 -10.45 4.10 -9.65
CA GLU A 95 -10.96 3.50 -10.88
C GLU A 95 -12.19 2.64 -10.58
N ASP A 96 -13.34 3.30 -10.45
CA ASP A 96 -14.59 2.60 -10.16
C ASP A 96 -14.57 1.98 -8.77
N GLY A 97 -13.81 0.91 -8.63
CA GLY A 97 -13.71 0.23 -7.34
C GLY A 97 -12.66 -0.86 -7.34
N ASN A 98 -11.44 -0.50 -7.71
CA ASN A 98 -10.33 -1.46 -7.74
C ASN A 98 -9.01 -0.77 -7.43
N LEU A 99 -7.92 -1.54 -7.54
CA LEU A 99 -6.59 -1.00 -7.28
C LEU A 99 -5.71 -1.11 -8.51
N LEU A 100 -4.79 -0.16 -8.66
CA LEU A 100 -3.89 -0.14 -9.80
C LEU A 100 -2.46 0.11 -9.34
N LEU A 101 -1.48 -0.45 -10.05
CA LEU A 101 -0.08 -0.26 -9.68
C LEU A 101 0.63 0.52 -10.77
N ASN A 102 1.38 1.55 -10.40
CA ASN A 102 2.10 2.33 -11.40
C ASN A 102 3.58 2.16 -11.23
N ASP A 103 4.21 1.48 -12.19
CA ASP A 103 5.64 1.28 -12.09
C ASP A 103 6.35 2.49 -12.65
N ILE A 104 7.03 3.21 -11.77
CA ILE A 104 7.80 4.35 -12.20
C ILE A 104 9.23 4.18 -11.75
N SER A 105 10.07 3.90 -12.70
CA SER A 105 11.49 3.71 -12.45
C SER A 105 12.30 4.56 -13.41
N THR A 106 13.60 4.67 -13.20
CA THR A 106 14.39 5.50 -14.08
C THR A 106 14.50 4.86 -15.47
N ASN A 107 15.13 3.68 -15.56
CA ASN A 107 15.24 3.04 -16.86
C ASN A 107 14.41 1.74 -17.01
N GLY A 108 14.26 0.97 -15.92
CA GLY A 108 13.53 -0.28 -16.03
C GLY A 108 12.71 -0.71 -14.81
N THR A 109 11.44 -1.06 -15.04
CA THR A 109 10.59 -1.61 -13.97
C THR A 109 10.11 -3.00 -14.38
N TRP A 110 10.10 -3.95 -13.46
CA TRP A 110 9.67 -5.31 -13.78
C TRP A 110 8.49 -5.78 -12.95
N LEU A 111 7.69 -6.64 -13.58
CA LEU A 111 6.55 -7.23 -12.92
C LEU A 111 6.70 -8.75 -12.96
N ASN A 112 6.91 -9.34 -11.77
CA ASN A 112 7.08 -10.79 -11.66
C ASN A 112 8.02 -11.35 -12.72
N GLY A 113 9.14 -10.67 -12.94
CA GLY A 113 10.10 -11.14 -13.92
C GLY A 113 9.72 -10.79 -15.34
N GLN A 114 8.86 -9.78 -15.49
CA GLN A 114 8.41 -9.35 -16.80
C GLN A 114 8.48 -7.84 -16.92
N LYS A 115 9.56 -7.36 -17.54
CA LYS A 115 9.77 -5.93 -17.74
C LYS A 115 8.48 -5.25 -18.18
N VAL A 116 8.07 -4.24 -17.41
CA VAL A 116 6.84 -3.51 -17.70
C VAL A 116 7.12 -2.06 -18.08
N GLU A 117 6.15 -1.43 -18.74
CA GLU A 117 6.28 -0.04 -19.16
C GLU A 117 6.23 0.91 -17.97
N LYS A 118 7.04 1.95 -18.01
CA LYS A 118 7.07 2.93 -16.93
C LYS A 118 5.73 3.67 -16.86
N ASN A 119 5.49 4.35 -15.75
CA ASN A 119 4.25 5.10 -15.54
C ASN A 119 3.07 4.37 -16.18
N SER A 120 3.09 3.06 -16.06
CA SER A 120 2.03 2.21 -16.63
C SER A 120 1.18 1.58 -15.52
N ASN A 121 -0.05 2.05 -15.39
CA ASN A 121 -0.96 1.52 -14.37
C ASN A 121 -1.18 0.03 -14.56
N GLN A 122 -1.24 -0.71 -13.45
CA GLN A 122 -1.43 -2.15 -13.51
C GLN A 122 -2.55 -2.61 -12.61
N LEU A 123 -3.27 -3.63 -13.06
CA LEU A 123 -4.37 -4.20 -12.27
C LEU A 123 -3.80 -4.98 -11.11
N LEU A 124 -4.11 -4.55 -9.89
CA LEU A 124 -3.60 -5.21 -8.70
C LEU A 124 -3.71 -6.72 -8.78
N SER A 125 -2.71 -7.36 -8.22
CA SER A 125 -2.62 -8.82 -8.18
C SER A 125 -2.41 -9.31 -6.76
N GLN A 126 -2.85 -10.52 -6.47
CA GLN A 126 -2.69 -11.07 -5.13
C GLN A 126 -1.21 -11.42 -4.88
N GLY A 127 -0.60 -10.70 -3.96
CA GLY A 127 0.79 -10.93 -3.65
C GLY A 127 1.70 -10.55 -4.80
N ASP A 128 1.27 -9.58 -5.60
CA ASP A 128 2.04 -9.12 -6.75
C ASP A 128 3.45 -8.71 -6.33
N GLU A 129 4.35 -8.65 -7.31
CA GLU A 129 5.73 -8.28 -7.05
C GLU A 129 6.35 -7.51 -8.22
N ILE A 130 7.05 -6.43 -7.91
CA ILE A 130 7.70 -5.61 -8.94
C ILE A 130 9.21 -5.68 -8.77
N THR A 131 9.91 -5.99 -9.85
CA THR A 131 11.36 -6.10 -9.82
C THR A 131 12.00 -4.87 -10.45
N VAL A 132 13.14 -4.45 -9.88
CA VAL A 132 13.84 -3.27 -10.38
C VAL A 132 15.35 -3.45 -10.36
N GLY A 133 16.04 -2.71 -11.22
CA GLY A 133 17.48 -2.78 -11.29
C GLY A 133 17.97 -4.07 -11.90
N VAL A 134 17.26 -4.53 -12.92
CA VAL A 134 17.61 -5.76 -13.60
C VAL A 134 18.85 -5.61 -14.47
N GLY A 135 19.50 -6.74 -14.72
CA GLY A 135 20.70 -6.77 -15.51
C GLY A 135 21.57 -7.94 -15.12
N VAL A 136 21.74 -8.11 -13.81
CA VAL A 136 22.52 -9.19 -13.26
C VAL A 136 21.69 -9.96 -12.23
N GLU A 137 21.74 -11.27 -12.28
CA GLU A 137 20.97 -12.10 -11.35
C GLU A 137 21.21 -11.68 -9.90
N SER A 138 22.43 -11.26 -9.61
CA SER A 138 22.79 -10.84 -8.28
C SER A 138 22.64 -9.32 -8.08
N ASP A 139 22.11 -8.63 -9.08
CA ASP A 139 21.94 -7.19 -9.00
C ASP A 139 20.51 -6.76 -9.25
N ILE A 140 19.58 -7.63 -8.93
CA ILE A 140 18.17 -7.36 -9.11
C ILE A 140 17.49 -7.07 -7.78
N LEU A 141 16.59 -6.12 -7.81
CA LEU A 141 15.82 -5.72 -6.62
C LEU A 141 14.35 -6.06 -6.82
N SER A 142 13.72 -6.63 -5.80
CA SER A 142 12.31 -7.00 -5.90
C SER A 142 11.46 -6.30 -4.86
N LEU A 143 10.19 -6.15 -5.22
CA LEU A 143 9.21 -5.50 -4.37
C LEU A 143 7.93 -6.33 -4.37
N VAL A 144 7.27 -6.44 -3.22
CA VAL A 144 6.05 -7.24 -3.13
C VAL A 144 4.87 -6.43 -2.60
N ILE A 145 3.70 -6.68 -3.18
CA ILE A 145 2.48 -5.99 -2.76
C ILE A 145 1.55 -6.97 -2.02
N PHE A 146 1.16 -6.57 -0.82
CA PHE A 146 0.29 -7.40 0.01
C PHE A 146 -1.10 -6.77 0.16
N ILE A 147 -2.11 -7.48 -0.31
CA ILE A 147 -3.48 -7.01 -0.23
C ILE A 147 -4.18 -7.59 1.00
N ASN A 148 -4.89 -6.73 1.73
CA ASN A 148 -5.59 -7.17 2.93
C ASN A 148 -6.83 -7.98 2.58
N ASP A 149 -6.89 -9.21 3.09
CA ASP A 149 -8.02 -10.09 2.82
C ASP A 149 -9.32 -9.48 3.33
N LYS A 150 -9.25 -8.88 4.52
CA LYS A 150 -10.42 -8.26 5.12
C LYS A 150 -10.98 -7.18 4.20
N PHE A 151 -10.09 -6.37 3.63
CA PHE A 151 -10.48 -5.31 2.73
C PHE A 151 -11.22 -5.87 1.51
N LYS A 152 -10.68 -6.94 0.96
CA LYS A 152 -11.28 -7.58 -0.21
C LYS A 152 -12.69 -8.07 0.10
N GLN A 153 -12.90 -8.50 1.34
CA GLN A 153 -14.20 -8.99 1.76
C GLN A 153 -15.26 -7.91 1.61
N CYS A 154 -14.93 -6.69 2.04
CA CYS A 154 -15.86 -5.57 1.94
C CYS A 154 -16.15 -5.24 0.48
N LEU A 155 -15.11 -5.22 -0.34
CA LEU A 155 -15.25 -4.91 -1.75
C LEU A 155 -16.00 -6.03 -2.48
N GLU A 156 -15.71 -7.27 -2.09
CA GLU A 156 -16.34 -8.43 -2.70
C GLU A 156 -17.86 -8.36 -2.55
N GLN A 157 -18.31 -7.92 -1.38
CA GLN A 157 -19.74 -7.81 -1.11
C GLN A 157 -20.25 -6.42 -1.47
N ASN A 158 -19.36 -5.43 -1.38
CA ASN A 158 -19.71 -4.04 -1.69
C ASN A 158 -21.08 -3.66 -1.12
N LYS A 159 -21.08 -3.19 0.12
CA LYS A 159 -22.31 -2.78 0.79
C LYS A 159 -22.99 -1.65 0.04
N VAL A 160 -24.30 -1.74 -0.12
CA VAL A 160 -25.07 -0.72 -0.82
C VAL A 160 -25.81 0.17 0.16
N ASP A 161 -25.57 1.48 0.07
CA ASP A 161 -26.22 2.44 0.96
C ASP A 161 -27.71 2.51 0.67
N ARG A 162 -28.52 2.60 1.73
CA ARG A 162 -29.97 2.68 1.59
C ARG A 162 -30.45 4.12 1.67
N ILE A 163 -29.80 4.90 2.54
CA ILE A 163 -30.17 6.31 2.71
C ILE A 163 -29.34 7.21 1.81
N ARG A 164 -30.02 7.95 0.94
CA ARG A 164 -29.34 8.86 0.01
C ARG A 164 -28.39 8.09 -0.90
N GLY A 1 -33.47 2.99 25.93
CA GLY A 1 -32.29 2.16 25.81
C GLY A 1 -32.01 1.35 27.05
N GLU A 2 -31.02 0.46 26.97
CA GLU A 2 -30.66 -0.39 28.10
C GLU A 2 -29.32 0.05 28.70
N ASN A 3 -28.83 -0.72 29.67
CA ASN A 3 -27.57 -0.41 30.32
C ASN A 3 -26.89 -1.69 30.81
N ILE A 4 -26.10 -2.31 29.94
CA ILE A 4 -25.40 -3.54 30.29
C ILE A 4 -24.02 -3.59 29.61
N THR A 5 -23.27 -2.49 29.73
CA THR A 5 -21.94 -2.42 29.14
C THR A 5 -20.88 -2.81 30.15
N GLN A 6 -21.08 -2.41 31.41
CA GLN A 6 -20.13 -2.71 32.47
C GLN A 6 -20.85 -2.92 33.80
N PRO A 7 -21.25 -4.18 34.08
CA PRO A 7 -21.96 -4.52 35.33
C PRO A 7 -21.23 -3.98 36.57
N THR A 8 -19.96 -4.32 36.69
CA THR A 8 -19.16 -3.87 37.83
C THR A 8 -17.72 -4.33 37.71
N GLN A 9 -16.92 -4.05 38.74
CA GLN A 9 -15.51 -4.42 38.75
C GLN A 9 -14.75 -3.74 37.61
N GLN A 10 -14.68 -4.39 36.46
CA GLN A 10 -13.98 -3.84 35.29
C GLN A 10 -12.62 -3.28 35.69
N SER A 11 -12.00 -3.90 36.69
CA SER A 11 -10.69 -3.46 37.17
C SER A 11 -9.64 -3.58 36.07
N THR A 12 -9.61 -4.72 35.39
CA THR A 12 -8.65 -4.96 34.32
C THR A 12 -7.22 -4.68 34.77
N GLN A 13 -6.66 -5.59 35.54
CA GLN A 13 -5.30 -5.44 36.06
C GLN A 13 -4.27 -5.95 35.05
N ALA A 14 -3.04 -6.16 35.50
CA ALA A 14 -1.98 -6.65 34.64
C ALA A 14 -1.62 -5.63 33.57
N THR A 15 -0.60 -5.94 32.78
CA THR A 15 -0.16 -5.05 31.70
C THR A 15 0.91 -5.72 30.84
N GLN A 16 1.88 -6.35 31.50
CA GLN A 16 2.95 -7.03 30.79
C GLN A 16 2.43 -8.21 30.00
N ARG A 17 1.60 -9.04 30.64
CA ARG A 17 1.02 -10.20 29.99
C ARG A 17 -0.02 -9.79 28.96
N PHE A 18 -0.79 -8.75 29.29
CA PHE A 18 -1.83 -8.26 28.39
C PHE A 18 -1.23 -7.78 27.07
N LEU A 19 -0.07 -7.14 27.16
CA LEU A 19 0.62 -6.63 25.98
C LEU A 19 0.95 -7.76 25.01
N ILE A 20 1.43 -8.87 25.56
CA ILE A 20 1.80 -10.02 24.74
C ILE A 20 0.58 -10.59 24.02
N GLU A 21 -0.54 -10.69 24.74
CA GLU A 21 -1.77 -11.21 24.17
C GLU A 21 -2.19 -10.41 22.94
N LYS A 22 -1.92 -9.12 22.97
CA LYS A 22 -2.27 -8.24 21.85
C LYS A 22 -1.52 -8.63 20.59
N PHE A 23 -0.31 -9.16 20.77
CA PHE A 23 0.52 -9.58 19.65
C PHE A 23 -0.19 -10.64 18.81
N SER A 24 -0.73 -11.65 19.48
CA SER A 24 -1.43 -12.73 18.81
C SER A 24 -2.57 -12.20 17.95
N GLN A 25 -3.18 -11.10 18.39
CA GLN A 25 -4.28 -10.49 17.65
C GLN A 25 -3.84 -9.15 17.04
N GLU A 26 -3.18 -9.22 15.90
CA GLU A 26 -2.71 -8.02 15.21
C GLU A 26 -3.88 -7.25 14.60
N GLN A 27 -3.73 -5.94 14.51
CA GLN A 27 -4.77 -5.09 13.95
C GLN A 27 -4.92 -5.33 12.45
N ILE A 28 -6.13 -5.68 12.04
CA ILE A 28 -6.41 -5.93 10.63
C ILE A 28 -6.67 -4.66 9.86
N GLY A 29 -6.13 -4.62 8.66
CA GLY A 29 -6.29 -3.46 7.80
C GLY A 29 -7.55 -3.51 6.96
N GLU A 30 -8.70 -3.45 7.61
CA GLU A 30 -9.98 -3.51 6.92
C GLU A 30 -10.21 -2.26 6.07
N ASN A 31 -9.52 -1.17 6.42
CA ASN A 31 -9.64 0.08 5.66
C ASN A 31 -8.35 0.33 4.91
N ILE A 32 -7.34 -0.45 5.30
CA ILE A 32 -6.04 -0.36 4.73
C ILE A 32 -6.02 -0.90 3.29
N VAL A 33 -6.12 0.04 2.34
CA VAL A 33 -6.14 -0.26 0.92
C VAL A 33 -5.21 -1.43 0.55
N CYS A 34 -3.92 -1.26 0.83
CA CYS A 34 -2.94 -2.30 0.50
C CYS A 34 -1.62 -2.09 1.25
N ARG A 35 -0.78 -3.11 1.28
CA ARG A 35 0.50 -3.03 1.96
C ARG A 35 1.64 -3.60 1.11
N VAL A 36 2.56 -2.73 0.70
CA VAL A 36 3.69 -3.15 -0.12
C VAL A 36 4.87 -3.53 0.76
N ILE A 37 5.33 -4.76 0.62
CA ILE A 37 6.45 -5.25 1.40
C ILE A 37 7.70 -5.41 0.55
N CYS A 38 8.66 -4.53 0.74
CA CYS A 38 9.93 -4.60 0.01
C CYS A 38 10.99 -5.19 0.95
N THR A 39 11.29 -6.47 0.78
CA THR A 39 12.25 -7.14 1.64
C THR A 39 13.47 -7.67 0.90
N THR A 40 13.88 -6.96 -0.15
CA THR A 40 15.04 -7.37 -0.93
C THR A 40 16.18 -6.37 -0.77
N GLY A 41 16.08 -5.54 0.25
CA GLY A 41 17.10 -4.54 0.50
C GLY A 41 16.84 -3.25 -0.25
N GLN A 42 15.58 -2.85 -0.31
CA GLN A 42 15.19 -1.63 -1.01
C GLN A 42 14.57 -0.62 -0.05
N ILE A 43 13.31 -0.85 0.33
CA ILE A 43 12.62 0.06 1.23
C ILE A 43 11.87 -0.70 2.32
N PRO A 44 11.86 -0.16 3.55
CA PRO A 44 11.15 -0.79 4.67
C PRO A 44 9.66 -0.94 4.37
N ILE A 45 9.05 -2.00 4.90
CA ILE A 45 7.62 -2.26 4.67
C ILE A 45 6.79 -0.98 4.80
N ARG A 46 5.97 -0.71 3.79
CA ARG A 46 5.11 0.46 3.78
C ARG A 46 3.66 0.04 3.62
N ASP A 47 2.79 0.56 4.47
CA ASP A 47 1.37 0.22 4.41
C ASP A 47 0.57 1.32 3.73
N LEU A 48 -0.08 0.97 2.63
CA LEU A 48 -0.92 1.90 1.89
C LEU A 48 -2.35 1.78 2.36
N SER A 49 -2.99 2.90 2.67
CA SER A 49 -4.36 2.86 3.15
C SER A 49 -5.26 3.86 2.47
N ALA A 50 -6.55 3.61 2.58
CA ALA A 50 -7.57 4.48 2.01
C ALA A 50 -8.90 4.32 2.74
N ASP A 51 -9.61 5.42 2.92
CA ASP A 51 -10.90 5.40 3.61
C ASP A 51 -11.97 4.71 2.76
N ILE A 52 -12.59 3.69 3.33
CA ILE A 52 -13.62 2.93 2.64
C ILE A 52 -14.83 3.80 2.34
N SER A 53 -15.14 4.71 3.26
CA SER A 53 -16.27 5.61 3.12
C SER A 53 -16.17 6.41 1.83
N GLN A 54 -14.94 6.74 1.44
CA GLN A 54 -14.70 7.51 0.23
C GLN A 54 -15.15 6.73 -1.00
N VAL A 55 -14.93 5.41 -0.98
CA VAL A 55 -15.31 4.55 -2.08
C VAL A 55 -16.83 4.35 -2.13
N LEU A 56 -17.40 4.05 -0.97
CA LEU A 56 -18.85 3.83 -0.87
C LEU A 56 -19.62 5.07 -1.33
N LYS A 57 -19.06 6.24 -1.07
CA LYS A 57 -19.70 7.49 -1.46
C LYS A 57 -19.26 7.92 -2.86
N GLU A 58 -18.00 7.65 -3.19
CA GLU A 58 -17.44 8.00 -4.49
C GLU A 58 -17.85 9.40 -4.92
N LYS A 59 -17.73 10.35 -4.01
CA LYS A 59 -18.10 11.74 -4.28
C LYS A 59 -16.94 12.49 -4.96
N ARG A 60 -15.86 12.69 -4.23
CA ARG A 60 -14.70 13.38 -4.76
C ARG A 60 -13.45 13.08 -3.93
N SER A 61 -13.20 11.80 -3.71
CA SER A 61 -12.04 11.37 -2.93
C SER A 61 -11.66 9.93 -3.24
N ILE A 62 -11.96 9.50 -4.47
CA ILE A 62 -11.65 8.15 -4.90
C ILE A 62 -10.52 8.13 -5.93
N LYS A 63 -9.35 8.62 -5.53
CA LYS A 63 -8.20 8.68 -6.42
C LYS A 63 -6.92 8.92 -5.64
N LYS A 64 -6.47 7.91 -4.89
CA LYS A 64 -5.25 8.02 -4.10
C LYS A 64 -4.15 7.17 -4.72
N VAL A 65 -2.97 7.77 -4.86
CA VAL A 65 -1.83 7.07 -5.46
C VAL A 65 -0.60 7.11 -4.56
N TRP A 66 0.05 5.96 -4.43
CA TRP A 66 1.27 5.85 -3.63
C TRP A 66 2.52 5.91 -4.48
N THR A 67 3.54 6.60 -3.99
CA THR A 67 4.80 6.71 -4.72
C THR A 67 6.00 6.41 -3.84
N PHE A 68 6.87 5.57 -4.35
CA PHE A 68 8.09 5.21 -3.66
C PHE A 68 9.26 5.95 -4.29
N GLY A 69 9.94 6.78 -3.52
CA GLY A 69 11.06 7.50 -4.09
C GLY A 69 11.41 8.73 -3.30
N ARG A 70 12.06 9.68 -3.95
CA ARG A 70 12.42 10.89 -3.25
C ARG A 70 11.19 11.75 -3.08
N ASN A 71 10.57 11.52 -1.96
CA ASN A 71 9.37 12.21 -1.54
C ASN A 71 9.35 12.27 -0.03
N PRO A 72 8.70 13.26 0.57
CA PRO A 72 8.62 13.35 2.03
C PRO A 72 8.04 12.09 2.62
N ALA A 73 7.50 11.25 1.73
CA ALA A 73 6.90 9.97 2.08
C ALA A 73 5.65 9.79 1.29
N CYS A 74 5.77 9.96 -0.01
CA CYS A 74 4.62 9.80 -0.86
C CYS A 74 4.04 8.45 -0.51
N ASP A 75 4.77 7.41 -0.89
CA ASP A 75 4.46 6.09 -0.43
C ASP A 75 5.34 5.86 0.78
N TYR A 76 6.63 6.21 0.56
CA TYR A 76 7.69 6.09 1.55
C TYR A 76 8.69 7.24 1.43
N HIS A 77 9.20 7.75 2.55
CA HIS A 77 10.21 8.81 2.50
C HIS A 77 11.61 8.20 2.52
N LEU A 78 12.32 8.29 1.40
CA LEU A 78 13.67 7.73 1.31
C LEU A 78 14.68 8.80 0.88
N GLY A 79 15.96 8.41 0.87
CA GLY A 79 17.00 9.34 0.48
C GLY A 79 16.87 9.80 -0.96
N ASN A 80 17.89 10.50 -1.46
CA ASN A 80 17.86 10.99 -2.84
C ASN A 80 18.89 10.29 -3.71
N ILE A 81 18.41 9.30 -4.47
CA ILE A 81 19.26 8.54 -5.38
C ILE A 81 18.85 8.79 -6.83
N SER A 82 19.71 9.48 -7.58
CA SER A 82 19.43 9.80 -8.97
C SER A 82 19.10 8.56 -9.81
N ARG A 83 19.57 7.39 -9.37
CA ARG A 83 19.33 6.16 -10.12
C ARG A 83 18.02 5.47 -9.69
N LEU A 84 18.13 4.32 -9.00
CA LEU A 84 16.96 3.60 -8.54
C LEU A 84 16.83 3.72 -7.04
N SER A 85 15.81 4.41 -6.64
CA SER A 85 15.51 4.65 -5.23
C SER A 85 14.54 5.81 -5.10
N ASN A 86 14.81 6.88 -5.85
CA ASN A 86 13.93 8.05 -5.85
C ASN A 86 12.60 7.62 -6.43
N LYS A 87 11.86 8.51 -7.10
CA LYS A 87 10.58 8.12 -7.69
C LYS A 87 10.77 6.85 -8.49
N HIS A 88 10.96 5.74 -7.78
CA HIS A 88 11.22 4.46 -8.40
C HIS A 88 9.97 3.65 -8.69
N PHE A 89 8.86 3.97 -8.07
CA PHE A 89 7.64 3.24 -8.37
C PHE A 89 6.43 3.82 -7.67
N GLN A 90 5.28 3.59 -8.28
CA GLN A 90 4.03 4.13 -7.76
C GLN A 90 2.87 3.13 -7.78
N ILE A 91 1.88 3.41 -6.93
CA ILE A 91 0.68 2.60 -6.82
C ILE A 91 -0.56 3.47 -6.96
N LEU A 92 -1.51 3.07 -7.80
CA LEU A 92 -2.73 3.86 -7.98
C LEU A 92 -3.93 3.12 -7.42
N LEU A 93 -4.80 3.87 -6.73
CA LEU A 93 -6.00 3.29 -6.14
C LEU A 93 -7.25 4.03 -6.63
N GLY A 94 -8.23 3.26 -7.10
CA GLY A 94 -9.46 3.85 -7.60
C GLY A 94 -9.92 3.21 -8.88
N GLU A 95 -10.20 4.04 -9.89
CA GLU A 95 -10.66 3.55 -11.19
C GLU A 95 -11.96 2.78 -11.04
N ASP A 96 -13.02 3.47 -10.67
CA ASP A 96 -14.33 2.85 -10.50
C ASP A 96 -14.30 1.81 -9.38
N GLY A 97 -13.45 2.06 -8.38
CA GLY A 97 -13.34 1.14 -7.26
C GLY A 97 -12.46 -0.06 -7.58
N ASN A 98 -11.15 0.15 -7.55
CA ASN A 98 -10.20 -0.91 -7.85
C ASN A 98 -8.79 -0.51 -7.45
N LEU A 99 -7.85 -1.43 -7.63
CA LEU A 99 -6.45 -1.17 -7.31
C LEU A 99 -5.56 -1.29 -8.54
N LEU A 100 -4.72 -0.29 -8.77
CA LEU A 100 -3.82 -0.29 -9.91
C LEU A 100 -2.38 -0.03 -9.44
N LEU A 101 -1.41 -0.61 -10.15
CA LEU A 101 -0.01 -0.43 -9.78
C LEU A 101 0.73 0.30 -10.89
N ASN A 102 1.45 1.36 -10.54
CA ASN A 102 2.18 2.10 -11.56
C ASN A 102 3.67 1.94 -11.34
N ASP A 103 4.32 1.23 -12.24
CA ASP A 103 5.74 1.04 -12.12
C ASP A 103 6.47 2.23 -12.69
N ILE A 104 7.11 2.99 -11.82
CA ILE A 104 7.89 4.12 -12.26
C ILE A 104 9.31 3.96 -11.78
N SER A 105 10.17 3.68 -12.71
CA SER A 105 11.59 3.50 -12.44
C SER A 105 12.39 4.36 -13.40
N THR A 106 13.70 4.49 -13.17
CA THR A 106 14.48 5.33 -14.06
C THR A 106 14.60 4.69 -15.44
N ASN A 107 15.22 3.51 -15.53
CA ASN A 107 15.35 2.85 -16.83
C ASN A 107 14.53 1.55 -16.95
N GLY A 108 14.37 0.79 -15.86
CA GLY A 108 13.63 -0.45 -15.95
C GLY A 108 12.83 -0.87 -14.73
N THR A 109 11.57 -1.25 -14.93
CA THR A 109 10.74 -1.79 -13.85
C THR A 109 10.28 -3.20 -14.24
N TRP A 110 10.30 -4.13 -13.29
CA TRP A 110 9.90 -5.50 -13.59
C TRP A 110 8.73 -5.99 -12.77
N LEU A 111 7.95 -6.88 -13.38
CA LEU A 111 6.82 -7.48 -12.72
C LEU A 111 6.98 -9.00 -12.75
N ASN A 112 7.19 -9.59 -11.58
CA ASN A 112 7.38 -11.03 -11.46
C ASN A 112 8.38 -11.56 -12.49
N GLY A 113 9.49 -10.85 -12.67
CA GLY A 113 10.51 -11.29 -13.61
C GLY A 113 10.22 -10.88 -15.03
N GLN A 114 9.07 -10.26 -15.26
CA GLN A 114 8.69 -9.83 -16.59
C GLN A 114 8.69 -8.30 -16.68
N LYS A 115 9.74 -7.75 -17.27
CA LYS A 115 9.87 -6.31 -17.43
C LYS A 115 8.55 -5.69 -17.90
N VAL A 116 8.20 -4.55 -17.28
CA VAL A 116 6.95 -3.86 -17.61
C VAL A 116 7.20 -2.42 -18.03
N GLU A 117 6.20 -1.80 -18.66
CA GLU A 117 6.31 -0.42 -19.11
C GLU A 117 6.30 0.54 -17.93
N LYS A 118 7.11 1.60 -18.02
CA LYS A 118 7.18 2.59 -16.96
C LYS A 118 5.89 3.37 -16.87
N ASN A 119 5.68 4.05 -15.74
CA ASN A 119 4.47 4.85 -15.51
C ASN A 119 3.25 4.20 -16.15
N SER A 120 3.20 2.88 -16.08
CA SER A 120 2.10 2.11 -16.65
C SER A 120 1.26 1.47 -15.55
N ASN A 121 0.03 1.97 -15.38
CA ASN A 121 -0.87 1.43 -14.37
C ASN A 121 -1.14 -0.05 -14.62
N GLN A 122 -1.18 -0.83 -13.55
CA GLN A 122 -1.41 -2.27 -13.68
C GLN A 122 -2.51 -2.76 -12.75
N LEU A 123 -3.23 -3.77 -13.20
CA LEU A 123 -4.31 -4.36 -12.41
C LEU A 123 -3.72 -5.14 -11.24
N LEU A 124 -3.93 -4.64 -10.04
CA LEU A 124 -3.40 -5.27 -8.84
C LEU A 124 -3.55 -6.79 -8.87
N SER A 125 -2.59 -7.45 -8.26
CA SER A 125 -2.57 -8.90 -8.18
C SER A 125 -2.40 -9.35 -6.74
N GLN A 126 -2.89 -10.54 -6.41
CA GLN A 126 -2.78 -11.06 -5.06
C GLN A 126 -1.33 -11.45 -4.77
N GLY A 127 -0.71 -10.72 -3.86
CA GLY A 127 0.67 -10.99 -3.52
C GLY A 127 1.62 -10.64 -4.65
N ASP A 128 1.20 -9.67 -5.48
CA ASP A 128 2.01 -9.24 -6.62
C ASP A 128 3.41 -8.85 -6.18
N GLU A 129 4.33 -8.81 -7.15
CA GLU A 129 5.72 -8.46 -6.86
C GLU A 129 6.34 -7.70 -8.04
N ILE A 130 7.05 -6.61 -7.74
CA ILE A 130 7.71 -5.81 -8.75
C ILE A 130 9.23 -5.88 -8.55
N THR A 131 9.94 -6.20 -9.61
CA THR A 131 11.39 -6.30 -9.53
C THR A 131 12.04 -5.08 -10.16
N VAL A 132 13.14 -4.63 -9.58
CA VAL A 132 13.83 -3.44 -10.07
C VAL A 132 15.35 -3.59 -10.02
N GLY A 133 16.03 -2.79 -10.84
CA GLY A 133 17.48 -2.81 -10.89
C GLY A 133 18.00 -4.06 -11.56
N VAL A 134 17.39 -4.41 -12.68
CA VAL A 134 17.80 -5.60 -13.42
C VAL A 134 19.01 -5.34 -14.31
N GLY A 135 19.74 -6.41 -14.58
CA GLY A 135 20.93 -6.32 -15.39
C GLY A 135 21.90 -7.42 -15.02
N VAL A 136 22.05 -7.61 -13.71
CA VAL A 136 22.93 -8.64 -13.17
C VAL A 136 22.15 -9.51 -12.19
N GLU A 137 22.28 -10.82 -12.33
CA GLU A 137 21.57 -11.76 -11.46
C GLU A 137 21.77 -11.42 -9.98
N SER A 138 22.97 -10.93 -9.66
CA SER A 138 23.29 -10.58 -8.29
C SER A 138 23.05 -9.10 -7.98
N ASP A 139 22.46 -8.37 -8.93
CA ASP A 139 22.20 -6.96 -8.74
C ASP A 139 20.74 -6.58 -8.97
N ILE A 140 19.87 -7.54 -8.70
CA ILE A 140 18.44 -7.33 -8.85
C ILE A 140 17.74 -7.23 -7.50
N LEU A 141 16.78 -6.33 -7.43
CA LEU A 141 16.01 -6.11 -6.21
C LEU A 141 14.52 -6.30 -6.48
N SER A 142 13.84 -7.02 -5.58
CA SER A 142 12.42 -7.29 -5.75
C SER A 142 11.56 -6.60 -4.70
N LEU A 143 10.32 -6.37 -5.08
CA LEU A 143 9.33 -5.72 -4.22
C LEU A 143 8.04 -6.57 -4.23
N VAL A 144 7.36 -6.64 -3.08
CA VAL A 144 6.15 -7.44 -2.99
C VAL A 144 4.96 -6.61 -2.52
N ILE A 145 3.79 -6.87 -3.10
CA ILE A 145 2.58 -6.16 -2.73
C ILE A 145 1.62 -7.09 -1.99
N PHE A 146 1.10 -6.60 -0.87
CA PHE A 146 0.16 -7.38 -0.06
C PHE A 146 -1.18 -6.68 0.03
N ILE A 147 -2.24 -7.41 -0.34
CA ILE A 147 -3.58 -6.86 -0.32
C ILE A 147 -4.42 -7.48 0.79
N ASN A 148 -5.12 -6.64 1.54
CA ASN A 148 -5.97 -7.11 2.63
C ASN A 148 -7.29 -7.66 2.10
N ASP A 149 -7.52 -8.94 2.34
CA ASP A 149 -8.75 -9.60 1.90
C ASP A 149 -9.97 -9.01 2.60
N LYS A 150 -9.76 -8.49 3.81
CA LYS A 150 -10.84 -7.90 4.57
C LYS A 150 -11.46 -6.74 3.82
N PHE A 151 -10.60 -5.87 3.28
CA PHE A 151 -11.07 -4.71 2.53
C PHE A 151 -11.95 -5.13 1.36
N LYS A 152 -11.51 -6.16 0.64
CA LYS A 152 -12.26 -6.66 -0.51
C LYS A 152 -13.64 -7.16 -0.10
N GLN A 153 -13.67 -7.96 0.96
CA GLN A 153 -14.93 -8.50 1.46
C GLN A 153 -15.90 -7.39 1.84
N CYS A 154 -15.35 -6.31 2.40
CA CYS A 154 -16.16 -5.17 2.81
C CYS A 154 -16.95 -4.60 1.64
N LEU A 155 -16.27 -4.46 0.50
CA LEU A 155 -16.90 -3.92 -0.70
C LEU A 155 -18.00 -4.86 -1.21
N GLU A 156 -17.77 -6.16 -1.07
CA GLU A 156 -18.73 -7.16 -1.53
C GLU A 156 -20.07 -6.96 -0.84
N GLN A 157 -20.06 -6.81 0.48
CA GLN A 157 -21.27 -6.62 1.25
C GLN A 157 -21.67 -5.15 1.29
N ASN A 158 -20.67 -4.27 1.23
CA ASN A 158 -20.89 -2.82 1.26
C ASN A 158 -21.95 -2.44 2.29
N LYS A 159 -21.60 -2.61 3.57
CA LYS A 159 -22.52 -2.29 4.66
C LYS A 159 -22.72 -0.77 4.77
N VAL A 160 -23.97 -0.35 4.90
CA VAL A 160 -24.29 1.07 5.02
C VAL A 160 -23.86 1.62 6.38
N ASP A 161 -22.98 2.60 6.36
CA ASP A 161 -22.49 3.22 7.59
C ASP A 161 -22.68 4.73 7.58
N ARG A 162 -21.93 5.41 6.70
CA ARG A 162 -22.02 6.86 6.59
C ARG A 162 -21.63 7.54 7.89
N ILE A 163 -20.57 8.36 7.84
CA ILE A 163 -20.10 9.07 9.02
C ILE A 163 -20.50 10.54 8.98
N ARG A 164 -21.11 11.02 10.05
CA ARG A 164 -21.55 12.41 10.13
C ARG A 164 -20.70 13.19 11.13
N GLY A 1 20.91 5.32 20.34
CA GLY A 1 20.33 3.99 20.36
C GLY A 1 18.86 4.01 20.72
N GLU A 2 18.49 3.18 21.69
CA GLU A 2 17.09 3.10 22.13
C GLU A 2 16.92 3.75 23.50
N ASN A 3 16.06 4.75 23.57
CA ASN A 3 15.79 5.44 24.83
C ASN A 3 14.42 5.07 25.38
N ILE A 4 13.98 5.80 26.39
CA ILE A 4 12.68 5.55 27.01
C ILE A 4 11.65 6.62 26.62
N THR A 5 11.95 7.36 25.56
CA THR A 5 11.05 8.42 25.09
C THR A 5 10.59 9.31 26.24
N GLN A 6 11.32 10.40 26.47
CA GLN A 6 10.98 11.34 27.53
C GLN A 6 9.97 12.38 27.05
N PRO A 7 8.78 12.44 27.68
CA PRO A 7 7.74 13.40 27.31
C PRO A 7 8.26 14.83 27.24
N THR A 8 8.53 15.30 26.04
CA THR A 8 9.03 16.67 25.85
C THR A 8 7.91 17.62 25.45
N GLN A 9 7.92 18.82 26.03
CA GLN A 9 6.91 19.82 25.74
C GLN A 9 7.26 20.58 24.46
N GLN A 10 8.55 20.76 24.21
CA GLN A 10 9.02 21.47 23.02
C GLN A 10 8.56 20.77 21.76
N SER A 11 8.36 19.46 21.84
CA SER A 11 7.92 18.67 20.70
C SER A 11 6.63 19.22 20.11
N THR A 12 6.73 19.89 18.97
CA THR A 12 5.56 20.47 18.31
C THR A 12 5.20 19.69 17.05
N GLN A 13 4.58 18.53 17.25
CA GLN A 13 4.17 17.69 16.12
C GLN A 13 2.96 16.84 16.49
N ALA A 14 2.53 15.98 15.57
CA ALA A 14 1.39 15.12 15.80
C ALA A 14 1.74 13.96 16.72
N THR A 15 1.28 14.04 17.97
CA THR A 15 1.55 13.00 18.94
C THR A 15 0.40 12.86 19.94
N GLN A 16 -0.06 13.99 20.45
CA GLN A 16 -1.17 14.00 21.41
C GLN A 16 -2.49 13.68 20.72
N ARG A 17 -2.74 14.34 19.60
CA ARG A 17 -3.96 14.12 18.84
C ARG A 17 -4.05 12.69 18.33
N PHE A 18 -2.91 12.16 17.87
CA PHE A 18 -2.86 10.80 17.35
C PHE A 18 -3.26 9.79 18.43
N LEU A 19 -2.89 10.09 19.67
CA LEU A 19 -3.21 9.20 20.79
C LEU A 19 -4.72 9.09 20.99
N ILE A 20 -5.42 10.20 20.77
CA ILE A 20 -6.87 10.23 20.93
C ILE A 20 -7.55 9.44 19.82
N GLU A 21 -7.07 9.62 18.59
CA GLU A 21 -7.63 8.93 17.44
C GLU A 21 -7.59 7.42 17.63
N LYS A 22 -6.46 6.92 18.13
CA LYS A 22 -6.30 5.49 18.35
C LYS A 22 -7.24 4.99 19.45
N PHE A 23 -7.47 5.85 20.44
CA PHE A 23 -8.37 5.50 21.54
C PHE A 23 -9.77 5.17 21.04
N SER A 24 -10.29 6.03 20.19
CA SER A 24 -11.62 5.85 19.62
C SER A 24 -11.68 4.59 18.76
N GLN A 25 -10.66 4.41 17.93
CA GLN A 25 -10.59 3.25 17.05
C GLN A 25 -9.15 2.86 16.76
N GLU A 26 -8.93 1.58 16.50
CA GLU A 26 -7.59 1.07 16.21
C GLU A 26 -7.38 0.93 14.72
N GLN A 27 -6.12 0.90 14.29
CA GLN A 27 -5.79 0.77 12.88
C GLN A 27 -6.26 -0.57 12.33
N ILE A 28 -7.38 -0.55 11.62
CA ILE A 28 -7.96 -1.76 11.05
C ILE A 28 -7.48 -1.98 9.62
N GLY A 29 -7.21 -3.24 9.32
CA GLY A 29 -6.76 -3.61 7.99
C GLY A 29 -7.89 -3.84 7.01
N GLU A 30 -9.09 -3.40 7.39
CA GLU A 30 -10.27 -3.56 6.54
C GLU A 30 -10.44 -2.38 5.59
N ASN A 31 -9.85 -1.23 5.93
CA ASN A 31 -9.93 -0.04 5.10
C ASN A 31 -8.59 0.20 4.44
N ILE A 32 -7.61 -0.52 4.95
CA ILE A 32 -6.26 -0.43 4.49
C ILE A 32 -6.11 -1.06 3.10
N VAL A 33 -6.18 -0.19 2.09
CA VAL A 33 -6.07 -0.58 0.68
C VAL A 33 -5.13 -1.76 0.47
N CYS A 34 -3.87 -1.58 0.84
CA CYS A 34 -2.87 -2.64 0.68
C CYS A 34 -1.60 -2.37 1.49
N ARG A 35 -0.79 -3.42 1.65
CA ARG A 35 0.47 -3.31 2.38
C ARG A 35 1.64 -3.66 1.47
N VAL A 36 2.61 -2.75 1.39
CA VAL A 36 3.79 -2.97 0.55
C VAL A 36 4.92 -3.57 1.35
N ILE A 37 5.43 -4.70 0.89
CA ILE A 37 6.51 -5.40 1.57
C ILE A 37 7.62 -5.81 0.61
N CYS A 38 8.76 -5.12 0.71
CA CYS A 38 9.91 -5.45 -0.13
C CYS A 38 10.62 -6.68 0.44
N THR A 39 10.84 -7.69 -0.40
CA THR A 39 11.50 -8.91 0.05
C THR A 39 12.89 -9.08 -0.53
N THR A 40 13.57 -7.98 -0.81
CA THR A 40 14.92 -8.02 -1.35
C THR A 40 15.92 -7.40 -0.39
N GLY A 41 15.50 -6.31 0.28
CA GLY A 41 16.36 -5.65 1.23
C GLY A 41 16.69 -4.23 0.82
N GLN A 42 15.66 -3.43 0.55
CA GLN A 42 15.86 -2.04 0.15
C GLN A 42 14.78 -1.14 0.74
N ILE A 43 13.54 -1.58 0.71
CA ILE A 43 12.43 -0.81 1.24
C ILE A 43 11.78 -1.47 2.45
N PRO A 44 11.43 -0.70 3.48
CA PRO A 44 10.80 -1.21 4.69
C PRO A 44 9.30 -1.40 4.51
N ILE A 45 8.74 -2.41 5.17
CA ILE A 45 7.32 -2.69 5.06
C ILE A 45 6.48 -1.46 5.38
N ARG A 46 5.81 -0.93 4.36
CA ARG A 46 4.96 0.24 4.53
C ARG A 46 3.51 -0.13 4.26
N ASP A 47 2.59 0.46 5.00
CA ASP A 47 1.18 0.17 4.84
C ASP A 47 0.46 1.28 4.07
N LEU A 48 -0.11 0.91 2.94
CA LEU A 48 -0.86 1.84 2.10
C LEU A 48 -2.34 1.63 2.35
N SER A 49 -3.11 2.70 2.44
CA SER A 49 -4.54 2.53 2.70
C SER A 49 -5.42 3.25 1.72
N ALA A 50 -6.69 3.26 2.09
CA ALA A 50 -7.73 3.89 1.29
C ALA A 50 -8.94 4.22 2.17
N ASP A 51 -9.60 5.33 1.87
CA ASP A 51 -10.77 5.75 2.63
C ASP A 51 -12.03 5.06 2.10
N ILE A 52 -12.29 3.87 2.63
CA ILE A 52 -13.45 3.08 2.22
C ILE A 52 -14.76 3.84 2.45
N SER A 53 -14.77 4.68 3.47
CA SER A 53 -15.94 5.46 3.83
C SER A 53 -16.41 6.31 2.65
N GLN A 54 -15.45 6.79 1.88
CA GLN A 54 -15.74 7.62 0.72
C GLN A 54 -16.45 6.82 -0.37
N VAL A 55 -15.97 5.61 -0.61
CA VAL A 55 -16.56 4.74 -1.62
C VAL A 55 -17.90 4.17 -1.15
N LEU A 56 -17.98 3.84 0.14
CA LEU A 56 -19.19 3.28 0.71
C LEU A 56 -20.37 4.22 0.47
N LYS A 57 -20.10 5.51 0.48
CA LYS A 57 -21.12 6.53 0.25
C LYS A 57 -20.99 7.13 -1.14
N GLU A 58 -19.78 7.07 -1.70
CA GLU A 58 -19.51 7.61 -3.02
C GLU A 58 -19.81 9.10 -3.08
N LYS A 59 -18.77 9.91 -2.89
CA LYS A 59 -18.91 11.36 -2.91
C LYS A 59 -17.63 12.03 -3.39
N ARG A 60 -16.54 11.80 -2.66
CA ARG A 60 -15.25 12.37 -3.01
C ARG A 60 -14.12 11.39 -2.72
N SER A 61 -12.89 11.84 -2.91
CA SER A 61 -11.72 11.00 -2.67
C SER A 61 -11.77 9.72 -3.50
N ILE A 62 -11.33 9.81 -4.75
CA ILE A 62 -11.34 8.67 -5.65
C ILE A 62 -10.14 8.71 -6.59
N LYS A 63 -8.96 8.95 -6.03
CA LYS A 63 -7.74 9.02 -6.83
C LYS A 63 -6.51 9.18 -5.94
N LYS A 64 -6.14 8.10 -5.26
CA LYS A 64 -4.97 8.11 -4.37
C LYS A 64 -3.88 7.22 -4.91
N VAL A 65 -2.66 7.74 -4.96
CA VAL A 65 -1.52 6.99 -5.47
C VAL A 65 -0.31 7.07 -4.54
N TRP A 66 0.36 5.95 -4.37
CA TRP A 66 1.55 5.90 -3.52
C TRP A 66 2.83 5.94 -4.35
N THR A 67 3.82 6.67 -3.88
CA THR A 67 5.08 6.77 -4.60
C THR A 67 6.27 6.33 -3.76
N PHE A 68 7.10 5.51 -4.35
CA PHE A 68 8.31 5.03 -3.70
C PHE A 68 9.50 5.79 -4.26
N GLY A 69 10.22 6.51 -3.41
CA GLY A 69 11.36 7.25 -3.91
C GLY A 69 11.74 8.42 -3.05
N ARG A 70 12.38 9.41 -3.65
CA ARG A 70 12.78 10.57 -2.89
C ARG A 70 11.57 11.44 -2.65
N ASN A 71 10.98 11.16 -1.51
CA ASN A 71 9.81 11.86 -1.02
C ASN A 71 9.85 11.84 0.49
N PRO A 72 9.13 12.74 1.17
CA PRO A 72 9.10 12.72 2.63
C PRO A 72 8.47 11.43 3.12
N ALA A 73 7.92 10.68 2.16
CA ALA A 73 7.28 9.40 2.40
C ALA A 73 6.03 9.33 1.60
N CYS A 74 6.15 9.58 0.32
CA CYS A 74 4.99 9.54 -0.54
C CYS A 74 4.36 8.19 -0.30
N ASP A 75 5.04 7.16 -0.75
CA ASP A 75 4.67 5.83 -0.40
C ASP A 75 5.53 5.46 0.80
N TYR A 76 6.83 5.76 0.61
CA TYR A 76 7.87 5.54 1.61
C TYR A 76 8.93 6.65 1.56
N HIS A 77 9.44 7.07 2.71
CA HIS A 77 10.49 8.08 2.73
C HIS A 77 11.87 7.41 2.64
N LEU A 78 12.53 7.55 1.50
CA LEU A 78 13.85 6.94 1.31
C LEU A 78 14.85 7.93 0.72
N GLY A 79 16.10 7.50 0.60
CA GLY A 79 17.13 8.35 0.05
C GLY A 79 16.80 8.84 -1.35
N ASN A 80 17.47 9.90 -1.78
CA ASN A 80 17.22 10.47 -3.11
C ASN A 80 18.41 10.26 -4.04
N ILE A 81 18.30 9.26 -4.91
CA ILE A 81 19.35 8.98 -5.88
C ILE A 81 18.84 9.24 -7.29
N SER A 82 19.74 9.68 -8.17
CA SER A 82 19.36 9.98 -9.55
C SER A 82 18.92 8.73 -10.30
N ARG A 83 19.37 7.55 -9.86
CA ARG A 83 19.03 6.30 -10.53
C ARG A 83 17.84 5.61 -9.87
N LEU A 84 18.11 4.62 -9.01
CA LEU A 84 17.07 3.89 -8.30
C LEU A 84 17.09 4.30 -6.84
N SER A 85 16.05 5.00 -6.46
CA SER A 85 15.88 5.50 -5.10
C SER A 85 14.92 6.66 -5.14
N ASN A 86 15.00 7.45 -6.20
CA ASN A 86 14.08 8.57 -6.38
C ASN A 86 12.71 7.97 -6.58
N LYS A 87 11.77 8.77 -7.06
CA LYS A 87 10.42 8.24 -7.33
C LYS A 87 10.56 7.04 -8.27
N HIS A 88 11.10 5.96 -7.73
CA HIS A 88 11.37 4.76 -8.52
C HIS A 88 10.12 3.97 -8.88
N PHE A 89 9.01 4.25 -8.24
CA PHE A 89 7.78 3.54 -8.58
C PHE A 89 6.59 4.03 -7.78
N GLN A 90 5.40 3.75 -8.30
CA GLN A 90 4.18 4.21 -7.64
C GLN A 90 3.06 3.17 -7.61
N ILE A 91 2.10 3.39 -6.71
CA ILE A 91 0.94 2.51 -6.56
C ILE A 91 -0.34 3.33 -6.73
N LEU A 92 -1.28 2.86 -7.55
CA LEU A 92 -2.54 3.59 -7.77
C LEU A 92 -3.72 2.93 -7.09
N LEU A 93 -4.62 3.76 -6.56
CA LEU A 93 -5.83 3.27 -5.90
C LEU A 93 -7.07 3.92 -6.50
N GLY A 94 -8.04 3.08 -6.89
CA GLY A 94 -9.26 3.59 -7.48
C GLY A 94 -9.66 2.86 -8.75
N GLU A 95 -9.77 3.61 -9.84
CA GLU A 95 -10.15 3.04 -11.13
C GLU A 95 -11.61 2.61 -11.12
N ASP A 96 -11.93 1.61 -10.31
CA ASP A 96 -13.29 1.11 -10.21
C ASP A 96 -13.45 0.20 -8.99
N GLY A 97 -13.10 0.71 -7.81
CA GLY A 97 -13.21 -0.06 -6.60
C GLY A 97 -12.16 -1.14 -6.51
N ASN A 98 -11.01 -0.93 -7.15
CA ASN A 98 -9.93 -1.89 -7.15
C ASN A 98 -8.59 -1.19 -6.92
N LEU A 99 -7.50 -1.97 -7.00
CA LEU A 99 -6.16 -1.42 -6.80
C LEU A 99 -5.35 -1.49 -8.10
N LEU A 100 -4.48 -0.51 -8.28
CA LEU A 100 -3.64 -0.45 -9.46
C LEU A 100 -2.20 -0.15 -9.08
N LEU A 101 -1.24 -0.66 -9.85
CA LEU A 101 0.17 -0.41 -9.56
C LEU A 101 0.79 0.41 -10.67
N ASN A 102 1.48 1.50 -10.32
CA ASN A 102 2.11 2.31 -11.35
C ASN A 102 3.61 2.13 -11.30
N ASP A 103 4.17 1.53 -12.33
CA ASP A 103 5.60 1.33 -12.35
C ASP A 103 6.27 2.58 -12.87
N ILE A 104 6.95 3.27 -11.97
CA ILE A 104 7.69 4.44 -12.36
C ILE A 104 9.13 4.27 -11.92
N SER A 105 9.98 4.08 -12.86
CA SER A 105 11.42 3.89 -12.61
C SER A 105 12.21 4.70 -13.60
N THR A 106 13.52 4.83 -13.40
CA THR A 106 14.31 5.62 -14.32
C THR A 106 14.43 4.95 -15.67
N ASN A 107 15.06 3.78 -15.75
CA ASN A 107 15.17 3.09 -17.03
C ASN A 107 14.38 1.78 -17.14
N GLY A 108 14.22 1.03 -16.04
CA GLY A 108 13.51 -0.23 -16.12
C GLY A 108 12.68 -0.64 -14.92
N THR A 109 11.43 -1.05 -15.17
CA THR A 109 10.57 -1.58 -14.11
C THR A 109 10.14 -2.99 -14.49
N TRP A 110 10.13 -3.92 -13.53
CA TRP A 110 9.76 -5.30 -13.84
C TRP A 110 8.58 -5.81 -13.03
N LEU A 111 7.84 -6.72 -13.64
CA LEU A 111 6.70 -7.35 -13.00
C LEU A 111 6.90 -8.86 -13.03
N ASN A 112 7.10 -9.44 -11.86
CA ASN A 112 7.31 -10.89 -11.74
C ASN A 112 8.28 -11.42 -12.80
N GLY A 113 9.38 -10.71 -13.02
CA GLY A 113 10.36 -11.14 -13.99
C GLY A 113 9.98 -10.79 -15.41
N GLN A 114 9.12 -9.78 -15.55
CA GLN A 114 8.67 -9.34 -16.87
C GLN A 114 8.70 -7.82 -16.97
N LYS A 115 9.76 -7.30 -17.54
CA LYS A 115 9.94 -5.87 -17.71
C LYS A 115 8.66 -5.21 -18.20
N VAL A 116 8.22 -4.18 -17.49
CA VAL A 116 6.98 -3.47 -17.83
C VAL A 116 7.25 -2.05 -18.31
N GLU A 117 6.18 -1.34 -18.65
CA GLU A 117 6.29 0.04 -19.12
C GLU A 117 6.20 1.03 -17.96
N LYS A 118 6.98 2.10 -18.05
CA LYS A 118 6.98 3.12 -17.02
C LYS A 118 5.62 3.79 -16.93
N ASN A 119 5.36 4.50 -15.84
CA ASN A 119 4.09 5.17 -15.62
C ASN A 119 2.93 4.40 -16.24
N SER A 120 2.99 3.08 -16.10
CA SER A 120 1.97 2.20 -16.65
C SER A 120 1.16 1.55 -15.54
N ASN A 121 -0.07 2.02 -15.35
CA ASN A 121 -0.94 1.48 -14.31
C ASN A 121 -1.07 -0.03 -14.45
N GLN A 122 -1.18 -0.73 -13.33
CA GLN A 122 -1.31 -2.18 -13.36
C GLN A 122 -2.46 -2.66 -12.51
N LEU A 123 -3.10 -3.74 -12.96
CA LEU A 123 -4.22 -4.32 -12.24
C LEU A 123 -3.71 -5.05 -11.01
N LEU A 124 -4.32 -4.76 -9.85
CA LEU A 124 -3.89 -5.39 -8.61
C LEU A 124 -3.86 -6.90 -8.74
N SER A 125 -2.81 -7.45 -8.17
CA SER A 125 -2.59 -8.89 -8.16
C SER A 125 -2.35 -9.40 -6.75
N GLN A 126 -2.70 -10.65 -6.48
CA GLN A 126 -2.50 -11.21 -5.16
C GLN A 126 -1.01 -11.43 -4.91
N GLY A 127 -0.47 -10.69 -3.95
CA GLY A 127 0.93 -10.80 -3.63
C GLY A 127 1.83 -10.41 -4.80
N ASP A 128 1.35 -9.46 -5.61
CA ASP A 128 2.11 -8.99 -6.77
C ASP A 128 3.51 -8.55 -6.36
N GLU A 129 4.40 -8.52 -7.34
CA GLU A 129 5.79 -8.12 -7.08
C GLU A 129 6.39 -7.37 -8.28
N ILE A 130 7.08 -6.27 -8.01
CA ILE A 130 7.73 -5.50 -9.06
C ILE A 130 9.25 -5.52 -8.86
N THR A 131 9.97 -5.85 -9.91
CA THR A 131 11.43 -5.92 -9.83
C THR A 131 12.06 -4.69 -10.48
N VAL A 132 13.18 -4.25 -9.92
CA VAL A 132 13.88 -3.07 -10.44
C VAL A 132 15.39 -3.22 -10.41
N GLY A 133 16.07 -2.44 -11.25
CA GLY A 133 17.52 -2.48 -11.30
C GLY A 133 18.04 -3.78 -11.85
N VAL A 134 17.39 -4.27 -12.90
CA VAL A 134 17.77 -5.52 -13.52
C VAL A 134 19.00 -5.37 -14.41
N GLY A 135 19.67 -6.49 -14.62
CA GLY A 135 20.87 -6.52 -15.42
C GLY A 135 21.81 -7.59 -14.93
N VAL A 136 21.94 -7.68 -13.61
CA VAL A 136 22.78 -8.67 -12.97
C VAL A 136 21.97 -9.46 -11.94
N GLU A 137 22.07 -10.78 -12.00
CA GLU A 137 21.32 -11.64 -11.08
C GLU A 137 21.53 -11.20 -9.62
N SER A 138 22.72 -10.71 -9.32
CA SER A 138 23.05 -10.28 -7.97
C SER A 138 22.82 -8.78 -7.78
N ASP A 139 22.24 -8.11 -8.78
CA ASP A 139 22.01 -6.68 -8.67
C ASP A 139 20.57 -6.30 -8.97
N ILE A 140 19.66 -7.20 -8.65
CA ILE A 140 18.24 -6.98 -8.87
C ILE A 140 17.52 -6.70 -7.55
N LEU A 141 16.57 -5.77 -7.62
CA LEU A 141 15.78 -5.38 -6.47
C LEU A 141 14.31 -5.72 -6.69
N SER A 142 13.66 -6.28 -5.67
CA SER A 142 12.25 -6.66 -5.80
C SER A 142 11.36 -5.97 -4.77
N LEU A 143 10.11 -5.82 -5.16
CA LEU A 143 9.10 -5.20 -4.33
C LEU A 143 7.82 -6.04 -4.38
N VAL A 144 7.18 -6.25 -3.24
CA VAL A 144 5.97 -7.06 -3.20
C VAL A 144 4.85 -6.35 -2.44
N ILE A 145 3.62 -6.47 -2.96
CA ILE A 145 2.47 -5.86 -2.34
C ILE A 145 1.54 -6.92 -1.77
N PHE A 146 1.21 -6.78 -0.49
CA PHE A 146 0.32 -7.74 0.18
C PHE A 146 -1.05 -7.12 0.40
N ILE A 147 -2.04 -7.60 -0.35
CA ILE A 147 -3.41 -7.11 -0.23
C ILE A 147 -4.17 -7.81 0.89
N ASN A 148 -4.85 -7.03 1.71
CA ASN A 148 -5.62 -7.57 2.82
C ASN A 148 -7.00 -8.02 2.34
N ASP A 149 -7.25 -9.32 2.46
CA ASP A 149 -8.53 -9.90 2.04
C ASP A 149 -9.70 -9.26 2.78
N LYS A 150 -9.41 -8.66 3.94
CA LYS A 150 -10.44 -8.01 4.74
C LYS A 150 -11.15 -6.93 3.92
N PHE A 151 -10.38 -6.17 3.16
CA PHE A 151 -10.92 -5.11 2.33
C PHE A 151 -11.91 -5.67 1.31
N LYS A 152 -11.53 -6.77 0.68
CA LYS A 152 -12.37 -7.41 -0.32
C LYS A 152 -13.70 -7.84 0.28
N GLN A 153 -13.67 -8.23 1.54
CA GLN A 153 -14.87 -8.66 2.24
C GLN A 153 -15.90 -7.52 2.30
N CYS A 154 -15.43 -6.32 2.60
CA CYS A 154 -16.30 -5.16 2.68
C CYS A 154 -16.95 -4.87 1.34
N LEU A 155 -16.16 -4.92 0.27
CA LEU A 155 -16.65 -4.67 -1.07
C LEU A 155 -17.74 -5.68 -1.45
N GLU A 156 -17.54 -6.92 -1.03
CA GLU A 156 -18.50 -7.98 -1.33
C GLU A 156 -19.88 -7.65 -0.76
N GLN A 157 -19.89 -7.10 0.45
CA GLN A 157 -21.14 -6.73 1.11
C GLN A 157 -21.68 -5.42 0.55
N ASN A 158 -20.77 -4.53 0.15
CA ASN A 158 -21.16 -3.24 -0.40
C ASN A 158 -20.55 -3.03 -1.78
N LYS A 159 -21.01 -3.80 -2.76
CA LYS A 159 -20.51 -3.70 -4.12
C LYS A 159 -21.03 -2.44 -4.80
N VAL A 160 -20.14 -1.72 -5.48
CA VAL A 160 -20.52 -0.49 -6.17
C VAL A 160 -21.23 -0.80 -7.49
N ASP A 161 -22.33 -0.11 -7.73
CA ASP A 161 -23.10 -0.32 -8.96
C ASP A 161 -24.26 0.66 -9.05
N ARG A 162 -24.64 1.03 -10.26
CA ARG A 162 -25.75 1.96 -10.47
C ARG A 162 -27.07 1.21 -10.60
N ILE A 163 -27.83 1.17 -9.52
CA ILE A 163 -29.11 0.49 -9.50
C ILE A 163 -30.26 1.45 -9.83
N ARG A 164 -30.97 1.16 -10.91
CA ARG A 164 -32.08 2.00 -11.35
C ARG A 164 -31.60 3.41 -11.66
N GLY A 1 18.26 13.78 30.17
CA GLY A 1 17.60 14.29 31.35
C GLY A 1 18.23 15.55 31.87
N GLU A 2 17.42 16.43 32.45
CA GLU A 2 17.90 17.69 33.00
C GLU A 2 17.57 17.80 34.48
N ASN A 3 17.85 18.96 35.07
CA ASN A 3 17.57 19.20 36.48
C ASN A 3 16.25 19.92 36.67
N ILE A 4 15.33 19.73 35.71
CA ILE A 4 14.02 20.37 35.77
C ILE A 4 12.94 19.44 35.24
N THR A 5 11.94 19.17 36.08
CA THR A 5 10.83 18.29 35.70
C THR A 5 9.55 18.68 36.42
N GLN A 6 8.45 18.76 35.66
CA GLN A 6 7.16 19.11 36.24
C GLN A 6 6.51 17.91 36.93
N PRO A 7 5.48 18.15 37.74
CA PRO A 7 4.77 17.08 38.46
C PRO A 7 4.33 15.96 37.53
N THR A 8 3.70 14.94 38.11
CA THR A 8 3.22 13.80 37.34
C THR A 8 2.13 14.22 36.36
N GLN A 9 2.50 14.30 35.08
CA GLN A 9 1.55 14.70 34.04
C GLN A 9 0.55 13.58 33.76
N GLN A 10 1.03 12.33 33.84
CA GLN A 10 0.19 11.17 33.59
C GLN A 10 -0.34 11.19 32.16
N SER A 11 -0.57 10.00 31.61
CA SER A 11 -1.07 9.87 30.25
C SER A 11 -2.59 9.65 30.24
N THR A 12 -3.13 9.38 29.06
CA THR A 12 -4.56 9.15 28.92
C THR A 12 -4.86 7.68 28.66
N GLN A 13 -6.10 7.39 28.26
CA GLN A 13 -6.52 6.02 27.97
C GLN A 13 -6.60 5.20 29.25
N ALA A 14 -7.58 4.30 29.30
CA ALA A 14 -7.77 3.45 30.47
C ALA A 14 -6.56 2.55 30.71
N THR A 15 -5.80 2.29 29.66
CA THR A 15 -4.60 1.44 29.75
C THR A 15 -4.98 -0.04 29.79
N GLN A 16 -5.78 -0.42 30.78
CA GLN A 16 -6.22 -1.80 30.93
C GLN A 16 -6.98 -2.27 29.69
N ARG A 17 -7.70 -1.35 29.06
CA ARG A 17 -8.48 -1.67 27.88
C ARG A 17 -7.56 -2.12 26.73
N PHE A 18 -6.39 -1.48 26.64
CA PHE A 18 -5.43 -1.80 25.61
C PHE A 18 -4.84 -3.19 25.82
N LEU A 19 -4.65 -3.55 27.08
CA LEU A 19 -4.09 -4.85 27.44
C LEU A 19 -5.00 -5.97 26.94
N ILE A 20 -6.30 -5.78 27.04
CA ILE A 20 -7.27 -6.77 26.61
C ILE A 20 -7.25 -6.92 25.09
N GLU A 21 -7.11 -5.81 24.39
CA GLU A 21 -7.07 -5.81 22.93
C GLU A 21 -5.95 -6.70 22.42
N LYS A 22 -4.80 -6.65 23.09
CA LYS A 22 -3.65 -7.44 22.69
C LYS A 22 -3.96 -8.93 22.80
N PHE A 23 -4.79 -9.29 23.78
CA PHE A 23 -5.16 -10.69 24.00
C PHE A 23 -5.85 -11.26 22.76
N SER A 24 -6.82 -10.52 22.23
CA SER A 24 -7.55 -10.96 21.05
C SER A 24 -6.61 -11.20 19.87
N GLN A 25 -5.62 -10.32 19.74
CA GLN A 25 -4.65 -10.44 18.65
C GLN A 25 -5.35 -10.33 17.29
N GLU A 26 -5.96 -9.18 17.04
CA GLU A 26 -6.67 -8.95 15.78
C GLU A 26 -5.81 -8.11 14.83
N GLN A 27 -5.65 -8.60 13.60
CA GLN A 27 -4.86 -7.89 12.60
C GLN A 27 -5.68 -6.79 11.94
N ILE A 28 -5.27 -5.55 12.15
CA ILE A 28 -5.97 -4.39 11.58
C ILE A 28 -5.55 -4.15 10.14
N GLY A 29 -6.53 -3.80 9.33
CA GLY A 29 -6.29 -3.53 7.93
C GLY A 29 -7.50 -3.81 7.06
N GLU A 30 -8.67 -3.43 7.55
CA GLU A 30 -9.91 -3.63 6.82
C GLU A 30 -10.23 -2.47 5.89
N ASN A 31 -9.67 -1.29 6.20
CA ASN A 31 -9.88 -0.11 5.38
C ASN A 31 -8.62 0.22 4.62
N ILE A 32 -7.56 -0.43 5.06
CA ILE A 32 -6.25 -0.26 4.50
C ILE A 32 -6.17 -0.87 3.09
N VAL A 33 -6.19 0.00 2.09
CA VAL A 33 -6.15 -0.39 0.68
C VAL A 33 -5.22 -1.58 0.44
N CYS A 34 -3.94 -1.39 0.71
CA CYS A 34 -2.95 -2.45 0.53
C CYS A 34 -1.64 -2.13 1.24
N ARG A 35 -0.79 -3.15 1.41
CA ARG A 35 0.49 -2.95 2.07
C ARG A 35 1.65 -3.47 1.21
N VAL A 36 2.60 -2.60 0.93
CA VAL A 36 3.77 -2.96 0.12
C VAL A 36 4.91 -3.39 1.02
N ILE A 37 5.39 -4.61 0.82
CA ILE A 37 6.48 -5.14 1.63
C ILE A 37 7.68 -5.55 0.78
N CYS A 38 8.75 -4.76 0.85
CA CYS A 38 9.97 -5.07 0.12
C CYS A 38 10.82 -6.04 0.94
N THR A 39 10.76 -7.33 0.59
CA THR A 39 11.50 -8.35 1.31
C THR A 39 12.93 -8.51 0.81
N THR A 40 13.17 -8.19 -0.45
CA THR A 40 14.50 -8.30 -1.04
C THR A 40 15.54 -7.58 -0.18
N GLY A 41 15.07 -6.57 0.56
CA GLY A 41 15.96 -5.81 1.42
C GLY A 41 16.44 -4.53 0.76
N GLN A 42 15.51 -3.60 0.58
CA GLN A 42 15.83 -2.31 -0.06
C GLN A 42 15.07 -1.18 0.60
N ILE A 43 13.77 -1.37 0.80
CA ILE A 43 12.93 -0.36 1.40
C ILE A 43 12.06 -0.94 2.51
N PRO A 44 11.99 -0.27 3.67
CA PRO A 44 11.19 -0.72 4.81
C PRO A 44 9.71 -0.84 4.44
N ILE A 45 9.03 -1.80 5.05
CA ILE A 45 7.61 -2.01 4.79
C ILE A 45 6.82 -0.70 4.82
N ARG A 46 5.83 -0.60 3.93
CA ARG A 46 4.98 0.58 3.86
C ARG A 46 3.52 0.17 3.72
N ASP A 47 2.65 0.74 4.54
CA ASP A 47 1.24 0.41 4.50
C ASP A 47 0.44 1.43 3.69
N LEU A 48 -0.20 0.95 2.64
CA LEU A 48 -1.02 1.80 1.78
C LEU A 48 -2.48 1.70 2.21
N SER A 49 -3.11 2.83 2.49
CA SER A 49 -4.50 2.80 2.93
C SER A 49 -5.45 3.55 1.99
N ALA A 50 -6.72 3.24 2.15
CA ALA A 50 -7.76 3.86 1.34
C ALA A 50 -8.75 4.62 2.22
N ASP A 51 -9.56 5.47 1.59
CA ASP A 51 -10.54 6.27 2.31
C ASP A 51 -11.96 5.89 1.88
N ILE A 52 -12.39 4.70 2.28
CA ILE A 52 -13.72 4.20 1.92
C ILE A 52 -14.82 5.08 2.54
N SER A 53 -14.65 5.40 3.81
CA SER A 53 -15.62 6.22 4.53
C SER A 53 -15.69 7.63 3.97
N GLN A 54 -14.54 8.15 3.56
CA GLN A 54 -14.47 9.49 3.00
C GLN A 54 -15.19 9.60 1.66
N VAL A 55 -15.06 8.55 0.86
CA VAL A 55 -15.70 8.52 -0.45
C VAL A 55 -17.22 8.49 -0.33
N LEU A 56 -17.70 7.74 0.65
CA LEU A 56 -19.14 7.61 0.88
C LEU A 56 -19.74 8.93 1.37
N LYS A 57 -18.94 9.73 2.07
CA LYS A 57 -19.41 11.01 2.59
C LYS A 57 -19.08 12.14 1.62
N GLU A 58 -17.96 12.03 0.94
CA GLU A 58 -17.53 13.04 -0.01
C GLU A 58 -18.38 13.00 -1.27
N LYS A 59 -18.28 14.05 -2.08
CA LYS A 59 -19.04 14.13 -3.33
C LYS A 59 -18.27 13.50 -4.48
N ARG A 60 -18.26 12.17 -4.53
CA ARG A 60 -17.56 11.45 -5.59
C ARG A 60 -16.06 11.71 -5.52
N SER A 61 -15.36 10.91 -4.74
CA SER A 61 -13.91 11.06 -4.59
C SER A 61 -13.22 9.69 -4.58
N ILE A 62 -12.10 9.59 -5.28
CA ILE A 62 -11.35 8.35 -5.34
C ILE A 62 -10.09 8.53 -6.20
N LYS A 63 -9.12 9.28 -5.68
CA LYS A 63 -7.89 9.52 -6.41
C LYS A 63 -6.69 9.55 -5.45
N LYS A 64 -6.22 8.37 -5.07
CA LYS A 64 -5.08 8.26 -4.17
C LYS A 64 -3.99 7.39 -4.78
N VAL A 65 -2.75 7.88 -4.76
CA VAL A 65 -1.64 7.15 -5.34
C VAL A 65 -0.42 7.17 -4.44
N TRP A 66 0.25 6.03 -4.36
CA TRP A 66 1.46 5.89 -3.54
C TRP A 66 2.71 5.98 -4.39
N THR A 67 3.73 6.66 -3.89
CA THR A 67 4.98 6.80 -4.61
C THR A 67 6.20 6.46 -3.76
N PHE A 68 7.06 5.66 -4.31
CA PHE A 68 8.30 5.25 -3.65
C PHE A 68 9.47 5.97 -4.29
N GLY A 69 10.20 6.77 -3.53
CA GLY A 69 11.34 7.45 -4.11
C GLY A 69 11.80 8.65 -3.31
N ARG A 70 12.49 9.57 -3.97
CA ARG A 70 12.96 10.75 -3.28
C ARG A 70 11.79 11.68 -3.08
N ASN A 71 11.18 11.48 -1.94
CA ASN A 71 10.03 12.24 -1.50
C ASN A 71 10.06 12.31 0.01
N PRO A 72 9.36 13.26 0.63
CA PRO A 72 9.33 13.32 2.08
C PRO A 72 8.68 12.09 2.68
N ALA A 73 8.10 11.29 1.80
CA ALA A 73 7.45 10.05 2.14
C ALA A 73 6.15 9.95 1.40
N CYS A 74 6.24 10.09 0.10
CA CYS A 74 5.03 10.00 -0.70
C CYS A 74 4.39 8.70 -0.31
N ASP A 75 5.03 7.61 -0.70
CA ASP A 75 4.64 6.33 -0.20
C ASP A 75 5.57 6.05 0.97
N TYR A 76 6.86 6.30 0.68
CA TYR A 76 7.95 6.12 1.63
C TYR A 76 9.02 7.21 1.47
N HIS A 77 9.60 7.69 2.57
CA HIS A 77 10.67 8.68 2.49
C HIS A 77 12.02 7.97 2.45
N LEU A 78 12.70 8.05 1.31
CA LEU A 78 14.01 7.40 1.18
C LEU A 78 15.02 8.30 0.50
N GLY A 79 16.27 7.83 0.41
CA GLY A 79 17.31 8.61 -0.22
C GLY A 79 16.99 8.94 -1.67
N ASN A 80 17.75 9.88 -2.23
CA ASN A 80 17.51 10.29 -3.62
C ASN A 80 18.68 9.88 -4.52
N ILE A 81 18.49 8.79 -5.25
CA ILE A 81 19.51 8.32 -6.19
C ILE A 81 18.95 8.40 -7.61
N SER A 82 19.73 8.97 -8.51
CA SER A 82 19.29 9.13 -9.90
C SER A 82 18.82 7.80 -10.50
N ARG A 83 19.29 6.69 -9.94
CA ARG A 83 18.90 5.37 -10.44
C ARG A 83 17.71 4.81 -9.67
N LEU A 84 17.97 4.00 -8.64
CA LEU A 84 16.93 3.43 -7.82
C LEU A 84 16.96 4.07 -6.45
N SER A 85 15.95 4.87 -6.20
CA SER A 85 15.81 5.60 -4.94
C SER A 85 14.91 6.80 -5.15
N ASN A 86 15.08 7.47 -6.29
CA ASN A 86 14.21 8.60 -6.60
C ASN A 86 12.82 8.05 -6.79
N LYS A 87 11.94 8.82 -7.41
CA LYS A 87 10.59 8.34 -7.68
C LYS A 87 10.70 7.06 -8.51
N HIS A 88 11.12 5.98 -7.86
CA HIS A 88 11.34 4.73 -8.54
C HIS A 88 10.08 3.95 -8.84
N PHE A 89 8.98 4.23 -8.16
CA PHE A 89 7.75 3.51 -8.48
C PHE A 89 6.55 4.05 -7.73
N GLN A 90 5.38 3.80 -8.29
CA GLN A 90 4.14 4.29 -7.70
C GLN A 90 3.01 3.26 -7.72
N ILE A 91 2.02 3.51 -6.86
CA ILE A 91 0.83 2.66 -6.75
C ILE A 91 -0.43 3.52 -6.85
N LEU A 92 -1.38 3.13 -7.67
CA LEU A 92 -2.61 3.91 -7.85
C LEU A 92 -3.82 3.23 -7.21
N LEU A 93 -4.71 4.03 -6.65
CA LEU A 93 -5.93 3.54 -6.01
C LEU A 93 -7.16 4.23 -6.60
N GLY A 94 -8.14 3.43 -7.00
CA GLY A 94 -9.36 3.99 -7.58
C GLY A 94 -9.82 3.23 -8.80
N GLU A 95 -10.82 2.36 -8.61
CA GLU A 95 -11.36 1.57 -9.71
C GLU A 95 -12.54 0.72 -9.24
N ASP A 96 -12.97 -0.20 -10.09
CA ASP A 96 -14.09 -1.07 -9.76
C ASP A 96 -13.71 -2.04 -8.63
N GLY A 97 -13.60 -1.52 -7.42
CA GLY A 97 -13.24 -2.34 -6.29
C GLY A 97 -11.88 -2.99 -6.46
N ASN A 98 -11.00 -2.32 -7.18
CA ASN A 98 -9.64 -2.84 -7.42
C ASN A 98 -8.60 -1.73 -7.31
N LEU A 99 -7.34 -2.13 -7.21
CA LEU A 99 -6.24 -1.18 -7.09
C LEU A 99 -5.37 -1.20 -8.34
N LEU A 100 -4.61 -0.14 -8.55
CA LEU A 100 -3.73 -0.04 -9.71
C LEU A 100 -2.28 0.16 -9.27
N LEU A 101 -1.34 -0.36 -10.04
CA LEU A 101 0.07 -0.21 -9.70
C LEU A 101 0.78 0.54 -10.81
N ASN A 102 1.49 1.61 -10.47
CA ASN A 102 2.19 2.36 -11.49
C ASN A 102 3.67 2.20 -11.34
N ASP A 103 4.29 1.53 -12.28
CA ASP A 103 5.72 1.34 -12.21
C ASP A 103 6.40 2.54 -12.78
N ILE A 104 7.05 3.31 -11.92
CA ILE A 104 7.79 4.46 -12.37
C ILE A 104 9.23 4.31 -11.95
N SER A 105 10.06 4.07 -12.91
CA SER A 105 11.50 3.89 -12.69
C SER A 105 12.25 4.69 -13.74
N THR A 106 13.56 4.84 -13.58
CA THR A 106 14.30 5.61 -14.55
C THR A 106 14.39 4.89 -15.90
N ASN A 107 15.03 3.72 -15.94
CA ASN A 107 15.12 3.00 -17.20
C ASN A 107 14.34 1.68 -17.25
N GLY A 108 14.24 0.97 -16.11
CA GLY A 108 13.55 -0.31 -16.13
C GLY A 108 12.76 -0.69 -14.88
N THR A 109 11.50 -1.09 -15.07
CA THR A 109 10.67 -1.58 -13.97
C THR A 109 10.21 -3.01 -14.32
N TRP A 110 10.22 -3.91 -13.34
CA TRP A 110 9.83 -5.29 -13.61
C TRP A 110 8.63 -5.74 -12.78
N LEU A 111 7.86 -6.64 -13.37
CA LEU A 111 6.71 -7.21 -12.69
C LEU A 111 6.88 -8.73 -12.63
N ASN A 112 7.07 -9.26 -11.44
CA ASN A 112 7.24 -10.69 -11.23
C ASN A 112 8.21 -11.30 -12.26
N GLY A 113 9.33 -10.62 -12.50
CA GLY A 113 10.31 -11.13 -13.44
C GLY A 113 9.92 -10.87 -14.87
N GLN A 114 9.09 -9.86 -15.10
CA GLN A 114 8.64 -9.52 -16.44
C GLN A 114 8.66 -8.02 -16.64
N LYS A 115 9.75 -7.53 -17.22
CA LYS A 115 9.92 -6.12 -17.48
C LYS A 115 8.64 -5.50 -18.07
N VAL A 116 8.23 -4.36 -17.53
CA VAL A 116 7.02 -3.69 -17.98
C VAL A 116 7.31 -2.26 -18.42
N GLU A 117 6.26 -1.57 -18.86
CA GLU A 117 6.38 -0.19 -19.32
C GLU A 117 6.34 0.79 -18.14
N LYS A 118 7.19 1.81 -18.20
CA LYS A 118 7.22 2.81 -17.12
C LYS A 118 5.89 3.53 -17.04
N ASN A 119 5.70 4.29 -15.97
CA ASN A 119 4.47 5.05 -15.75
C ASN A 119 3.26 4.33 -16.37
N SER A 120 3.24 3.01 -16.22
CA SER A 120 2.16 2.19 -16.76
C SER A 120 1.30 1.60 -15.65
N ASN A 121 0.09 2.13 -15.51
CA ASN A 121 -0.84 1.65 -14.49
C ASN A 121 -1.07 0.15 -14.64
N GLN A 122 -1.15 -0.56 -13.51
CA GLN A 122 -1.36 -2.00 -13.55
C GLN A 122 -2.49 -2.43 -12.64
N LEU A 123 -3.19 -3.47 -13.06
CA LEU A 123 -4.30 -4.01 -12.28
C LEU A 123 -3.76 -4.75 -11.07
N LEU A 124 -4.15 -4.28 -9.88
CA LEU A 124 -3.68 -4.90 -8.64
C LEU A 124 -3.80 -6.40 -8.68
N SER A 125 -2.81 -7.04 -8.10
CA SER A 125 -2.75 -8.50 -8.02
C SER A 125 -2.54 -8.94 -6.58
N GLN A 126 -3.01 -10.14 -6.26
CA GLN A 126 -2.84 -10.67 -4.91
C GLN A 126 -1.38 -11.06 -4.69
N GLY A 127 -0.73 -10.34 -3.78
CA GLY A 127 0.67 -10.62 -3.49
C GLY A 127 1.58 -10.26 -4.65
N ASP A 128 1.15 -9.29 -5.47
CA ASP A 128 1.93 -8.85 -6.62
C ASP A 128 3.33 -8.41 -6.20
N GLU A 129 4.25 -8.39 -7.16
CA GLU A 129 5.63 -7.99 -6.89
C GLU A 129 6.25 -7.28 -8.08
N ILE A 130 6.95 -6.17 -7.81
CA ILE A 130 7.63 -5.41 -8.84
C ILE A 130 9.13 -5.43 -8.60
N THR A 131 9.88 -5.81 -9.63
CA THR A 131 11.33 -5.89 -9.52
C THR A 131 11.99 -4.69 -10.19
N VAL A 132 13.11 -4.23 -9.63
CA VAL A 132 13.81 -3.08 -10.17
C VAL A 132 15.33 -3.24 -10.11
N GLY A 133 16.02 -2.47 -10.96
CA GLY A 133 17.46 -2.52 -11.01
C GLY A 133 17.99 -3.81 -11.58
N VAL A 134 17.38 -4.25 -12.67
CA VAL A 134 17.77 -5.50 -13.30
C VAL A 134 18.99 -5.32 -14.19
N GLY A 135 19.70 -6.42 -14.41
CA GLY A 135 20.89 -6.43 -15.20
C GLY A 135 21.85 -7.50 -14.72
N VAL A 136 21.97 -7.59 -13.40
CA VAL A 136 22.82 -8.58 -12.77
C VAL A 136 22.01 -9.37 -11.74
N GLU A 137 22.12 -10.69 -11.78
CA GLU A 137 21.39 -11.54 -10.86
C GLU A 137 21.59 -11.12 -9.42
N SER A 138 22.78 -10.62 -9.10
CA SER A 138 23.11 -10.19 -7.76
C SER A 138 22.88 -8.69 -7.56
N ASP A 139 22.31 -8.02 -8.57
CA ASP A 139 22.07 -6.58 -8.46
C ASP A 139 20.62 -6.21 -8.74
N ILE A 140 19.74 -7.13 -8.42
CA ILE A 140 18.32 -6.92 -8.60
C ILE A 140 17.60 -6.69 -7.27
N LEU A 141 16.65 -5.77 -7.31
CA LEU A 141 15.85 -5.43 -6.13
C LEU A 141 14.37 -5.70 -6.41
N SER A 142 13.70 -6.33 -5.45
CA SER A 142 12.29 -6.66 -5.63
C SER A 142 11.37 -5.95 -4.63
N LEU A 143 10.14 -5.73 -5.07
CA LEU A 143 9.12 -5.09 -4.27
C LEU A 143 7.86 -5.95 -4.26
N VAL A 144 7.32 -6.22 -3.08
CA VAL A 144 6.13 -7.05 -2.98
C VAL A 144 4.95 -6.28 -2.43
N ILE A 145 3.77 -6.53 -2.99
CA ILE A 145 2.56 -5.86 -2.55
C ILE A 145 1.56 -6.85 -1.95
N PHE A 146 1.12 -6.57 -0.73
CA PHE A 146 0.17 -7.43 -0.04
C PHE A 146 -1.20 -6.76 0.06
N ILE A 147 -2.21 -7.41 -0.49
CA ILE A 147 -3.58 -6.89 -0.46
C ILE A 147 -4.40 -7.55 0.63
N ASN A 148 -5.13 -6.72 1.38
CA ASN A 148 -5.96 -7.22 2.46
C ASN A 148 -7.32 -7.69 1.94
N ASP A 149 -7.66 -8.94 2.25
CA ASP A 149 -8.93 -9.52 1.81
C ASP A 149 -10.11 -8.83 2.49
N LYS A 150 -9.86 -8.21 3.64
CA LYS A 150 -10.89 -7.52 4.39
C LYS A 150 -11.55 -6.45 3.52
N PHE A 151 -10.73 -5.75 2.75
CA PHE A 151 -11.23 -4.70 1.87
C PHE A 151 -12.21 -5.27 0.86
N LYS A 152 -11.88 -6.44 0.33
CA LYS A 152 -12.73 -7.10 -0.66
C LYS A 152 -14.12 -7.36 -0.08
N GLN A 153 -14.17 -7.67 1.21
CA GLN A 153 -15.43 -7.94 1.88
C GLN A 153 -16.28 -6.66 1.99
N CYS A 154 -15.62 -5.55 2.28
CA CYS A 154 -16.30 -4.27 2.41
C CYS A 154 -17.03 -3.91 1.12
N LEU A 155 -16.34 -4.08 0.00
CA LEU A 155 -16.92 -3.77 -1.31
C LEU A 155 -18.03 -4.76 -1.65
N GLU A 156 -17.85 -6.01 -1.24
CA GLU A 156 -18.84 -7.05 -1.51
C GLU A 156 -20.17 -6.73 -0.83
N GLN A 157 -20.09 -6.15 0.36
CA GLN A 157 -21.29 -5.79 1.11
C GLN A 157 -21.71 -4.36 0.81
N ASN A 158 -20.73 -3.48 0.63
CA ASN A 158 -20.98 -2.07 0.34
C ASN A 158 -22.11 -1.51 1.20
N LYS A 159 -22.21 -2.02 2.42
CA LYS A 159 -23.25 -1.57 3.35
C LYS A 159 -22.64 -1.09 4.65
N VAL A 160 -23.37 -0.23 5.37
CA VAL A 160 -22.89 0.30 6.64
C VAL A 160 -23.58 -0.39 7.81
N ASP A 161 -22.78 -0.95 8.71
CA ASP A 161 -23.32 -1.64 9.87
C ASP A 161 -22.21 -1.94 10.89
N ARG A 162 -22.53 -2.75 11.89
CA ARG A 162 -21.56 -3.12 12.91
C ARG A 162 -21.57 -4.62 13.16
N ILE A 163 -21.75 -5.38 12.09
CA ILE A 163 -21.78 -6.85 12.18
C ILE A 163 -20.40 -7.44 11.87
N ARG A 164 -19.94 -8.34 12.72
CA ARG A 164 -18.65 -8.98 12.54
C ARG A 164 -18.74 -10.13 11.54
N GLY A 1 30.65 -6.75 24.95
CA GLY A 1 31.97 -6.62 24.33
C GLY A 1 32.98 -7.59 24.92
N GLU A 2 34.24 -7.41 24.57
CA GLU A 2 35.30 -8.27 25.07
C GLU A 2 35.53 -8.05 26.56
N ASN A 3 35.38 -9.11 27.35
CA ASN A 3 35.57 -9.03 28.79
C ASN A 3 35.85 -10.41 29.38
N ILE A 4 34.84 -11.26 29.39
CA ILE A 4 34.98 -12.62 29.93
C ILE A 4 34.81 -13.67 28.82
N THR A 5 35.34 -14.85 29.06
CA THR A 5 35.25 -15.95 28.10
C THR A 5 33.98 -16.76 28.29
N GLN A 6 33.40 -16.67 29.49
CA GLN A 6 32.18 -17.40 29.80
C GLN A 6 31.09 -17.11 28.77
N PRO A 7 30.10 -18.03 28.64
CA PRO A 7 29.00 -17.86 27.69
C PRO A 7 28.11 -16.67 28.03
N THR A 8 27.16 -16.36 27.14
CA THR A 8 26.25 -15.26 27.35
C THR A 8 24.80 -15.70 27.21
N GLN A 9 23.96 -15.33 28.17
CA GLN A 9 22.56 -15.68 28.14
C GLN A 9 21.68 -14.45 28.40
N GLN A 10 20.79 -14.16 27.45
CA GLN A 10 19.90 -13.01 27.57
C GLN A 10 20.68 -11.71 27.58
N SER A 11 21.27 -11.37 26.43
CA SER A 11 22.05 -10.15 26.29
C SER A 11 21.26 -9.08 25.56
N THR A 12 19.95 -9.02 25.81
CA THR A 12 19.09 -8.05 25.18
C THR A 12 17.75 -7.95 25.89
N GLN A 13 17.35 -6.72 26.24
CA GLN A 13 16.08 -6.51 26.94
C GLN A 13 14.90 -6.70 25.98
N ALA A 14 14.10 -7.72 26.26
CA ALA A 14 12.94 -8.02 25.44
C ALA A 14 12.05 -9.07 26.09
N THR A 15 11.81 -8.90 27.39
CA THR A 15 10.97 -9.83 28.14
C THR A 15 9.64 -9.20 28.52
N GLN A 16 9.70 -8.08 29.24
CA GLN A 16 8.50 -7.37 29.66
C GLN A 16 7.78 -6.76 28.48
N ARG A 17 8.55 -6.18 27.56
CA ARG A 17 7.99 -5.55 26.37
C ARG A 17 7.44 -6.61 25.40
N PHE A 18 8.11 -7.75 25.33
CA PHE A 18 7.70 -8.83 24.45
C PHE A 18 6.27 -9.26 24.74
N LEU A 19 5.94 -9.41 26.03
CA LEU A 19 4.60 -9.83 26.43
C LEU A 19 3.55 -8.84 25.92
N ILE A 20 3.93 -7.58 25.83
CA ILE A 20 3.02 -6.54 25.35
C ILE A 20 2.79 -6.66 23.85
N GLU A 21 3.87 -6.93 23.11
CA GLU A 21 3.81 -7.06 21.66
C GLU A 21 2.82 -8.15 21.27
N LYS A 22 2.91 -9.31 21.92
CA LYS A 22 2.02 -10.42 21.64
C LYS A 22 0.59 -10.10 22.04
N PHE A 23 0.44 -9.32 23.11
CA PHE A 23 -0.88 -8.93 23.59
C PHE A 23 -1.59 -8.04 22.58
N SER A 24 -0.87 -7.04 22.08
CA SER A 24 -1.43 -6.11 21.11
C SER A 24 -1.88 -6.84 19.85
N GLN A 25 -1.19 -7.93 19.53
CA GLN A 25 -1.51 -8.73 18.35
C GLN A 25 -1.39 -7.89 17.08
N GLU A 26 -1.32 -8.57 15.94
CA GLU A 26 -1.19 -7.88 14.65
C GLU A 26 -2.47 -7.12 14.31
N GLN A 27 -2.31 -5.89 13.84
CA GLN A 27 -3.45 -5.06 13.47
C GLN A 27 -4.04 -5.50 12.13
N ILE A 28 -5.36 -5.60 12.07
CA ILE A 28 -6.04 -6.00 10.84
C ILE A 28 -6.21 -4.83 9.89
N GLY A 29 -6.01 -5.11 8.62
CA GLY A 29 -6.13 -4.09 7.60
C GLY A 29 -7.41 -4.21 6.81
N GLU A 30 -8.52 -3.86 7.43
CA GLU A 30 -9.82 -3.92 6.77
C GLU A 30 -10.08 -2.67 5.93
N ASN A 31 -9.47 -1.56 6.34
CA ASN A 31 -9.60 -0.31 5.61
C ASN A 31 -8.27 -0.01 4.92
N ILE A 32 -7.27 -0.75 5.37
CA ILE A 32 -5.93 -0.63 4.88
C ILE A 32 -5.83 -1.17 3.45
N VAL A 33 -5.94 -0.26 2.49
CA VAL A 33 -5.90 -0.58 1.07
C VAL A 33 -4.94 -1.71 0.75
N CYS A 34 -3.65 -1.49 1.01
CA CYS A 34 -2.63 -2.49 0.72
C CYS A 34 -1.40 -2.35 1.61
N ARG A 35 -0.58 -3.40 1.64
CA ARG A 35 0.64 -3.40 2.42
C ARG A 35 1.85 -3.67 1.54
N VAL A 36 2.73 -2.68 1.42
CA VAL A 36 3.93 -2.82 0.59
C VAL A 36 5.08 -3.39 1.41
N ILE A 37 5.67 -4.46 0.90
CA ILE A 37 6.77 -5.12 1.59
C ILE A 37 8.01 -5.26 0.72
N CYS A 38 9.04 -4.49 1.03
CA CYS A 38 10.30 -4.55 0.31
C CYS A 38 11.36 -5.18 1.22
N THR A 39 11.76 -6.41 0.91
CA THR A 39 12.73 -7.12 1.73
C THR A 39 14.08 -7.30 1.06
N THR A 40 14.11 -7.25 -0.27
CA THR A 40 15.36 -7.42 -1.01
C THR A 40 16.44 -6.46 -0.51
N GLY A 41 16.00 -5.35 0.08
CA GLY A 41 16.94 -4.37 0.59
C GLY A 41 16.79 -3.02 -0.07
N GLN A 42 15.55 -2.55 -0.17
CA GLN A 42 15.27 -1.26 -0.79
C GLN A 42 14.60 -0.32 0.20
N ILE A 43 13.36 -0.65 0.58
CA ILE A 43 12.59 0.17 1.51
C ILE A 43 11.91 -0.71 2.56
N PRO A 44 11.98 -0.31 3.84
CA PRO A 44 11.35 -1.07 4.93
C PRO A 44 9.84 -1.19 4.72
N ILE A 45 9.28 -2.31 5.18
CA ILE A 45 7.84 -2.56 5.04
C ILE A 45 7.01 -1.32 5.37
N ARG A 46 6.10 -0.98 4.46
CA ARG A 46 5.23 0.17 4.66
C ARG A 46 3.77 -0.25 4.42
N ASP A 47 2.85 0.39 5.14
CA ASP A 47 1.44 0.05 5.01
C ASP A 47 0.66 1.11 4.24
N LEU A 48 0.07 0.69 3.13
CA LEU A 48 -0.73 1.58 2.30
C LEU A 48 -2.18 1.49 2.70
N SER A 49 -2.85 2.62 2.91
CA SER A 49 -4.24 2.59 3.33
C SER A 49 -5.12 3.58 2.59
N ALA A 50 -6.41 3.32 2.67
CA ALA A 50 -7.41 4.20 2.05
C ALA A 50 -8.71 4.20 2.84
N ASP A 51 -9.58 5.15 2.54
CA ASP A 51 -10.86 5.27 3.23
C ASP A 51 -11.96 4.50 2.50
N ILE A 52 -12.56 3.55 3.20
CA ILE A 52 -13.62 2.73 2.64
C ILE A 52 -14.87 3.54 2.30
N SER A 53 -15.27 4.42 3.21
CA SER A 53 -16.44 5.24 3.01
C SER A 53 -16.27 6.19 1.84
N GLN A 54 -15.06 6.70 1.69
CA GLN A 54 -14.75 7.63 0.62
C GLN A 54 -14.76 6.92 -0.73
N VAL A 55 -14.28 5.69 -0.76
CA VAL A 55 -14.25 4.90 -1.99
C VAL A 55 -15.65 4.42 -2.36
N LEU A 56 -16.41 4.00 -1.36
CA LEU A 56 -17.77 3.51 -1.58
C LEU A 56 -18.63 4.58 -2.24
N LYS A 57 -18.42 5.83 -1.84
CA LYS A 57 -19.19 6.95 -2.38
C LYS A 57 -18.64 7.34 -3.75
N GLU A 58 -17.32 7.31 -3.89
CA GLU A 58 -16.66 7.66 -5.15
C GLU A 58 -17.26 8.93 -5.75
N LYS A 59 -17.46 9.93 -4.91
CA LYS A 59 -18.02 11.20 -5.34
C LYS A 59 -16.93 12.25 -5.51
N ARG A 60 -16.23 12.55 -4.41
CA ARG A 60 -15.15 13.53 -4.43
C ARG A 60 -14.00 13.09 -3.52
N SER A 61 -13.75 11.79 -3.48
CA SER A 61 -12.67 11.25 -2.64
C SER A 61 -12.32 9.84 -3.07
N ILE A 62 -11.99 9.67 -4.35
CA ILE A 62 -11.63 8.37 -4.90
C ILE A 62 -10.47 8.49 -5.88
N LYS A 63 -9.28 8.76 -5.34
CA LYS A 63 -8.08 8.90 -6.17
C LYS A 63 -6.83 9.03 -5.30
N LYS A 64 -6.40 7.91 -4.74
CA LYS A 64 -5.20 7.89 -3.89
C LYS A 64 -4.10 7.06 -4.54
N VAL A 65 -2.89 7.59 -4.55
CA VAL A 65 -1.76 6.89 -5.15
C VAL A 65 -0.51 6.99 -4.28
N TRP A 66 0.18 5.88 -4.17
CA TRP A 66 1.42 5.83 -3.38
C TRP A 66 2.65 5.92 -4.27
N THR A 67 3.66 6.66 -3.83
CA THR A 67 4.88 6.81 -4.61
C THR A 67 6.12 6.49 -3.80
N PHE A 68 6.96 5.64 -4.36
CA PHE A 68 8.22 5.25 -3.75
C PHE A 68 9.35 6.02 -4.41
N GLY A 69 10.07 6.84 -3.66
CA GLY A 69 11.16 7.58 -4.25
C GLY A 69 11.57 8.78 -3.44
N ARG A 70 12.20 9.75 -4.09
CA ARG A 70 12.63 10.93 -3.37
C ARG A 70 11.43 11.81 -3.11
N ASN A 71 10.87 11.56 -1.96
CA ASN A 71 9.71 12.28 -1.46
C ASN A 71 9.80 12.31 0.05
N PRO A 72 9.11 13.24 0.72
CA PRO A 72 9.13 13.27 2.17
C PRO A 72 8.51 12.01 2.73
N ALA A 73 7.96 11.21 1.83
CA ALA A 73 7.33 9.94 2.14
C ALA A 73 6.04 9.83 1.39
N CYS A 74 6.12 10.03 0.09
CA CYS A 74 4.92 9.95 -0.72
C CYS A 74 4.31 8.61 -0.38
N ASP A 75 4.98 7.56 -0.81
CA ASP A 75 4.63 6.24 -0.35
C ASP A 75 5.57 5.95 0.81
N TYR A 76 6.85 6.25 0.52
CA TYR A 76 7.95 6.06 1.46
C TYR A 76 9.01 7.17 1.33
N HIS A 77 9.58 7.60 2.44
CA HIS A 77 10.64 8.60 2.40
C HIS A 77 12.01 7.93 2.45
N LEU A 78 12.72 7.94 1.31
CA LEU A 78 14.04 7.31 1.25
C LEU A 78 15.04 8.19 0.49
N GLY A 79 16.27 7.69 0.38
CA GLY A 79 17.32 8.43 -0.31
C GLY A 79 16.91 8.87 -1.70
N ASN A 80 17.58 9.90 -2.21
CA ASN A 80 17.26 10.42 -3.55
C ASN A 80 18.39 10.16 -4.53
N ILE A 81 18.23 9.12 -5.35
CA ILE A 81 19.22 8.77 -6.37
C ILE A 81 18.62 8.97 -7.75
N SER A 82 19.33 9.68 -8.61
CA SER A 82 18.85 9.94 -9.97
C SER A 82 18.45 8.66 -10.69
N ARG A 83 19.02 7.52 -10.27
CA ARG A 83 18.72 6.24 -10.90
C ARG A 83 17.58 5.51 -10.17
N LEU A 84 17.93 4.58 -9.27
CA LEU A 84 16.95 3.84 -8.52
C LEU A 84 16.98 4.26 -7.06
N SER A 85 15.92 4.94 -6.68
CA SER A 85 15.76 5.45 -5.31
C SER A 85 14.79 6.61 -5.32
N ASN A 86 14.91 7.47 -6.33
CA ASN A 86 14.00 8.60 -6.46
C ASN A 86 12.63 8.04 -6.79
N LYS A 87 11.76 8.83 -7.42
CA LYS A 87 10.44 8.34 -7.79
C LYS A 87 10.61 7.06 -8.62
N HIS A 88 10.99 5.98 -7.94
CA HIS A 88 11.26 4.72 -8.60
C HIS A 88 10.01 3.91 -8.89
N PHE A 89 8.90 4.22 -8.25
CA PHE A 89 7.67 3.48 -8.53
C PHE A 89 6.48 4.02 -7.75
N GLN A 90 5.29 3.69 -8.24
CA GLN A 90 4.07 4.16 -7.61
C GLN A 90 2.96 3.10 -7.53
N ILE A 91 2.00 3.34 -6.64
CA ILE A 91 0.85 2.46 -6.47
C ILE A 91 -0.44 3.26 -6.62
N LEU A 92 -1.38 2.78 -7.43
CA LEU A 92 -2.63 3.51 -7.64
C LEU A 92 -3.82 2.83 -6.95
N LEU A 93 -4.70 3.65 -6.38
CA LEU A 93 -5.89 3.15 -5.70
C LEU A 93 -7.14 3.83 -6.26
N GLY A 94 -8.14 3.02 -6.59
CA GLY A 94 -9.38 3.56 -7.12
C GLY A 94 -9.87 2.82 -8.36
N GLU A 95 -10.43 3.56 -9.31
CA GLU A 95 -10.93 2.96 -10.54
C GLU A 95 -12.09 2.01 -10.24
N ASP A 96 -13.25 2.57 -9.94
CA ASP A 96 -14.44 1.78 -9.62
C ASP A 96 -14.17 0.86 -8.43
N GLY A 97 -13.48 1.39 -7.44
CA GLY A 97 -13.17 0.61 -6.24
C GLY A 97 -12.27 -0.57 -6.54
N ASN A 98 -11.00 -0.28 -6.83
CA ASN A 98 -10.03 -1.33 -7.13
C ASN A 98 -8.61 -0.84 -6.86
N LEU A 99 -7.67 -1.79 -6.81
CA LEU A 99 -6.27 -1.46 -6.55
C LEU A 99 -5.44 -1.58 -7.84
N LEU A 100 -4.56 -0.61 -8.06
CA LEU A 100 -3.71 -0.62 -9.24
C LEU A 100 -2.26 -0.31 -8.87
N LEU A 101 -1.31 -0.85 -9.61
CA LEU A 101 0.10 -0.60 -9.32
C LEU A 101 0.73 0.16 -10.47
N ASN A 102 1.43 1.26 -10.18
CA ASN A 102 2.05 2.02 -11.24
C ASN A 102 3.55 1.88 -11.16
N ASP A 103 4.13 1.22 -12.14
CA ASP A 103 5.56 1.05 -12.14
C ASP A 103 6.22 2.28 -12.73
N ILE A 104 6.89 3.04 -11.89
CA ILE A 104 7.60 4.20 -12.35
C ILE A 104 9.05 4.07 -11.92
N SER A 105 9.89 3.83 -12.88
CA SER A 105 11.32 3.68 -12.65
C SER A 105 12.08 4.47 -13.70
N THR A 106 13.38 4.65 -13.53
CA THR A 106 14.12 5.42 -14.50
C THR A 106 14.23 4.68 -15.84
N ASN A 107 14.89 3.51 -15.85
CA ASN A 107 15.00 2.77 -17.09
C ASN A 107 14.23 1.44 -17.13
N GLY A 108 14.11 0.75 -15.98
CA GLY A 108 13.43 -0.52 -15.99
C GLY A 108 12.61 -0.89 -14.75
N THR A 109 11.35 -1.27 -14.95
CA THR A 109 10.51 -1.76 -13.85
C THR A 109 10.04 -3.16 -14.19
N TRP A 110 10.05 -4.07 -13.21
CA TRP A 110 9.64 -5.44 -13.46
C TRP A 110 8.46 -5.89 -12.62
N LEU A 111 7.66 -6.79 -13.18
CA LEU A 111 6.53 -7.36 -12.49
C LEU A 111 6.69 -8.87 -12.46
N ASN A 112 6.91 -9.41 -11.26
CA ASN A 112 7.09 -10.85 -11.08
C ASN A 112 8.04 -11.44 -12.13
N GLY A 113 9.16 -10.76 -12.38
CA GLY A 113 10.12 -11.24 -13.33
C GLY A 113 9.71 -10.98 -14.77
N GLN A 114 8.89 -9.96 -14.97
CA GLN A 114 8.43 -9.61 -16.31
C GLN A 114 8.46 -8.10 -16.50
N LYS A 115 9.53 -7.63 -17.12
CA LYS A 115 9.71 -6.21 -17.39
C LYS A 115 8.43 -5.59 -17.96
N VAL A 116 8.03 -4.45 -17.41
CA VAL A 116 6.80 -3.77 -17.84
C VAL A 116 7.08 -2.34 -18.29
N GLU A 117 6.01 -1.65 -18.68
CA GLU A 117 6.10 -0.27 -19.13
C GLU A 117 6.06 0.70 -17.96
N LYS A 118 6.84 1.77 -18.03
CA LYS A 118 6.87 2.77 -16.98
C LYS A 118 5.52 3.46 -16.86
N ASN A 119 5.29 4.15 -15.74
CA ASN A 119 4.03 4.84 -15.50
C ASN A 119 2.86 4.08 -16.09
N SER A 120 2.90 2.76 -15.96
CA SER A 120 1.86 1.89 -16.50
C SER A 120 1.06 1.25 -15.36
N ASN A 121 -0.17 1.71 -15.17
CA ASN A 121 -1.04 1.18 -14.12
C ASN A 121 -1.15 -0.34 -14.23
N GLN A 122 -1.28 -0.99 -13.08
CA GLN A 122 -1.38 -2.45 -13.06
C GLN A 122 -2.57 -2.92 -12.25
N LEU A 123 -3.09 -4.09 -12.61
CA LEU A 123 -4.21 -4.69 -11.91
C LEU A 123 -3.73 -5.39 -10.65
N LEU A 124 -4.25 -4.98 -9.50
CA LEU A 124 -3.83 -5.57 -8.24
C LEU A 124 -3.81 -7.09 -8.29
N SER A 125 -2.79 -7.62 -7.68
CA SER A 125 -2.57 -9.06 -7.60
C SER A 125 -2.34 -9.48 -6.16
N GLN A 126 -2.69 -10.71 -5.82
CA GLN A 126 -2.49 -11.21 -4.46
C GLN A 126 -1.00 -11.41 -4.21
N GLY A 127 -0.44 -10.60 -3.31
CA GLY A 127 0.96 -10.72 -3.00
C GLY A 127 1.85 -10.37 -4.17
N ASP A 128 1.37 -9.48 -5.04
CA ASP A 128 2.12 -9.06 -6.22
C ASP A 128 3.52 -8.58 -5.84
N GLU A 129 4.41 -8.55 -6.81
CA GLU A 129 5.79 -8.12 -6.57
C GLU A 129 6.38 -7.41 -7.79
N ILE A 130 7.05 -6.28 -7.55
CA ILE A 130 7.69 -5.52 -8.61
C ILE A 130 9.20 -5.56 -8.45
N THR A 131 9.90 -5.93 -9.51
CA THR A 131 11.36 -6.01 -9.47
C THR A 131 11.99 -4.81 -10.17
N VAL A 132 13.12 -4.34 -9.63
CA VAL A 132 13.80 -3.19 -10.21
C VAL A 132 15.32 -3.36 -10.19
N GLY A 133 15.99 -2.64 -11.08
CA GLY A 133 17.44 -2.69 -11.16
C GLY A 133 17.94 -4.02 -11.69
N VAL A 134 17.23 -4.54 -12.68
CA VAL A 134 17.59 -5.82 -13.28
C VAL A 134 18.82 -5.71 -14.17
N GLY A 135 19.48 -6.84 -14.35
CA GLY A 135 20.67 -6.90 -15.16
C GLY A 135 21.57 -8.04 -14.71
N VAL A 136 21.76 -8.12 -13.40
CA VAL A 136 22.56 -9.16 -12.79
C VAL A 136 21.75 -9.87 -11.71
N GLU A 137 21.80 -11.19 -11.72
CA GLU A 137 21.05 -11.98 -10.73
C GLU A 137 21.33 -11.50 -9.31
N SER A 138 22.54 -11.01 -9.09
CA SER A 138 22.94 -10.53 -7.78
C SER A 138 22.75 -9.02 -7.64
N ASP A 139 22.15 -8.39 -8.65
CA ASP A 139 21.93 -6.95 -8.61
C ASP A 139 20.50 -6.57 -8.89
N ILE A 140 19.60 -7.45 -8.52
CA ILE A 140 18.17 -7.23 -8.70
C ILE A 140 17.49 -6.90 -7.38
N LEU A 141 16.56 -5.96 -7.46
CA LEU A 141 15.79 -5.53 -6.30
C LEU A 141 14.31 -5.85 -6.48
N SER A 142 13.68 -6.38 -5.44
CA SER A 142 12.27 -6.76 -5.52
C SER A 142 11.43 -6.01 -4.50
N LEU A 143 10.17 -5.84 -4.84
CA LEU A 143 9.19 -5.17 -3.99
C LEU A 143 7.90 -5.98 -4.00
N VAL A 144 7.34 -6.24 -2.82
CA VAL A 144 6.11 -7.01 -2.74
C VAL A 144 4.94 -6.17 -2.26
N ILE A 145 3.77 -6.40 -2.87
CA ILE A 145 2.57 -5.67 -2.51
C ILE A 145 1.52 -6.63 -1.95
N PHE A 146 1.01 -6.32 -0.76
CA PHE A 146 0.01 -7.16 -0.11
C PHE A 146 -1.37 -6.50 -0.16
N ILE A 147 -2.35 -7.22 -0.69
CA ILE A 147 -3.71 -6.72 -0.79
C ILE A 147 -4.60 -7.32 0.28
N ASN A 148 -5.38 -6.48 0.95
CA ASN A 148 -6.29 -6.95 2.00
C ASN A 148 -7.61 -7.42 1.40
N ASP A 149 -7.85 -8.73 1.46
CA ASP A 149 -9.07 -9.32 0.92
C ASP A 149 -10.31 -8.67 1.53
N LYS A 150 -10.17 -8.17 2.76
CA LYS A 150 -11.27 -7.53 3.45
C LYS A 150 -11.83 -6.37 2.64
N PHE A 151 -10.94 -5.67 1.95
CA PHE A 151 -11.33 -4.53 1.12
C PHE A 151 -12.18 -4.99 -0.06
N LYS A 152 -11.77 -6.10 -0.67
CA LYS A 152 -12.49 -6.65 -1.82
C LYS A 152 -13.91 -7.04 -1.42
N GLN A 153 -14.04 -7.79 -0.34
CA GLN A 153 -15.34 -8.24 0.13
C GLN A 153 -16.24 -7.04 0.45
N CYS A 154 -15.66 -6.00 1.01
CA CYS A 154 -16.40 -4.80 1.36
C CYS A 154 -16.92 -4.10 0.10
N LEU A 155 -16.07 -3.97 -0.90
CA LEU A 155 -16.44 -3.32 -2.15
C LEU A 155 -17.45 -4.18 -2.91
N GLU A 156 -17.28 -5.49 -2.87
CA GLU A 156 -18.17 -6.41 -3.55
C GLU A 156 -19.60 -6.25 -3.04
N GLN A 157 -19.73 -6.07 -1.72
CA GLN A 157 -21.04 -5.92 -1.11
C GLN A 157 -21.48 -4.45 -1.14
N ASN A 158 -20.52 -3.55 -0.98
CA ASN A 158 -20.80 -2.11 -0.99
C ASN A 158 -22.07 -1.78 -0.21
N LYS A 159 -21.90 -1.50 1.08
CA LYS A 159 -23.03 -1.17 1.95
C LYS A 159 -23.52 0.26 1.68
N VAL A 160 -24.76 0.37 1.24
CA VAL A 160 -25.35 1.68 0.95
C VAL A 160 -26.07 2.23 2.17
N ASP A 161 -25.81 3.49 2.48
CA ASP A 161 -26.43 4.15 3.63
C ASP A 161 -27.73 4.84 3.22
N ARG A 162 -27.77 5.34 1.99
CA ARG A 162 -28.95 6.04 1.48
C ARG A 162 -30.09 5.06 1.27
N ILE A 163 -30.04 4.32 0.17
CA ILE A 163 -31.09 3.34 -0.15
C ILE A 163 -30.60 1.92 0.09
N ARG A 164 -31.46 1.10 0.71
CA ARG A 164 -31.12 -0.28 0.99
C ARG A 164 -31.38 -1.17 -0.22
N GLY A 1 -35.30 -10.40 35.13
CA GLY A 1 -36.37 -9.76 35.87
C GLY A 1 -35.92 -8.48 36.53
N GLU A 2 -35.87 -7.40 35.76
CA GLU A 2 -35.45 -6.10 36.28
C GLU A 2 -36.39 -5.63 37.39
N ASN A 3 -35.83 -4.97 38.39
CA ASN A 3 -36.62 -4.47 39.51
C ASN A 3 -36.40 -2.97 39.69
N ILE A 4 -36.37 -2.24 38.58
CA ILE A 4 -36.18 -0.79 38.62
C ILE A 4 -34.81 -0.45 39.20
N THR A 5 -33.79 -0.48 38.34
CA THR A 5 -32.43 -0.16 38.76
C THR A 5 -31.91 1.09 38.06
N GLN A 6 -30.69 1.48 38.38
CA GLN A 6 -30.07 2.66 37.79
C GLN A 6 -28.89 2.27 36.90
N PRO A 7 -29.15 2.03 35.60
CA PRO A 7 -28.10 1.64 34.65
C PRO A 7 -27.11 2.78 34.39
N THR A 8 -25.83 2.51 34.64
CA THR A 8 -24.79 3.50 34.43
C THR A 8 -24.97 4.69 35.37
N GLN A 9 -23.86 5.18 35.92
CA GLN A 9 -23.89 6.32 36.83
C GLN A 9 -23.01 7.45 36.32
N GLN A 10 -22.96 7.59 35.00
CA GLN A 10 -22.16 8.65 34.39
C GLN A 10 -22.82 9.17 33.12
N SER A 11 -22.73 10.47 32.91
CA SER A 11 -23.32 11.10 31.73
C SER A 11 -22.89 12.56 31.61
N THR A 12 -21.75 12.79 30.98
CA THR A 12 -21.22 14.13 30.80
C THR A 12 -20.18 14.19 29.68
N GLN A 13 -19.09 13.44 29.88
CA GLN A 13 -18.02 13.40 28.89
C GLN A 13 -17.08 12.23 29.16
N ALA A 14 -16.12 12.03 28.26
CA ALA A 14 -15.14 10.95 28.41
C ALA A 14 -15.84 9.59 28.39
N THR A 15 -16.33 9.20 27.22
CA THR A 15 -17.01 7.91 27.07
C THR A 15 -17.02 7.47 25.61
N GLN A 16 -17.80 8.17 24.78
CA GLN A 16 -17.89 7.84 23.37
C GLN A 16 -16.61 8.23 22.64
N ARG A 17 -16.12 9.44 22.91
CA ARG A 17 -14.91 9.93 22.27
C ARG A 17 -13.72 9.04 22.61
N PHE A 18 -13.63 8.64 23.87
CA PHE A 18 -12.54 7.78 24.32
C PHE A 18 -12.51 6.48 23.54
N LEU A 19 -13.68 5.94 23.25
CA LEU A 19 -13.79 4.69 22.50
C LEU A 19 -13.21 4.84 21.10
N ILE A 20 -13.36 6.03 20.53
CA ILE A 20 -12.84 6.31 19.19
C ILE A 20 -11.33 6.45 19.21
N GLU A 21 -10.81 7.09 20.24
CA GLU A 21 -9.37 7.29 20.38
C GLU A 21 -8.63 5.96 20.37
N LYS A 22 -9.12 5.00 21.14
CA LYS A 22 -8.50 3.68 21.22
C LYS A 22 -8.48 3.00 19.85
N PHE A 23 -9.47 3.34 19.02
CA PHE A 23 -9.56 2.76 17.68
C PHE A 23 -8.36 3.14 16.83
N SER A 24 -8.04 4.43 16.83
CA SER A 24 -6.91 4.94 16.05
C SER A 24 -5.61 4.25 16.46
N GLN A 25 -5.50 3.91 17.74
CA GLN A 25 -4.30 3.24 18.24
C GLN A 25 -4.05 1.92 17.52
N GLU A 26 -5.14 1.27 17.09
CA GLU A 26 -5.04 0.01 16.38
C GLU A 26 -5.13 0.22 14.87
N GLN A 27 -4.26 -0.47 14.14
CA GLN A 27 -4.25 -0.36 12.68
C GLN A 27 -5.05 -1.49 12.04
N ILE A 28 -6.26 -1.15 11.58
CA ILE A 28 -7.12 -2.13 10.95
C ILE A 28 -6.79 -2.32 9.49
N GLY A 29 -6.83 -3.56 9.06
CA GLY A 29 -6.53 -3.89 7.68
C GLY A 29 -7.78 -4.05 6.82
N GLU A 30 -8.91 -3.61 7.35
CA GLU A 30 -10.18 -3.70 6.63
C GLU A 30 -10.43 -2.47 5.77
N ASN A 31 -9.80 -1.35 6.14
CA ASN A 31 -9.94 -0.11 5.37
C ASN A 31 -8.63 0.18 4.66
N ILE A 32 -7.60 -0.52 5.11
CA ILE A 32 -6.28 -0.37 4.59
C ILE A 32 -6.16 -1.02 3.20
N VAL A 33 -5.98 -0.18 2.20
CA VAL A 33 -5.86 -0.61 0.81
C VAL A 33 -4.91 -1.81 0.69
N CYS A 34 -3.64 -1.58 1.01
CA CYS A 34 -2.65 -2.66 0.92
C CYS A 34 -1.37 -2.30 1.68
N ARG A 35 -0.54 -3.32 1.91
CA ARG A 35 0.74 -3.13 2.60
C ARG A 35 1.89 -3.65 1.76
N VAL A 36 2.80 -2.75 1.38
CA VAL A 36 3.95 -3.12 0.57
C VAL A 36 5.13 -3.55 1.44
N ILE A 37 5.74 -4.67 1.08
CA ILE A 37 6.87 -5.18 1.84
C ILE A 37 8.04 -5.52 0.92
N CYS A 38 9.10 -4.71 0.99
CA CYS A 38 10.29 -4.96 0.19
C CYS A 38 11.22 -5.92 0.94
N THR A 39 11.28 -7.17 0.49
CA THR A 39 12.10 -8.17 1.16
C THR A 39 13.51 -8.24 0.58
N THR A 40 13.67 -7.87 -0.68
CA THR A 40 14.98 -7.91 -1.32
C THR A 40 15.99 -7.03 -0.59
N GLY A 41 15.49 -6.05 0.17
CA GLY A 41 16.37 -5.17 0.92
C GLY A 41 16.52 -3.81 0.28
N GLN A 42 15.47 -2.99 0.37
CA GLN A 42 15.49 -1.65 -0.20
C GLN A 42 14.57 -0.72 0.58
N ILE A 43 13.28 -0.93 0.44
CA ILE A 43 12.28 -0.10 1.12
C ILE A 43 11.70 -0.82 2.33
N PRO A 44 11.48 -0.09 3.44
CA PRO A 44 10.92 -0.68 4.66
C PRO A 44 9.41 -0.88 4.55
N ILE A 45 8.91 -1.94 5.18
CA ILE A 45 7.48 -2.25 5.13
C ILE A 45 6.62 -1.00 5.33
N ARG A 46 5.98 -0.56 4.26
CA ARG A 46 5.10 0.60 4.30
C ARG A 46 3.67 0.18 4.03
N ASP A 47 2.75 0.61 4.89
CA ASP A 47 1.35 0.25 4.73
C ASP A 47 0.58 1.36 4.02
N LEU A 48 0.01 1.01 2.87
CA LEU A 48 -0.79 1.95 2.09
C LEU A 48 -2.25 1.75 2.43
N SER A 49 -2.96 2.83 2.70
CA SER A 49 -4.36 2.71 3.06
C SER A 49 -5.29 3.33 2.01
N ALA A 50 -6.55 2.96 2.11
CA ALA A 50 -7.57 3.46 1.20
C ALA A 50 -8.54 4.39 1.91
N ASP A 51 -9.33 5.12 1.13
CA ASP A 51 -10.31 6.05 1.70
C ASP A 51 -11.67 5.38 1.86
N ILE A 52 -11.67 4.17 2.40
CA ILE A 52 -12.91 3.43 2.62
C ILE A 52 -13.87 4.24 3.48
N SER A 53 -13.33 4.89 4.50
CA SER A 53 -14.12 5.69 5.41
C SER A 53 -14.70 6.91 4.71
N GLN A 54 -13.91 7.51 3.83
CA GLN A 54 -14.33 8.68 3.08
C GLN A 54 -15.45 8.34 2.10
N VAL A 55 -15.30 7.20 1.43
CA VAL A 55 -16.30 6.75 0.46
C VAL A 55 -17.64 6.47 1.15
N LEU A 56 -17.56 5.91 2.36
CA LEU A 56 -18.76 5.59 3.12
C LEU A 56 -19.46 6.86 3.60
N LYS A 57 -18.69 7.93 3.74
CA LYS A 57 -19.24 9.21 4.19
C LYS A 57 -19.63 10.10 3.01
N GLU A 58 -18.69 10.33 2.11
CA GLU A 58 -18.93 11.15 0.93
C GLU A 58 -19.12 10.30 -0.32
N LYS A 59 -19.31 10.96 -1.46
CA LYS A 59 -19.51 10.26 -2.72
C LYS A 59 -18.21 10.25 -3.53
N ARG A 60 -17.42 11.30 -3.38
CA ARG A 60 -16.15 11.42 -4.11
C ARG A 60 -14.98 11.30 -3.15
N SER A 61 -14.22 10.22 -3.28
CA SER A 61 -13.06 10.00 -2.43
C SER A 61 -12.19 8.86 -2.99
N ILE A 62 -12.16 8.76 -4.32
CA ILE A 62 -11.38 7.71 -4.97
C ILE A 62 -10.29 8.32 -5.86
N LYS A 63 -9.11 8.52 -5.28
CA LYS A 63 -7.98 9.10 -5.99
C LYS A 63 -6.76 9.20 -5.10
N LYS A 64 -6.20 8.04 -4.75
CA LYS A 64 -5.02 7.98 -3.89
C LYS A 64 -3.93 7.15 -4.54
N VAL A 65 -2.71 7.68 -4.57
CA VAL A 65 -1.58 6.98 -5.17
C VAL A 65 -0.34 7.06 -4.29
N TRP A 66 0.34 5.92 -4.16
CA TRP A 66 1.56 5.86 -3.36
C TRP A 66 2.81 5.86 -4.23
N THR A 67 3.84 6.57 -3.77
CA THR A 67 5.09 6.64 -4.51
C THR A 67 6.29 6.29 -3.65
N PHE A 68 7.10 5.39 -4.15
CA PHE A 68 8.31 4.97 -3.46
C PHE A 68 9.51 5.66 -4.08
N GLY A 69 10.22 6.47 -3.32
CA GLY A 69 11.38 7.13 -3.88
C GLY A 69 11.78 8.35 -3.09
N ARG A 70 12.49 9.27 -3.73
CA ARG A 70 12.89 10.46 -3.02
C ARG A 70 11.69 11.38 -2.92
N ASN A 71 11.00 11.20 -1.83
CA ASN A 71 9.81 11.96 -1.49
C ASN A 71 9.73 12.07 0.02
N PRO A 72 9.07 13.10 0.55
CA PRO A 72 8.92 13.25 1.99
C PRO A 72 8.28 12.03 2.61
N ALA A 73 7.75 11.17 1.75
CA ALA A 73 7.11 9.92 2.13
C ALA A 73 5.87 9.73 1.32
N CYS A 74 6.02 9.86 0.03
CA CYS A 74 4.87 9.69 -0.83
C CYS A 74 4.27 8.34 -0.46
N ASP A 75 5.01 7.31 -0.82
CA ASP A 75 4.67 5.99 -0.33
C ASP A 75 5.53 5.77 0.90
N TYR A 76 6.82 6.11 0.71
CA TYR A 76 7.85 6.00 1.73
C TYR A 76 8.86 7.15 1.61
N HIS A 77 9.35 7.67 2.73
CA HIS A 77 10.35 8.72 2.68
C HIS A 77 11.76 8.13 2.74
N LEU A 78 12.47 8.17 1.63
CA LEU A 78 13.83 7.64 1.59
C LEU A 78 14.82 8.68 1.07
N GLY A 79 16.10 8.39 1.21
CA GLY A 79 17.14 9.31 0.76
C GLY A 79 16.97 9.71 -0.69
N ASN A 80 17.78 10.66 -1.13
CA ASN A 80 17.72 11.14 -2.51
C ASN A 80 18.76 10.43 -3.38
N ILE A 81 18.29 9.51 -4.22
CA ILE A 81 19.17 8.76 -5.10
C ILE A 81 18.93 9.16 -6.56
N SER A 82 19.96 9.02 -7.37
CA SER A 82 19.89 9.37 -8.79
C SER A 82 18.97 8.46 -9.61
N ARG A 83 19.08 7.14 -9.41
CA ARG A 83 18.27 6.21 -10.21
C ARG A 83 17.34 5.32 -9.36
N LEU A 84 17.82 4.15 -8.95
CA LEU A 84 17.02 3.22 -8.16
C LEU A 84 17.09 3.57 -6.70
N SER A 85 16.02 4.17 -6.26
CA SER A 85 15.83 4.62 -4.88
C SER A 85 14.96 5.86 -4.88
N ASN A 86 15.14 6.68 -5.90
CA ASN A 86 14.33 7.89 -6.05
C ASN A 86 12.92 7.45 -6.37
N LYS A 87 12.09 8.36 -6.88
CA LYS A 87 10.72 8.00 -7.26
C LYS A 87 10.79 6.78 -8.18
N HIS A 88 11.13 5.64 -7.60
CA HIS A 88 11.32 4.42 -8.36
C HIS A 88 10.03 3.66 -8.66
N PHE A 89 8.97 3.91 -7.95
CA PHE A 89 7.73 3.22 -8.27
C PHE A 89 6.55 3.77 -7.51
N GLN A 90 5.37 3.54 -8.06
CA GLN A 90 4.14 4.05 -7.47
C GLN A 90 2.99 3.03 -7.43
N ILE A 91 2.05 3.30 -6.53
CA ILE A 91 0.87 2.47 -6.37
C ILE A 91 -0.39 3.32 -6.53
N LEU A 92 -1.35 2.85 -7.32
CA LEU A 92 -2.59 3.60 -7.53
C LEU A 92 -3.78 2.94 -6.84
N LEU A 93 -4.68 3.78 -6.33
CA LEU A 93 -5.88 3.29 -5.65
C LEU A 93 -7.13 3.90 -6.27
N GLY A 94 -8.03 3.04 -6.74
CA GLY A 94 -9.26 3.52 -7.35
C GLY A 94 -9.88 2.50 -8.28
N GLU A 95 -10.14 2.91 -9.52
CA GLU A 95 -10.74 2.03 -10.51
C GLU A 95 -12.13 1.59 -10.05
N ASP A 96 -12.75 0.71 -10.84
CA ASP A 96 -14.08 0.21 -10.52
C ASP A 96 -14.02 -0.84 -9.42
N GLY A 97 -13.66 -0.41 -8.21
CA GLY A 97 -13.58 -1.32 -7.08
C GLY A 97 -12.39 -2.25 -7.18
N ASN A 98 -11.18 -1.69 -7.06
CA ASN A 98 -9.96 -2.49 -7.14
C ASN A 98 -8.74 -1.61 -6.92
N LEU A 99 -7.56 -2.23 -6.95
CA LEU A 99 -6.30 -1.51 -6.76
C LEU A 99 -5.48 -1.49 -8.04
N LEU A 100 -4.62 -0.50 -8.18
CA LEU A 100 -3.78 -0.37 -9.36
C LEU A 100 -2.33 -0.11 -8.95
N LEU A 101 -1.38 -0.61 -9.74
CA LEU A 101 0.03 -0.40 -9.42
C LEU A 101 0.70 0.42 -10.51
N ASN A 102 1.42 1.47 -10.14
CA ASN A 102 2.09 2.28 -11.14
C ASN A 102 3.58 2.11 -11.03
N ASP A 103 4.18 1.47 -12.03
CA ASP A 103 5.60 1.28 -11.99
C ASP A 103 6.28 2.50 -12.56
N ILE A 104 6.99 3.22 -11.69
CA ILE A 104 7.73 4.37 -12.13
C ILE A 104 9.19 4.20 -11.75
N SER A 105 9.98 3.96 -12.74
CA SER A 105 11.42 3.77 -12.58
C SER A 105 12.15 4.57 -13.64
N THR A 106 13.46 4.71 -13.52
CA THR A 106 14.18 5.50 -14.50
C THR A 106 14.22 4.80 -15.86
N ASN A 107 14.86 3.62 -15.95
CA ASN A 107 14.90 2.92 -17.22
C ASN A 107 14.10 1.60 -17.27
N GLY A 108 14.02 0.89 -16.14
CA GLY A 108 13.32 -0.39 -16.18
C GLY A 108 12.54 -0.79 -14.93
N THR A 109 11.25 -1.12 -15.09
CA THR A 109 10.44 -1.64 -13.99
C THR A 109 9.90 -3.01 -14.38
N TRP A 110 9.91 -3.96 -13.45
CA TRP A 110 9.45 -5.31 -13.75
C TRP A 110 8.29 -5.75 -12.88
N LEU A 111 7.44 -6.60 -13.45
CA LEU A 111 6.32 -7.15 -12.73
C LEU A 111 6.43 -8.68 -12.75
N ASN A 112 6.67 -9.26 -11.58
CA ASN A 112 6.82 -10.71 -11.46
C ASN A 112 7.71 -11.30 -12.55
N GLY A 113 8.83 -10.63 -12.83
CA GLY A 113 9.75 -11.12 -13.83
C GLY A 113 9.29 -10.81 -15.24
N GLN A 114 8.53 -9.74 -15.39
CA GLN A 114 8.03 -9.34 -16.70
C GLN A 114 8.10 -7.82 -16.87
N LYS A 115 9.17 -7.38 -17.51
CA LYS A 115 9.40 -5.97 -17.75
C LYS A 115 8.12 -5.28 -18.24
N VAL A 116 7.76 -4.18 -17.60
CA VAL A 116 6.56 -3.44 -17.96
C VAL A 116 6.87 -1.99 -18.35
N GLU A 117 5.82 -1.25 -18.68
CA GLU A 117 5.96 0.15 -19.08
C GLU A 117 5.96 1.07 -17.86
N LYS A 118 6.79 2.11 -17.90
CA LYS A 118 6.87 3.07 -16.80
C LYS A 118 5.55 3.81 -16.66
N ASN A 119 5.36 4.43 -15.49
CA ASN A 119 4.15 5.19 -15.22
C ASN A 119 2.93 4.52 -15.83
N SER A 120 2.93 3.19 -15.79
CA SER A 120 1.85 2.39 -16.35
C SER A 120 1.04 1.70 -15.25
N ASN A 121 -0.19 2.14 -15.06
CA ASN A 121 -1.06 1.56 -14.04
C ASN A 121 -1.23 0.05 -14.26
N GLN A 122 -1.25 -0.70 -13.17
CA GLN A 122 -1.39 -2.15 -13.27
C GLN A 122 -2.49 -2.68 -12.36
N LEU A 123 -3.17 -3.72 -12.82
CA LEU A 123 -4.25 -4.33 -12.04
C LEU A 123 -3.64 -5.10 -10.87
N LEU A 124 -3.98 -4.68 -9.66
CA LEU A 124 -3.46 -5.33 -8.47
C LEU A 124 -3.56 -6.83 -8.54
N SER A 125 -2.55 -7.48 -7.99
CA SER A 125 -2.47 -8.93 -7.94
C SER A 125 -2.24 -9.40 -6.51
N GLN A 126 -2.68 -10.61 -6.18
CA GLN A 126 -2.49 -11.13 -4.84
C GLN A 126 -1.03 -11.47 -4.62
N GLY A 127 -0.39 -10.74 -3.71
CA GLY A 127 1.00 -10.97 -3.42
C GLY A 127 1.90 -10.59 -4.58
N ASP A 128 1.44 -9.63 -5.39
CA ASP A 128 2.20 -9.17 -6.54
C ASP A 128 3.60 -8.71 -6.14
N GLU A 129 4.50 -8.66 -7.12
CA GLU A 129 5.87 -8.23 -6.87
C GLU A 129 6.44 -7.47 -8.06
N ILE A 130 7.12 -6.36 -7.78
CA ILE A 130 7.73 -5.56 -8.84
C ILE A 130 9.25 -5.65 -8.74
N THR A 131 9.89 -5.97 -9.85
CA THR A 131 11.34 -6.10 -9.88
C THR A 131 11.97 -4.89 -10.56
N VAL A 132 13.14 -4.48 -10.07
CA VAL A 132 13.82 -3.31 -10.63
C VAL A 132 15.34 -3.52 -10.70
N GLY A 133 15.98 -2.73 -11.57
CA GLY A 133 17.42 -2.81 -11.72
C GLY A 133 17.86 -4.13 -12.29
N VAL A 134 17.13 -4.61 -13.28
CA VAL A 134 17.44 -5.88 -13.92
C VAL A 134 18.62 -5.77 -14.88
N GLY A 135 19.24 -6.91 -15.12
CA GLY A 135 20.39 -6.99 -15.98
C GLY A 135 21.37 -8.02 -15.47
N VAL A 136 21.57 -8.00 -14.16
CA VAL A 136 22.45 -8.93 -13.48
C VAL A 136 21.70 -9.61 -12.34
N GLU A 137 21.70 -10.95 -12.34
CA GLU A 137 21.01 -11.71 -11.31
C GLU A 137 21.40 -11.23 -9.91
N SER A 138 22.62 -10.70 -9.79
CA SER A 138 23.12 -10.22 -8.53
C SER A 138 22.89 -8.71 -8.35
N ASP A 139 22.17 -8.10 -9.28
CA ASP A 139 21.91 -6.66 -9.19
C ASP A 139 20.43 -6.32 -9.38
N ILE A 140 19.58 -7.26 -9.04
CA ILE A 140 18.15 -7.08 -9.14
C ILE A 140 17.52 -6.79 -7.79
N LEU A 141 16.56 -5.89 -7.80
CA LEU A 141 15.84 -5.49 -6.60
C LEU A 141 14.35 -5.69 -6.80
N SER A 142 13.66 -6.26 -5.82
CA SER A 142 12.23 -6.51 -5.95
C SER A 142 11.42 -5.96 -4.79
N LEU A 143 10.17 -5.62 -5.10
CA LEU A 143 9.23 -5.09 -4.13
C LEU A 143 8.00 -5.99 -4.10
N VAL A 144 7.48 -6.26 -2.90
CA VAL A 144 6.32 -7.12 -2.76
C VAL A 144 5.15 -6.40 -2.12
N ILE A 145 3.95 -6.67 -2.62
CA ILE A 145 2.74 -6.05 -2.08
C ILE A 145 1.87 -7.07 -1.35
N PHE A 146 1.30 -6.63 -0.23
CA PHE A 146 0.44 -7.49 0.57
C PHE A 146 -0.96 -6.90 0.68
N ILE A 147 -1.90 -7.50 -0.03
CA ILE A 147 -3.28 -7.03 -0.01
C ILE A 147 -4.14 -7.85 0.94
N ASN A 148 -4.93 -7.16 1.75
CA ASN A 148 -5.81 -7.82 2.71
C ASN A 148 -7.07 -8.35 2.04
N ASP A 149 -7.49 -9.53 2.44
CA ASP A 149 -8.70 -10.14 1.90
C ASP A 149 -9.94 -9.43 2.43
N LYS A 150 -9.77 -8.71 3.54
CA LYS A 150 -10.87 -7.98 4.16
C LYS A 150 -11.36 -6.88 3.23
N PHE A 151 -10.41 -6.13 2.66
CA PHE A 151 -10.74 -5.03 1.75
C PHE A 151 -11.58 -5.55 0.58
N LYS A 152 -11.19 -6.69 0.05
CA LYS A 152 -11.90 -7.30 -1.08
C LYS A 152 -13.38 -7.51 -0.73
N GLN A 153 -13.63 -7.90 0.52
CA GLN A 153 -14.99 -8.14 0.98
C GLN A 153 -15.80 -6.85 0.97
N CYS A 154 -15.15 -5.74 1.30
CA CYS A 154 -15.82 -4.44 1.32
C CYS A 154 -16.42 -4.11 -0.04
N LEU A 155 -15.64 -4.34 -1.10
CA LEU A 155 -16.10 -4.06 -2.45
C LEU A 155 -17.24 -4.98 -2.84
N GLU A 156 -17.16 -6.24 -2.41
CA GLU A 156 -18.19 -7.22 -2.71
C GLU A 156 -19.54 -6.78 -2.15
N GLN A 157 -19.52 -6.24 -0.94
CA GLN A 157 -20.74 -5.77 -0.29
C GLN A 157 -21.07 -4.34 -0.70
N ASN A 158 -20.02 -3.53 -0.86
CA ASN A 158 -20.17 -2.13 -1.25
C ASN A 158 -21.29 -1.44 -0.45
N LYS A 159 -21.60 -0.20 -0.83
CA LYS A 159 -22.64 0.56 -0.15
C LYS A 159 -24.02 0.18 -0.67
N VAL A 160 -25.01 0.20 0.21
CA VAL A 160 -26.38 -0.14 -0.16
C VAL A 160 -27.19 1.13 -0.44
N ASP A 161 -27.87 1.14 -1.59
CA ASP A 161 -28.69 2.29 -1.98
C ASP A 161 -30.03 2.27 -1.25
N ARG A 162 -30.65 3.44 -1.15
CA ARG A 162 -31.95 3.56 -0.48
C ARG A 162 -32.91 4.39 -1.32
N ILE A 163 -32.71 4.39 -2.63
CA ILE A 163 -33.56 5.14 -3.55
C ILE A 163 -34.49 4.22 -4.32
N ARG A 164 -35.78 4.54 -4.33
CA ARG A 164 -36.77 3.74 -5.03
C ARG A 164 -36.50 3.74 -6.53
N GLY A 1 -51.21 14.96 6.28
CA GLY A 1 -50.36 15.47 5.22
C GLY A 1 -49.18 14.56 4.94
N GLU A 2 -47.98 15.02 5.28
CA GLU A 2 -46.77 14.23 5.06
C GLU A 2 -45.78 14.41 6.21
N ASN A 3 -44.91 13.43 6.39
CA ASN A 3 -43.91 13.48 7.45
C ASN A 3 -42.96 14.66 7.25
N ILE A 4 -41.97 14.76 8.13
CA ILE A 4 -40.99 15.84 8.06
C ILE A 4 -39.57 15.29 8.02
N THR A 5 -38.79 15.75 7.05
CA THR A 5 -37.41 15.30 6.90
C THR A 5 -36.58 16.32 6.13
N GLN A 6 -35.38 16.59 6.62
CA GLN A 6 -34.48 17.56 5.98
C GLN A 6 -33.11 17.54 6.64
N PRO A 7 -32.03 17.55 5.84
CA PRO A 7 -30.66 17.54 6.35
C PRO A 7 -30.25 18.89 6.93
N THR A 8 -30.61 19.12 8.18
CA THR A 8 -30.26 20.37 8.85
C THR A 8 -28.75 20.54 8.96
N GLN A 9 -28.08 19.51 9.47
CA GLN A 9 -26.63 19.56 9.63
C GLN A 9 -26.11 18.21 10.13
N GLN A 10 -25.29 17.56 9.31
CA GLN A 10 -24.71 16.27 9.66
C GLN A 10 -23.60 16.43 10.70
N SER A 11 -23.54 15.50 11.64
CA SER A 11 -22.53 15.53 12.69
C SER A 11 -21.78 14.21 12.77
N THR A 12 -20.70 14.10 11.98
CA THR A 12 -19.89 12.89 11.96
C THR A 12 -18.43 13.20 12.25
N GLN A 13 -18.20 14.23 13.05
CA GLN A 13 -16.85 14.64 13.41
C GLN A 13 -16.10 13.50 14.10
N ALA A 14 -16.83 12.67 14.83
CA ALA A 14 -16.24 11.54 15.53
C ALA A 14 -15.73 10.49 14.56
N THR A 15 -14.54 10.73 14.01
CA THR A 15 -13.94 9.80 13.05
C THR A 15 -12.42 9.88 13.09
N GLN A 16 -11.91 11.10 13.04
CA GLN A 16 -10.46 11.33 13.06
C GLN A 16 -9.84 10.83 14.37
N ARG A 17 -10.53 11.09 15.47
CA ARG A 17 -10.05 10.67 16.79
C ARG A 17 -9.93 9.15 16.86
N PHE A 18 -10.90 8.46 16.26
CA PHE A 18 -10.90 7.00 16.26
C PHE A 18 -9.72 6.46 15.46
N LEU A 19 -9.37 7.15 14.37
CA LEU A 19 -8.27 6.73 13.53
C LEU A 19 -6.95 6.75 14.30
N ILE A 20 -6.74 7.81 15.08
CA ILE A 20 -5.53 7.94 15.88
C ILE A 20 -5.41 6.82 16.90
N GLU A 21 -6.51 6.52 17.57
CA GLU A 21 -6.53 5.47 18.58
C GLU A 21 -6.09 4.14 17.98
N LYS A 22 -6.55 3.85 16.77
CA LYS A 22 -6.21 2.60 16.10
C LYS A 22 -4.72 2.54 15.79
N PHE A 23 -4.11 3.71 15.58
CA PHE A 23 -2.68 3.78 15.28
C PHE A 23 -1.85 3.13 16.37
N SER A 24 -2.15 3.48 17.62
CA SER A 24 -1.43 2.94 18.77
C SER A 24 -1.50 1.41 18.79
N GLN A 25 -2.67 0.87 18.48
CA GLN A 25 -2.87 -0.56 18.46
C GLN A 25 -2.48 -1.16 17.11
N GLU A 26 -2.72 -2.46 16.94
CA GLU A 26 -2.40 -3.14 15.69
C GLU A 26 -3.19 -2.55 14.52
N GLN A 27 -2.52 -2.43 13.38
CA GLN A 27 -3.15 -1.88 12.19
C GLN A 27 -4.01 -2.93 11.49
N ILE A 28 -5.32 -2.70 11.46
CA ILE A 28 -6.25 -3.62 10.82
C ILE A 28 -6.31 -3.40 9.32
N GLY A 29 -6.36 -4.50 8.60
CA GLY A 29 -6.42 -4.45 7.15
C GLY A 29 -7.85 -4.43 6.63
N GLU A 30 -8.73 -3.76 7.33
CA GLU A 30 -10.13 -3.66 6.93
C GLU A 30 -10.37 -2.46 6.02
N ASN A 31 -9.71 -1.34 6.33
CA ASN A 31 -9.83 -0.13 5.52
C ASN A 31 -8.53 0.11 4.80
N ILE A 32 -7.51 -0.62 5.25
CA ILE A 32 -6.20 -0.52 4.73
C ILE A 32 -6.12 -1.09 3.31
N VAL A 33 -6.20 -0.19 2.33
CA VAL A 33 -6.15 -0.53 0.91
C VAL A 33 -5.23 -1.72 0.63
N CYS A 34 -3.97 -1.58 0.99
CA CYS A 34 -3.00 -2.65 0.76
C CYS A 34 -1.74 -2.46 1.60
N ARG A 35 -0.94 -3.51 1.69
CA ARG A 35 0.31 -3.45 2.47
C ARG A 35 1.50 -3.88 1.61
N VAL A 36 2.42 -2.94 1.37
CA VAL A 36 3.61 -3.22 0.57
C VAL A 36 4.75 -3.70 1.44
N ILE A 37 5.45 -4.73 0.98
CA ILE A 37 6.56 -5.28 1.73
C ILE A 37 7.83 -5.41 0.88
N CYS A 38 8.81 -4.53 1.15
CA CYS A 38 10.08 -4.59 0.47
C CYS A 38 11.04 -5.44 1.30
N THR A 39 11.24 -6.69 0.90
CA THR A 39 12.08 -7.62 1.65
C THR A 39 13.44 -7.88 1.00
N THR A 40 13.56 -7.57 -0.28
CA THR A 40 14.81 -7.80 -0.99
C THR A 40 15.97 -7.04 -0.34
N GLY A 41 15.64 -6.03 0.46
CA GLY A 41 16.66 -5.25 1.13
C GLY A 41 16.75 -3.85 0.59
N GLN A 42 15.72 -3.05 0.83
CA GLN A 42 15.70 -1.67 0.36
C GLN A 42 14.86 -0.79 1.28
N ILE A 43 13.61 -1.19 1.51
CA ILE A 43 12.71 -0.43 2.35
C ILE A 43 11.96 -1.35 3.33
N PRO A 44 11.57 -0.82 4.50
CA PRO A 44 10.83 -1.59 5.50
C PRO A 44 9.36 -1.67 5.17
N ILE A 45 8.72 -2.80 5.53
CA ILE A 45 7.31 -3.01 5.26
C ILE A 45 6.50 -1.74 5.43
N ARG A 46 5.77 -1.36 4.38
CA ARG A 46 4.94 -0.16 4.41
C ARG A 46 3.47 -0.54 4.29
N ASP A 47 2.60 0.31 4.82
CA ASP A 47 1.16 0.05 4.76
C ASP A 47 0.43 1.09 3.94
N LEU A 48 -0.22 0.63 2.88
CA LEU A 48 -0.99 1.49 2.00
C LEU A 48 -2.46 1.45 2.40
N SER A 49 -3.04 2.60 2.71
CA SER A 49 -4.44 2.62 3.14
C SER A 49 -5.30 3.59 2.35
N ALA A 50 -6.60 3.35 2.44
CA ALA A 50 -7.59 4.18 1.77
C ALA A 50 -8.96 4.05 2.43
N ASP A 51 -9.68 5.16 2.51
CA ASP A 51 -11.01 5.16 3.12
C ASP A 51 -12.00 4.39 2.27
N ILE A 52 -12.73 3.47 2.91
CA ILE A 52 -13.72 2.66 2.23
C ILE A 52 -14.85 3.52 1.64
N SER A 53 -15.23 4.55 2.38
CA SER A 53 -16.29 5.45 1.97
C SER A 53 -15.96 6.07 0.61
N GLN A 54 -14.69 6.31 0.37
CA GLN A 54 -14.25 6.92 -0.88
C GLN A 54 -14.56 6.00 -2.07
N VAL A 55 -14.28 4.71 -1.91
CA VAL A 55 -14.53 3.74 -2.96
C VAL A 55 -16.02 3.44 -3.09
N LEU A 56 -16.69 3.29 -1.95
CA LEU A 56 -18.11 3.00 -1.94
C LEU A 56 -18.91 4.09 -2.65
N LYS A 57 -18.45 5.32 -2.51
CA LYS A 57 -19.11 6.46 -3.14
C LYS A 57 -18.48 6.77 -4.50
N GLU A 58 -17.15 6.77 -4.53
CA GLU A 58 -16.42 7.06 -5.76
C GLU A 58 -16.80 8.43 -6.32
N LYS A 59 -16.39 9.49 -5.61
CA LYS A 59 -16.68 10.84 -6.04
C LYS A 59 -15.99 11.85 -5.12
N ARG A 60 -15.99 11.57 -3.82
CA ARG A 60 -15.37 12.46 -2.85
C ARG A 60 -13.86 12.56 -3.09
N SER A 61 -13.15 11.48 -2.79
CA SER A 61 -11.70 11.45 -2.98
C SER A 61 -11.25 10.06 -3.44
N ILE A 62 -11.62 9.70 -4.66
CA ILE A 62 -11.24 8.40 -5.22
C ILE A 62 -9.99 8.51 -6.07
N LYS A 63 -9.01 9.28 -5.58
CA LYS A 63 -7.75 9.46 -6.30
C LYS A 63 -6.56 9.43 -5.34
N LYS A 64 -6.26 8.24 -4.83
CA LYS A 64 -5.14 8.08 -3.90
C LYS A 64 -4.05 7.23 -4.55
N VAL A 65 -2.81 7.71 -4.49
CA VAL A 65 -1.69 6.99 -5.08
C VAL A 65 -0.46 7.00 -4.19
N TRP A 66 0.20 5.86 -4.14
CA TRP A 66 1.42 5.70 -3.35
C TRP A 66 2.66 5.81 -4.22
N THR A 67 3.68 6.50 -3.74
CA THR A 67 4.91 6.65 -4.49
C THR A 67 6.13 6.33 -3.65
N PHE A 68 6.99 5.51 -4.19
CA PHE A 68 8.23 5.11 -3.54
C PHE A 68 9.38 5.89 -4.17
N GLY A 69 10.10 6.68 -3.40
CA GLY A 69 11.21 7.40 -4.00
C GLY A 69 11.58 8.65 -3.23
N ARG A 70 12.29 9.56 -3.90
CA ARG A 70 12.69 10.77 -3.24
C ARG A 70 11.51 11.71 -3.18
N ASN A 71 10.84 11.59 -2.06
CA ASN A 71 9.67 12.40 -1.74
C ASN A 71 9.65 12.59 -0.24
N PRO A 72 8.99 13.64 0.26
CA PRO A 72 8.90 13.86 1.70
C PRO A 72 8.44 12.60 2.43
N ALA A 73 7.94 11.66 1.63
CA ALA A 73 7.46 10.37 2.10
C ALA A 73 6.17 10.08 1.42
N CYS A 74 6.21 10.15 0.11
CA CYS A 74 5.02 9.89 -0.67
C CYS A 74 4.50 8.55 -0.20
N ASP A 75 5.23 7.51 -0.53
CA ASP A 75 4.95 6.23 0.05
C ASP A 75 5.84 6.15 1.28
N TYR A 76 7.12 6.45 1.00
CA TYR A 76 8.16 6.53 2.03
C TYR A 76 9.23 7.56 1.65
N HIS A 77 9.77 8.28 2.63
CA HIS A 77 10.82 9.25 2.35
C HIS A 77 12.19 8.57 2.46
N LEU A 78 12.82 8.31 1.33
CA LEU A 78 14.13 7.65 1.33
C LEU A 78 15.14 8.45 0.51
N GLY A 79 16.38 7.96 0.47
CA GLY A 79 17.43 8.62 -0.28
C GLY A 79 17.03 8.94 -1.70
N ASN A 80 17.72 9.91 -2.31
CA ASN A 80 17.41 10.31 -3.68
C ASN A 80 18.54 9.93 -4.64
N ILE A 81 18.37 8.82 -5.34
CA ILE A 81 19.35 8.37 -6.32
C ILE A 81 18.74 8.41 -7.72
N SER A 82 19.46 9.00 -8.66
CA SER A 82 18.96 9.11 -10.03
C SER A 82 18.51 7.75 -10.57
N ARG A 83 19.06 6.67 -10.03
CA ARG A 83 18.70 5.32 -10.47
C ARG A 83 17.54 4.75 -9.63
N LEU A 84 17.88 3.98 -8.61
CA LEU A 84 16.88 3.39 -7.73
C LEU A 84 16.93 4.05 -6.38
N SER A 85 15.91 4.82 -6.11
CA SER A 85 15.77 5.56 -4.85
C SER A 85 14.83 6.72 -5.05
N ASN A 86 14.99 7.42 -6.18
CA ASN A 86 14.10 8.53 -6.49
C ASN A 86 12.71 7.95 -6.69
N LYS A 87 11.83 8.70 -7.35
CA LYS A 87 10.49 8.19 -7.61
C LYS A 87 10.63 6.90 -8.41
N HIS A 88 11.02 5.82 -7.73
CA HIS A 88 11.26 4.56 -8.38
C HIS A 88 10.00 3.77 -8.68
N PHE A 89 8.90 4.08 -8.03
CA PHE A 89 7.66 3.36 -8.34
C PHE A 89 6.47 3.90 -7.59
N GLN A 90 5.29 3.65 -8.16
CA GLN A 90 4.05 4.16 -7.58
C GLN A 90 2.91 3.15 -7.59
N ILE A 91 1.92 3.40 -6.73
CA ILE A 91 0.73 2.56 -6.64
C ILE A 91 -0.53 3.41 -6.70
N LEU A 92 -1.47 3.04 -7.56
CA LEU A 92 -2.71 3.80 -7.71
C LEU A 92 -3.89 3.12 -7.03
N LEU A 93 -4.78 3.93 -6.46
CA LEU A 93 -5.98 3.42 -5.79
C LEU A 93 -7.22 4.11 -6.36
N GLY A 94 -8.16 3.31 -6.87
CA GLY A 94 -9.38 3.85 -7.42
C GLY A 94 -9.55 3.51 -8.89
N GLU A 95 -9.52 4.54 -9.74
CA GLU A 95 -9.67 4.35 -11.18
C GLU A 95 -11.07 3.84 -11.53
N ASP A 96 -11.33 2.58 -11.22
CA ASP A 96 -12.63 1.98 -11.49
C ASP A 96 -12.70 0.56 -10.95
N GLY A 97 -12.63 0.43 -9.63
CA GLY A 97 -12.67 -0.88 -9.00
C GLY A 97 -11.30 -1.45 -8.76
N ASN A 98 -11.10 -2.04 -7.59
CA ASN A 98 -9.80 -2.63 -7.24
C ASN A 98 -8.72 -1.56 -7.18
N LEU A 99 -7.48 -2.00 -7.01
CA LEU A 99 -6.35 -1.08 -6.94
C LEU A 99 -5.51 -1.15 -8.21
N LEU A 100 -4.72 -0.10 -8.45
CA LEU A 100 -3.86 -0.04 -9.61
C LEU A 100 -2.40 0.10 -9.20
N LEU A 101 -1.49 -0.45 -9.98
CA LEU A 101 -0.07 -0.36 -9.66
C LEU A 101 0.64 0.41 -10.75
N ASN A 102 1.40 1.45 -10.39
CA ASN A 102 2.09 2.22 -11.38
C ASN A 102 3.58 2.05 -11.23
N ASP A 103 4.21 1.38 -12.18
CA ASP A 103 5.63 1.18 -12.10
C ASP A 103 6.33 2.40 -12.66
N ILE A 104 7.00 3.13 -11.79
CA ILE A 104 7.74 4.28 -12.21
C ILE A 104 9.18 4.13 -11.76
N SER A 105 10.02 3.88 -12.72
CA SER A 105 11.45 3.69 -12.49
C SER A 105 12.23 4.50 -13.50
N THR A 106 13.55 4.60 -13.34
CA THR A 106 14.31 5.38 -14.28
C THR A 106 14.36 4.72 -15.65
N ASN A 107 14.97 3.53 -15.74
CA ASN A 107 15.04 2.86 -17.04
C ASN A 107 14.22 1.55 -17.11
N GLY A 108 14.10 0.82 -16.01
CA GLY A 108 13.38 -0.44 -16.06
C GLY A 108 12.60 -0.84 -14.81
N THR A 109 11.33 -1.19 -14.98
CA THR A 109 10.51 -1.69 -13.88
C THR A 109 10.00 -3.09 -14.25
N TRP A 110 10.01 -4.01 -13.29
CA TRP A 110 9.57 -5.37 -13.57
C TRP A 110 8.40 -5.80 -12.71
N LEU A 111 7.56 -6.67 -13.27
CA LEU A 111 6.43 -7.22 -12.57
C LEU A 111 6.52 -8.75 -12.59
N ASN A 112 6.75 -9.32 -11.42
CA ASN A 112 6.88 -10.77 -11.29
C ASN A 112 7.77 -11.38 -12.37
N GLY A 113 8.91 -10.74 -12.64
CA GLY A 113 9.83 -11.25 -13.64
C GLY A 113 9.38 -10.94 -15.05
N GLN A 114 8.61 -9.88 -15.19
CA GLN A 114 8.11 -9.47 -16.50
C GLN A 114 8.18 -7.96 -16.67
N LYS A 115 9.26 -7.50 -17.27
CA LYS A 115 9.47 -6.08 -17.51
C LYS A 115 8.21 -5.41 -18.04
N VAL A 116 7.86 -4.27 -17.47
CA VAL A 116 6.66 -3.54 -17.87
C VAL A 116 6.97 -2.11 -18.29
N GLU A 117 5.92 -1.38 -18.67
CA GLU A 117 6.07 0.01 -19.10
C GLU A 117 6.06 0.95 -17.90
N LYS A 118 6.90 1.98 -17.95
CA LYS A 118 6.97 2.95 -16.87
C LYS A 118 5.65 3.71 -16.76
N ASN A 119 5.44 4.37 -15.63
CA ASN A 119 4.22 5.13 -15.39
C ASN A 119 3.01 4.48 -16.05
N SER A 120 2.98 3.15 -15.98
CA SER A 120 1.90 2.37 -16.58
C SER A 120 1.02 1.75 -15.51
N ASN A 121 -0.26 2.14 -15.48
CA ASN A 121 -1.20 1.61 -14.50
C ASN A 121 -1.29 0.09 -14.61
N GLN A 122 -1.35 -0.58 -13.47
CA GLN A 122 -1.44 -2.03 -13.45
C GLN A 122 -2.57 -2.52 -12.57
N LEU A 123 -3.19 -3.62 -12.97
CA LEU A 123 -4.28 -4.21 -12.22
C LEU A 123 -3.70 -5.00 -11.03
N LEU A 124 -4.09 -4.60 -9.82
CA LEU A 124 -3.59 -5.27 -8.62
C LEU A 124 -3.65 -6.78 -8.75
N SER A 125 -2.66 -7.40 -8.16
CA SER A 125 -2.55 -8.86 -8.16
C SER A 125 -2.37 -9.37 -6.73
N GLN A 126 -2.81 -10.59 -6.47
CA GLN A 126 -2.67 -11.17 -5.13
C GLN A 126 -1.21 -11.49 -4.85
N GLY A 127 -0.64 -10.78 -3.88
CA GLY A 127 0.76 -11.00 -3.54
C GLY A 127 1.69 -10.61 -4.66
N ASP A 128 1.28 -9.62 -5.46
CA ASP A 128 2.07 -9.14 -6.57
C ASP A 128 3.46 -8.72 -6.12
N GLU A 129 4.39 -8.66 -7.08
CA GLU A 129 5.76 -8.26 -6.79
C GLU A 129 6.37 -7.50 -7.97
N ILE A 130 7.05 -6.39 -7.67
CA ILE A 130 7.69 -5.59 -8.70
C ILE A 130 9.20 -5.64 -8.54
N THR A 131 9.88 -5.99 -9.62
CA THR A 131 11.34 -6.09 -9.61
C THR A 131 11.96 -4.88 -10.30
N VAL A 132 13.12 -4.45 -9.81
CA VAL A 132 13.78 -3.28 -10.38
C VAL A 132 15.29 -3.45 -10.43
N GLY A 133 15.93 -2.68 -11.32
CA GLY A 133 17.37 -2.72 -11.45
C GLY A 133 17.86 -4.02 -12.04
N VAL A 134 17.14 -4.51 -13.04
CA VAL A 134 17.48 -5.75 -13.69
C VAL A 134 18.65 -5.59 -14.66
N GLY A 135 19.37 -6.69 -14.86
CA GLY A 135 20.52 -6.71 -15.73
C GLY A 135 21.57 -7.65 -15.20
N VAL A 136 21.74 -7.63 -13.88
CA VAL A 136 22.69 -8.49 -13.22
C VAL A 136 21.99 -9.28 -12.11
N GLU A 137 22.19 -10.59 -12.11
CA GLU A 137 21.56 -11.46 -11.11
C GLU A 137 21.79 -10.94 -9.69
N SER A 138 22.97 -10.36 -9.46
CA SER A 138 23.32 -9.84 -8.15
C SER A 138 22.99 -8.35 -7.99
N ASP A 139 22.32 -7.76 -8.99
CA ASP A 139 21.99 -6.35 -8.93
C ASP A 139 20.51 -6.09 -9.15
N ILE A 140 19.70 -7.08 -8.82
CA ILE A 140 18.26 -6.98 -8.96
C ILE A 140 17.59 -6.72 -7.61
N LEU A 141 16.57 -5.88 -7.65
CA LEU A 141 15.80 -5.52 -6.46
C LEU A 141 14.33 -5.87 -6.66
N SER A 142 13.73 -6.48 -5.64
CA SER A 142 12.33 -6.88 -5.74
C SER A 142 11.46 -6.26 -4.64
N LEU A 143 10.21 -6.00 -5.00
CA LEU A 143 9.23 -5.42 -4.10
C LEU A 143 7.98 -6.30 -4.08
N VAL A 144 7.30 -6.39 -2.94
CA VAL A 144 6.12 -7.22 -2.84
C VAL A 144 4.94 -6.47 -2.24
N ILE A 145 3.76 -6.73 -2.77
CA ILE A 145 2.54 -6.07 -2.29
C ILE A 145 1.57 -7.11 -1.70
N PHE A 146 1.13 -6.84 -0.47
CA PHE A 146 0.20 -7.73 0.22
C PHE A 146 -1.17 -7.08 0.36
N ILE A 147 -2.19 -7.71 -0.21
CA ILE A 147 -3.55 -7.17 -0.15
C ILE A 147 -4.38 -7.86 0.93
N ASN A 148 -5.09 -7.05 1.71
CA ASN A 148 -5.94 -7.58 2.77
C ASN A 148 -7.31 -7.97 2.21
N ASP A 149 -7.62 -9.26 2.27
CA ASP A 149 -8.89 -9.77 1.76
C ASP A 149 -10.07 -9.14 2.49
N LYS A 150 -9.81 -8.58 3.68
CA LYS A 150 -10.86 -7.95 4.46
C LYS A 150 -11.54 -6.84 3.68
N PHE A 151 -10.73 -6.03 3.00
CA PHE A 151 -11.24 -4.93 2.21
C PHE A 151 -12.15 -5.43 1.10
N LYS A 152 -11.73 -6.49 0.41
CA LYS A 152 -12.51 -7.07 -0.67
C LYS A 152 -13.86 -7.53 -0.18
N GLN A 153 -13.89 -8.13 1.01
CA GLN A 153 -15.12 -8.63 1.60
C GLN A 153 -16.13 -7.50 1.78
N CYS A 154 -15.64 -6.33 2.20
CA CYS A 154 -16.50 -5.18 2.41
C CYS A 154 -17.10 -4.68 1.10
N LEU A 155 -16.24 -4.59 0.08
CA LEU A 155 -16.68 -4.13 -1.24
C LEU A 155 -17.63 -5.15 -1.88
N GLU A 156 -17.30 -6.43 -1.73
CA GLU A 156 -18.12 -7.49 -2.30
C GLU A 156 -19.56 -7.40 -1.79
N GLN A 157 -19.71 -7.06 -0.52
CA GLN A 157 -21.04 -6.94 0.08
C GLN A 157 -21.57 -5.53 -0.07
N ASN A 158 -20.67 -4.55 -0.07
CA ASN A 158 -21.04 -3.14 -0.21
C ASN A 158 -22.27 -2.80 0.61
N LYS A 159 -22.08 -2.60 1.92
CA LYS A 159 -23.17 -2.27 2.81
C LYS A 159 -22.94 -0.92 3.49
N VAL A 160 -23.80 0.04 3.20
CA VAL A 160 -23.68 1.38 3.78
C VAL A 160 -24.33 1.43 5.16
N ASP A 161 -23.62 2.01 6.13
CA ASP A 161 -24.13 2.12 7.48
C ASP A 161 -24.29 3.58 7.89
N ARG A 162 -25.50 3.96 8.29
CA ARG A 162 -25.78 5.33 8.70
C ARG A 162 -25.75 5.45 10.22
N ILE A 163 -24.95 6.39 10.72
CA ILE A 163 -24.83 6.61 12.16
C ILE A 163 -25.56 7.89 12.58
N ARG A 164 -26.40 7.76 13.61
CA ARG A 164 -27.16 8.90 14.11
C ARG A 164 -26.87 9.15 15.58
N GLY A 1 -54.98 -25.34 20.62
CA GLY A 1 -54.10 -24.47 21.37
C GLY A 1 -52.64 -24.87 21.23
N GLU A 2 -51.74 -23.92 21.47
CA GLU A 2 -50.31 -24.17 21.37
C GLU A 2 -49.51 -23.04 22.02
N ASN A 3 -48.84 -23.36 23.13
CA ASN A 3 -48.04 -22.37 23.83
C ASN A 3 -46.60 -22.37 23.33
N ILE A 4 -46.14 -21.21 22.88
CA ILE A 4 -44.78 -21.08 22.37
C ILE A 4 -44.07 -19.87 22.98
N THR A 5 -43.22 -20.13 23.96
CA THR A 5 -42.48 -19.06 24.62
C THR A 5 -41.66 -19.60 25.79
N GLN A 6 -42.19 -20.60 26.48
CA GLN A 6 -41.51 -21.20 27.62
C GLN A 6 -40.09 -21.64 27.24
N PRO A 7 -39.94 -22.42 26.17
CA PRO A 7 -38.63 -22.91 25.71
C PRO A 7 -37.65 -21.77 25.50
N THR A 8 -36.78 -21.54 26.49
CA THR A 8 -35.79 -20.48 26.41
C THR A 8 -34.50 -20.98 25.75
N GLN A 9 -33.79 -21.86 26.44
CA GLN A 9 -32.54 -22.41 25.92
C GLN A 9 -31.55 -21.31 25.58
N GLN A 10 -31.54 -20.26 26.39
CA GLN A 10 -30.63 -19.13 26.17
C GLN A 10 -30.31 -18.43 27.48
N SER A 11 -29.08 -17.94 27.59
CA SER A 11 -28.64 -17.24 28.80
C SER A 11 -28.07 -15.88 28.46
N THR A 12 -28.94 -14.89 28.33
CA THR A 12 -28.52 -13.54 28.01
C THR A 12 -27.67 -12.93 29.12
N GLN A 13 -26.38 -13.30 29.14
CA GLN A 13 -25.46 -12.80 30.15
C GLN A 13 -24.18 -12.29 29.52
N ALA A 14 -24.00 -10.98 29.52
CA ALA A 14 -22.81 -10.36 28.95
C ALA A 14 -22.68 -10.71 27.47
N THR A 15 -23.42 -10.00 26.63
CA THR A 15 -23.38 -10.23 25.19
C THR A 15 -23.39 -8.92 24.42
N GLN A 16 -24.34 -8.05 24.77
CA GLN A 16 -24.46 -6.75 24.11
C GLN A 16 -23.26 -5.87 24.41
N ARG A 17 -22.75 -5.98 25.64
CA ARG A 17 -21.59 -5.19 26.05
C ARG A 17 -20.37 -5.52 25.21
N PHE A 18 -20.23 -6.80 24.85
CA PHE A 18 -19.11 -7.24 24.04
C PHE A 18 -19.15 -6.62 22.65
N LEU A 19 -20.36 -6.45 22.13
CA LEU A 19 -20.55 -5.87 20.80
C LEU A 19 -19.97 -4.45 20.76
N ILE A 20 -20.17 -3.71 21.85
CA ILE A 20 -19.67 -2.34 21.93
C ILE A 20 -18.14 -2.30 21.87
N GLU A 21 -17.51 -3.25 22.55
CA GLU A 21 -16.05 -3.33 22.58
C GLU A 21 -15.49 -3.47 21.17
N LYS A 22 -16.12 -4.32 20.36
CA LYS A 22 -15.67 -4.53 19.00
C LYS A 22 -15.83 -3.27 18.16
N PHE A 23 -16.91 -2.53 18.41
CA PHE A 23 -17.19 -1.29 17.69
C PHE A 23 -16.11 -0.25 17.97
N SER A 24 -15.79 -0.07 19.25
CA SER A 24 -14.78 0.90 19.64
C SER A 24 -13.40 0.50 19.10
N GLN A 25 -13.12 -0.80 19.12
CA GLN A 25 -11.84 -1.31 18.62
C GLN A 25 -11.65 -0.97 17.15
N GLU A 26 -10.59 -0.23 16.84
CA GLU A 26 -10.30 0.15 15.47
C GLU A 26 -9.85 -1.06 14.66
N GLN A 27 -10.47 -1.25 13.50
CA GLN A 27 -10.13 -2.37 12.63
C GLN A 27 -9.02 -2.00 11.65
N ILE A 28 -7.80 -2.44 11.95
CA ILE A 28 -6.65 -2.14 11.10
C ILE A 28 -6.48 -3.18 10.01
N GLY A 29 -6.15 -2.70 8.82
CA GLY A 29 -5.95 -3.58 7.69
C GLY A 29 -7.23 -3.79 6.89
N GLU A 30 -8.37 -3.62 7.52
CA GLU A 30 -9.66 -3.80 6.86
C GLU A 30 -10.01 -2.60 5.99
N ASN A 31 -9.44 -1.45 6.31
CA ASN A 31 -9.68 -0.23 5.53
C ASN A 31 -8.44 0.10 4.74
N ILE A 32 -7.36 -0.55 5.13
CA ILE A 32 -6.08 -0.39 4.53
C ILE A 32 -6.01 -1.04 3.14
N VAL A 33 -5.92 -0.20 2.11
CA VAL A 33 -5.85 -0.64 0.73
C VAL A 33 -4.93 -1.86 0.57
N CYS A 34 -3.65 -1.66 0.84
CA CYS A 34 -2.67 -2.74 0.72
C CYS A 34 -1.35 -2.38 1.39
N ARG A 35 -0.50 -3.39 1.60
CA ARG A 35 0.80 -3.20 2.23
C ARG A 35 1.93 -3.60 1.30
N VAL A 36 2.87 -2.68 1.08
CA VAL A 36 4.03 -2.94 0.23
C VAL A 36 5.22 -3.39 1.05
N ILE A 37 5.92 -4.41 0.58
CA ILE A 37 7.06 -4.94 1.30
C ILE A 37 8.31 -5.05 0.43
N CYS A 38 9.28 -4.18 0.69
CA CYS A 38 10.56 -4.20 -0.02
C CYS A 38 11.60 -4.82 0.88
N THR A 39 11.93 -6.09 0.64
CA THR A 39 12.89 -6.80 1.50
C THR A 39 14.20 -7.14 0.81
N THR A 40 14.19 -7.22 -0.52
CA THR A 40 15.40 -7.56 -1.26
C THR A 40 16.56 -6.63 -0.90
N GLY A 41 16.23 -5.44 -0.40
CA GLY A 41 17.25 -4.48 -0.03
C GLY A 41 17.08 -3.15 -0.71
N GLN A 42 16.05 -2.42 -0.33
CA GLN A 42 15.79 -1.11 -0.93
C GLN A 42 15.07 -0.19 0.06
N ILE A 43 13.82 -0.49 0.35
CA ILE A 43 13.04 0.31 1.28
C ILE A 43 12.27 -0.57 2.26
N PRO A 44 12.33 -0.23 3.56
CA PRO A 44 11.62 -1.00 4.60
C PRO A 44 10.12 -1.04 4.34
N ILE A 45 9.49 -2.16 4.73
CA ILE A 45 8.06 -2.35 4.54
C ILE A 45 7.26 -1.05 4.65
N ARG A 46 6.20 -0.96 3.86
CA ARG A 46 5.34 0.22 3.86
C ARG A 46 3.88 -0.21 3.73
N ASP A 47 2.98 0.57 4.32
CA ASP A 47 1.56 0.25 4.27
C ASP A 47 0.75 1.34 3.60
N LEU A 48 0.08 1.00 2.51
CA LEU A 48 -0.77 1.95 1.79
C LEU A 48 -2.21 1.73 2.19
N SER A 49 -2.92 2.82 2.50
CA SER A 49 -4.32 2.68 2.91
C SER A 49 -5.29 3.28 1.91
N ALA A 50 -6.55 2.92 2.06
CA ALA A 50 -7.60 3.40 1.18
C ALA A 50 -8.66 4.18 1.95
N ASP A 51 -9.50 4.90 1.22
CA ASP A 51 -10.58 5.69 1.83
C ASP A 51 -11.92 5.01 1.61
N ILE A 52 -12.18 3.96 2.37
CA ILE A 52 -13.42 3.20 2.26
C ILE A 52 -14.63 4.07 2.59
N SER A 53 -14.50 4.91 3.61
CA SER A 53 -15.59 5.78 4.03
C SER A 53 -16.01 6.68 2.88
N GLN A 54 -15.05 7.10 2.08
CA GLN A 54 -15.30 7.96 0.93
C GLN A 54 -16.06 7.19 -0.15
N VAL A 55 -15.68 5.94 -0.36
CA VAL A 55 -16.32 5.10 -1.36
C VAL A 55 -17.72 4.69 -0.89
N LEU A 56 -17.85 4.42 0.40
CA LEU A 56 -19.13 4.02 0.97
C LEU A 56 -20.19 5.06 0.67
N LYS A 57 -19.79 6.32 0.68
CA LYS A 57 -20.70 7.42 0.41
C LYS A 57 -20.59 7.86 -1.05
N GLU A 58 -19.41 7.68 -1.63
CA GLU A 58 -19.18 8.06 -3.03
C GLU A 58 -19.44 9.54 -3.26
N LYS A 59 -18.38 10.28 -3.53
CA LYS A 59 -18.48 11.72 -3.78
C LYS A 59 -17.13 12.31 -4.14
N ARG A 60 -16.13 12.07 -3.30
CA ARG A 60 -14.78 12.59 -3.54
C ARG A 60 -13.74 11.69 -2.89
N SER A 61 -12.48 12.10 -2.99
CA SER A 61 -11.37 11.33 -2.41
C SER A 61 -11.29 9.95 -3.05
N ILE A 62 -11.68 9.86 -4.32
CA ILE A 62 -11.64 8.59 -5.04
C ILE A 62 -10.46 8.56 -6.00
N LYS A 63 -9.31 9.03 -5.54
CA LYS A 63 -8.09 9.05 -6.35
C LYS A 63 -6.85 9.19 -5.48
N LYS A 64 -6.39 8.06 -4.94
CA LYS A 64 -5.20 8.05 -4.10
C LYS A 64 -4.08 7.26 -4.75
N VAL A 65 -2.89 7.85 -4.80
CA VAL A 65 -1.75 7.19 -5.42
C VAL A 65 -0.51 7.29 -4.54
N TRP A 66 0.17 6.17 -4.39
CA TRP A 66 1.39 6.11 -3.59
C TRP A 66 2.65 6.15 -4.45
N THR A 67 3.66 6.88 -4.00
CA THR A 67 4.91 6.97 -4.74
C THR A 67 6.12 6.63 -3.89
N PHE A 68 6.95 5.76 -4.42
CA PHE A 68 8.17 5.35 -3.76
C PHE A 68 9.33 6.08 -4.40
N GLY A 69 10.04 6.90 -3.63
CA GLY A 69 11.16 7.61 -4.22
C GLY A 69 11.54 8.85 -3.44
N ARG A 70 12.10 9.83 -4.13
CA ARG A 70 12.49 11.05 -3.45
C ARG A 70 11.25 11.86 -3.16
N ASN A 71 10.72 11.59 -1.99
CA ASN A 71 9.55 12.26 -1.48
C ASN A 71 9.62 12.28 0.03
N PRO A 72 8.89 13.18 0.70
CA PRO A 72 8.90 13.21 2.15
C PRO A 72 8.26 11.96 2.72
N ALA A 73 7.71 11.17 1.81
CA ALA A 73 7.06 9.90 2.11
C ALA A 73 5.80 9.79 1.32
N CYS A 74 5.93 10.02 0.02
CA CYS A 74 4.77 9.92 -0.83
C CYS A 74 4.15 8.57 -0.55
N ASP A 75 4.85 7.54 -0.97
CA ASP A 75 4.51 6.21 -0.57
C ASP A 75 5.39 5.90 0.63
N TYR A 76 6.68 6.21 0.42
CA TYR A 76 7.73 6.01 1.40
C TYR A 76 8.79 7.12 1.35
N HIS A 77 9.31 7.54 2.50
CA HIS A 77 10.38 8.53 2.54
C HIS A 77 11.72 7.83 2.76
N LEU A 78 12.54 7.75 1.72
CA LEU A 78 13.84 7.09 1.83
C LEU A 78 14.96 7.93 1.22
N GLY A 79 16.16 7.35 1.17
CA GLY A 79 17.30 8.04 0.62
C GLY A 79 17.08 8.48 -0.81
N ASN A 80 17.99 9.29 -1.34
CA ASN A 80 17.86 9.79 -2.70
C ASN A 80 18.93 9.21 -3.62
N ILE A 81 18.57 8.17 -4.38
CA ILE A 81 19.49 7.57 -5.34
C ILE A 81 18.98 7.77 -6.76
N SER A 82 19.83 8.26 -7.63
CA SER A 82 19.45 8.50 -9.02
C SER A 82 18.83 7.25 -9.66
N ARG A 83 19.15 6.08 -9.13
CA ARG A 83 18.62 4.83 -9.66
C ARG A 83 17.41 4.34 -8.85
N LEU A 84 17.68 3.55 -7.81
CA LEU A 84 16.63 3.02 -6.96
C LEU A 84 16.66 3.68 -5.59
N SER A 85 15.67 4.51 -5.38
CA SER A 85 15.50 5.26 -4.12
C SER A 85 14.68 6.51 -4.38
N ASN A 86 14.99 7.18 -5.48
CA ASN A 86 14.25 8.37 -5.87
C ASN A 86 12.94 7.92 -6.47
N LYS A 87 12.25 8.80 -7.18
CA LYS A 87 10.98 8.44 -7.81
C LYS A 87 11.18 7.16 -8.60
N HIS A 88 11.09 6.01 -7.92
CA HIS A 88 11.32 4.73 -8.56
C HIS A 88 10.06 3.95 -8.88
N PHE A 89 8.95 4.25 -8.25
CA PHE A 89 7.72 3.53 -8.58
C PHE A 89 6.53 4.06 -7.81
N GLN A 90 5.34 3.78 -8.34
CA GLN A 90 4.11 4.30 -7.71
C GLN A 90 2.98 3.26 -7.65
N ILE A 91 2.02 3.54 -6.77
CA ILE A 91 0.84 2.69 -6.59
C ILE A 91 -0.43 3.54 -6.77
N LEU A 92 -1.39 3.05 -7.55
CA LEU A 92 -2.63 3.80 -7.77
C LEU A 92 -3.83 3.14 -7.10
N LEU A 93 -4.72 3.97 -6.57
CA LEU A 93 -5.94 3.47 -5.92
C LEU A 93 -7.17 4.14 -6.53
N GLY A 94 -8.21 3.35 -6.75
CA GLY A 94 -9.44 3.87 -7.33
C GLY A 94 -9.95 3.02 -8.48
N GLU A 95 -10.54 3.67 -9.48
CA GLU A 95 -11.07 2.97 -10.63
C GLU A 95 -12.11 1.92 -10.20
N ASP A 96 -13.28 2.39 -9.82
CA ASP A 96 -14.36 1.50 -9.37
C ASP A 96 -14.04 0.89 -8.01
N GLY A 97 -13.10 1.48 -7.30
CA GLY A 97 -12.74 0.98 -5.98
C GLY A 97 -11.55 0.03 -6.02
N ASN A 98 -11.32 -0.58 -7.19
CA ASN A 98 -10.22 -1.52 -7.34
C ASN A 98 -8.88 -0.84 -7.05
N LEU A 99 -7.80 -1.60 -7.19
CA LEU A 99 -6.45 -1.08 -6.95
C LEU A 99 -5.60 -1.18 -8.21
N LEU A 100 -4.70 -0.22 -8.38
CA LEU A 100 -3.83 -0.19 -9.54
C LEU A 100 -2.38 0.07 -9.12
N LEU A 101 -1.43 -0.48 -9.86
CA LEU A 101 -0.02 -0.28 -9.55
C LEU A 101 0.66 0.48 -10.68
N ASN A 102 1.38 1.55 -10.36
CA ASN A 102 2.04 2.30 -11.41
C ASN A 102 3.54 2.12 -11.31
N ASP A 103 4.11 1.44 -12.29
CA ASP A 103 5.54 1.23 -12.27
C ASP A 103 6.24 2.45 -12.83
N ILE A 104 6.93 3.18 -11.96
CA ILE A 104 7.68 4.31 -12.39
C ILE A 104 9.11 4.14 -11.91
N SER A 105 9.99 3.88 -12.84
CA SER A 105 11.41 3.68 -12.56
C SER A 105 12.24 4.52 -13.50
N THR A 106 13.55 4.56 -13.30
CA THR A 106 14.37 5.36 -14.19
C THR A 106 14.43 4.76 -15.58
N ASN A 107 15.00 3.56 -15.70
CA ASN A 107 15.06 2.92 -17.02
C ASN A 107 14.20 1.65 -17.14
N GLY A 108 14.06 0.88 -16.04
CA GLY A 108 13.30 -0.35 -16.12
C GLY A 108 12.52 -0.75 -14.86
N THR A 109 11.27 -1.13 -15.04
CA THR A 109 10.45 -1.65 -13.94
C THR A 109 10.00 -3.06 -14.29
N TRP A 110 10.04 -3.99 -13.33
CA TRP A 110 9.65 -5.36 -13.61
C TRP A 110 8.49 -5.86 -12.75
N LEU A 111 7.72 -6.76 -13.33
CA LEU A 111 6.60 -7.37 -12.63
C LEU A 111 6.79 -8.89 -12.65
N ASN A 112 7.04 -9.45 -11.48
CA ASN A 112 7.26 -10.89 -11.35
C ASN A 112 8.17 -11.45 -12.44
N GLY A 113 9.27 -10.75 -12.72
CA GLY A 113 10.20 -11.20 -13.73
C GLY A 113 9.75 -10.86 -15.13
N GLN A 114 8.89 -9.86 -15.25
CA GLN A 114 8.39 -9.42 -16.54
C GLN A 114 8.42 -7.91 -16.65
N LYS A 115 9.47 -7.41 -17.30
CA LYS A 115 9.65 -5.98 -17.49
C LYS A 115 8.34 -5.31 -17.92
N VAL A 116 7.93 -4.30 -17.16
CA VAL A 116 6.69 -3.58 -17.45
C VAL A 116 6.95 -2.15 -17.92
N GLU A 117 5.96 -1.56 -18.57
CA GLU A 117 6.07 -0.19 -19.07
C GLU A 117 6.05 0.81 -17.93
N LYS A 118 6.85 1.87 -18.05
CA LYS A 118 6.89 2.90 -17.02
C LYS A 118 5.56 3.63 -16.94
N ASN A 119 5.34 4.32 -15.82
CA ASN A 119 4.11 5.07 -15.59
C ASN A 119 2.92 4.36 -16.21
N SER A 120 2.91 3.04 -16.08
CA SER A 120 1.85 2.19 -16.61
C SER A 120 1.03 1.58 -15.48
N ASN A 121 -0.21 2.04 -15.33
CA ASN A 121 -1.09 1.53 -14.28
C ASN A 121 -1.29 0.02 -14.44
N GLN A 122 -1.32 -0.69 -13.31
CA GLN A 122 -1.50 -2.14 -13.34
C GLN A 122 -2.61 -2.59 -12.41
N LEU A 123 -3.34 -3.61 -12.84
CA LEU A 123 -4.42 -4.16 -12.03
C LEU A 123 -3.83 -4.95 -10.87
N LEU A 124 -4.21 -4.57 -9.65
CA LEU A 124 -3.69 -5.24 -8.47
C LEU A 124 -3.76 -6.75 -8.59
N SER A 125 -2.75 -7.39 -8.04
CA SER A 125 -2.64 -8.83 -8.05
C SER A 125 -2.41 -9.34 -6.62
N GLN A 126 -2.84 -10.58 -6.36
CA GLN A 126 -2.66 -11.16 -5.04
C GLN A 126 -1.19 -11.47 -4.80
N GLY A 127 -0.58 -10.77 -3.85
CA GLY A 127 0.82 -10.98 -3.54
C GLY A 127 1.74 -10.59 -4.68
N ASP A 128 1.31 -9.60 -5.47
CA ASP A 128 2.09 -9.13 -6.61
C ASP A 128 3.47 -8.66 -6.17
N GLU A 129 4.40 -8.62 -7.11
CA GLU A 129 5.77 -8.19 -6.82
C GLU A 129 6.38 -7.45 -8.01
N ILE A 130 7.06 -6.33 -7.72
CA ILE A 130 7.71 -5.55 -8.76
C ILE A 130 9.22 -5.61 -8.59
N THR A 131 9.93 -5.94 -9.65
CA THR A 131 11.38 -6.02 -9.61
C THR A 131 12.01 -4.80 -10.27
N VAL A 132 13.14 -4.34 -9.73
CA VAL A 132 13.81 -3.17 -10.26
C VAL A 132 15.33 -3.33 -10.27
N GLY A 133 15.98 -2.56 -11.12
CA GLY A 133 17.43 -2.60 -11.22
C GLY A 133 17.92 -3.88 -11.85
N VAL A 134 17.24 -4.31 -12.90
CA VAL A 134 17.60 -5.54 -13.58
C VAL A 134 18.80 -5.36 -14.51
N GLY A 135 19.48 -6.46 -14.78
CA GLY A 135 20.64 -6.45 -15.62
C GLY A 135 21.60 -7.55 -15.23
N VAL A 136 21.77 -7.70 -13.92
CA VAL A 136 22.64 -8.71 -13.35
C VAL A 136 21.86 -9.54 -12.33
N GLU A 137 21.95 -10.86 -12.44
CA GLU A 137 21.24 -11.76 -11.53
C GLU A 137 21.52 -11.39 -10.08
N SER A 138 22.73 -10.91 -9.81
CA SER A 138 23.12 -10.52 -8.46
C SER A 138 22.89 -9.03 -8.20
N ASP A 139 22.27 -8.32 -9.14
CA ASP A 139 22.04 -6.91 -8.98
C ASP A 139 20.58 -6.53 -9.21
N ILE A 140 19.71 -7.46 -8.92
CA ILE A 140 18.27 -7.26 -9.08
C ILE A 140 17.59 -7.05 -7.73
N LEU A 141 16.64 -6.14 -7.73
CA LEU A 141 15.87 -5.81 -6.53
C LEU A 141 14.40 -6.12 -6.73
N SER A 142 13.78 -6.74 -5.73
CA SER A 142 12.37 -7.10 -5.81
C SER A 142 11.54 -6.43 -4.73
N LEU A 143 10.26 -6.23 -5.06
CA LEU A 143 9.30 -5.62 -4.16
C LEU A 143 8.01 -6.43 -4.19
N VAL A 144 7.41 -6.66 -3.03
CA VAL A 144 6.18 -7.44 -2.97
C VAL A 144 5.08 -6.72 -2.21
N ILE A 145 3.86 -6.82 -2.71
CA ILE A 145 2.71 -6.19 -2.08
C ILE A 145 1.80 -7.24 -1.45
N PHE A 146 1.28 -6.93 -0.27
CA PHE A 146 0.40 -7.84 0.45
C PHE A 146 -0.98 -7.21 0.64
N ILE A 147 -1.95 -7.65 -0.16
CA ILE A 147 -3.31 -7.13 -0.06
C ILE A 147 -4.15 -7.98 0.88
N ASN A 148 -4.83 -7.32 1.81
CA ASN A 148 -5.67 -8.01 2.78
C ASN A 148 -7.01 -8.39 2.15
N ASP A 149 -7.41 -9.65 2.35
CA ASP A 149 -8.68 -10.14 1.81
C ASP A 149 -9.86 -9.41 2.44
N LYS A 150 -9.64 -8.82 3.62
CA LYS A 150 -10.69 -8.10 4.32
C LYS A 150 -11.24 -6.97 3.44
N PHE A 151 -10.34 -6.26 2.78
CA PHE A 151 -10.73 -5.16 1.91
C PHE A 151 -11.64 -5.65 0.80
N LYS A 152 -11.27 -6.78 0.20
CA LYS A 152 -12.06 -7.38 -0.88
C LYS A 152 -13.43 -7.82 -0.37
N GLN A 153 -13.46 -8.31 0.87
CA GLN A 153 -14.71 -8.76 1.47
C GLN A 153 -15.71 -7.62 1.61
N CYS A 154 -15.21 -6.45 1.98
CA CYS A 154 -16.06 -5.27 2.14
C CYS A 154 -16.73 -4.90 0.83
N LEU A 155 -15.96 -4.91 -0.26
CA LEU A 155 -16.49 -4.58 -1.57
C LEU A 155 -17.63 -5.52 -1.95
N GLU A 156 -17.43 -6.81 -1.73
CA GLU A 156 -18.44 -7.81 -2.05
C GLU A 156 -19.72 -7.56 -1.25
N GLN A 157 -19.56 -7.20 0.01
CA GLN A 157 -20.70 -6.93 0.88
C GLN A 157 -21.45 -5.67 0.41
N ASN A 158 -20.73 -4.78 -0.27
CA ASN A 158 -21.34 -3.54 -0.76
C ASN A 158 -21.34 -3.51 -2.28
N LYS A 159 -21.46 -4.68 -2.89
CA LYS A 159 -21.47 -4.79 -4.35
C LYS A 159 -22.86 -4.47 -4.90
N VAL A 160 -22.95 -3.38 -5.66
CA VAL A 160 -24.21 -2.97 -6.26
C VAL A 160 -24.56 -3.83 -7.48
N ASP A 161 -25.69 -4.50 -7.41
CA ASP A 161 -26.14 -5.36 -8.51
C ASP A 161 -27.40 -4.78 -9.18
N ARG A 162 -28.07 -5.59 -9.97
CA ARG A 162 -29.28 -5.16 -10.67
C ARG A 162 -30.25 -4.47 -9.72
N ILE A 163 -30.76 -3.32 -10.13
CA ILE A 163 -31.70 -2.55 -9.32
C ILE A 163 -33.09 -3.14 -9.39
N ARG A 164 -33.54 -3.73 -8.28
CA ARG A 164 -34.87 -4.34 -8.22
C ARG A 164 -35.06 -5.36 -9.33
N GLY A 1 -32.02 13.31 44.57
CA GLY A 1 -33.41 13.74 44.66
C GLY A 1 -34.10 13.78 43.31
N GLU A 2 -33.69 14.72 42.47
CA GLU A 2 -34.26 14.87 41.14
C GLU A 2 -33.21 14.65 40.07
N ASN A 3 -32.94 13.39 39.76
CA ASN A 3 -31.95 13.04 38.74
C ASN A 3 -31.98 11.54 38.45
N ILE A 4 -31.61 11.18 37.22
CA ILE A 4 -31.59 9.78 36.81
C ILE A 4 -30.17 9.23 36.80
N THR A 5 -30.00 8.02 37.33
CA THR A 5 -28.70 7.38 37.38
C THR A 5 -28.79 5.91 36.96
N GLN A 6 -27.65 5.36 36.53
CA GLN A 6 -27.60 3.97 36.09
C GLN A 6 -26.71 3.15 37.03
N PRO A 7 -27.30 2.17 37.76
CA PRO A 7 -26.55 1.32 38.67
C PRO A 7 -25.30 0.70 38.03
N THR A 8 -24.13 1.18 38.43
CA THR A 8 -22.88 0.68 37.88
C THR A 8 -22.03 -0.01 38.96
N GLN A 9 -22.47 0.09 40.22
CA GLN A 9 -21.76 -0.53 41.33
C GLN A 9 -20.42 0.16 41.58
N GLN A 10 -19.50 0.03 40.63
CA GLN A 10 -18.18 0.65 40.74
C GLN A 10 -17.43 0.59 39.42
N SER A 11 -17.31 1.74 38.77
CA SER A 11 -16.60 1.81 37.49
C SER A 11 -15.93 3.17 37.32
N THR A 12 -14.97 3.24 36.40
CA THR A 12 -14.25 4.48 36.13
C THR A 12 -14.32 4.85 34.66
N GLN A 13 -13.75 6.00 34.31
CA GLN A 13 -13.75 6.48 32.94
C GLN A 13 -12.36 6.34 32.32
N ALA A 14 -12.19 5.30 31.51
CA ALA A 14 -10.91 5.05 30.86
C ALA A 14 -11.04 3.99 29.77
N THR A 15 -11.59 2.84 30.15
CA THR A 15 -11.78 1.74 29.21
C THR A 15 -10.46 1.35 28.54
N GLN A 16 -9.35 1.54 29.24
CA GLN A 16 -8.04 1.21 28.72
C GLN A 16 -7.93 -0.28 28.43
N ARG A 17 -8.36 -1.10 29.38
CA ARG A 17 -8.32 -2.54 29.23
C ARG A 17 -9.28 -3.01 28.13
N PHE A 18 -10.43 -2.35 28.05
CA PHE A 18 -11.44 -2.69 27.05
C PHE A 18 -10.89 -2.50 25.65
N LEU A 19 -10.05 -1.47 25.47
CA LEU A 19 -9.45 -1.20 24.18
C LEU A 19 -8.52 -2.33 23.74
N ILE A 20 -7.75 -2.83 24.68
CA ILE A 20 -6.81 -3.93 24.40
C ILE A 20 -7.56 -5.17 23.96
N GLU A 21 -8.66 -5.47 24.63
CA GLU A 21 -9.47 -6.64 24.32
C GLU A 21 -9.94 -6.61 22.87
N LYS A 22 -10.45 -5.45 22.44
CA LYS A 22 -10.93 -5.30 21.08
C LYS A 22 -9.80 -5.41 20.07
N PHE A 23 -8.62 -4.95 20.47
CA PHE A 23 -7.45 -5.00 19.59
C PHE A 23 -7.13 -6.43 19.19
N SER A 24 -7.11 -7.32 20.17
CA SER A 24 -6.82 -8.73 19.93
C SER A 24 -7.80 -9.32 18.91
N GLN A 25 -9.02 -8.80 18.91
CA GLN A 25 -10.06 -9.27 17.99
C GLN A 25 -10.00 -8.50 16.67
N GLU A 26 -9.59 -7.23 16.76
CA GLU A 26 -9.50 -6.38 15.58
C GLU A 26 -8.16 -6.59 14.88
N GLN A 27 -8.21 -6.99 13.62
CA GLN A 27 -7.00 -7.22 12.84
C GLN A 27 -6.69 -6.02 11.95
N ILE A 28 -5.40 -5.71 11.81
CA ILE A 28 -4.97 -4.60 10.99
C ILE A 28 -4.91 -4.96 9.51
N GLY A 29 -5.35 -4.04 8.69
CA GLY A 29 -5.35 -4.25 7.25
C GLY A 29 -6.75 -4.36 6.67
N GLU A 30 -7.74 -3.90 7.43
CA GLU A 30 -9.13 -3.96 6.99
C GLU A 30 -9.52 -2.70 6.20
N ASN A 31 -8.93 -1.57 6.57
CA ASN A 31 -9.19 -0.31 5.89
C ASN A 31 -7.97 0.08 5.09
N ILE A 32 -6.88 -0.59 5.41
CA ILE A 32 -5.60 -0.36 4.81
C ILE A 32 -5.59 -0.88 3.37
N VAL A 33 -5.79 0.06 2.44
CA VAL A 33 -5.82 -0.24 1.01
C VAL A 33 -4.86 -1.35 0.62
N CYS A 34 -3.57 -1.13 0.88
CA CYS A 34 -2.55 -2.11 0.55
C CYS A 34 -1.27 -1.87 1.35
N ARG A 35 -0.55 -2.95 1.64
CA ARG A 35 0.70 -2.86 2.39
C ARG A 35 1.87 -3.32 1.55
N VAL A 36 2.77 -2.40 1.24
CA VAL A 36 3.96 -2.72 0.44
C VAL A 36 5.11 -3.13 1.33
N ILE A 37 5.65 -4.32 1.08
CA ILE A 37 6.76 -4.83 1.87
C ILE A 37 7.97 -5.15 1.01
N CYS A 38 9.01 -4.35 1.13
CA CYS A 38 10.25 -4.59 0.39
C CYS A 38 11.04 -5.68 1.11
N THR A 39 10.94 -6.91 0.59
CA THR A 39 11.61 -8.06 1.21
C THR A 39 13.04 -8.23 0.70
N THR A 40 13.29 -7.81 -0.52
CA THR A 40 14.62 -7.94 -1.11
C THR A 40 15.68 -7.22 -0.29
N GLY A 41 15.23 -6.31 0.58
CA GLY A 41 16.16 -5.57 1.41
C GLY A 41 16.62 -4.29 0.77
N GLN A 42 15.74 -3.31 0.69
CA GLN A 42 16.06 -2.02 0.09
C GLN A 42 15.39 -0.88 0.83
N ILE A 43 14.09 -1.02 1.08
CA ILE A 43 13.32 -0.01 1.78
C ILE A 43 12.45 -0.63 2.87
N PRO A 44 12.38 0.01 4.05
CA PRO A 44 11.56 -0.49 5.16
C PRO A 44 10.09 -0.59 4.77
N ILE A 45 9.40 -1.58 5.32
CA ILE A 45 7.99 -1.81 5.02
C ILE A 45 7.18 -0.51 5.03
N ARG A 46 6.40 -0.32 3.96
CA ARG A 46 5.55 0.86 3.84
C ARG A 46 4.10 0.43 3.69
N ASP A 47 3.21 1.02 4.48
CA ASP A 47 1.80 0.66 4.45
C ASP A 47 0.96 1.71 3.76
N LEU A 48 0.25 1.29 2.71
CA LEU A 48 -0.64 2.17 1.97
C LEU A 48 -2.06 1.97 2.46
N SER A 49 -2.79 3.05 2.71
CA SER A 49 -4.15 2.91 3.23
C SER A 49 -5.16 3.81 2.52
N ALA A 50 -6.42 3.49 2.74
CA ALA A 50 -7.54 4.24 2.16
C ALA A 50 -8.76 4.13 3.06
N ASP A 51 -9.75 5.00 2.81
CA ASP A 51 -10.97 5.01 3.59
C ASP A 51 -12.14 4.41 2.81
N ILE A 52 -12.93 3.56 3.50
CA ILE A 52 -14.07 2.91 2.88
C ILE A 52 -15.14 3.92 2.46
N SER A 53 -15.33 4.93 3.30
CA SER A 53 -16.32 5.98 3.05
C SER A 53 -16.09 6.64 1.69
N GLN A 54 -14.83 6.74 1.31
CA GLN A 54 -14.46 7.36 0.04
C GLN A 54 -15.05 6.58 -1.14
N VAL A 55 -15.07 5.26 -1.01
CA VAL A 55 -15.61 4.40 -2.06
C VAL A 55 -17.11 4.58 -2.20
N LEU A 56 -17.82 4.53 -1.08
CA LEU A 56 -19.27 4.68 -1.08
C LEU A 56 -19.67 6.02 -1.69
N LYS A 57 -18.83 7.04 -1.49
CA LYS A 57 -19.11 8.36 -2.03
C LYS A 57 -18.61 8.46 -3.48
N GLU A 58 -17.31 8.25 -3.67
CA GLU A 58 -16.71 8.31 -5.00
C GLU A 58 -17.04 9.64 -5.69
N LYS A 59 -16.19 10.64 -5.47
CA LYS A 59 -16.40 11.95 -6.08
C LYS A 59 -15.12 12.78 -6.02
N ARG A 60 -14.82 13.32 -4.84
CA ARG A 60 -13.63 14.12 -4.64
C ARG A 60 -12.42 13.24 -4.32
N SER A 61 -12.38 12.71 -3.11
CA SER A 61 -11.29 11.84 -2.68
C SER A 61 -11.56 10.41 -3.12
N ILE A 62 -10.97 10.03 -4.25
CA ILE A 62 -11.14 8.67 -4.77
C ILE A 62 -9.88 8.17 -5.46
N LYS A 63 -9.25 9.04 -6.25
CA LYS A 63 -8.04 8.68 -6.97
C LYS A 63 -6.79 8.95 -6.12
N LYS A 64 -6.43 7.99 -5.27
CA LYS A 64 -5.26 8.12 -4.42
C LYS A 64 -4.13 7.26 -4.96
N VAL A 65 -2.94 7.85 -5.06
CA VAL A 65 -1.78 7.12 -5.59
C VAL A 65 -0.56 7.28 -4.70
N TRP A 66 0.12 6.17 -4.46
CA TRP A 66 1.33 6.17 -3.64
C TRP A 66 2.58 6.18 -4.50
N THR A 67 3.58 6.95 -4.09
CA THR A 67 4.83 7.02 -4.84
C THR A 67 6.03 6.67 -3.98
N PHE A 68 6.83 5.76 -4.49
CA PHE A 68 8.05 5.33 -3.82
C PHE A 68 9.23 6.04 -4.46
N GLY A 69 9.95 6.83 -3.68
CA GLY A 69 11.10 7.51 -4.23
C GLY A 69 11.50 8.72 -3.43
N ARG A 70 12.24 9.63 -4.04
CA ARG A 70 12.66 10.80 -3.31
C ARG A 70 11.49 11.75 -3.17
N ASN A 71 10.81 11.58 -2.08
CA ASN A 71 9.67 12.37 -1.70
C ASN A 71 9.62 12.43 -0.18
N PRO A 72 9.01 13.45 0.40
CA PRO A 72 8.90 13.54 1.85
C PRO A 72 8.25 12.32 2.43
N ALA A 73 7.75 11.46 1.55
CA ALA A 73 7.11 10.21 1.88
C ALA A 73 5.84 10.08 1.12
N CYS A 74 5.95 10.23 -0.18
CA CYS A 74 4.77 10.12 -1.02
C CYS A 74 4.16 8.79 -0.66
N ASP A 75 4.85 7.73 -1.04
CA ASP A 75 4.49 6.42 -0.58
C ASP A 75 5.38 6.16 0.62
N TYR A 76 6.67 6.46 0.38
CA TYR A 76 7.74 6.30 1.36
C TYR A 76 8.79 7.41 1.23
N HIS A 77 9.35 7.90 2.34
CA HIS A 77 10.40 8.90 2.27
C HIS A 77 11.77 8.23 2.38
N LEU A 78 12.50 8.17 1.28
CA LEU A 78 13.83 7.55 1.31
C LEU A 78 14.92 8.53 0.86
N GLY A 79 16.18 8.12 1.00
CA GLY A 79 17.30 8.97 0.63
C GLY A 79 17.23 9.46 -0.81
N ASN A 80 18.33 10.03 -1.30
CA ASN A 80 18.37 10.53 -2.67
C ASN A 80 19.31 9.71 -3.56
N ILE A 81 18.73 8.77 -4.30
CA ILE A 81 19.47 7.93 -5.21
C ILE A 81 19.07 8.22 -6.66
N SER A 82 19.97 8.78 -7.43
CA SER A 82 19.69 9.13 -8.82
C SER A 82 19.24 7.91 -9.65
N ARG A 83 19.60 6.70 -9.22
CA ARG A 83 19.23 5.50 -9.97
C ARG A 83 17.92 4.87 -9.47
N LEU A 84 18.03 3.79 -8.69
CA LEU A 84 16.87 3.10 -8.17
C LEU A 84 16.73 3.32 -6.67
N SER A 85 15.71 4.06 -6.33
CA SER A 85 15.40 4.40 -4.94
C SER A 85 14.53 5.65 -4.91
N ASN A 86 14.93 6.68 -5.65
CA ASN A 86 14.15 7.90 -5.73
C ASN A 86 12.83 7.57 -6.41
N LYS A 87 12.20 8.55 -7.07
CA LYS A 87 10.93 8.28 -7.77
C LYS A 87 11.09 7.03 -8.60
N HIS A 88 11.06 5.88 -7.93
CA HIS A 88 11.27 4.61 -8.60
C HIS A 88 10.01 3.82 -8.90
N PHE A 89 8.89 4.17 -8.28
CA PHE A 89 7.65 3.44 -8.59
C PHE A 89 6.47 4.00 -7.82
N GLN A 90 5.27 3.69 -8.32
CA GLN A 90 4.05 4.19 -7.70
C GLN A 90 2.94 3.16 -7.59
N ILE A 91 1.98 3.43 -6.69
CA ILE A 91 0.82 2.58 -6.49
C ILE A 91 -0.45 3.40 -6.73
N LEU A 92 -1.40 2.87 -7.51
CA LEU A 92 -2.62 3.61 -7.82
C LEU A 92 -3.85 3.00 -7.14
N LEU A 93 -4.68 3.84 -6.56
CA LEU A 93 -5.91 3.41 -5.91
C LEU A 93 -7.10 4.18 -6.45
N GLY A 94 -8.20 3.48 -6.71
CA GLY A 94 -9.39 4.12 -7.24
C GLY A 94 -9.89 3.47 -8.51
N GLU A 95 -10.72 4.20 -9.26
CA GLU A 95 -11.26 3.68 -10.51
C GLU A 95 -12.01 2.37 -10.26
N ASP A 96 -13.21 2.48 -9.72
CA ASP A 96 -14.04 1.30 -9.42
C ASP A 96 -13.41 0.48 -8.30
N GLY A 97 -14.20 -0.41 -7.72
CA GLY A 97 -13.70 -1.24 -6.63
C GLY A 97 -12.52 -2.10 -7.06
N ASN A 98 -11.32 -1.54 -6.97
CA ASN A 98 -10.11 -2.26 -7.35
C ASN A 98 -8.87 -1.39 -7.14
N LEU A 99 -7.71 -2.05 -7.04
CA LEU A 99 -6.45 -1.34 -6.85
C LEU A 99 -5.59 -1.42 -8.10
N LEU A 100 -4.70 -0.46 -8.27
CA LEU A 100 -3.82 -0.43 -9.43
C LEU A 100 -2.38 -0.14 -9.02
N LEU A 101 -1.42 -0.69 -9.76
CA LEU A 101 -0.01 -0.47 -9.45
C LEU A 101 0.64 0.36 -10.54
N ASN A 102 1.36 1.42 -10.19
CA ASN A 102 2.00 2.23 -11.21
C ASN A 102 3.50 1.99 -11.18
N ASP A 103 4.02 1.38 -12.23
CA ASP A 103 5.44 1.14 -12.26
C ASP A 103 6.16 2.33 -12.83
N ILE A 104 6.87 3.05 -11.96
CA ILE A 104 7.65 4.17 -12.40
C ILE A 104 9.06 3.98 -11.91
N SER A 105 9.95 3.71 -12.81
CA SER A 105 11.36 3.50 -12.50
C SER A 105 12.22 4.35 -13.39
N THR A 106 13.53 4.37 -13.16
CA THR A 106 14.38 5.19 -13.99
C THR A 106 14.47 4.62 -15.41
N ASN A 107 15.02 3.42 -15.56
CA ASN A 107 15.09 2.81 -16.89
C ASN A 107 14.19 1.59 -17.08
N GLY A 108 14.01 0.78 -16.03
CA GLY A 108 13.20 -0.43 -16.16
C GLY A 108 12.41 -0.85 -14.93
N THR A 109 11.15 -1.24 -15.14
CA THR A 109 10.32 -1.78 -14.06
C THR A 109 9.87 -3.20 -14.42
N TRP A 110 9.91 -4.11 -13.47
CA TRP A 110 9.52 -5.51 -13.74
C TRP A 110 8.39 -6.00 -12.86
N LEU A 111 7.59 -6.91 -13.43
CA LEU A 111 6.50 -7.53 -12.71
C LEU A 111 6.70 -9.05 -12.71
N ASN A 112 6.99 -9.60 -11.53
CA ASN A 112 7.22 -11.04 -11.39
C ASN A 112 8.16 -11.58 -12.48
N GLY A 113 9.25 -10.85 -12.74
CA GLY A 113 10.21 -11.30 -13.73
C GLY A 113 9.76 -11.01 -15.15
N GLN A 114 8.85 -10.06 -15.30
CA GLN A 114 8.37 -9.67 -16.62
C GLN A 114 8.35 -8.16 -16.76
N LYS A 115 9.38 -7.63 -17.40
CA LYS A 115 9.51 -6.20 -17.62
C LYS A 115 8.19 -5.61 -18.12
N VAL A 116 7.80 -4.48 -17.53
CA VAL A 116 6.54 -3.83 -17.90
C VAL A 116 6.77 -2.41 -18.40
N GLU A 117 5.67 -1.76 -18.81
CA GLU A 117 5.73 -0.40 -19.31
C GLU A 117 5.71 0.60 -18.15
N LYS A 118 6.49 1.67 -18.29
CA LYS A 118 6.54 2.68 -17.25
C LYS A 118 5.21 3.40 -17.12
N ASN A 119 5.03 4.09 -16.01
CA ASN A 119 3.80 4.83 -15.73
C ASN A 119 2.59 4.09 -16.30
N SER A 120 2.63 2.77 -16.19
CA SER A 120 1.56 1.92 -16.69
C SER A 120 0.82 1.25 -15.54
N ASN A 121 -0.39 1.74 -15.25
CA ASN A 121 -1.20 1.18 -14.17
C ASN A 121 -1.30 -0.34 -14.29
N GLN A 122 -1.28 -1.02 -13.15
CA GLN A 122 -1.36 -2.48 -13.15
C GLN A 122 -2.44 -2.98 -12.22
N LEU A 123 -3.09 -4.06 -12.62
CA LEU A 123 -4.15 -4.68 -11.83
C LEU A 123 -3.53 -5.43 -10.66
N LEU A 124 -3.90 -5.04 -9.44
CA LEU A 124 -3.35 -5.67 -8.25
C LEU A 124 -3.47 -7.18 -8.30
N SER A 125 -2.46 -7.82 -7.74
CA SER A 125 -2.38 -9.26 -7.67
C SER A 125 -2.13 -9.70 -6.23
N GLN A 126 -2.55 -10.90 -5.89
CA GLN A 126 -2.35 -11.39 -4.53
C GLN A 126 -0.87 -11.70 -4.31
N GLY A 127 -0.25 -10.92 -3.43
CA GLY A 127 1.16 -11.09 -3.15
C GLY A 127 2.04 -10.72 -4.33
N ASP A 128 1.56 -9.78 -5.14
CA ASP A 128 2.29 -9.33 -6.31
C ASP A 128 3.65 -8.76 -5.92
N GLU A 129 4.56 -8.73 -6.89
CA GLU A 129 5.90 -8.20 -6.66
C GLU A 129 6.47 -7.53 -7.90
N ILE A 130 7.08 -6.36 -7.71
CA ILE A 130 7.69 -5.62 -8.81
C ILE A 130 9.21 -5.67 -8.70
N THR A 131 9.87 -6.05 -9.78
CA THR A 131 11.31 -6.15 -9.79
C THR A 131 11.93 -4.94 -10.49
N VAL A 132 13.06 -4.47 -9.97
CA VAL A 132 13.72 -3.30 -10.53
C VAL A 132 15.24 -3.45 -10.52
N GLY A 133 15.91 -2.68 -11.38
CA GLY A 133 17.35 -2.72 -11.46
C GLY A 133 17.85 -4.01 -12.04
N VAL A 134 17.21 -4.46 -13.11
CA VAL A 134 17.58 -5.70 -13.75
C VAL A 134 18.79 -5.55 -14.66
N GLY A 135 19.50 -6.65 -14.84
CA GLY A 135 20.69 -6.67 -15.64
C GLY A 135 21.68 -7.68 -15.10
N VAL A 136 21.84 -7.65 -13.78
CA VAL A 136 22.72 -8.55 -13.08
C VAL A 136 21.95 -9.25 -11.95
N GLU A 137 22.02 -10.57 -11.92
CA GLU A 137 21.31 -11.35 -10.91
C GLU A 137 21.62 -10.83 -9.51
N SER A 138 22.80 -10.27 -9.33
CA SER A 138 23.22 -9.74 -8.05
C SER A 138 22.95 -8.25 -7.92
N ASP A 139 22.26 -7.66 -8.90
CA ASP A 139 21.97 -6.23 -8.85
C ASP A 139 20.49 -5.93 -9.08
N ILE A 140 19.66 -6.89 -8.76
CA ILE A 140 18.22 -6.74 -8.90
C ILE A 140 17.55 -6.50 -7.56
N LEU A 141 16.57 -5.62 -7.58
CA LEU A 141 15.80 -5.27 -6.39
C LEU A 141 14.32 -5.51 -6.64
N SER A 142 13.64 -6.14 -5.68
CA SER A 142 12.22 -6.43 -5.84
C SER A 142 11.37 -5.77 -4.77
N LEU A 143 10.13 -5.47 -5.14
CA LEU A 143 9.16 -4.85 -4.24
C LEU A 143 7.93 -5.73 -4.13
N VAL A 144 7.46 -5.97 -2.91
CA VAL A 144 6.29 -6.81 -2.70
C VAL A 144 5.12 -6.02 -2.14
N ILE A 145 3.92 -6.32 -2.63
CA ILE A 145 2.72 -5.63 -2.18
C ILE A 145 1.72 -6.62 -1.59
N PHE A 146 1.27 -6.32 -0.38
CA PHE A 146 0.31 -7.18 0.31
C PHE A 146 -1.08 -6.54 0.30
N ILE A 147 -1.94 -7.06 -0.56
CA ILE A 147 -3.30 -6.54 -0.68
C ILE A 147 -4.24 -7.23 0.31
N ASN A 148 -4.97 -6.42 1.07
CA ASN A 148 -5.90 -6.94 2.06
C ASN A 148 -7.20 -7.42 1.40
N ASP A 149 -7.51 -8.70 1.57
CA ASP A 149 -8.72 -9.28 0.99
C ASP A 149 -9.96 -8.76 1.71
N LYS A 150 -9.81 -8.35 2.96
CA LYS A 150 -10.91 -7.84 3.74
C LYS A 150 -11.57 -6.66 3.05
N PHE A 151 -10.75 -5.79 2.46
CA PHE A 151 -11.23 -4.62 1.74
C PHE A 151 -12.15 -5.04 0.59
N LYS A 152 -11.75 -6.10 -0.10
CA LYS A 152 -12.52 -6.61 -1.23
C LYS A 152 -13.90 -7.06 -0.79
N GLN A 153 -13.97 -7.66 0.40
CA GLN A 153 -15.24 -8.15 0.94
C GLN A 153 -16.22 -7.00 1.13
N CYS A 154 -15.71 -5.85 1.56
CA CYS A 154 -16.53 -4.68 1.79
C CYS A 154 -17.11 -4.16 0.47
N LEU A 155 -16.27 -4.11 -0.56
CA LEU A 155 -16.70 -3.64 -1.87
C LEU A 155 -17.85 -4.48 -2.40
N GLU A 156 -17.74 -5.79 -2.25
CA GLU A 156 -18.79 -6.71 -2.71
C GLU A 156 -20.11 -6.42 -2.00
N GLN A 157 -20.02 -6.02 -0.74
CA GLN A 157 -21.21 -5.71 0.05
C GLN A 157 -21.87 -4.42 -0.43
N ASN A 158 -21.11 -3.57 -1.10
CA ASN A 158 -21.63 -2.30 -1.60
C ASN A 158 -21.72 -2.32 -3.13
N LYS A 159 -21.90 -3.51 -3.69
CA LYS A 159 -22.02 -3.66 -5.14
C LYS A 159 -23.30 -4.39 -5.51
N VAL A 160 -24.13 -3.74 -6.31
CA VAL A 160 -25.40 -4.33 -6.74
C VAL A 160 -25.22 -5.10 -8.05
N ASP A 161 -25.60 -6.38 -8.02
CA ASP A 161 -25.49 -7.22 -9.21
C ASP A 161 -26.75 -7.13 -10.06
N ARG A 162 -27.88 -6.88 -9.40
CA ARG A 162 -29.16 -6.77 -10.10
C ARG A 162 -30.25 -6.30 -9.14
N ILE A 163 -31.29 -5.69 -9.70
CA ILE A 163 -32.40 -5.20 -8.89
C ILE A 163 -33.31 -6.34 -8.46
N ARG A 164 -33.75 -6.30 -7.20
CA ARG A 164 -34.63 -7.33 -6.66
C ARG A 164 -36.08 -6.84 -6.63
N GLY A 1 29.90 21.70 23.77
CA GLY A 1 30.09 23.11 24.05
C GLY A 1 28.98 23.96 23.49
N GLU A 2 29.34 24.98 22.72
CA GLU A 2 28.37 25.88 22.12
C GLU A 2 27.83 25.30 20.82
N ASN A 3 28.74 24.81 19.97
CA ASN A 3 28.35 24.24 18.69
C ASN A 3 28.40 22.71 18.76
N ILE A 4 27.86 22.06 17.72
CA ILE A 4 27.84 20.61 17.66
C ILE A 4 29.20 20.05 17.23
N THR A 5 29.88 19.40 18.16
CA THR A 5 31.19 18.82 17.89
C THR A 5 31.40 17.55 18.69
N GLN A 6 32.43 16.78 18.33
CA GLN A 6 32.74 15.53 19.01
C GLN A 6 31.55 14.57 18.95
N PRO A 7 31.21 14.10 17.73
CA PRO A 7 30.09 13.18 17.53
C PRO A 7 30.19 11.95 18.43
N THR A 8 29.19 11.08 18.34
CA THR A 8 29.16 9.87 19.15
C THR A 8 29.14 8.63 18.26
N GLN A 9 29.04 7.46 18.89
CA GLN A 9 29.01 6.20 18.17
C GLN A 9 27.67 5.50 18.34
N GLN A 10 27.29 4.71 17.35
CA GLN A 10 26.03 3.98 17.38
C GLN A 10 26.01 2.98 18.55
N SER A 11 25.20 3.28 19.56
CA SER A 11 25.09 2.42 20.73
C SER A 11 24.25 1.18 20.42
N THR A 12 23.90 0.44 21.46
CA THR A 12 23.09 -0.76 21.30
C THR A 12 21.77 -0.46 20.60
N GLN A 13 21.37 -1.34 19.69
CA GLN A 13 20.13 -1.16 18.95
C GLN A 13 19.36 -2.48 18.86
N ALA A 14 18.04 -2.37 18.75
CA ALA A 14 17.18 -3.54 18.65
C ALA A 14 15.80 -3.18 18.11
N THR A 15 14.87 -4.11 18.20
CA THR A 15 13.51 -3.87 17.71
C THR A 15 12.74 -2.94 18.64
N GLN A 16 13.22 -1.70 18.74
CA GLN A 16 12.58 -0.69 19.58
C GLN A 16 11.15 -0.42 19.12
N ARG A 17 10.98 -0.27 17.81
CA ARG A 17 9.67 0.00 17.24
C ARG A 17 8.70 -1.14 17.53
N PHE A 18 9.22 -2.37 17.51
CA PHE A 18 8.41 -3.55 17.77
C PHE A 18 7.73 -3.45 19.14
N LEU A 19 8.44 -2.87 20.10
CA LEU A 19 7.92 -2.72 21.45
C LEU A 19 6.66 -1.86 21.45
N ILE A 20 6.67 -0.80 20.64
CA ILE A 20 5.53 0.10 20.54
C ILE A 20 4.36 -0.57 19.83
N GLU A 21 4.68 -1.39 18.82
CA GLU A 21 3.66 -2.10 18.06
C GLU A 21 2.78 -2.96 18.97
N LYS A 22 3.44 -3.66 19.91
CA LYS A 22 2.73 -4.51 20.84
C LYS A 22 1.76 -3.71 21.71
N PHE A 23 2.21 -2.54 22.16
CA PHE A 23 1.39 -1.68 22.99
C PHE A 23 0.16 -1.20 22.24
N SER A 24 0.38 -0.72 21.01
CA SER A 24 -0.70 -0.23 20.17
C SER A 24 -1.65 -1.35 19.78
N GLN A 25 -1.16 -2.60 19.84
CA GLN A 25 -1.96 -3.76 19.49
C GLN A 25 -2.09 -3.90 17.98
N GLU A 26 -2.44 -5.10 17.52
CA GLU A 26 -2.60 -5.35 16.10
C GLU A 26 -3.71 -4.48 15.51
N GLN A 27 -3.41 -3.84 14.38
CA GLN A 27 -4.38 -2.98 13.72
C GLN A 27 -4.99 -3.68 12.51
N ILE A 28 -6.31 -3.57 12.39
CA ILE A 28 -7.02 -4.20 11.28
C ILE A 28 -6.97 -3.34 10.03
N GLY A 29 -6.80 -4.01 8.91
CA GLY A 29 -6.73 -3.33 7.62
C GLY A 29 -8.02 -3.45 6.84
N GLU A 30 -9.10 -2.90 7.37
CA GLU A 30 -10.39 -2.94 6.71
C GLU A 30 -10.57 -1.76 5.77
N ASN A 31 -9.85 -0.67 6.04
CA ASN A 31 -9.90 0.52 5.19
C ASN A 31 -8.59 0.64 4.45
N ILE A 32 -7.63 -0.14 4.92
CA ILE A 32 -6.31 -0.20 4.36
C ILE A 32 -6.31 -0.89 3.00
N VAL A 33 -6.11 -0.08 1.96
CA VAL A 33 -6.09 -0.54 0.60
C VAL A 33 -5.20 -1.78 0.44
N CYS A 34 -3.90 -1.59 0.65
CA CYS A 34 -2.94 -2.68 0.54
C CYS A 34 -1.62 -2.30 1.22
N ARG A 35 -0.78 -3.31 1.46
CA ARG A 35 0.51 -3.08 2.10
C ARG A 35 1.66 -3.59 1.24
N VAL A 36 2.60 -2.70 0.93
CA VAL A 36 3.75 -3.06 0.12
C VAL A 36 4.91 -3.51 0.99
N ILE A 37 5.38 -4.71 0.77
CA ILE A 37 6.48 -5.26 1.55
C ILE A 37 7.67 -5.65 0.68
N CYS A 38 8.73 -4.86 0.75
CA CYS A 38 9.95 -5.15 -0.01
C CYS A 38 10.77 -6.20 0.73
N THR A 39 10.70 -7.45 0.28
CA THR A 39 11.40 -8.55 0.93
C THR A 39 12.82 -8.76 0.38
N THR A 40 13.25 -7.91 -0.54
CA THR A 40 14.58 -8.04 -1.12
C THR A 40 15.60 -7.17 -0.41
N GLY A 41 15.13 -6.33 0.52
CA GLY A 41 16.03 -5.47 1.25
C GLY A 41 16.31 -4.17 0.53
N GLN A 42 15.50 -3.15 0.81
CA GLN A 42 15.67 -1.85 0.18
C GLN A 42 14.74 -0.82 0.82
N ILE A 43 13.49 -1.23 1.01
CA ILE A 43 12.48 -0.36 1.62
C ILE A 43 11.72 -1.11 2.72
N PRO A 44 11.42 -0.41 3.83
CA PRO A 44 10.69 -1.02 4.95
C PRO A 44 9.20 -1.11 4.68
N ILE A 45 8.58 -2.15 5.21
CA ILE A 45 7.14 -2.38 5.02
C ILE A 45 6.34 -1.08 5.19
N ARG A 46 5.60 -0.74 4.14
CA ARG A 46 4.77 0.46 4.15
C ARG A 46 3.32 0.10 3.90
N ASP A 47 2.43 0.60 4.75
CA ASP A 47 1.00 0.31 4.61
C ASP A 47 0.29 1.38 3.78
N LEU A 48 -0.31 0.93 2.68
CA LEU A 48 -1.04 1.83 1.80
C LEU A 48 -2.52 1.81 2.16
N SER A 49 -3.08 2.97 2.49
CA SER A 49 -4.49 3.01 2.88
C SER A 49 -5.30 4.09 2.16
N ALA A 50 -6.58 3.81 2.08
CA ALA A 50 -7.54 4.72 1.45
C ALA A 50 -8.78 4.88 2.34
N ASP A 51 -9.59 5.90 2.03
CA ASP A 51 -10.80 6.16 2.80
C ASP A 51 -12.01 5.42 2.20
N ILE A 52 -12.32 4.26 2.76
CA ILE A 52 -13.42 3.45 2.29
C ILE A 52 -14.76 4.16 2.48
N SER A 53 -14.85 4.98 3.50
CA SER A 53 -16.08 5.71 3.80
C SER A 53 -16.53 6.54 2.62
N GLN A 54 -15.57 7.07 1.88
CA GLN A 54 -15.87 7.89 0.71
C GLN A 54 -16.49 7.05 -0.40
N VAL A 55 -16.01 5.82 -0.54
CA VAL A 55 -16.53 4.91 -1.56
C VAL A 55 -17.97 4.51 -1.27
N LEU A 56 -18.25 4.19 -0.01
CA LEU A 56 -19.59 3.79 0.39
C LEU A 56 -20.55 4.97 0.35
N LYS A 57 -20.02 6.17 0.54
CA LYS A 57 -20.83 7.39 0.52
C LYS A 57 -21.06 7.86 -0.91
N GLU A 58 -19.98 7.97 -1.68
CA GLU A 58 -20.08 8.41 -3.07
C GLU A 58 -19.91 7.24 -4.03
N LYS A 59 -20.68 7.26 -5.12
CA LYS A 59 -20.61 6.20 -6.11
C LYS A 59 -19.20 6.09 -6.69
N ARG A 60 -18.49 7.21 -6.76
CA ARG A 60 -17.15 7.23 -7.29
C ARG A 60 -16.38 8.46 -6.80
N SER A 61 -15.43 8.25 -5.90
CA SER A 61 -14.64 9.33 -5.34
C SER A 61 -13.27 8.84 -4.90
N ILE A 62 -12.58 8.13 -5.80
CA ILE A 62 -11.25 7.59 -5.49
C ILE A 62 -10.17 8.39 -6.22
N LYS A 63 -9.11 8.73 -5.49
CA LYS A 63 -8.01 9.49 -6.07
C LYS A 63 -6.80 9.50 -5.12
N LYS A 64 -6.17 8.35 -4.96
CA LYS A 64 -5.01 8.23 -4.09
C LYS A 64 -3.95 7.35 -4.72
N VAL A 65 -2.70 7.83 -4.72
CA VAL A 65 -1.60 7.09 -5.32
C VAL A 65 -0.37 7.10 -4.43
N TRP A 66 0.28 5.94 -4.35
CA TRP A 66 1.49 5.80 -3.54
C TRP A 66 2.75 5.88 -4.39
N THR A 67 3.77 6.55 -3.88
CA THR A 67 5.03 6.68 -4.61
C THR A 67 6.23 6.35 -3.75
N PHE A 68 7.09 5.53 -4.30
CA PHE A 68 8.33 5.14 -3.63
C PHE A 68 9.49 5.89 -4.25
N GLY A 69 10.19 6.69 -3.47
CA GLY A 69 11.31 7.42 -4.03
C GLY A 69 11.70 8.62 -3.22
N ARG A 70 12.33 9.59 -3.86
CA ARG A 70 12.74 10.78 -3.14
C ARG A 70 11.53 11.65 -2.93
N ASN A 71 10.93 11.41 -1.78
CA ASN A 71 9.75 12.13 -1.33
C ASN A 71 9.78 12.15 0.18
N PRO A 72 9.15 13.13 0.81
CA PRO A 72 9.10 13.19 2.26
C PRO A 72 8.48 11.92 2.83
N ALA A 73 7.96 11.10 1.93
CA ALA A 73 7.34 9.83 2.24
C ALA A 73 6.07 9.70 1.47
N CYS A 74 6.18 9.88 0.17
CA CYS A 74 4.99 9.77 -0.65
C CYS A 74 4.37 8.44 -0.31
N ASP A 75 5.05 7.39 -0.71
CA ASP A 75 4.70 6.08 -0.25
C ASP A 75 5.60 5.81 0.95
N TYR A 76 6.90 6.10 0.69
CA TYR A 76 7.98 5.94 1.65
C TYR A 76 9.01 7.06 1.52
N HIS A 77 9.56 7.55 2.63
CA HIS A 77 10.60 8.57 2.57
C HIS A 77 11.98 7.92 2.54
N LEU A 78 12.67 8.01 1.40
CA LEU A 78 13.99 7.41 1.26
C LEU A 78 15.00 8.42 0.70
N GLY A 79 16.26 8.00 0.64
CA GLY A 79 17.30 8.86 0.12
C GLY A 79 17.04 9.31 -1.30
N ASN A 80 17.89 10.17 -1.83
CA ASN A 80 17.72 10.68 -3.19
C ASN A 80 18.82 10.18 -4.12
N ILE A 81 18.51 9.14 -4.89
CA ILE A 81 19.46 8.58 -5.85
C ILE A 81 18.95 8.79 -7.26
N SER A 82 19.71 9.53 -8.06
CA SER A 82 19.32 9.83 -9.43
C SER A 82 19.00 8.54 -10.22
N ARG A 83 19.56 7.42 -9.79
CA ARG A 83 19.33 6.15 -10.48
C ARG A 83 18.06 5.45 -9.95
N LEU A 84 18.22 4.38 -9.17
CA LEU A 84 17.10 3.66 -8.60
C LEU A 84 17.05 3.91 -7.11
N SER A 85 16.04 4.65 -6.71
CA SER A 85 15.83 5.01 -5.31
C SER A 85 14.88 6.20 -5.24
N ASN A 86 15.06 7.16 -6.14
CA ASN A 86 14.18 8.31 -6.18
C ASN A 86 12.79 7.82 -6.54
N LYS A 87 11.95 8.64 -7.16
CA LYS A 87 10.61 8.19 -7.55
C LYS A 87 10.76 6.94 -8.41
N HIS A 88 11.14 5.84 -7.75
CA HIS A 88 11.40 4.59 -8.45
C HIS A 88 10.14 3.81 -8.77
N PHE A 89 9.04 4.10 -8.12
CA PHE A 89 7.80 3.39 -8.43
C PHE A 89 6.61 3.94 -7.69
N GLN A 90 5.44 3.69 -8.27
CA GLN A 90 4.19 4.20 -7.70
C GLN A 90 3.04 3.19 -7.74
N ILE A 91 2.04 3.45 -6.89
CA ILE A 91 0.84 2.63 -6.81
C ILE A 91 -0.39 3.53 -6.94
N LEU A 92 -1.30 3.22 -7.87
CA LEU A 92 -2.49 4.04 -8.07
C LEU A 92 -3.75 3.36 -7.55
N LEU A 93 -4.64 4.16 -6.97
CA LEU A 93 -5.90 3.65 -6.44
C LEU A 93 -7.09 4.42 -7.03
N GLY A 94 -8.02 3.69 -7.62
CA GLY A 94 -9.19 4.32 -8.21
C GLY A 94 -9.56 3.72 -9.56
N GLU A 95 -10.39 2.69 -9.52
CA GLU A 95 -10.83 2.02 -10.75
C GLU A 95 -11.83 0.92 -10.45
N ASP A 96 -13.11 1.31 -10.34
CA ASP A 96 -14.16 0.34 -10.05
C ASP A 96 -13.91 -0.37 -8.73
N GLY A 97 -13.52 0.38 -7.72
CA GLY A 97 -13.24 -0.19 -6.42
C GLY A 97 -12.14 -1.24 -6.46
N ASN A 98 -10.95 -0.83 -6.90
CA ASN A 98 -9.82 -1.73 -7.00
C ASN A 98 -8.50 -0.97 -6.84
N LEU A 99 -7.39 -1.70 -6.88
CA LEU A 99 -6.08 -1.09 -6.74
C LEU A 99 -5.30 -1.19 -8.05
N LEU A 100 -4.39 -0.24 -8.27
CA LEU A 100 -3.58 -0.21 -9.48
C LEU A 100 -2.12 0.02 -9.12
N LEU A 101 -1.21 -0.53 -9.91
CA LEU A 101 0.21 -0.38 -9.64
C LEU A 101 0.89 0.38 -10.77
N ASN A 102 1.58 1.47 -10.45
CA ASN A 102 2.25 2.23 -11.49
C ASN A 102 3.75 2.08 -11.33
N ASP A 103 4.38 1.40 -12.27
CA ASP A 103 5.80 1.22 -12.19
C ASP A 103 6.50 2.44 -12.76
N ILE A 104 7.15 3.18 -11.88
CA ILE A 104 7.90 4.34 -12.31
C ILE A 104 9.33 4.18 -11.85
N SER A 105 10.19 3.93 -12.80
CA SER A 105 11.62 3.75 -12.55
C SER A 105 12.41 4.58 -13.54
N THR A 106 13.71 4.69 -13.37
CA THR A 106 14.49 5.49 -14.29
C THR A 106 14.57 4.84 -15.67
N ASN A 107 15.19 3.66 -15.76
CA ASN A 107 15.27 2.98 -17.06
C ASN A 107 14.46 1.68 -17.15
N GLY A 108 14.33 0.94 -16.05
CA GLY A 108 13.60 -0.32 -16.12
C GLY A 108 12.81 -0.74 -14.88
N THR A 109 11.53 -1.06 -15.08
CA THR A 109 10.69 -1.58 -13.99
C THR A 109 10.17 -2.96 -14.38
N TRP A 110 10.18 -3.90 -13.44
CA TRP A 110 9.72 -5.26 -13.75
C TRP A 110 8.53 -5.69 -12.92
N LEU A 111 7.71 -6.55 -13.51
CA LEU A 111 6.55 -7.09 -12.83
C LEU A 111 6.68 -8.61 -12.80
N ASN A 112 6.88 -9.16 -11.61
CA ASN A 112 7.03 -10.61 -11.43
C ASN A 112 7.98 -11.23 -12.46
N GLY A 113 9.10 -10.56 -12.72
CA GLY A 113 10.06 -11.08 -13.67
C GLY A 113 9.68 -10.80 -15.11
N GLN A 114 8.87 -9.77 -15.32
CA GLN A 114 8.44 -9.40 -16.65
C GLN A 114 8.51 -7.89 -16.85
N LYS A 115 9.59 -7.44 -17.48
CA LYS A 115 9.81 -6.04 -17.74
C LYS A 115 8.54 -5.37 -18.25
N VAL A 116 8.12 -4.31 -17.55
CA VAL A 116 6.90 -3.59 -17.92
C VAL A 116 7.21 -2.16 -18.36
N GLU A 117 6.16 -1.42 -18.71
CA GLU A 117 6.29 -0.04 -19.15
C GLU A 117 6.27 0.92 -17.96
N LYS A 118 7.12 1.94 -18.02
CA LYS A 118 7.20 2.93 -16.95
C LYS A 118 5.87 3.68 -16.85
N ASN A 119 5.67 4.35 -15.71
CA ASN A 119 4.45 5.11 -15.47
C ASN A 119 3.24 4.44 -16.10
N SER A 120 3.22 3.11 -16.03
CA SER A 120 2.12 2.33 -16.60
C SER A 120 1.29 1.68 -15.50
N ASN A 121 0.07 2.19 -15.31
CA ASN A 121 -0.83 1.65 -14.30
C ASN A 121 -1.02 0.14 -14.49
N GLN A 122 -1.15 -0.58 -13.38
CA GLN A 122 -1.32 -2.03 -13.44
C GLN A 122 -2.49 -2.50 -12.60
N LEU A 123 -3.11 -3.59 -13.05
CA LEU A 123 -4.24 -4.17 -12.34
C LEU A 123 -3.73 -4.95 -11.14
N LEU A 124 -4.17 -4.56 -9.94
CA LEU A 124 -3.72 -5.21 -8.72
C LEU A 124 -3.76 -6.72 -8.84
N SER A 125 -2.75 -7.33 -8.25
CA SER A 125 -2.61 -8.78 -8.23
C SER A 125 -2.42 -9.27 -6.80
N GLN A 126 -2.81 -10.51 -6.54
CA GLN A 126 -2.67 -11.07 -5.20
C GLN A 126 -1.19 -11.35 -4.93
N GLY A 127 -0.63 -10.62 -3.98
CA GLY A 127 0.77 -10.80 -3.64
C GLY A 127 1.69 -10.41 -4.78
N ASP A 128 1.26 -9.44 -5.60
CA ASP A 128 2.05 -8.97 -6.73
C ASP A 128 3.44 -8.56 -6.30
N GLU A 129 4.36 -8.51 -7.27
CA GLU A 129 5.74 -8.13 -6.99
C GLU A 129 6.36 -7.38 -8.17
N ILE A 130 7.06 -6.29 -7.86
CA ILE A 130 7.73 -5.49 -8.89
C ILE A 130 9.24 -5.59 -8.73
N THR A 131 9.92 -5.92 -9.81
CA THR A 131 11.37 -6.05 -9.79
C THR A 131 12.04 -4.83 -10.42
N VAL A 132 13.18 -4.43 -9.88
CA VAL A 132 13.89 -3.26 -10.39
C VAL A 132 15.41 -3.44 -10.40
N GLY A 133 16.07 -2.66 -11.24
CA GLY A 133 17.51 -2.71 -11.34
C GLY A 133 17.99 -4.02 -11.93
N VAL A 134 17.31 -4.47 -12.97
CA VAL A 134 17.66 -5.72 -13.61
C VAL A 134 18.88 -5.60 -14.50
N GLY A 135 19.56 -6.71 -14.68
CA GLY A 135 20.76 -6.76 -15.48
C GLY A 135 21.72 -7.80 -14.94
N VAL A 136 21.84 -7.83 -13.62
CA VAL A 136 22.69 -8.78 -12.94
C VAL A 136 21.89 -9.53 -11.88
N GLU A 137 22.01 -10.85 -11.88
CA GLU A 137 21.26 -11.68 -10.92
C GLU A 137 21.46 -11.19 -9.49
N SER A 138 22.65 -10.68 -9.20
CA SER A 138 22.97 -10.20 -7.87
C SER A 138 22.74 -8.69 -7.73
N ASP A 139 22.17 -8.06 -8.76
CA ASP A 139 21.93 -6.63 -8.71
C ASP A 139 20.47 -6.27 -8.98
N ILE A 140 19.60 -7.20 -8.69
CA ILE A 140 18.17 -6.99 -8.88
C ILE A 140 17.46 -6.77 -7.54
N LEU A 141 16.51 -5.86 -7.57
CA LEU A 141 15.72 -5.53 -6.39
C LEU A 141 14.26 -5.86 -6.64
N SER A 142 13.64 -6.58 -5.72
CA SER A 142 12.24 -6.97 -5.87
C SER A 142 11.35 -6.36 -4.79
N LEU A 143 10.17 -5.92 -5.21
CA LEU A 143 9.18 -5.33 -4.32
C LEU A 143 7.92 -6.17 -4.33
N VAL A 144 7.30 -6.37 -3.18
CA VAL A 144 6.10 -7.20 -3.09
C VAL A 144 4.95 -6.43 -2.47
N ILE A 145 3.75 -6.63 -3.02
CA ILE A 145 2.55 -5.97 -2.52
C ILE A 145 1.59 -7.00 -1.91
N PHE A 146 1.19 -6.74 -0.67
CA PHE A 146 0.27 -7.64 0.03
C PHE A 146 -1.09 -6.99 0.22
N ILE A 147 -2.13 -7.65 -0.26
CA ILE A 147 -3.49 -7.13 -0.14
C ILE A 147 -4.28 -7.91 0.91
N ASN A 148 -4.95 -7.19 1.80
CA ASN A 148 -5.75 -7.82 2.86
C ASN A 148 -7.11 -8.25 2.32
N ASP A 149 -7.58 -9.40 2.79
CA ASP A 149 -8.87 -9.94 2.37
C ASP A 149 -10.03 -9.16 3.01
N LYS A 150 -9.73 -8.46 4.11
CA LYS A 150 -10.74 -7.69 4.81
C LYS A 150 -11.39 -6.66 3.88
N PHE A 151 -10.56 -5.98 3.12
CA PHE A 151 -11.02 -4.96 2.19
C PHE A 151 -11.98 -5.56 1.16
N LYS A 152 -11.62 -6.73 0.65
CA LYS A 152 -12.44 -7.42 -0.34
C LYS A 152 -13.78 -7.84 0.25
N GLN A 153 -13.76 -8.19 1.54
CA GLN A 153 -14.98 -8.61 2.23
C GLN A 153 -16.03 -7.51 2.18
N CYS A 154 -15.62 -6.29 2.48
CA CYS A 154 -16.53 -5.15 2.48
C CYS A 154 -17.13 -4.94 1.10
N LEU A 155 -16.28 -4.99 0.08
CA LEU A 155 -16.73 -4.81 -1.30
C LEU A 155 -17.64 -5.96 -1.73
N GLU A 156 -17.34 -7.16 -1.25
CA GLU A 156 -18.15 -8.33 -1.58
C GLU A 156 -19.59 -8.15 -1.14
N GLN A 157 -19.78 -7.50 0.00
CA GLN A 157 -21.11 -7.26 0.53
C GLN A 157 -21.82 -6.14 -0.23
N ASN A 158 -21.02 -5.18 -0.71
CA ASN A 158 -21.57 -4.05 -1.46
C ASN A 158 -20.93 -3.96 -2.84
N LYS A 159 -21.41 -4.78 -3.76
CA LYS A 159 -20.89 -4.79 -5.12
C LYS A 159 -22.00 -4.57 -6.14
N VAL A 160 -21.74 -3.73 -7.13
CA VAL A 160 -22.72 -3.45 -8.18
C VAL A 160 -22.49 -4.31 -9.41
N ASP A 161 -23.57 -4.88 -9.94
CA ASP A 161 -23.49 -5.73 -11.12
C ASP A 161 -24.13 -5.05 -12.32
N ARG A 162 -25.45 -4.91 -12.29
CA ARG A 162 -26.18 -4.28 -13.38
C ARG A 162 -26.15 -5.14 -14.64
N ILE A 163 -24.97 -5.27 -15.23
CA ILE A 163 -24.81 -6.06 -16.45
C ILE A 163 -24.57 -7.54 -16.11
N ARG A 164 -25.33 -8.41 -16.74
CA ARG A 164 -25.19 -9.85 -16.52
C ARG A 164 -25.48 -10.20 -15.06
#